data_9DTP
#
_entry.id   9DTP
#
_cell.length_a   107.026
_cell.length_b   205.045
_cell.length_c   295.320
_cell.angle_alpha   90.000
_cell.angle_beta   90.000
_cell.angle_gamma   90.000
#
_symmetry.space_group_name_H-M   'P 21 21 21'
#
loop_
_entity.id
_entity.type
_entity.pdbx_description
1 polymer Galactofuranosyltransferase
2 non-polymer 'MAGNESIUM ION'
3 non-polymer 'FRAGMENT OF TRITON X-100'
4 non-polymer GLYCEROL
#
_entity_poly.entity_id   1
_entity_poly.type   'polypeptide(L)'
_entity_poly.pdbx_seq_one_letter_code
;MGSSHHHHHHSSGLVPRGSHMTSQSLLDDMATETRAKSLLQRIILPRPGEPLDVRTLYVEESATNARRAHAATRTSLSIG
AESEVSFCTYFNALPASYWRRWSILSAVVLRLELAGHGRVDVYRSKADGSRIHVQGKEFAVAPGTESVSVEFETDLGPFE
DGGWIWFDITSDTAVTLLAGGWYAPIEAPGAGTIACGMPTFNRPTDLVKTLGALGSDPLVLGQVAAVIVADQGNRKVVDE
PGFDEAAAVLGDRLVIRDQPNLGGSGGYSRVMYEALKNTDAEYIVYMDDDIEIEPDSILRALAFARFAKSPMLVGGQMLN
LQERSHLHSMGEVVDRGIFMWTSAPNVEYDHDFAKHPLKDRDNSKLLHRRIDVDFNGWWTCVIPRQVAEQIGQPLPLFLK
WDDVEYGLRARDHGYPTVTLPGAAVWHMAWSDKDDAIDWQAYFHLRNRLVVASLHLPGNGKAMVVNTIKATLKHLLCLEY
STVAIQNLAIRDYLAGPERLFQLLPSALGAVHALRKQYPDAVILPSSTELPLASHLEVGAVAEPANPIAKVVRLAKGVLH
NLRPAHARHHETPQLNVPTLDARWFLLSQVDGVTVTTADGRGVVYRKRDPRQALGLFKEAMRLRKELAARFPEMQQRYRA
AHPQLTSTAAWENAFGLGAQTKGEKS
;
_entity_poly.pdbx_strand_id   A,B,C,D,E,F,G,H
#
# COMPACT_ATOMS: atom_id res chain seq x y z
N GLU A 33 -23.79 -2.96 59.14
CA GLU A 33 -22.52 -2.34 58.78
C GLU A 33 -22.12 -2.73 57.36
N THR A 34 -23.10 -3.20 56.59
CA THR A 34 -22.85 -3.64 55.23
C THR A 34 -22.81 -2.46 54.27
N ARG A 35 -21.87 -2.50 53.33
CA ARG A 35 -21.80 -1.49 52.28
C ARG A 35 -22.92 -1.64 51.26
N ALA A 36 -23.65 -2.75 51.28
CA ALA A 36 -24.73 -2.97 50.32
C ALA A 36 -25.88 -2.00 50.59
N LYS A 37 -26.28 -1.26 49.56
CA LYS A 37 -27.39 -0.32 49.65
C LYS A 37 -28.53 -0.65 48.70
N SER A 38 -28.24 -0.88 47.42
CA SER A 38 -29.28 -1.18 46.45
C SER A 38 -28.94 -2.45 45.68
N LEU A 39 -29.92 -3.35 45.56
CA LEU A 39 -29.71 -4.59 44.84
C LEU A 39 -29.64 -4.32 43.34
N LEU A 40 -28.64 -4.90 42.68
CA LEU A 40 -28.46 -4.74 41.23
C LEU A 40 -28.67 -6.03 40.45
N GLN A 41 -28.34 -7.17 41.05
CA GLN A 41 -28.36 -8.45 40.33
C GLN A 41 -28.33 -9.57 41.36
N ARG A 42 -29.35 -10.41 41.36
CA ARG A 42 -29.42 -11.53 42.30
C ARG A 42 -28.67 -12.74 41.76
N ILE A 43 -28.18 -13.57 42.66
CA ILE A 43 -27.55 -14.83 42.30
C ILE A 43 -28.64 -15.86 42.08
N ILE A 44 -29.09 -16.00 40.84
CA ILE A 44 -30.18 -16.91 40.50
C ILE A 44 -29.59 -18.25 40.08
N LEU A 45 -30.35 -19.30 40.32
CA LEU A 45 -29.92 -20.68 40.13
C LEU A 45 -30.98 -21.45 39.37
N PRO A 46 -30.62 -22.58 38.75
CA PRO A 46 -31.55 -23.26 37.82
C PRO A 46 -32.80 -23.78 38.52
N ARG A 47 -33.72 -24.29 37.69
CA ARG A 47 -35.00 -24.81 38.15
C ARG A 47 -34.87 -26.26 38.54
N PRO A 48 -35.84 -26.80 39.28
CA PRO A 48 -35.83 -28.23 39.59
C PRO A 48 -35.89 -29.06 38.31
N GLY A 49 -34.95 -29.99 38.18
CA GLY A 49 -34.87 -30.80 36.97
C GLY A 49 -34.41 -30.04 35.75
N GLU A 50 -33.57 -29.02 35.93
CA GLU A 50 -33.09 -28.24 34.81
C GLU A 50 -32.16 -29.07 33.93
N PRO A 51 -32.28 -28.98 32.61
CA PRO A 51 -31.36 -29.70 31.73
C PRO A 51 -29.91 -29.28 31.99
N LEU A 52 -29.00 -30.22 31.72
CA LEU A 52 -27.59 -29.97 32.03
C LEU A 52 -26.99 -28.87 31.16
N ASP A 53 -27.44 -28.74 29.92
CA ASP A 53 -26.88 -27.72 29.03
C ASP A 53 -27.30 -26.32 29.46
N VAL A 54 -28.50 -26.17 30.03
CA VAL A 54 -28.94 -24.86 30.48
C VAL A 54 -28.32 -24.48 31.82
N ARG A 55 -27.88 -25.45 32.62
CA ARG A 55 -27.28 -25.16 33.91
C ARG A 55 -25.98 -24.37 33.79
N THR A 56 -25.31 -24.44 32.64
CA THR A 56 -24.07 -23.70 32.45
C THR A 56 -24.29 -22.19 32.46
N LEU A 57 -25.50 -21.74 32.17
CA LEU A 57 -25.81 -20.31 32.23
C LEU A 57 -25.82 -19.79 33.66
N TYR A 58 -25.91 -20.68 34.65
CA TYR A 58 -25.98 -20.30 36.06
C TYR A 58 -24.74 -20.66 36.85
N VAL A 59 -24.30 -21.93 36.78
CA VAL A 59 -23.14 -22.39 37.52
C VAL A 59 -22.25 -23.21 36.59
N GLU A 60 -20.95 -23.10 36.79
CA GLU A 60 -19.94 -23.89 36.07
C GLU A 60 -19.33 -24.85 37.08
N GLU A 61 -19.94 -26.02 37.22
N GLU A 61 -19.94 -26.02 37.22
CA GLU A 61 -19.45 -27.00 38.18
CA GLU A 61 -19.45 -27.01 38.17
C GLU A 61 -18.21 -27.70 37.65
C GLU A 61 -18.19 -27.68 37.64
N SER A 62 -17.29 -28.02 38.56
CA SER A 62 -16.07 -28.72 38.18
C SER A 62 -16.38 -30.21 38.00
N ALA A 63 -15.84 -30.78 36.93
CA ALA A 63 -16.08 -32.19 36.64
C ALA A 63 -15.49 -33.11 37.70
N THR A 64 -14.47 -32.65 38.43
CA THR A 64 -13.85 -33.45 39.48
C THR A 64 -14.74 -33.62 40.70
N ASN A 65 -15.81 -32.84 40.83
CA ASN A 65 -16.71 -32.97 41.97
C ASN A 65 -17.47 -34.28 41.88
N ALA A 66 -17.44 -35.04 42.98
CA ALA A 66 -18.12 -36.33 43.02
C ALA A 66 -19.63 -36.21 43.22
N ARG A 67 -20.16 -34.98 43.28
CA ARG A 67 -21.58 -34.77 43.48
C ARG A 67 -21.99 -33.50 42.74
N ARG A 68 -23.10 -33.58 42.01
CA ARG A 68 -23.61 -32.40 41.32
C ARG A 68 -24.27 -31.46 42.33
N ALA A 69 -24.10 -30.16 42.11
CA ALA A 69 -24.67 -29.16 43.00
C ALA A 69 -26.19 -29.18 42.88
N HIS A 70 -26.86 -29.45 43.99
CA HIS A 70 -28.31 -29.50 44.04
C HIS A 70 -28.86 -28.12 44.37
N ALA A 71 -29.74 -27.61 43.51
CA ALA A 71 -30.37 -26.30 43.72
C ALA A 71 -31.71 -26.51 44.42
N ALA A 72 -31.74 -26.26 45.72
CA ALA A 72 -32.97 -26.41 46.49
C ALA A 72 -34.04 -25.44 46.00
N THR A 73 -33.77 -24.14 46.13
CA THR A 73 -34.64 -23.09 45.63
C THR A 73 -34.01 -22.46 44.40
N ARG A 74 -34.59 -21.34 43.95
CA ARG A 74 -34.07 -20.60 42.82
C ARG A 74 -33.03 -19.57 43.21
N THR A 75 -32.75 -19.41 44.51
CA THR A 75 -31.75 -18.47 44.99
C THR A 75 -30.76 -19.11 45.96
N SER A 76 -30.84 -20.43 46.16
CA SER A 76 -29.94 -21.14 47.06
C SER A 76 -29.29 -22.30 46.32
N LEU A 77 -28.12 -22.70 46.80
CA LEU A 77 -27.38 -23.81 46.20
C LEU A 77 -26.77 -24.66 47.31
N SER A 78 -26.67 -25.96 47.06
CA SER A 78 -26.12 -26.91 48.02
C SER A 78 -25.02 -27.71 47.35
N ILE A 79 -23.77 -27.46 47.73
CA ILE A 79 -22.62 -28.18 47.18
C ILE A 79 -22.03 -29.06 48.27
N GLY A 80 -21.57 -30.25 47.86
CA GLY A 80 -20.99 -31.18 48.80
C GLY A 80 -19.56 -30.83 49.17
N ALA A 81 -19.03 -31.58 50.12
CA ALA A 81 -17.67 -31.34 50.60
C ALA A 81 -16.65 -31.60 49.51
N GLU A 82 -15.57 -30.81 49.52
CA GLU A 82 -14.47 -30.92 48.56
C GLU A 82 -14.99 -30.78 47.13
N SER A 83 -15.66 -29.65 46.88
CA SER A 83 -16.21 -29.34 45.57
C SER A 83 -16.01 -27.86 45.28
N GLU A 84 -15.83 -27.54 44.00
CA GLU A 84 -15.62 -26.17 43.55
C GLU A 84 -16.67 -25.83 42.52
N VAL A 85 -17.41 -24.75 42.76
CA VAL A 85 -18.43 -24.26 41.84
C VAL A 85 -18.08 -22.83 41.46
N SER A 86 -17.90 -22.59 40.17
CA SER A 86 -17.56 -21.28 39.64
C SER A 86 -18.83 -20.56 39.17
N PHE A 87 -18.95 -19.29 39.52
CA PHE A 87 -20.05 -18.45 39.08
C PHE A 87 -19.64 -17.48 37.98
N CYS A 88 -18.63 -17.86 37.18
CA CYS A 88 -18.25 -17.11 36.00
C CYS A 88 -19.14 -17.53 34.82
N THR A 89 -20.42 -17.23 34.97
CA THR A 89 -21.44 -17.64 34.03
C THR A 89 -22.13 -16.41 33.43
N TYR A 90 -23.09 -16.66 32.55
CA TYR A 90 -23.78 -15.56 31.87
C TYR A 90 -24.72 -14.81 32.81
N PHE A 91 -25.31 -15.50 33.78
CA PHE A 91 -26.32 -14.90 34.64
C PHE A 91 -25.77 -14.43 35.98
N ASN A 92 -24.74 -15.07 36.53
CA ASN A 92 -24.27 -14.77 37.88
C ASN A 92 -22.98 -13.96 37.90
N ALA A 93 -22.44 -13.58 36.74
CA ALA A 93 -21.27 -12.72 36.69
C ALA A 93 -21.69 -11.30 36.34
N LEU A 94 -20.97 -10.33 36.90
CA LEU A 94 -21.32 -8.93 36.72
C LEU A 94 -20.48 -8.33 35.60
N PRO A 95 -21.10 -7.76 34.56
CA PRO A 95 -20.33 -7.06 33.53
C PRO A 95 -19.83 -5.71 34.02
N ALA A 96 -18.63 -5.68 34.60
CA ALA A 96 -18.13 -4.47 35.23
C ALA A 96 -17.86 -3.36 34.22
N SER A 97 -17.54 -3.73 32.97
CA SER A 97 -17.27 -2.70 31.96
C SER A 97 -18.51 -1.86 31.68
N TYR A 98 -19.68 -2.49 31.66
CA TYR A 98 -20.92 -1.77 31.38
C TYR A 98 -21.30 -0.88 32.56
N TRP A 99 -21.11 -1.37 33.79
CA TRP A 99 -21.38 -0.55 34.97
C TRP A 99 -20.32 0.52 35.19
N ARG A 100 -19.18 0.44 34.50
CA ARG A 100 -18.19 1.50 34.56
C ARG A 100 -18.41 2.55 33.48
N ARG A 101 -18.83 2.12 32.29
CA ARG A 101 -18.93 3.03 31.16
C ARG A 101 -20.16 3.92 31.24
N TRP A 102 -21.27 3.41 31.78
CA TRP A 102 -22.55 4.12 31.75
C TRP A 102 -23.13 4.40 33.13
N SER A 103 -22.72 3.71 34.17
CA SER A 103 -23.30 3.87 35.50
C SER A 103 -22.48 4.85 36.33
N ILE A 104 -23.13 5.42 37.34
CA ILE A 104 -22.51 6.40 38.23
C ILE A 104 -21.83 5.70 39.39
N LEU A 105 -21.72 4.38 39.31
CA LEU A 105 -21.14 3.60 40.39
C LEU A 105 -19.62 3.58 40.29
N SER A 106 -18.95 3.70 41.43
CA SER A 106 -17.50 3.60 41.51
C SER A 106 -17.03 2.22 41.95
N ALA A 107 -17.87 1.47 42.65
CA ALA A 107 -17.51 0.13 43.11
C ALA A 107 -18.77 -0.69 43.29
N VAL A 108 -18.61 -2.01 43.25
CA VAL A 108 -19.70 -2.95 43.47
C VAL A 108 -19.44 -3.72 44.74
N VAL A 109 -20.51 -4.19 45.37
CA VAL A 109 -20.46 -4.89 46.65
C VAL A 109 -21.11 -6.25 46.47
N LEU A 110 -20.33 -7.31 46.66
CA LEU A 110 -20.82 -8.68 46.62
C LEU A 110 -21.12 -9.15 48.03
N ARG A 111 -22.32 -9.68 48.24
CA ARG A 111 -22.73 -10.19 49.55
C ARG A 111 -23.30 -11.59 49.39
N LEU A 112 -22.89 -12.50 50.28
CA LEU A 112 -23.31 -13.88 50.24
C LEU A 112 -23.61 -14.37 51.64
N GLU A 113 -24.69 -15.11 51.79
CA GLU A 113 -25.03 -15.79 53.03
C GLU A 113 -24.70 -17.28 52.86
N LEU A 114 -23.88 -17.82 53.74
CA LEU A 114 -23.35 -19.16 53.58
C LEU A 114 -23.52 -19.97 54.85
N ALA A 115 -23.58 -21.29 54.68
CA ALA A 115 -23.62 -22.24 55.78
C ALA A 115 -22.62 -23.34 55.49
N GLY A 116 -21.69 -23.57 56.41
CA GLY A 116 -20.64 -24.55 56.24
C GLY A 116 -19.27 -23.89 56.19
N HIS A 117 -18.26 -24.73 56.05
CA HIS A 117 -16.86 -24.32 56.02
C HIS A 117 -16.34 -24.38 54.59
N GLY A 118 -15.79 -23.26 54.11
CA GLY A 118 -15.25 -23.23 52.77
C GLY A 118 -14.50 -21.95 52.51
N ARG A 119 -14.41 -21.59 51.24
CA ARG A 119 -13.73 -20.37 50.83
C ARG A 119 -14.42 -19.78 49.60
N VAL A 120 -14.49 -18.45 49.56
CA VAL A 120 -15.04 -17.71 48.42
C VAL A 120 -13.93 -16.84 47.84
N ASP A 121 -13.69 -16.98 46.53
CA ASP A 121 -12.63 -16.25 45.85
C ASP A 121 -13.24 -15.38 44.77
N VAL A 122 -12.97 -14.07 44.83
CA VAL A 122 -13.48 -13.11 43.86
C VAL A 122 -12.39 -12.83 42.84
N TYR A 123 -12.72 -13.05 41.56
CA TYR A 123 -11.84 -12.77 40.45
C TYR A 123 -12.48 -11.73 39.53
N ARG A 124 -11.62 -11.09 38.73
CA ARG A 124 -12.03 -10.20 37.66
C ARG A 124 -11.33 -10.64 36.38
N SER A 125 -11.68 -10.00 35.26
CA SER A 125 -11.04 -10.29 33.99
C SER A 125 -10.78 -8.99 33.23
N LYS A 126 -9.79 -9.05 32.33
CA LYS A 126 -9.49 -7.93 31.47
C LYS A 126 -10.28 -8.04 30.17
N ALA A 127 -10.02 -7.13 29.24
CA ALA A 127 -10.76 -7.08 27.99
C ALA A 127 -10.47 -8.25 27.05
N ASP A 128 -9.51 -9.12 27.39
CA ASP A 128 -9.17 -10.25 26.54
C ASP A 128 -9.43 -11.59 27.23
N GLY A 129 -10.20 -11.59 28.31
CA GLY A 129 -10.57 -12.82 29.00
C GLY A 129 -9.53 -13.37 29.95
N SER A 130 -8.46 -12.63 30.24
CA SER A 130 -7.44 -13.09 31.16
C SER A 130 -7.95 -12.98 32.60
N ARG A 131 -7.81 -14.05 33.36
CA ARG A 131 -8.31 -14.09 34.73
C ARG A 131 -7.31 -13.46 35.69
N ILE A 132 -7.81 -12.61 36.58
CA ILE A 132 -6.99 -11.93 37.58
C ILE A 132 -7.64 -12.14 38.95
N HIS A 133 -6.85 -12.65 39.90
CA HIS A 133 -7.36 -12.85 41.25
C HIS A 133 -7.49 -11.51 41.97
N VAL A 134 -8.68 -11.24 42.51
CA VAL A 134 -8.92 -9.98 43.20
C VAL A 134 -8.79 -10.18 44.70
N GLN A 135 -9.58 -11.10 45.26
CA GLN A 135 -9.58 -11.29 46.70
C GLN A 135 -10.05 -12.70 47.03
N GLY A 136 -9.91 -13.07 48.30
CA GLY A 136 -10.35 -14.36 48.77
C GLY A 136 -10.57 -14.39 50.27
N LYS A 137 -11.61 -15.09 50.72
CA LYS A 137 -11.93 -15.17 52.14
C LYS A 137 -12.37 -16.58 52.50
N GLU A 138 -11.76 -17.14 53.53
CA GLU A 138 -12.16 -18.44 54.07
C GLU A 138 -13.27 -18.22 55.10
N PHE A 139 -14.43 -18.81 54.85
CA PHE A 139 -15.62 -18.61 55.66
C PHE A 139 -15.98 -19.88 56.43
N ALA A 140 -16.58 -19.67 57.60
CA ALA A 140 -17.10 -20.76 58.42
C ALA A 140 -18.14 -20.17 59.36
N VAL A 141 -19.17 -20.96 59.65
CA VAL A 141 -20.25 -20.51 60.51
C VAL A 141 -19.78 -20.56 61.96
N ALA A 142 -19.96 -19.45 62.67
CA ALA A 142 -19.58 -19.40 64.07
C ALA A 142 -20.46 -20.35 64.88
N PRO A 143 -19.88 -21.11 65.81
CA PRO A 143 -20.69 -22.04 66.61
C PRO A 143 -21.74 -21.30 67.42
N GLY A 144 -22.96 -21.84 67.43
CA GLY A 144 -24.10 -21.23 68.06
C GLY A 144 -25.05 -20.57 67.08
N THR A 145 -24.55 -20.13 65.94
CA THR A 145 -25.38 -19.53 64.89
C THR A 145 -25.62 -20.55 63.79
N GLU A 146 -26.27 -20.11 62.71
CA GLU A 146 -26.61 -20.98 61.59
C GLU A 146 -26.01 -20.55 60.26
N SER A 147 -25.74 -19.27 60.06
CA SER A 147 -25.23 -18.78 58.80
C SER A 147 -24.12 -17.76 59.06
N VAL A 148 -23.44 -17.36 57.99
CA VAL A 148 -22.35 -16.40 58.05
C VAL A 148 -22.40 -15.54 56.80
N SER A 149 -22.06 -14.26 56.96
CA SER A 149 -22.05 -13.32 55.84
C SER A 149 -20.64 -13.14 55.32
N VAL A 150 -20.51 -13.16 53.99
CA VAL A 150 -19.23 -12.91 53.31
C VAL A 150 -19.46 -11.76 52.34
N GLU A 151 -18.68 -10.69 52.50
CA GLU A 151 -18.90 -9.46 51.75
C GLU A 151 -17.58 -8.95 51.19
N PHE A 152 -17.60 -8.60 49.90
CA PHE A 152 -16.47 -7.99 49.22
C PHE A 152 -16.92 -6.67 48.60
N GLU A 153 -15.97 -5.78 48.36
CA GLU A 153 -16.21 -4.54 47.64
C GLU A 153 -15.07 -4.32 46.66
N THR A 154 -15.39 -4.29 45.37
CA THR A 154 -14.39 -4.17 44.32
C THR A 154 -14.68 -2.94 43.47
N ASP A 155 -13.64 -2.15 43.23
CA ASP A 155 -13.78 -0.97 42.39
C ASP A 155 -13.97 -1.35 40.93
N LEU A 156 -14.66 -0.48 40.19
CA LEU A 156 -14.84 -0.65 38.75
C LEU A 156 -13.73 -0.01 37.94
N GLY A 157 -12.50 0.00 38.45
CA GLY A 157 -11.41 0.67 37.82
C GLY A 157 -10.91 0.01 36.54
N PRO A 158 -10.33 -1.19 36.66
CA PRO A 158 -9.71 -1.86 35.50
C PRO A 158 -10.71 -2.56 34.59
N PHE A 159 -11.63 -1.78 34.01
CA PHE A 159 -12.62 -2.32 33.09
C PHE A 159 -12.90 -1.30 32.00
N GLU A 160 -11.84 -0.73 31.42
CA GLU A 160 -12.00 0.35 30.47
C GLU A 160 -12.50 -0.15 29.12
N ASP A 161 -12.02 -1.32 28.68
CA ASP A 161 -12.41 -1.90 27.41
C ASP A 161 -13.21 -3.18 27.56
N GLY A 162 -13.38 -3.68 28.77
CA GLY A 162 -14.13 -4.90 28.96
C GLY A 162 -13.77 -5.55 30.28
N GLY A 163 -14.42 -6.68 30.55
CA GLY A 163 -14.14 -7.45 31.74
C GLY A 163 -15.34 -7.74 32.62
N TRP A 164 -15.32 -8.87 33.30
CA TRP A 164 -16.37 -9.29 34.23
C TRP A 164 -15.79 -9.40 35.63
N ILE A 165 -16.68 -9.53 36.60
CA ILE A 165 -16.34 -9.81 37.99
C ILE A 165 -17.18 -10.99 38.45
N TRP A 166 -16.53 -12.03 38.98
CA TRP A 166 -17.24 -13.22 39.42
C TRP A 166 -16.60 -13.76 40.68
N PHE A 167 -17.21 -14.81 41.24
CA PHE A 167 -16.71 -15.43 42.45
C PHE A 167 -16.90 -16.94 42.35
N ASP A 168 -15.94 -17.68 42.90
CA ASP A 168 -15.99 -19.13 42.97
C ASP A 168 -16.07 -19.56 44.43
N ILE A 169 -16.77 -20.67 44.66
CA ILE A 169 -16.95 -21.24 45.99
C ILE A 169 -16.26 -22.60 46.02
N THR A 170 -15.24 -22.72 46.85
CA THR A 170 -14.51 -23.98 47.03
C THR A 170 -14.77 -24.45 48.45
N SER A 171 -15.49 -25.56 48.59
CA SER A 171 -15.97 -26.01 49.89
C SER A 171 -14.98 -26.98 50.53
N ASP A 172 -14.93 -26.92 51.86
CA ASP A 172 -14.23 -27.92 52.67
C ASP A 172 -15.18 -28.94 53.26
N THR A 173 -16.34 -28.50 53.73
CA THR A 173 -17.42 -29.37 54.18
C THR A 173 -18.63 -29.14 53.27
N ALA A 174 -19.77 -29.69 53.67
CA ALA A 174 -21.01 -29.47 52.93
C ALA A 174 -21.39 -27.99 53.05
N VAL A 175 -21.37 -27.29 51.93
CA VAL A 175 -21.59 -25.85 51.90
C VAL A 175 -22.94 -25.56 51.24
N THR A 176 -23.62 -24.53 51.75
CA THR A 176 -24.90 -24.12 51.19
C THR A 176 -24.93 -22.60 51.09
N LEU A 177 -25.12 -22.10 49.88
CA LEU A 177 -25.34 -20.68 49.64
C LEU A 177 -26.82 -20.39 49.79
N LEU A 178 -27.18 -19.73 50.90
CA LEU A 178 -28.59 -19.44 51.18
C LEU A 178 -29.11 -18.30 50.31
N ALA A 179 -28.33 -17.23 50.18
CA ALA A 179 -28.72 -16.08 49.36
C ALA A 179 -27.47 -15.33 48.95
N GLY A 180 -27.62 -14.49 47.93
CA GLY A 180 -26.49 -13.71 47.44
C GLY A 180 -26.94 -12.77 46.35
N GLY A 181 -26.06 -11.83 46.04
CA GLY A 181 -26.34 -10.86 45.00
C GLY A 181 -25.38 -9.68 44.98
N TRP A 182 -25.37 -8.94 43.89
CA TRP A 182 -24.53 -7.76 43.75
C TRP A 182 -25.30 -6.51 44.17
N TYR A 183 -24.58 -5.57 44.75
CA TYR A 183 -25.19 -4.37 45.30
C TYR A 183 -24.37 -3.14 44.93
N ALA A 184 -25.05 -2.01 44.91
CA ALA A 184 -24.50 -0.68 44.78
C ALA A 184 -24.45 -0.02 46.14
N PRO A 185 -23.32 0.59 46.51
CA PRO A 185 -23.16 1.18 47.85
C PRO A 185 -23.91 2.48 48.05
N ILE A 186 -24.81 2.87 47.13
CA ILE A 186 -25.67 4.04 47.30
C ILE A 186 -27.08 3.65 46.91
N GLU A 187 -28.05 4.38 47.44
CA GLU A 187 -29.44 4.09 47.13
C GLU A 187 -29.74 4.42 45.66
N ALA A 188 -30.72 3.70 45.11
CA ALA A 188 -31.05 3.87 43.71
C ALA A 188 -31.88 5.13 43.50
N PRO A 189 -31.52 5.99 42.55
CA PRO A 189 -32.30 7.21 42.32
C PRO A 189 -33.69 6.91 41.79
N GLY A 190 -34.59 7.86 42.01
CA GLY A 190 -35.95 7.73 41.53
C GLY A 190 -36.73 6.66 42.28
N ALA A 191 -37.95 6.43 41.79
CA ALA A 191 -38.84 5.44 42.38
C ALA A 191 -38.72 4.07 41.73
N GLY A 192 -38.33 4.01 40.47
CA GLY A 192 -38.13 2.74 39.80
C GLY A 192 -39.40 2.07 39.31
N THR A 193 -40.52 2.78 39.25
CA THR A 193 -41.75 2.20 38.73
C THR A 193 -41.64 2.01 37.22
N ILE A 194 -42.19 0.89 36.74
CA ILE A 194 -42.13 0.55 35.32
C ILE A 194 -43.52 0.14 34.84
N ALA A 195 -43.79 0.44 33.57
CA ALA A 195 -45.00 0.03 32.88
C ALA A 195 -44.59 -0.92 31.75
N CYS A 196 -44.96 -2.19 31.88
CA CYS A 196 -44.62 -3.18 30.86
C CYS A 196 -45.65 -3.15 29.72
N GLY A 197 -45.21 -3.60 28.55
CA GLY A 197 -46.10 -3.62 27.40
C GLY A 197 -45.72 -4.60 26.32
N MET A 198 -46.69 -5.41 25.88
CA MET A 198 -46.48 -6.46 24.90
C MET A 198 -47.55 -6.38 23.82
N PRO A 199 -47.20 -6.19 22.55
CA PRO A 199 -48.18 -6.35 21.47
C PRO A 199 -48.31 -7.82 21.09
N THR A 200 -49.55 -8.29 21.03
CA THR A 200 -49.83 -9.69 20.71
C THR A 200 -50.74 -9.78 19.50
N PHE A 201 -50.66 -10.92 18.82
CA PHE A 201 -51.51 -11.17 17.64
C PHE A 201 -51.75 -12.67 17.55
N ASN A 202 -52.89 -13.10 18.09
CA ASN A 202 -53.34 -14.50 17.99
C ASN A 202 -52.32 -15.46 18.61
N ARG A 203 -51.77 -15.08 19.76
CA ARG A 203 -50.87 -15.95 20.53
C ARG A 203 -51.27 -15.90 22.00
N PRO A 204 -52.48 -16.37 22.34
CA PRO A 204 -52.95 -16.25 23.73
C PRO A 204 -52.30 -17.25 24.67
N THR A 205 -51.99 -18.44 24.16
CA THR A 205 -51.36 -19.47 25.00
C THR A 205 -50.01 -19.00 25.52
N ASP A 206 -49.24 -18.29 24.69
CA ASP A 206 -47.95 -17.78 25.14
C ASP A 206 -48.08 -16.50 25.95
N LEU A 207 -49.08 -15.67 25.64
CA LEU A 207 -49.29 -14.46 26.42
C LEU A 207 -49.71 -14.77 27.85
N VAL A 208 -50.49 -15.84 28.05
CA VAL A 208 -50.85 -16.25 29.40
C VAL A 208 -49.62 -16.63 30.20
N LYS A 209 -48.73 -17.42 29.59
CA LYS A 209 -47.48 -17.79 30.26
C LYS A 209 -46.62 -16.56 30.54
N THR A 210 -46.59 -15.62 29.60
CA THR A 210 -45.80 -14.41 29.80
C THR A 210 -46.33 -13.58 30.97
N LEU A 211 -47.65 -13.42 31.05
CA LEU A 211 -48.23 -12.66 32.17
C LEU A 211 -48.03 -13.38 33.49
N GLY A 212 -48.16 -14.72 33.50
CA GLY A 212 -47.92 -15.47 34.71
C GLY A 212 -46.48 -15.36 35.19
N ALA A 213 -45.52 -15.44 34.26
CA ALA A 213 -44.12 -15.29 34.63
C ALA A 213 -43.80 -13.86 35.05
N LEU A 214 -44.51 -12.88 34.49
CA LEU A 214 -44.31 -11.50 34.91
C LEU A 214 -44.80 -11.29 36.34
N GLY A 215 -45.93 -11.88 36.68
CA GLY A 215 -46.49 -11.76 38.02
C GLY A 215 -45.98 -12.77 39.03
N SER A 216 -45.12 -13.71 38.62
CA SER A 216 -44.69 -14.75 39.54
C SER A 216 -43.71 -14.23 40.58
N ASP A 217 -42.79 -13.35 40.18
CA ASP A 217 -41.79 -12.84 41.11
C ASP A 217 -42.34 -11.62 41.84
N PRO A 218 -42.45 -11.66 43.17
CA PRO A 218 -42.99 -10.49 43.88
C PRO A 218 -42.07 -9.29 43.86
N LEU A 219 -40.75 -9.50 43.78
CA LEU A 219 -39.82 -8.38 43.66
C LEU A 219 -40.08 -7.59 42.39
N VAL A 220 -40.42 -8.28 41.30
CA VAL A 220 -40.74 -7.59 40.05
C VAL A 220 -42.11 -6.95 40.13
N LEU A 221 -43.08 -7.63 40.74
CA LEU A 221 -44.42 -7.07 40.87
C LEU A 221 -44.43 -5.80 41.70
N GLY A 222 -43.54 -5.70 42.69
CA GLY A 222 -43.47 -4.50 43.50
C GLY A 222 -43.05 -3.26 42.72
N GLN A 223 -42.44 -3.45 41.55
CA GLN A 223 -41.99 -2.34 40.72
C GLN A 223 -42.89 -2.08 39.53
N VAL A 224 -43.85 -2.95 39.27
CA VAL A 224 -44.73 -2.82 38.10
C VAL A 224 -45.94 -1.98 38.48
N ALA A 225 -46.16 -0.88 37.77
CA ALA A 225 -47.34 -0.05 37.96
C ALA A 225 -48.42 -0.33 36.92
N ALA A 226 -48.10 -1.02 35.83
CA ALA A 226 -49.06 -1.33 34.79
C ALA A 226 -48.49 -2.41 33.89
N VAL A 227 -49.40 -3.23 33.34
CA VAL A 227 -49.07 -4.25 32.36
C VAL A 227 -50.02 -4.04 31.18
N ILE A 228 -49.52 -3.43 30.11
CA ILE A 228 -50.33 -3.02 28.98
C ILE A 228 -50.23 -4.06 27.88
N VAL A 229 -51.38 -4.56 27.43
CA VAL A 229 -51.46 -5.51 26.33
C VAL A 229 -52.23 -4.86 25.19
N ALA A 230 -51.75 -5.03 23.97
CA ALA A 230 -52.39 -4.51 22.77
C ALA A 230 -52.76 -5.70 21.88
N ASP A 231 -53.99 -6.19 22.03
CA ASP A 231 -54.43 -7.37 21.29
C ASP A 231 -54.86 -6.94 19.89
N GLN A 232 -54.08 -7.33 18.88
CA GLN A 232 -54.36 -6.97 17.50
C GLN A 232 -54.92 -8.12 16.68
N GLY A 233 -55.12 -9.29 17.29
CA GLY A 233 -55.69 -10.44 16.62
C GLY A 233 -57.15 -10.65 16.98
N ASN A 234 -57.70 -11.75 16.46
CA ASN A 234 -59.09 -12.11 16.73
C ASN A 234 -59.23 -13.04 17.93
N ARG A 235 -58.28 -13.95 18.15
CA ARG A 235 -58.30 -14.82 19.32
C ARG A 235 -57.80 -14.02 20.52
N LYS A 236 -58.74 -13.46 21.26
CA LYS A 236 -58.39 -12.62 22.40
C LYS A 236 -57.86 -13.48 23.54
N VAL A 237 -56.88 -12.93 24.27
CA VAL A 237 -56.28 -13.66 25.38
C VAL A 237 -57.22 -13.73 26.57
N VAL A 238 -58.27 -12.88 26.59
CA VAL A 238 -59.24 -12.94 27.68
C VAL A 238 -60.02 -14.25 27.63
N ASP A 239 -60.25 -14.79 26.44
CA ASP A 239 -60.98 -16.04 26.27
C ASP A 239 -60.07 -17.27 26.36
N GLU A 240 -58.82 -17.09 26.77
CA GLU A 240 -57.84 -18.17 26.87
C GLU A 240 -57.85 -18.78 28.27
N PRO A 241 -57.85 -20.11 28.36
CA PRO A 241 -57.77 -20.75 29.69
C PRO A 241 -56.44 -20.44 30.36
N GLY A 242 -56.50 -20.28 31.68
CA GLY A 242 -55.34 -19.88 32.45
C GLY A 242 -55.11 -18.40 32.54
N PHE A 243 -55.97 -17.58 31.92
CA PHE A 243 -55.77 -16.14 31.92
C PHE A 243 -56.25 -15.49 33.22
N ASP A 244 -57.35 -15.99 33.79
CA ASP A 244 -57.96 -15.32 34.92
C ASP A 244 -57.08 -15.38 36.17
N GLU A 245 -56.34 -16.48 36.37
CA GLU A 245 -55.48 -16.58 37.54
C GLU A 245 -54.33 -15.57 37.47
N ALA A 246 -53.66 -15.51 36.32
CA ALA A 246 -52.58 -14.53 36.16
C ALA A 246 -53.12 -13.11 36.21
N ALA A 247 -54.33 -12.89 35.69
CA ALA A 247 -54.93 -11.56 35.76
C ALA A 247 -55.23 -11.17 37.20
N ALA A 248 -55.71 -12.11 38.01
CA ALA A 248 -55.96 -11.83 39.42
C ALA A 248 -54.65 -11.60 40.17
N VAL A 249 -53.58 -12.30 39.79
CA VAL A 249 -52.28 -12.06 40.40
C VAL A 249 -51.80 -10.65 40.07
N LEU A 250 -51.95 -10.23 38.81
CA LEU A 250 -51.51 -8.89 38.43
C LEU A 250 -52.41 -7.81 39.00
N GLY A 251 -53.67 -8.13 39.29
CA GLY A 251 -54.56 -7.13 39.85
C GLY A 251 -55.02 -6.13 38.81
N ASP A 252 -55.18 -4.88 39.25
CA ASP A 252 -55.60 -3.80 38.37
C ASP A 252 -54.49 -3.34 37.43
N ARG A 253 -53.29 -3.90 37.54
CA ARG A 253 -52.21 -3.50 36.65
C ARG A 253 -52.48 -3.88 35.21
N LEU A 254 -53.14 -5.01 34.99
CA LEU A 254 -53.37 -5.50 33.63
C LEU A 254 -54.40 -4.63 32.93
N VAL A 255 -54.01 -4.07 31.78
CA VAL A 255 -54.88 -3.23 30.96
C VAL A 255 -54.75 -3.72 29.52
N ILE A 256 -55.84 -4.25 28.97
CA ILE A 256 -55.86 -4.82 27.64
C ILE A 256 -56.65 -3.90 26.72
N ARG A 257 -56.06 -3.56 25.57
CA ARG A 257 -56.69 -2.69 24.58
C ARG A 257 -56.79 -3.44 23.27
N ASP A 258 -57.97 -3.38 22.64
CA ASP A 258 -58.21 -4.01 21.36
C ASP A 258 -58.12 -2.98 20.24
N GLN A 259 -57.51 -3.38 19.13
CA GLN A 259 -57.31 -2.49 17.99
C GLN A 259 -57.03 -3.35 16.76
N PRO A 260 -57.19 -2.79 15.56
CA PRO A 260 -56.85 -3.55 14.35
C PRO A 260 -55.38 -3.93 14.32
N ASN A 261 -55.06 -4.87 13.44
CA ASN A 261 -53.68 -5.37 13.31
C ASN A 261 -52.83 -4.30 12.65
N LEU A 262 -52.13 -3.51 13.46
CA LEU A 262 -51.23 -2.47 12.98
C LEU A 262 -49.77 -2.89 13.06
N GLY A 263 -49.51 -4.19 13.21
CA GLY A 263 -48.15 -4.68 13.27
C GLY A 263 -47.45 -4.32 14.57
N GLY A 264 -46.17 -4.67 14.63
CA GLY A 264 -45.36 -4.36 15.80
C GLY A 264 -45.25 -2.88 16.06
N SER A 265 -45.12 -2.09 15.00
CA SER A 265 -45.05 -0.64 15.15
C SER A 265 -46.28 -0.10 15.86
N GLY A 266 -47.47 -0.43 15.33
CA GLY A 266 -48.69 0.04 15.96
C GLY A 266 -48.90 -0.49 17.36
N GLY A 267 -48.54 -1.77 17.58
CA GLY A 267 -48.70 -2.34 18.92
C GLY A 267 -47.83 -1.65 19.95
N TYR A 268 -46.54 -1.50 19.67
CA TYR A 268 -45.66 -0.83 20.61
C TYR A 268 -46.00 0.65 20.75
N SER A 269 -46.49 1.28 19.68
CA SER A 269 -46.92 2.67 19.79
C SER A 269 -48.13 2.80 20.70
N ARG A 270 -49.07 1.86 20.62
CA ARG A 270 -50.21 1.86 21.54
C ARG A 270 -49.76 1.61 22.97
N VAL A 271 -48.79 0.71 23.16
CA VAL A 271 -48.24 0.46 24.48
C VAL A 271 -47.66 1.75 25.07
N MET A 272 -46.83 2.44 24.29
CA MET A 272 -46.20 3.67 24.76
C MET A 272 -47.25 4.75 25.01
N TYR A 273 -48.26 4.83 24.14
CA TYR A 273 -49.32 5.83 24.31
C TYR A 273 -50.07 5.60 25.62
N GLU A 274 -50.44 4.35 25.90
CA GLU A 274 -51.13 4.05 27.15
C GLU A 274 -50.23 4.31 28.35
N ALA A 275 -48.94 3.98 28.25
CA ALA A 275 -48.03 4.20 29.37
C ALA A 275 -47.83 5.68 29.64
N LEU A 276 -47.79 6.50 28.60
CA LEU A 276 -47.59 7.93 28.79
C LEU A 276 -48.87 8.68 29.12
N LYS A 277 -50.04 8.10 28.83
CA LYS A 277 -51.31 8.77 29.06
C LYS A 277 -51.98 8.37 30.37
N ASN A 278 -51.93 7.08 30.74
CA ASN A 278 -52.74 6.60 31.85
C ASN A 278 -51.94 6.00 33.00
N THR A 279 -50.61 5.90 32.89
CA THR A 279 -49.79 5.37 33.95
C THR A 279 -48.71 6.39 34.34
N ASP A 280 -48.31 6.36 35.60
CA ASP A 280 -47.31 7.27 36.14
C ASP A 280 -45.97 6.58 36.36
N ALA A 281 -45.63 5.62 35.51
CA ALA A 281 -44.37 4.90 35.63
C ALA A 281 -43.21 5.76 35.14
N GLU A 282 -42.01 5.41 35.59
CA GLU A 282 -40.80 6.11 35.19
C GLU A 282 -40.12 5.49 33.98
N TYR A 283 -40.39 4.22 33.69
CA TYR A 283 -39.74 3.52 32.58
C TYR A 283 -40.75 2.61 31.89
N ILE A 284 -40.82 2.71 30.57
CA ILE A 284 -41.64 1.82 29.76
C ILE A 284 -40.80 0.62 29.35
N VAL A 285 -41.33 -0.57 29.55
CA VAL A 285 -40.61 -1.80 29.28
C VAL A 285 -41.31 -2.50 28.11
N TYR A 286 -40.77 -2.33 26.92
CA TYR A 286 -41.22 -3.08 25.75
C TYR A 286 -40.81 -4.54 25.90
N MET A 287 -41.79 -5.43 25.78
CA MET A 287 -41.56 -6.88 25.75
C MET A 287 -42.29 -7.46 24.55
N ASP A 288 -42.15 -8.76 24.35
CA ASP A 288 -42.86 -9.48 23.32
C ASP A 288 -43.81 -10.49 23.96
N ASP A 289 -44.82 -10.89 23.19
CA ASP A 289 -45.84 -11.80 23.71
C ASP A 289 -45.39 -13.26 23.70
N ASP A 290 -44.33 -13.59 22.96
CA ASP A 290 -43.88 -14.97 22.85
C ASP A 290 -42.46 -15.15 23.39
N ILE A 291 -42.22 -14.68 24.60
CA ILE A 291 -40.90 -14.81 25.22
C ILE A 291 -41.03 -15.52 26.55
N GLU A 292 -39.94 -16.18 26.96
CA GLU A 292 -39.85 -16.83 28.26
C GLU A 292 -39.06 -15.90 29.18
N ILE A 293 -39.73 -15.30 30.14
CA ILE A 293 -39.17 -14.22 30.93
C ILE A 293 -38.39 -14.78 32.11
N GLU A 294 -37.14 -14.35 32.24
CA GLU A 294 -36.38 -14.52 33.47
C GLU A 294 -36.60 -13.27 34.31
N PRO A 295 -37.32 -13.35 35.45
CA PRO A 295 -37.79 -12.13 36.10
C PRO A 295 -36.69 -11.21 36.61
N ASP A 296 -35.51 -11.75 36.92
CA ASP A 296 -34.45 -10.90 37.44
C ASP A 296 -33.82 -10.02 36.36
N SER A 297 -33.99 -10.39 35.08
CA SER A 297 -33.47 -9.56 34.00
C SER A 297 -34.14 -8.19 33.99
N ILE A 298 -35.45 -8.15 34.28
CA ILE A 298 -36.17 -6.88 34.33
C ILE A 298 -35.60 -6.00 35.44
N LEU A 299 -35.35 -6.58 36.62
CA LEU A 299 -34.79 -5.81 37.72
C LEU A 299 -33.38 -5.33 37.39
N ARG A 300 -32.60 -6.15 36.70
CA ARG A 300 -31.26 -5.74 36.31
C ARG A 300 -31.29 -4.56 35.35
N ALA A 301 -32.14 -4.64 34.32
CA ALA A 301 -32.27 -3.54 33.37
C ALA A 301 -32.78 -2.28 34.06
N LEU A 302 -33.71 -2.44 35.00
CA LEU A 302 -34.24 -1.29 35.72
C LEU A 302 -33.15 -0.62 36.56
N ALA A 303 -32.40 -1.42 37.33
CA ALA A 303 -31.31 -0.87 38.14
C ALA A 303 -30.24 -0.22 37.27
N PHE A 304 -29.98 -0.77 36.09
CA PHE A 304 -29.01 -0.16 35.20
C PHE A 304 -29.51 1.17 34.66
N ALA A 305 -30.80 1.24 34.34
CA ALA A 305 -31.36 2.50 33.84
C ALA A 305 -31.45 3.55 34.94
N ARG A 306 -31.60 3.13 36.20
CA ARG A 306 -31.70 4.08 37.29
C ARG A 306 -30.35 4.66 37.70
N PHE A 307 -29.28 3.87 37.60
CA PHE A 307 -27.94 4.32 37.96
C PHE A 307 -27.18 4.94 36.79
N ALA A 308 -27.84 5.14 35.65
CA ALA A 308 -27.16 5.70 34.49
C ALA A 308 -26.76 7.15 34.76
N LYS A 309 -25.70 7.60 34.08
CA LYS A 309 -25.25 8.98 34.22
C LYS A 309 -26.26 9.94 33.63
N SER A 310 -26.65 9.71 32.38
CA SER A 310 -27.72 10.43 31.71
C SER A 310 -28.81 9.44 31.32
N PRO A 311 -30.02 9.93 31.04
CA PRO A 311 -31.08 9.01 30.58
C PRO A 311 -30.64 8.25 29.34
N MET A 312 -30.98 6.97 29.30
CA MET A 312 -30.53 6.10 28.22
C MET A 312 -31.45 4.89 28.12
N LEU A 313 -31.46 4.29 26.93
CA LEU A 313 -32.22 3.07 26.70
C LEU A 313 -31.39 1.87 27.15
N VAL A 314 -32.00 0.99 27.93
CA VAL A 314 -31.33 -0.20 28.46
C VAL A 314 -32.11 -1.40 27.95
N GLY A 315 -31.59 -2.03 26.89
CA GLY A 315 -32.20 -3.21 26.33
C GLY A 315 -31.52 -4.48 26.82
N GLY A 316 -32.23 -5.60 26.67
CA GLY A 316 -31.74 -6.89 27.06
C GLY A 316 -31.35 -7.73 25.86
N GLN A 317 -30.60 -8.79 26.15
CA GLN A 317 -30.14 -9.72 25.12
C GLN A 317 -31.18 -10.82 24.90
N MET A 318 -30.93 -11.64 23.89
CA MET A 318 -31.87 -12.68 23.49
C MET A 318 -31.17 -14.03 23.51
N LEU A 319 -31.74 -14.97 24.25
CA LEU A 319 -31.30 -16.36 24.23
C LEU A 319 -32.24 -17.16 23.33
N ASN A 320 -31.67 -18.15 22.64
CA ASN A 320 -32.46 -18.94 21.70
C ASN A 320 -33.46 -19.79 22.45
N LEU A 321 -34.75 -19.62 22.12
CA LEU A 321 -35.81 -20.37 22.79
C LEU A 321 -35.75 -21.85 22.50
N GLN A 322 -35.14 -22.25 21.37
CA GLN A 322 -35.02 -23.65 21.00
C GLN A 322 -33.70 -24.27 21.45
N GLU A 323 -32.63 -23.49 21.50
CA GLU A 323 -31.36 -23.90 22.10
C GLU A 323 -31.12 -22.94 23.26
N ARG A 324 -31.63 -23.30 24.44
CA ARG A 324 -31.72 -22.37 25.56
C ARG A 324 -30.36 -22.04 26.18
N SER A 325 -29.28 -22.71 25.77
CA SER A 325 -27.95 -22.40 26.24
C SER A 325 -27.16 -21.56 25.24
N HIS A 326 -27.85 -20.96 24.27
CA HIS A 326 -27.22 -20.16 23.22
C HIS A 326 -27.62 -18.70 23.38
N LEU A 327 -26.62 -17.82 23.39
CA LEU A 327 -26.84 -16.39 23.32
C LEU A 327 -26.79 -15.95 21.86
N HIS A 328 -27.88 -15.36 21.38
CA HIS A 328 -27.97 -15.05 19.95
C HIS A 328 -26.98 -13.98 19.54
N SER A 329 -26.96 -12.85 20.24
CA SER A 329 -26.10 -11.76 19.86
C SER A 329 -25.72 -10.94 21.09
N MET A 330 -24.48 -10.43 21.07
CA MET A 330 -24.00 -9.53 22.11
C MET A 330 -24.34 -8.07 21.83
N GLY A 331 -24.70 -7.74 20.59
CA GLY A 331 -25.05 -6.37 20.25
C GLY A 331 -25.19 -6.17 18.75
N GLU A 332 -25.94 -5.15 18.35
CA GLU A 332 -26.21 -4.88 16.95
C GLU A 332 -25.92 -3.42 16.63
N VAL A 333 -25.33 -3.18 15.46
CA VAL A 333 -25.11 -1.82 14.97
C VAL A 333 -25.67 -1.73 13.56
N VAL A 334 -25.45 -0.61 12.88
CA VAL A 334 -25.89 -0.43 11.50
C VAL A 334 -24.71 0.09 10.69
N ASP A 335 -24.36 -0.64 9.63
CA ASP A 335 -23.37 -0.16 8.67
C ASP A 335 -23.94 1.04 7.93
N ARG A 336 -23.27 2.18 8.03
CA ARG A 336 -23.72 3.43 7.43
C ARG A 336 -23.31 3.57 5.97
N GLY A 337 -22.49 2.67 5.44
CA GLY A 337 -22.15 2.69 4.03
C GLY A 337 -23.33 2.29 3.18
N ILE A 338 -23.63 0.98 3.15
CA ILE A 338 -24.84 0.50 2.48
C ILE A 338 -26.08 0.66 3.35
N PHE A 339 -25.92 1.11 4.59
CA PHE A 339 -27.01 1.25 5.55
C PHE A 339 -27.73 -0.07 5.76
N MET A 340 -27.19 -0.93 6.62
CA MET A 340 -27.76 -2.24 6.87
C MET A 340 -27.43 -2.67 8.29
N TRP A 341 -28.42 -3.18 9.02
CA TRP A 341 -28.18 -3.61 10.39
C TRP A 341 -27.36 -4.90 10.39
N THR A 342 -26.36 -4.95 11.26
CA THR A 342 -25.44 -6.07 11.32
C THR A 342 -24.94 -6.22 12.75
N SER A 343 -24.09 -7.22 12.96
CA SER A 343 -23.52 -7.45 14.29
C SER A 343 -22.52 -6.36 14.63
N ALA A 344 -22.49 -6.00 15.91
CA ALA A 344 -21.53 -5.03 16.40
C ALA A 344 -20.12 -5.57 16.28
N PRO A 345 -19.10 -4.70 16.32
CA PRO A 345 -17.72 -5.19 16.31
C PRO A 345 -17.46 -6.13 17.48
N ASN A 346 -16.60 -7.12 17.23
CA ASN A 346 -16.22 -8.13 18.23
C ASN A 346 -17.40 -8.97 18.68
N VAL A 347 -18.39 -9.15 17.80
CA VAL A 347 -19.60 -9.91 18.11
C VAL A 347 -19.79 -10.97 17.04
N GLU A 348 -20.02 -12.21 17.46
CA GLU A 348 -20.38 -13.30 16.58
C GLU A 348 -21.70 -13.92 17.03
N TYR A 349 -22.57 -14.21 16.08
CA TYR A 349 -23.89 -14.75 16.40
C TYR A 349 -23.78 -16.17 16.95
N ASP A 350 -24.76 -16.52 17.79
CA ASP A 350 -24.93 -17.88 18.31
C ASP A 350 -23.72 -18.36 19.09
N HIS A 351 -23.74 -18.17 20.41
CA HIS A 351 -22.66 -18.61 21.29
C HIS A 351 -23.22 -19.60 22.29
N ASP A 352 -22.69 -20.83 22.26
CA ASP A 352 -23.15 -21.91 23.13
C ASP A 352 -22.31 -21.89 24.40
N PHE A 353 -22.94 -21.50 25.53
CA PHE A 353 -22.21 -21.46 26.80
C PHE A 353 -21.93 -22.85 27.34
N ALA A 354 -22.75 -23.83 26.97
CA ALA A 354 -22.52 -25.20 27.44
C ALA A 354 -21.27 -25.79 26.80
N LYS A 355 -21.05 -25.51 25.52
CA LYS A 355 -19.87 -26.03 24.83
C LYS A 355 -18.64 -25.17 25.08
N HIS A 356 -18.82 -23.84 25.08
CA HIS A 356 -17.74 -22.88 25.30
C HIS A 356 -18.11 -22.00 26.48
N PRO A 357 -17.66 -22.34 27.69
CA PRO A 357 -18.00 -21.53 28.86
C PRO A 357 -17.32 -20.17 28.80
N LEU A 358 -17.69 -19.30 29.75
CA LEU A 358 -17.15 -17.96 29.77
C LEU A 358 -15.66 -17.96 30.11
N LYS A 359 -15.18 -18.99 30.80
CA LYS A 359 -13.78 -19.11 31.15
C LYS A 359 -12.90 -19.54 29.98
N ASP A 360 -13.50 -20.02 28.89
CA ASP A 360 -12.74 -20.47 27.73
C ASP A 360 -12.22 -19.25 26.96
N ARG A 361 -10.91 -18.99 27.08
CA ARG A 361 -10.33 -17.84 26.40
C ARG A 361 -10.18 -18.07 24.89
N ASP A 362 -10.24 -19.32 24.45
CA ASP A 362 -10.07 -19.61 23.02
C ASP A 362 -11.31 -19.21 22.22
N ASN A 363 -12.49 -19.56 22.73
CA ASN A 363 -13.73 -19.37 21.99
C ASN A 363 -14.65 -18.32 22.59
N SER A 364 -14.32 -17.77 23.77
CA SER A 364 -15.19 -16.80 24.42
C SER A 364 -14.44 -15.53 24.83
N LYS A 365 -13.35 -15.20 24.14
CA LYS A 365 -12.62 -13.98 24.47
C LYS A 365 -13.43 -12.74 24.09
N LEU A 366 -14.14 -12.81 22.95
CA LEU A 366 -14.93 -11.66 22.49
C LEU A 366 -16.04 -11.30 23.46
N LEU A 367 -16.44 -12.22 24.34
CA LEU A 367 -17.44 -11.90 25.34
C LEU A 367 -16.92 -11.00 26.44
N HIS A 368 -15.60 -10.82 26.53
CA HIS A 368 -14.99 -9.97 27.54
C HIS A 368 -14.69 -8.57 27.03
N ARG A 369 -15.23 -8.19 25.88
CA ARG A 369 -15.08 -6.86 25.33
C ARG A 369 -16.40 -6.10 25.45
N ARG A 370 -16.31 -4.83 25.86
CA ARG A 370 -17.51 -4.01 25.98
C ARG A 370 -18.06 -3.72 24.60
N ILE A 371 -19.31 -4.12 24.37
CA ILE A 371 -19.94 -4.01 23.05
C ILE A 371 -20.76 -2.73 23.00
N ASP A 372 -20.42 -1.86 22.07
CA ASP A 372 -21.16 -0.62 21.83
C ASP A 372 -22.12 -0.83 20.68
N VAL A 373 -23.39 -0.53 20.92
CA VAL A 373 -24.45 -0.81 19.95
C VAL A 373 -25.09 0.50 19.51
N ASP A 374 -25.79 0.43 18.39
CA ASP A 374 -26.58 1.55 17.89
C ASP A 374 -28.06 1.44 18.28
N PHE A 375 -28.59 0.23 18.36
CA PHE A 375 -29.98 0.03 18.72
C PHE A 375 -30.11 -1.30 19.47
N ASN A 376 -31.32 -1.56 19.96
CA ASN A 376 -31.63 -2.82 20.61
C ASN A 376 -33.06 -3.20 20.29
N GLY A 377 -33.31 -4.50 20.18
CA GLY A 377 -34.64 -4.99 19.86
C GLY A 377 -35.63 -4.73 20.98
N TRP A 378 -36.91 -4.87 20.64
CA TRP A 378 -37.99 -4.60 21.56
C TRP A 378 -38.54 -5.85 22.22
N TRP A 379 -37.81 -6.98 22.15
CA TRP A 379 -38.19 -8.15 22.93
C TRP A 379 -38.07 -7.87 24.43
N THR A 380 -37.08 -7.06 24.82
CA THR A 380 -36.97 -6.56 26.18
C THR A 380 -36.15 -5.28 26.11
N CYS A 381 -36.81 -4.14 26.31
CA CYS A 381 -36.12 -2.85 26.21
C CYS A 381 -36.75 -1.86 27.18
N VAL A 382 -35.90 -1.09 27.86
CA VAL A 382 -36.33 -0.11 28.85
C VAL A 382 -36.11 1.28 28.27
N ILE A 383 -37.18 2.05 28.17
CA ILE A 383 -37.14 3.42 27.68
C ILE A 383 -37.55 4.34 28.82
N PRO A 384 -36.70 5.26 29.26
CA PRO A 384 -37.13 6.21 30.30
C PRO A 384 -38.27 7.07 29.80
N ARG A 385 -39.12 7.48 30.75
CA ARG A 385 -40.29 8.28 30.40
C ARG A 385 -39.89 9.60 29.76
N GLN A 386 -38.76 10.18 30.18
CA GLN A 386 -38.28 11.41 29.59
C GLN A 386 -37.97 11.23 28.10
N VAL A 387 -37.25 10.15 27.77
CA VAL A 387 -36.91 9.89 26.37
C VAL A 387 -38.16 9.69 25.53
N ALA A 388 -39.12 8.93 26.06
CA ALA A 388 -40.35 8.66 25.31
C ALA A 388 -41.15 9.93 25.09
N GLU A 389 -41.28 10.77 26.12
CA GLU A 389 -42.04 12.01 25.98
C GLU A 389 -41.32 13.04 25.12
N GLN A 390 -39.99 12.94 25.00
CA GLN A 390 -39.25 13.89 24.18
C GLN A 390 -39.20 13.48 22.72
N ILE A 391 -38.62 12.31 22.43
CA ILE A 391 -38.40 11.94 21.03
C ILE A 391 -39.68 11.48 20.33
N GLY A 392 -40.69 11.05 21.08
CA GLY A 392 -42.00 10.79 20.52
C GLY A 392 -42.31 9.31 20.39
N GLN A 393 -43.30 9.02 19.54
CA GLN A 393 -43.84 7.69 19.28
C GLN A 393 -43.10 7.01 18.15
N PRO A 394 -43.19 5.69 18.05
CA PRO A 394 -42.55 4.98 16.93
C PRO A 394 -43.16 5.38 15.59
N LEU A 395 -42.42 5.10 14.52
CA LEU A 395 -42.88 5.38 13.18
C LEU A 395 -43.89 4.33 12.72
N PRO A 396 -44.87 4.71 11.89
CA PRO A 396 -45.82 3.74 11.33
C PRO A 396 -45.21 2.91 10.21
N LEU A 397 -44.39 1.94 10.60
CA LEU A 397 -43.68 1.08 9.66
C LEU A 397 -44.20 -0.35 9.63
N PHE A 398 -45.18 -0.67 10.49
CA PHE A 398 -45.76 -2.00 10.63
C PHE A 398 -44.75 -2.99 11.20
N LEU A 399 -43.77 -3.40 10.40
CA LEU A 399 -42.76 -4.35 10.85
C LEU A 399 -41.42 -4.00 10.21
N LYS A 400 -40.35 -4.41 10.89
CA LYS A 400 -38.97 -4.25 10.42
C LYS A 400 -38.50 -2.80 10.45
N TRP A 401 -37.28 -2.58 10.95
CA TRP A 401 -36.63 -1.27 11.06
C TRP A 401 -37.35 -0.32 12.01
N ASP A 402 -38.38 -0.79 12.71
CA ASP A 402 -39.11 0.07 13.64
C ASP A 402 -38.33 0.33 14.92
N ASP A 403 -37.40 -0.55 15.30
CA ASP A 403 -36.56 -0.35 16.47
C ASP A 403 -35.24 0.35 16.14
N VAL A 404 -34.70 0.10 14.95
CA VAL A 404 -33.45 0.75 14.56
C VAL A 404 -33.65 2.26 14.47
N GLU A 405 -34.76 2.69 13.87
CA GLU A 405 -35.01 4.13 13.73
C GLU A 405 -35.22 4.77 15.10
N TYR A 406 -35.89 4.08 16.02
CA TYR A 406 -36.11 4.63 17.34
C TYR A 406 -34.78 4.76 18.10
N GLY A 407 -33.92 3.76 17.99
CA GLY A 407 -32.60 3.86 18.60
C GLY A 407 -31.77 5.00 18.02
N LEU A 408 -31.81 5.16 16.70
CA LEU A 408 -31.06 6.24 16.07
C LEU A 408 -31.61 7.60 16.48
N ARG A 409 -32.94 7.74 16.57
CA ARG A 409 -33.53 8.99 17.01
C ARG A 409 -33.15 9.31 18.44
N ALA A 410 -33.21 8.31 19.33
CA ALA A 410 -32.78 8.51 20.70
C ALA A 410 -31.33 8.95 20.76
N ARG A 411 -30.46 8.32 19.97
CA ARG A 411 -29.05 8.70 19.96
C ARG A 411 -28.88 10.13 19.47
N ASP A 412 -29.63 10.53 18.43
CA ASP A 412 -29.54 11.89 17.92
C ASP A 412 -30.05 12.90 18.94
N HIS A 413 -30.96 12.49 19.82
CA HIS A 413 -31.45 13.36 20.89
C HIS A 413 -30.56 13.32 22.13
N GLY A 414 -29.42 12.65 22.07
CA GLY A 414 -28.51 12.59 23.20
C GLY A 414 -28.74 11.46 24.17
N TYR A 415 -29.51 10.45 23.78
CA TYR A 415 -29.80 9.30 24.64
C TYR A 415 -29.22 8.05 24.01
N PRO A 416 -28.17 7.45 24.59
CA PRO A 416 -27.59 6.24 24.00
C PRO A 416 -28.37 5.00 24.41
N THR A 417 -28.00 3.88 23.81
CA THR A 417 -28.64 2.59 24.06
C THR A 417 -27.58 1.56 24.41
N VAL A 418 -27.87 0.74 25.41
CA VAL A 418 -26.96 -0.28 25.89
C VAL A 418 -27.67 -1.62 25.94
N THR A 419 -27.09 -2.62 25.29
CA THR A 419 -27.56 -4.01 25.38
C THR A 419 -26.83 -4.65 26.56
N LEU A 420 -27.51 -4.76 27.68
CA LEU A 420 -26.87 -5.16 28.93
C LEU A 420 -26.71 -6.68 28.98
N PRO A 421 -25.48 -7.20 29.05
CA PRO A 421 -25.31 -8.64 29.23
C PRO A 421 -25.75 -9.08 30.61
N GLY A 422 -26.36 -10.27 30.68
CA GLY A 422 -26.87 -10.78 31.93
C GLY A 422 -28.38 -10.70 32.00
N ALA A 423 -28.93 -9.57 31.56
CA ALA A 423 -30.38 -9.39 31.48
C ALA A 423 -30.84 -9.83 30.11
N ALA A 424 -31.57 -10.95 30.06
CA ALA A 424 -32.00 -11.51 28.78
C ALA A 424 -33.29 -12.29 28.96
N VAL A 425 -33.97 -12.52 27.83
CA VAL A 425 -35.15 -13.36 27.77
C VAL A 425 -34.94 -14.37 26.64
N TRP A 426 -35.81 -15.37 26.60
CA TRP A 426 -35.76 -16.42 25.60
C TRP A 426 -36.74 -16.13 24.48
N HIS A 427 -36.25 -16.16 23.24
CA HIS A 427 -37.06 -15.89 22.07
C HIS A 427 -36.44 -16.60 20.87
N MET A 428 -37.28 -16.95 19.90
CA MET A 428 -36.80 -17.66 18.71
C MET A 428 -35.85 -16.77 17.91
N ALA A 429 -34.80 -17.39 17.37
CA ALA A 429 -33.82 -16.67 16.57
C ALA A 429 -34.33 -16.51 15.14
N TRP A 430 -33.50 -15.94 14.28
CA TRP A 430 -33.87 -15.72 12.88
C TRP A 430 -33.11 -16.66 11.96
N LYS A 433 -34.94 -17.13 9.45
CA LYS A 433 -35.30 -18.15 8.48
C LYS A 433 -35.40 -17.57 7.07
N ASP A 434 -36.61 -17.54 6.54
CA ASP A 434 -36.88 -16.99 5.21
C ASP A 434 -37.34 -15.54 5.28
N ASP A 435 -36.78 -14.77 6.21
CA ASP A 435 -37.20 -13.38 6.41
C ASP A 435 -36.79 -12.47 5.27
N ALA A 436 -35.89 -12.91 4.38
CA ALA A 436 -35.46 -12.11 3.24
C ALA A 436 -36.05 -12.62 1.93
N ILE A 437 -37.05 -13.50 1.98
CA ILE A 437 -37.65 -14.09 0.79
C ILE A 437 -39.15 -13.86 0.79
N ASP A 438 -39.78 -14.06 1.96
CA ASP A 438 -41.23 -13.99 2.05
C ASP A 438 -41.73 -12.56 2.07
N TRP A 439 -42.93 -12.35 2.65
CA TRP A 439 -43.53 -11.02 2.69
C TRP A 439 -42.65 -10.01 3.41
N GLN A 440 -41.88 -10.47 4.41
CA GLN A 440 -41.02 -9.56 5.16
C GLN A 440 -40.04 -8.83 4.26
N ALA A 441 -39.60 -9.48 3.16
CA ALA A 441 -38.68 -8.84 2.22
C ALA A 441 -39.23 -7.52 1.70
N TYR A 442 -40.54 -7.33 1.72
CA TYR A 442 -41.11 -6.02 1.44
C TYR A 442 -40.74 -5.03 2.54
N PHE A 443 -41.20 -5.28 3.76
CA PHE A 443 -41.00 -4.34 4.86
C PHE A 443 -39.52 -4.13 5.16
N HIS A 444 -38.69 -5.16 4.92
CA HIS A 444 -37.27 -5.03 5.16
C HIS A 444 -36.63 -4.02 4.22
N LEU A 445 -37.17 -3.87 3.00
CA LEU A 445 -36.58 -2.94 2.05
C LEU A 445 -37.16 -1.54 2.17
N ARG A 446 -38.48 -1.41 2.09
CA ARG A 446 -39.14 -0.12 2.12
C ARG A 446 -38.69 0.70 3.31
N ASN A 447 -38.85 0.15 4.52
CA ASN A 447 -38.43 0.87 5.73
C ASN A 447 -36.93 1.10 5.75
N ARG A 448 -36.15 0.19 5.16
CA ARG A 448 -34.72 0.43 5.02
C ARG A 448 -34.46 1.73 4.26
N LEU A 449 -35.25 1.99 3.21
CA LEU A 449 -35.15 3.24 2.49
C LEU A 449 -35.72 4.41 3.29
N VAL A 450 -36.63 4.15 4.23
CA VAL A 450 -37.20 5.22 5.03
C VAL A 450 -36.19 5.72 6.06
N VAL A 451 -35.66 4.80 6.87
CA VAL A 451 -34.67 5.17 7.87
C VAL A 451 -33.41 5.75 7.21
N ALA A 452 -33.04 5.22 6.04
CA ALA A 452 -31.93 5.80 5.30
C ALA A 452 -32.22 7.24 4.90
N SER A 453 -33.48 7.58 4.66
CA SER A 453 -33.83 8.96 4.38
C SER A 453 -33.65 9.86 5.60
N LEU A 454 -33.61 9.28 6.79
CA LEU A 454 -33.54 10.06 8.02
C LEU A 454 -32.15 10.11 8.64
N HIS A 455 -31.25 9.20 8.26
CA HIS A 455 -29.95 9.12 8.93
C HIS A 455 -28.78 8.83 8.01
N LEU A 456 -28.98 8.30 6.81
CA LEU A 456 -27.86 7.96 5.93
C LEU A 456 -27.18 9.22 5.43
N PRO A 457 -25.90 9.44 5.74
CA PRO A 457 -25.22 10.64 5.24
C PRO A 457 -24.58 10.43 3.89
N GLY A 458 -25.03 11.19 2.88
CA GLY A 458 -24.47 11.11 1.55
C GLY A 458 -25.55 10.99 0.51
N ASN A 459 -25.17 10.45 -0.65
CA ASN A 459 -26.08 10.30 -1.79
C ASN A 459 -26.75 8.94 -1.83
N GLY A 460 -26.28 7.97 -1.05
CA GLY A 460 -26.93 6.68 -0.99
C GLY A 460 -26.76 5.80 -2.20
N LYS A 461 -25.71 6.01 -3.00
CA LYS A 461 -25.49 5.17 -4.17
C LYS A 461 -25.00 3.79 -3.79
N ALA A 462 -24.21 3.68 -2.71
CA ALA A 462 -23.73 2.36 -2.27
C ALA A 462 -24.89 1.47 -1.86
N MET A 463 -25.88 2.03 -1.18
CA MET A 463 -27.08 1.27 -0.82
C MET A 463 -27.82 0.79 -2.07
N VAL A 464 -27.88 1.64 -3.09
CA VAL A 464 -28.55 1.25 -4.33
C VAL A 464 -27.79 0.13 -5.03
N VAL A 465 -26.46 0.18 -5.01
CA VAL A 465 -25.68 -0.90 -5.60
C VAL A 465 -25.88 -2.20 -4.82
N ASN A 466 -25.96 -2.09 -3.49
CA ASN A 466 -26.22 -3.26 -2.67
C ASN A 466 -27.57 -3.88 -3.01
N THR A 467 -28.61 -3.04 -3.16
CA THR A 467 -29.92 -3.57 -3.54
C THR A 467 -29.91 -4.13 -4.96
N ILE A 468 -29.08 -3.57 -5.85
CA ILE A 468 -28.98 -4.10 -7.21
C ILE A 468 -28.40 -5.51 -7.18
N LYS A 469 -27.31 -5.71 -6.45
CA LYS A 469 -26.72 -7.05 -6.38
C LYS A 469 -27.63 -8.01 -5.62
N ALA A 470 -28.41 -7.50 -4.65
CA ALA A 470 -29.40 -8.35 -4.00
C ALA A 470 -30.48 -8.80 -4.97
N THR A 471 -30.93 -7.90 -5.84
CA THR A 471 -31.90 -8.28 -6.87
C THR A 471 -31.30 -9.31 -7.83
N LEU A 472 -30.02 -9.13 -8.19
CA LEU A 472 -29.34 -10.10 -9.03
C LEU A 472 -29.36 -11.49 -8.37
N LYS A 473 -29.00 -11.55 -7.09
CA LYS A 473 -29.01 -12.83 -6.38
C LYS A 473 -30.42 -13.42 -6.31
N HIS A 474 -31.42 -12.59 -6.03
CA HIS A 474 -32.79 -13.08 -5.97
C HIS A 474 -33.24 -13.66 -7.30
N LEU A 475 -32.87 -13.01 -8.41
CA LEU A 475 -33.27 -13.49 -9.71
C LEU A 475 -32.54 -14.78 -10.09
N LEU A 476 -31.25 -14.86 -9.76
CA LEU A 476 -30.50 -16.08 -10.07
C LEU A 476 -30.98 -17.27 -9.27
N CYS A 477 -31.56 -17.04 -8.09
CA CYS A 477 -32.05 -18.11 -7.23
C CYS A 477 -33.52 -18.45 -7.49
N LEU A 478 -34.10 -17.96 -8.59
CA LEU A 478 -35.49 -18.25 -8.95
C LEU A 478 -36.46 -17.78 -7.87
N GLU A 479 -36.16 -16.63 -7.28
CA GLU A 479 -36.99 -16.03 -6.24
C GLU A 479 -37.63 -14.75 -6.78
N TYR A 480 -38.60 -14.94 -7.68
CA TYR A 480 -39.14 -13.81 -8.44
C TYR A 480 -40.17 -13.02 -7.64
N SER A 481 -40.94 -13.68 -6.77
CA SER A 481 -41.89 -12.96 -5.93
C SER A 481 -41.18 -11.97 -5.02
N THR A 482 -39.97 -12.32 -4.56
CA THR A 482 -39.18 -11.40 -3.76
C THR A 482 -38.86 -10.13 -4.54
N VAL A 483 -38.44 -10.29 -5.79
CA VAL A 483 -38.13 -9.12 -6.62
C VAL A 483 -39.38 -8.30 -6.87
N ALA A 484 -40.52 -8.97 -7.09
CA ALA A 484 -41.76 -8.25 -7.33
C ALA A 484 -42.16 -7.42 -6.11
N ILE A 485 -42.11 -8.02 -4.92
CA ILE A 485 -42.54 -7.28 -3.72
C ILE A 485 -41.51 -6.23 -3.34
N GLN A 486 -40.24 -6.42 -3.72
CA GLN A 486 -39.25 -5.37 -3.45
C GLN A 486 -39.44 -4.19 -4.41
N ASN A 487 -39.83 -4.46 -5.66
CA ASN A 487 -40.23 -3.38 -6.55
C ASN A 487 -41.43 -2.64 -6.00
N LEU A 488 -42.41 -3.40 -5.47
CA LEU A 488 -43.57 -2.76 -4.82
C LEU A 488 -43.13 -1.90 -3.64
N ALA A 489 -42.14 -2.37 -2.87
CA ALA A 489 -41.65 -1.60 -1.74
C ALA A 489 -40.99 -0.30 -2.20
N ILE A 490 -40.17 -0.37 -3.25
CA ILE A 490 -39.55 0.84 -3.78
C ILE A 490 -40.61 1.81 -4.27
N ARG A 491 -41.65 1.30 -4.93
CA ARG A 491 -42.72 2.16 -5.42
C ARG A 491 -43.45 2.84 -4.26
N ASP A 492 -43.81 2.07 -3.23
CA ASP A 492 -44.52 2.63 -2.09
C ASP A 492 -43.65 3.61 -1.31
N TYR A 493 -42.33 3.40 -1.32
CA TYR A 493 -41.44 4.35 -0.67
C TYR A 493 -41.35 5.65 -1.44
N LEU A 494 -41.22 5.56 -2.77
CA LEU A 494 -41.17 6.77 -3.60
C LEU A 494 -42.48 7.55 -3.59
N ALA A 495 -43.57 6.96 -3.09
CA ALA A 495 -44.84 7.67 -3.02
C ALA A 495 -44.86 8.74 -1.94
N GLY A 496 -43.89 8.74 -1.02
CA GLY A 496 -43.81 9.76 -0.01
C GLY A 496 -44.22 9.27 1.37
N PRO A 497 -43.89 10.05 2.40
CA PRO A 497 -44.27 9.65 3.77
C PRO A 497 -45.75 9.80 4.05
N GLU A 498 -46.48 10.60 3.27
CA GLU A 498 -47.90 10.82 3.50
C GLU A 498 -48.71 9.54 3.39
N ARG A 499 -48.15 8.49 2.78
CA ARG A 499 -48.81 7.21 2.66
C ARG A 499 -48.48 6.25 3.79
N LEU A 500 -47.51 6.58 4.64
CA LEU A 500 -47.06 5.63 5.66
C LEU A 500 -48.18 5.25 6.61
N PHE A 501 -49.06 6.19 6.94
CA PHE A 501 -50.19 5.86 7.80
C PHE A 501 -51.32 5.18 7.05
N GLN A 502 -51.38 5.33 5.73
CA GLN A 502 -52.40 4.63 4.96
C GLN A 502 -51.99 3.19 4.69
N LEU A 503 -50.70 2.95 4.46
CA LEU A 503 -50.18 1.62 4.21
C LEU A 503 -50.01 0.80 5.48
N LEU A 504 -50.17 1.41 6.65
CA LEU A 504 -49.97 0.68 7.91
C LEU A 504 -50.87 -0.53 8.04
N PRO A 505 -52.18 -0.45 7.80
CA PRO A 505 -53.03 -1.65 7.90
C PRO A 505 -53.36 -2.33 6.57
N SER A 506 -52.83 -1.86 5.45
CA SER A 506 -53.22 -2.38 4.15
C SER A 506 -52.06 -2.85 3.29
N ALA A 507 -50.81 -2.67 3.72
CA ALA A 507 -49.68 -3.09 2.90
C ALA A 507 -49.51 -4.60 2.91
N LEU A 508 -49.72 -5.23 4.08
CA LEU A 508 -49.51 -6.67 4.20
C LEU A 508 -50.44 -7.44 3.28
N GLY A 509 -51.69 -6.99 3.15
CA GLY A 509 -52.62 -7.66 2.25
C GLY A 509 -52.19 -7.61 0.80
N ALA A 510 -51.73 -6.43 0.35
CA ALA A 510 -51.26 -6.30 -1.02
C ALA A 510 -50.02 -7.14 -1.26
N VAL A 511 -49.10 -7.17 -0.29
CA VAL A 511 -47.88 -7.97 -0.44
C VAL A 511 -48.24 -9.45 -0.52
N HIS A 512 -49.16 -9.90 0.32
CA HIS A 512 -49.56 -11.31 0.30
C HIS A 512 -50.24 -11.67 -1.01
N ALA A 513 -51.13 -10.78 -1.50
CA ALA A 513 -51.83 -11.04 -2.75
C ALA A 513 -50.86 -11.05 -3.94
N LEU A 514 -49.82 -10.23 -3.89
CA LEU A 514 -48.84 -10.23 -4.97
C LEU A 514 -47.95 -11.47 -4.90
N ARG A 515 -47.59 -11.89 -3.68
CA ARG A 515 -46.74 -13.06 -3.53
C ARG A 515 -47.45 -14.33 -3.99
N LYS A 516 -48.71 -14.50 -3.58
CA LYS A 516 -49.41 -15.75 -3.86
C LYS A 516 -49.75 -15.94 -5.34
N GLN A 517 -49.35 -15.02 -6.22
CA GLN A 517 -49.51 -15.19 -7.66
C GLN A 517 -48.27 -15.76 -8.33
N TYR A 518 -47.18 -15.92 -7.58
CA TYR A 518 -45.96 -16.53 -8.07
C TYR A 518 -45.80 -17.94 -7.52
N PRO A 519 -45.30 -18.88 -8.33
CA PRO A 519 -45.20 -20.27 -7.84
C PRO A 519 -44.19 -20.47 -6.73
N ASP A 520 -43.19 -19.60 -6.62
CA ASP A 520 -42.16 -19.76 -5.59
C ASP A 520 -42.62 -19.30 -4.20
N ALA A 521 -43.80 -18.68 -4.10
CA ALA A 521 -44.31 -18.23 -2.81
C ALA A 521 -45.42 -19.12 -2.27
N VAL A 522 -46.13 -19.85 -3.13
CA VAL A 522 -47.19 -20.74 -2.68
C VAL A 522 -46.55 -21.98 -2.08
N ILE A 523 -46.89 -22.28 -0.82
CA ILE A 523 -46.29 -23.38 -0.08
C ILE A 523 -47.22 -24.59 -0.18
N LEU A 524 -46.61 -25.77 -0.34
CA LEU A 524 -47.31 -27.04 -0.41
C LEU A 524 -47.08 -27.86 0.85
N PRO A 525 -47.95 -28.83 1.15
CA PRO A 525 -47.71 -29.67 2.34
C PRO A 525 -46.39 -30.41 2.29
N SER A 526 -46.08 -31.06 1.17
CA SER A 526 -44.85 -31.83 1.05
C SER A 526 -44.51 -31.94 -0.43
N SER A 527 -43.30 -32.45 -0.71
CA SER A 527 -42.87 -32.67 -2.08
C SER A 527 -43.69 -33.76 -2.77
N THR A 528 -44.49 -34.52 -2.02
CA THR A 528 -45.30 -35.57 -2.62
C THR A 528 -46.48 -35.02 -3.41
N GLU A 529 -46.85 -33.75 -3.19
CA GLU A 529 -47.95 -33.15 -3.92
C GLU A 529 -47.62 -32.91 -5.39
N LEU A 530 -46.36 -33.04 -5.78
CA LEU A 530 -45.90 -32.90 -7.16
C LEU A 530 -45.43 -34.26 -7.68
N PRO A 531 -45.30 -34.41 -9.00
CA PRO A 531 -44.71 -35.64 -9.54
C PRO A 531 -43.30 -35.86 -9.01
N LEU A 532 -42.85 -37.11 -9.11
CA LEU A 532 -41.53 -37.47 -8.60
C LEU A 532 -40.44 -36.72 -9.34
N ALA A 533 -39.30 -36.54 -8.66
CA ALA A 533 -38.17 -35.84 -9.25
C ALA A 533 -37.64 -36.61 -10.45
N SER A 534 -37.59 -35.95 -11.60
CA SER A 534 -37.16 -36.61 -12.84
C SER A 534 -35.64 -36.72 -12.91
N HIS A 535 -34.91 -35.75 -12.36
CA HIS A 535 -33.45 -35.69 -12.42
C HIS A 535 -32.95 -35.57 -13.86
N LEU A 536 -33.81 -35.18 -14.80
CA LEU A 536 -33.39 -35.01 -16.19
C LEU A 536 -32.74 -33.65 -16.38
N GLU A 537 -31.72 -33.62 -17.24
CA GLU A 537 -31.00 -32.38 -17.58
C GLU A 537 -30.38 -31.74 -16.34
N VAL A 538 -29.91 -32.58 -15.42
CA VAL A 538 -29.28 -32.13 -14.18
C VAL A 538 -27.78 -32.34 -14.31
N GLY A 539 -27.01 -31.28 -14.04
CA GLY A 539 -25.57 -31.36 -14.11
C GLY A 539 -24.90 -31.12 -12.78
N ALA A 540 -23.85 -30.31 -12.77
CA ALA A 540 -23.11 -30.01 -11.55
C ALA A 540 -23.89 -29.01 -10.72
N VAL A 541 -24.31 -29.43 -9.52
CA VAL A 541 -25.12 -28.59 -8.64
C VAL A 541 -24.52 -28.55 -7.25
N ALA A 542 -23.27 -29.00 -7.12
CA ALA A 542 -22.56 -28.99 -5.85
C ALA A 542 -21.62 -27.79 -5.79
N GLU A 543 -21.41 -27.28 -4.58
CA GLU A 543 -20.63 -26.05 -4.41
C GLU A 543 -19.22 -26.25 -4.95
N PRO A 544 -18.70 -25.31 -5.73
CA PRO A 544 -17.35 -25.45 -6.26
C PRO A 544 -16.29 -25.27 -5.17
N ALA A 545 -15.12 -25.84 -5.44
CA ALA A 545 -14.00 -25.77 -4.49
C ALA A 545 -13.10 -24.59 -4.82
N ASN A 546 -12.40 -24.65 -5.95
CA ASN A 546 -11.52 -23.56 -6.36
C ASN A 546 -12.34 -22.40 -6.90
N PRO A 547 -11.86 -21.16 -6.75
CA PRO A 547 -12.66 -20.01 -7.18
C PRO A 547 -12.86 -19.93 -8.68
N ILE A 548 -11.93 -20.45 -9.48
CA ILE A 548 -12.13 -20.48 -10.92
C ILE A 548 -13.33 -21.33 -11.28
N ALA A 549 -13.57 -22.41 -10.52
CA ALA A 549 -14.77 -23.21 -10.71
C ALA A 549 -16.02 -22.40 -10.37
N LYS A 550 -15.94 -21.56 -9.33
CA LYS A 550 -17.05 -20.66 -9.02
C LYS A 550 -17.34 -19.74 -10.19
N VAL A 551 -16.29 -19.18 -10.80
CA VAL A 551 -16.49 -18.25 -11.91
C VAL A 551 -17.08 -18.96 -13.12
N VAL A 552 -16.57 -20.15 -13.44
CA VAL A 552 -17.09 -20.86 -14.62
C VAL A 552 -18.52 -21.33 -14.38
N ARG A 553 -18.87 -21.66 -13.13
CA ARG A 553 -20.26 -22.02 -12.86
C ARG A 553 -21.17 -20.80 -12.91
N LEU A 554 -20.68 -19.63 -12.49
CA LEU A 554 -21.48 -18.42 -12.65
C LEU A 554 -21.73 -18.13 -14.13
N ALA A 555 -20.70 -18.33 -14.97
CA ALA A 555 -20.88 -18.17 -16.41
C ALA A 555 -21.90 -19.17 -16.95
N LYS A 556 -21.79 -20.43 -16.53
CA LYS A 556 -22.76 -21.45 -16.92
C LYS A 556 -24.17 -21.07 -16.52
N GLY A 557 -24.33 -20.54 -15.30
CA GLY A 557 -25.65 -20.17 -14.84
C GLY A 557 -26.24 -18.99 -15.59
N VAL A 558 -25.40 -18.01 -15.91
CA VAL A 558 -25.87 -16.89 -16.73
C VAL A 558 -26.32 -17.39 -18.11
N LEU A 559 -25.49 -18.23 -18.75
CA LEU A 559 -25.84 -18.75 -20.06
C LEU A 559 -27.11 -19.59 -20.00
N HIS A 560 -27.31 -20.33 -18.90
CA HIS A 560 -28.50 -21.15 -18.76
C HIS A 560 -29.74 -20.30 -18.58
N ASN A 561 -29.66 -19.26 -17.73
CA ASN A 561 -30.77 -18.34 -17.56
C ASN A 561 -31.06 -17.54 -18.82
N LEU A 562 -30.09 -17.43 -19.74
CA LEU A 562 -30.35 -16.75 -21.00
C LEU A 562 -31.19 -17.58 -21.96
N ARG A 563 -31.20 -18.93 -21.81
CA ARG A 563 -31.94 -19.78 -22.74
C ARG A 563 -33.38 -19.96 -22.29
N PRO A 564 -34.31 -20.10 -23.23
CA PRO A 564 -35.72 -20.34 -22.86
C PRO A 564 -35.88 -21.66 -22.12
N ALA A 565 -36.70 -21.63 -21.08
CA ALA A 565 -36.90 -22.80 -20.24
C ALA A 565 -37.78 -23.84 -20.93
N HIS A 566 -37.74 -25.06 -20.40
CA HIS A 566 -38.54 -26.17 -20.91
C HIS A 566 -39.77 -26.33 -20.03
N ALA A 567 -40.95 -26.32 -20.65
CA ALA A 567 -42.19 -26.49 -19.90
C ALA A 567 -42.29 -27.86 -19.25
N ARG A 568 -41.54 -28.84 -19.76
CA ARG A 568 -41.52 -30.17 -19.15
C ARG A 568 -41.14 -30.10 -17.69
N HIS A 569 -40.18 -29.25 -17.34
CA HIS A 569 -39.72 -29.10 -15.97
C HIS A 569 -40.56 -28.10 -15.18
N HIS A 570 -41.63 -27.57 -15.76
CA HIS A 570 -42.55 -26.69 -15.04
C HIS A 570 -43.71 -27.43 -14.43
N GLU A 571 -43.95 -28.68 -14.82
CA GLU A 571 -44.98 -29.52 -14.22
C GLU A 571 -44.40 -30.71 -13.44
N THR A 572 -43.28 -31.25 -13.88
CA THR A 572 -42.57 -32.30 -13.16
C THR A 572 -41.23 -31.75 -12.68
N PRO A 573 -41.03 -31.58 -11.37
CA PRO A 573 -39.77 -30.98 -10.89
C PRO A 573 -38.58 -31.89 -11.16
N GLN A 574 -37.41 -31.27 -11.24
CA GLN A 574 -36.17 -31.98 -11.51
C GLN A 574 -35.51 -32.52 -10.25
N LEU A 575 -35.48 -31.72 -9.18
CA LEU A 575 -34.82 -32.13 -7.94
C LEU A 575 -35.67 -31.71 -6.75
N ASN A 576 -35.60 -32.52 -5.69
CA ASN A 576 -36.17 -32.18 -4.39
C ASN A 576 -35.02 -31.67 -3.53
N VAL A 577 -34.85 -30.36 -3.47
CA VAL A 577 -33.69 -29.72 -2.86
C VAL A 577 -34.04 -29.30 -1.44
N PRO A 578 -33.22 -29.62 -0.44
CA PRO A 578 -33.49 -29.14 0.92
C PRO A 578 -33.24 -27.65 1.07
N THR A 579 -33.29 -27.16 2.31
CA THR A 579 -33.15 -25.73 2.54
C THR A 579 -31.70 -25.28 2.38
N LEU A 580 -30.75 -26.04 2.93
CA LEU A 580 -29.35 -25.65 2.87
C LEU A 580 -28.73 -25.91 1.50
N ASP A 581 -29.23 -26.90 0.78
CA ASP A 581 -28.74 -27.18 -0.57
C ASP A 581 -29.26 -26.18 -1.60
N ALA A 582 -30.21 -25.32 -1.23
CA ALA A 582 -30.81 -24.36 -2.15
C ALA A 582 -29.98 -23.07 -2.13
N ARG A 583 -28.86 -23.12 -2.85
CA ARG A 583 -27.98 -21.98 -3.03
C ARG A 583 -27.91 -21.62 -4.51
N TRP A 584 -27.06 -20.64 -4.83
CA TRP A 584 -26.99 -20.16 -6.21
C TRP A 584 -26.41 -21.22 -7.13
N PHE A 585 -25.37 -21.93 -6.69
CA PHE A 585 -24.69 -22.89 -7.54
C PHE A 585 -25.57 -24.07 -7.94
N LEU A 586 -26.72 -24.25 -7.29
CA LEU A 586 -27.68 -25.27 -7.66
C LEU A 586 -28.89 -24.70 -8.39
N LEU A 587 -29.41 -23.57 -7.94
CA LEU A 587 -30.61 -22.98 -8.54
C LEU A 587 -30.33 -22.32 -9.88
N SER A 588 -29.09 -21.91 -10.16
CA SER A 588 -28.77 -21.24 -11.41
C SER A 588 -28.53 -22.20 -12.57
N GLN A 589 -28.78 -23.50 -12.38
CA GLN A 589 -28.60 -24.48 -13.45
C GLN A 589 -29.85 -25.33 -13.68
N VAL A 590 -31.00 -24.92 -13.16
CA VAL A 590 -32.21 -25.71 -13.23
C VAL A 590 -33.32 -24.89 -13.87
N ASP A 591 -34.40 -25.59 -14.25
CA ASP A 591 -35.59 -24.97 -14.80
C ASP A 591 -36.80 -25.07 -13.88
N GLY A 592 -36.88 -26.12 -13.07
CA GLY A 592 -37.98 -26.29 -12.12
C GLY A 592 -37.58 -27.20 -10.97
N VAL A 593 -37.66 -26.69 -9.75
CA VAL A 593 -37.14 -27.39 -8.58
C VAL A 593 -38.04 -27.08 -7.38
N THR A 594 -38.30 -28.10 -6.57
CA THR A 594 -38.98 -27.92 -5.29
C THR A 594 -37.94 -27.63 -4.21
N VAL A 595 -38.12 -26.51 -3.51
CA VAL A 595 -37.22 -26.08 -2.45
C VAL A 595 -37.97 -26.18 -1.13
N THR A 596 -37.36 -26.85 -0.15
CA THR A 596 -38.00 -27.01 1.15
C THR A 596 -37.87 -25.73 1.97
N THR A 597 -38.95 -25.37 2.65
CA THR A 597 -38.96 -24.18 3.49
C THR A 597 -38.01 -24.36 4.67
N ALA A 598 -37.70 -23.25 5.34
CA ALA A 598 -36.69 -23.23 6.38
C ALA A 598 -37.06 -24.16 7.54
N ASP A 599 -38.25 -23.97 8.11
CA ASP A 599 -38.64 -24.80 9.24
C ASP A 599 -38.96 -26.24 8.86
N GLY A 600 -38.99 -26.55 7.56
CA GLY A 600 -39.20 -27.92 7.13
C GLY A 600 -40.63 -28.39 7.15
N ARG A 601 -41.59 -27.49 6.99
CA ARG A 601 -43.00 -27.83 7.03
C ARG A 601 -43.63 -27.91 5.64
N GLY A 602 -42.88 -27.61 4.59
CA GLY A 602 -43.44 -27.65 3.26
C GLY A 602 -42.39 -27.37 2.21
N VAL A 603 -42.85 -27.27 0.96
CA VAL A 603 -41.98 -27.00 -0.19
C VAL A 603 -42.64 -25.95 -1.07
N VAL A 604 -41.81 -25.33 -1.91
CA VAL A 604 -42.26 -24.35 -2.89
C VAL A 604 -41.66 -24.71 -4.24
N TYR A 605 -42.45 -24.59 -5.30
CA TYR A 605 -42.06 -24.99 -6.65
C TYR A 605 -41.53 -23.76 -7.37
N ARG A 606 -40.21 -23.63 -7.41
CA ARG A 606 -39.55 -22.54 -8.13
C ARG A 606 -39.36 -22.93 -9.59
N LYS A 607 -39.77 -22.04 -10.49
CA LYS A 607 -39.69 -22.27 -11.93
C LYS A 607 -38.98 -21.09 -12.58
N ARG A 608 -38.00 -21.39 -13.44
CA ARG A 608 -37.22 -20.35 -14.10
C ARG A 608 -37.93 -19.88 -15.36
N ASP A 609 -38.02 -18.55 -15.51
CA ASP A 609 -38.61 -17.95 -16.70
C ASP A 609 -37.73 -16.80 -17.16
N PRO A 610 -37.08 -16.91 -18.33
CA PRO A 610 -36.18 -15.84 -18.77
C PRO A 610 -36.90 -14.52 -19.03
N ARG A 611 -38.08 -14.58 -19.66
CA ARG A 611 -38.80 -13.36 -19.99
C ARG A 611 -39.23 -12.61 -18.73
N GLN A 612 -39.83 -13.32 -17.78
CA GLN A 612 -40.27 -12.67 -16.55
C GLN A 612 -39.09 -12.19 -15.71
N ALA A 613 -37.99 -12.96 -15.73
CA ALA A 613 -36.80 -12.52 -15.01
C ALA A 613 -36.26 -11.21 -15.59
N LEU A 614 -36.17 -11.13 -16.93
CA LEU A 614 -35.69 -9.90 -17.55
C LEU A 614 -36.65 -8.75 -17.31
N GLY A 615 -37.96 -9.01 -17.33
CA GLY A 615 -38.91 -7.94 -17.06
C GLY A 615 -38.82 -7.42 -15.64
N LEU A 616 -38.74 -8.32 -14.65
CA LEU A 616 -38.58 -7.91 -13.27
C LEU A 616 -37.27 -7.16 -13.06
N PHE A 617 -36.20 -7.60 -13.74
CA PHE A 617 -34.93 -6.90 -13.62
C PHE A 617 -35.00 -5.50 -14.21
N LYS A 618 -35.63 -5.35 -15.38
CA LYS A 618 -35.78 -4.03 -15.97
C LYS A 618 -36.60 -3.11 -15.07
N GLU A 619 -37.68 -3.63 -14.49
CA GLU A 619 -38.50 -2.81 -13.59
C GLU A 619 -37.73 -2.42 -12.34
N ALA A 620 -36.97 -3.36 -11.77
CA ALA A 620 -36.17 -3.07 -10.59
C ALA A 620 -35.10 -2.03 -10.88
N MET A 621 -34.46 -2.13 -12.05
CA MET A 621 -33.43 -1.15 -12.40
C MET A 621 -34.05 0.22 -12.65
N ARG A 622 -35.22 0.27 -13.28
CA ARG A 622 -35.93 1.53 -13.45
C ARG A 622 -36.24 2.17 -12.10
N LEU A 623 -36.79 1.38 -11.18
CA LEU A 623 -37.14 1.92 -9.87
C LEU A 623 -35.91 2.36 -9.10
N ARG A 624 -34.81 1.62 -9.21
CA ARG A 624 -33.60 1.98 -8.48
C ARG A 624 -32.92 3.21 -9.09
N LYS A 625 -33.00 3.38 -10.41
CA LYS A 625 -32.50 4.62 -11.02
C LYS A 625 -33.34 5.81 -10.58
N GLU A 626 -34.66 5.67 -10.58
CA GLU A 626 -35.51 6.74 -10.09
C GLU A 626 -35.23 7.05 -8.62
N LEU A 627 -34.94 6.01 -7.83
CA LEU A 627 -34.61 6.21 -6.42
C LEU A 627 -33.30 6.96 -6.26
N ALA A 628 -32.27 6.56 -7.01
CA ALA A 628 -31.00 7.27 -6.96
C ALA A 628 -31.14 8.71 -7.41
N ALA A 629 -32.08 8.97 -8.33
CA ALA A 629 -32.28 10.34 -8.79
C ALA A 629 -33.06 11.18 -7.77
N ARG A 630 -34.04 10.59 -7.10
CA ARG A 630 -34.93 11.33 -6.22
C ARG A 630 -34.58 11.21 -4.74
N PHE A 631 -33.47 10.56 -4.40
CA PHE A 631 -33.14 10.36 -2.99
C PHE A 631 -33.03 11.65 -2.18
N PRO A 632 -32.44 12.74 -2.67
CA PRO A 632 -32.47 13.98 -1.87
C PRO A 632 -33.87 14.48 -1.58
N GLU A 633 -34.76 14.41 -2.57
CA GLU A 633 -36.15 14.81 -2.37
C GLU A 633 -36.81 13.98 -1.27
N MET A 634 -36.60 12.65 -1.32
CA MET A 634 -37.20 11.79 -0.31
C MET A 634 -36.59 12.04 1.06
N GLN A 635 -35.29 12.29 1.12
CA GLN A 635 -34.66 12.66 2.39
C GLN A 635 -35.34 13.88 2.99
N GLN A 636 -35.48 14.94 2.19
CA GLN A 636 -36.11 16.17 2.68
C GLN A 636 -37.54 15.91 3.14
N ARG A 637 -38.32 15.19 2.32
CA ARG A 637 -39.73 14.99 2.63
C ARG A 637 -39.91 14.14 3.89
N TYR A 638 -39.13 13.08 4.04
CA TYR A 638 -39.26 12.23 5.22
C TYR A 638 -38.77 12.94 6.47
N ARG A 639 -37.68 13.70 6.37
CA ARG A 639 -37.21 14.45 7.53
C ARG A 639 -38.18 15.56 7.91
N ALA A 640 -38.94 16.08 6.95
CA ALA A 640 -39.94 17.09 7.26
C ALA A 640 -41.19 16.48 7.86
N ALA A 641 -41.58 15.28 7.40
CA ALA A 641 -42.78 14.64 7.91
C ALA A 641 -42.55 13.84 9.19
N HIS A 642 -41.29 13.61 9.57
CA HIS A 642 -41.00 12.86 10.80
C HIS A 642 -41.68 13.41 12.04
N PRO A 643 -41.71 14.73 12.30
CA PRO A 643 -42.44 15.19 13.49
C PRO A 643 -43.93 14.89 13.46
N GLN A 644 -44.54 14.90 12.28
CA GLN A 644 -45.97 14.58 12.18
C GLN A 644 -46.22 13.08 12.30
N LEU A 645 -45.25 12.24 11.91
CA LEU A 645 -45.45 10.80 12.01
C LEU A 645 -45.27 10.30 13.45
N THR A 646 -44.46 10.98 14.25
CA THR A 646 -44.24 10.60 15.65
C THR A 646 -45.15 11.35 16.61
N SER A 647 -46.12 12.11 16.10
CA SER A 647 -46.99 12.89 16.96
C SER A 647 -48.02 11.99 17.64
N THR A 648 -48.51 12.46 18.79
CA THR A 648 -49.51 11.70 19.52
C THR A 648 -50.88 11.78 18.85
N ALA A 649 -51.19 12.92 18.20
CA ALA A 649 -52.50 13.07 17.57
C ALA A 649 -52.65 12.16 16.36
N ALA A 650 -51.59 12.03 15.55
CA ALA A 650 -51.66 11.15 14.39
C ALA A 650 -51.85 9.70 14.81
N TRP A 651 -51.18 9.27 15.87
CA TRP A 651 -51.38 7.91 16.36
C TRP A 651 -52.76 7.73 17.01
N GLU A 652 -53.27 8.78 17.66
CA GLU A 652 -54.64 8.71 18.18
C GLU A 652 -55.64 8.53 17.04
N ASN A 653 -55.40 9.20 15.92
CA ASN A 653 -56.24 9.00 14.74
C ASN A 653 -56.03 7.60 14.14
N ALA A 654 -54.81 7.05 14.27
CA ALA A 654 -54.54 5.71 13.74
C ALA A 654 -55.23 4.64 14.57
N PHE A 655 -55.24 4.78 15.90
CA PHE A 655 -55.86 3.80 16.76
C PHE A 655 -57.38 3.83 16.70
N GLY A 656 -57.95 4.90 16.18
CA GLY A 656 -59.39 5.08 16.17
C GLY A 656 -59.93 5.94 17.29
N LEU A 657 -59.07 6.59 18.06
CA LEU A 657 -59.49 7.46 19.17
C LEU A 657 -59.67 8.90 18.73
N GLY A 658 -60.34 9.10 17.60
CA GLY A 658 -60.57 10.43 17.07
C GLY A 658 -61.54 11.25 17.88
N GLU B 33 16.84 46.26 -25.63
CA GLU B 33 16.02 45.15 -25.15
C GLU B 33 15.23 45.56 -23.90
N THR B 34 13.92 45.45 -23.99
CA THR B 34 13.02 45.82 -22.92
C THR B 34 12.47 44.59 -22.21
N ARG B 35 12.27 44.72 -20.90
CA ARG B 35 11.62 43.69 -20.11
C ARG B 35 10.11 43.66 -20.30
N ALA B 36 9.57 44.49 -21.18
CA ALA B 36 8.14 44.56 -21.43
C ALA B 36 7.76 43.55 -22.50
N LYS B 37 6.84 42.65 -22.16
CA LYS B 37 6.38 41.62 -23.10
C LYS B 37 4.91 41.81 -23.47
N SER B 38 3.99 41.79 -22.51
CA SER B 38 2.57 41.92 -22.80
C SER B 38 2.05 43.24 -22.25
N LEU B 39 1.19 43.90 -23.03
CA LEU B 39 0.59 45.15 -22.59
C LEU B 39 -0.62 44.88 -21.71
N LEU B 40 -0.64 45.48 -20.52
CA LEU B 40 -1.72 45.28 -19.56
C LEU B 40 -2.63 46.48 -19.40
N GLN B 41 -2.06 47.69 -19.33
CA GLN B 41 -2.83 48.89 -19.03
C GLN B 41 -2.15 50.08 -19.68
N ARG B 42 -2.82 50.71 -20.63
CA ARG B 42 -2.27 51.87 -21.32
C ARG B 42 -2.45 53.13 -20.49
N ILE B 43 -1.49 54.05 -20.61
CA ILE B 43 -1.60 55.36 -19.99
C ILE B 43 -2.49 56.21 -20.88
N ILE B 44 -3.77 56.31 -20.53
CA ILE B 44 -4.74 57.04 -21.31
C ILE B 44 -4.92 58.42 -20.70
N LEU B 45 -5.37 59.36 -21.54
CA LEU B 45 -5.46 60.77 -21.19
C LEU B 45 -6.81 61.32 -21.66
N PRO B 46 -7.27 62.42 -21.06
CA PRO B 46 -8.63 62.89 -21.35
C PRO B 46 -8.83 63.30 -22.80
N ARG B 47 -10.10 63.55 -23.12
CA ARG B 47 -10.51 63.94 -24.45
C ARG B 47 -10.33 65.43 -24.67
N PRO B 48 -10.33 65.89 -25.92
CA PRO B 48 -10.26 67.34 -26.17
C PRO B 48 -11.43 68.07 -25.52
N GLY B 49 -11.10 69.09 -24.71
CA GLY B 49 -12.13 69.84 -24.01
C GLY B 49 -12.79 69.07 -22.89
N GLU B 50 -12.04 68.20 -22.21
CA GLU B 50 -12.62 67.40 -21.14
C GLU B 50 -12.91 68.27 -19.92
N PRO B 51 -14.06 68.10 -19.28
CA PRO B 51 -14.34 68.86 -18.05
C PRO B 51 -13.27 68.63 -17.00
N LEU B 52 -13.09 69.63 -16.13
CA LEU B 52 -12.01 69.58 -15.16
C LEU B 52 -12.26 68.51 -14.11
N ASP B 53 -13.52 68.29 -13.72
CA ASP B 53 -13.82 67.28 -12.71
C ASP B 53 -13.51 65.87 -13.22
N VAL B 54 -13.63 65.65 -14.53
CA VAL B 54 -13.33 64.34 -15.10
C VAL B 54 -11.83 64.15 -15.32
N ARG B 55 -11.08 65.25 -15.44
CA ARG B 55 -9.64 65.13 -15.68
C ARG B 55 -8.91 64.48 -14.51
N THR B 56 -9.47 64.57 -13.30
CA THR B 56 -8.84 63.96 -12.14
C THR B 56 -8.79 62.45 -12.22
N LEU B 57 -9.63 61.84 -13.05
CA LEU B 57 -9.57 60.40 -13.28
C LEU B 57 -8.36 59.98 -14.09
N TYR B 58 -7.67 60.93 -14.74
CA TYR B 58 -6.53 60.62 -15.59
C TYR B 58 -5.23 61.23 -15.06
N VAL B 59 -5.21 62.55 -14.83
CA VAL B 59 -4.01 63.23 -14.36
C VAL B 59 -4.36 64.11 -13.17
N GLU B 60 -3.51 64.08 -12.15
CA GLU B 60 -3.65 64.93 -10.97
C GLU B 60 -2.61 66.04 -11.09
N GLU B 61 -2.99 67.12 -11.77
N GLU B 61 -2.99 67.11 -11.78
CA GLU B 61 -2.08 68.23 -11.98
CA GLU B 61 -2.08 68.23 -11.98
C GLU B 61 -1.96 69.08 -10.71
C GLU B 61 -1.94 69.04 -10.69
N SER B 62 -0.73 69.50 -10.43
CA SER B 62 -0.48 70.33 -9.25
C SER B 62 -1.01 71.74 -9.49
N ALA B 63 -1.61 72.32 -8.46
CA ALA B 63 -2.16 73.67 -8.57
C ALA B 63 -1.07 74.73 -8.69
N THR B 64 0.18 74.38 -8.36
CA THR B 64 1.28 75.33 -8.44
C THR B 64 1.80 75.52 -9.86
N ASN B 65 1.40 74.67 -10.80
CA ASN B 65 1.86 74.81 -12.18
C ASN B 65 1.26 76.06 -12.80
N ALA B 66 2.05 76.74 -13.64
CA ALA B 66 1.61 77.94 -14.33
C ALA B 66 0.88 77.65 -15.64
N ARG B 67 0.68 76.38 -15.97
CA ARG B 67 0.03 76.02 -17.22
C ARG B 67 -0.58 74.63 -17.06
N ARG B 68 -1.83 74.49 -17.52
CA ARG B 68 -2.50 73.19 -17.49
C ARG B 68 -1.91 72.26 -18.53
N ALA B 69 -1.75 70.99 -18.16
CA ALA B 69 -1.21 70.01 -19.08
C ALA B 69 -2.17 69.79 -20.24
N HIS B 70 -1.67 69.94 -21.46
CA HIS B 70 -2.47 69.81 -22.68
C HIS B 70 -2.27 68.42 -23.26
N ALA B 71 -3.37 67.69 -23.44
CA ALA B 71 -3.35 66.35 -24.02
C ALA B 71 -3.66 66.48 -25.51
N ALA B 72 -2.61 66.43 -26.33
CA ALA B 72 -2.80 66.53 -27.77
C ALA B 72 -3.60 65.35 -28.30
N THR B 73 -3.22 64.14 -27.93
CA THR B 73 -3.96 62.93 -28.25
C THR B 73 -4.44 62.28 -26.96
N ARG B 74 -5.07 61.12 -27.11
CA ARG B 74 -5.54 60.35 -25.96
C ARG B 74 -4.46 59.51 -25.31
N THR B 75 -3.23 59.56 -25.83
CA THR B 75 -2.11 58.81 -25.26
C THR B 75 -0.85 59.65 -25.08
N SER B 76 -0.87 60.93 -25.42
CA SER B 76 0.27 61.82 -25.25
C SER B 76 -0.15 63.05 -24.46
N LEU B 77 0.80 63.60 -23.70
CA LEU B 77 0.51 64.74 -22.83
C LEU B 77 1.71 65.68 -22.80
N SER B 78 1.49 66.95 -23.12
CA SER B 78 2.54 67.95 -23.09
C SER B 78 2.37 68.82 -21.85
N ILE B 79 3.40 68.83 -20.99
CA ILE B 79 3.41 69.65 -19.78
C ILE B 79 4.53 70.67 -19.92
N GLY B 80 4.29 71.87 -19.40
CA GLY B 80 5.24 72.95 -19.51
C GLY B 80 6.42 72.76 -18.56
N ALA B 81 7.34 73.71 -18.65
CA ALA B 81 8.54 73.67 -17.82
C ALA B 81 8.19 73.94 -16.36
N GLU B 82 8.94 73.27 -15.48
CA GLU B 82 8.77 73.41 -14.02
C GLU B 82 7.33 73.12 -13.60
N SER B 83 6.82 71.97 -14.05
CA SER B 83 5.48 71.53 -13.71
C SER B 83 5.53 70.06 -13.29
N GLU B 84 4.66 69.70 -12.36
CA GLU B 84 4.60 68.34 -11.84
C GLU B 84 3.21 67.76 -12.12
N VAL B 85 3.18 66.57 -12.70
CA VAL B 85 1.95 65.86 -13.00
C VAL B 85 2.00 64.50 -12.35
N SER B 86 1.03 64.21 -11.50
CA SER B 86 0.94 62.93 -10.79
C SER B 86 -0.05 62.02 -11.49
N PHE B 87 0.34 60.78 -11.73
CA PHE B 87 -0.52 59.78 -12.35
C PHE B 87 -1.08 58.79 -11.34
N CYS B 88 -1.27 59.22 -10.09
CA CYS B 88 -1.93 58.41 -9.08
C CYS B 88 -3.45 58.65 -9.15
N THR B 89 -4.02 58.19 -10.25
CA THR B 89 -5.42 58.39 -10.57
C THR B 89 -6.14 57.06 -10.70
N TYR B 90 -7.43 57.12 -11.00
CA TYR B 90 -8.22 55.91 -11.11
C TYR B 90 -7.84 55.10 -12.35
N PHE B 91 -7.54 55.77 -13.45
CA PHE B 91 -7.27 55.08 -14.71
C PHE B 91 -5.80 54.80 -14.95
N ASN B 92 -4.90 55.67 -14.50
CA ASN B 92 -3.49 55.55 -14.86
C ASN B 92 -2.64 54.89 -13.77
N ALA B 93 -3.18 54.70 -12.56
CA ALA B 93 -2.46 53.94 -11.55
C ALA B 93 -2.81 52.46 -11.67
N LEU B 94 -1.91 51.63 -11.13
CA LEU B 94 -2.05 50.18 -11.27
C LEU B 94 -2.42 49.55 -9.93
N PRO B 95 -3.54 48.83 -9.85
CA PRO B 95 -3.87 48.12 -8.60
C PRO B 95 -2.98 46.91 -8.39
N ALA B 96 -1.89 47.09 -7.65
CA ALA B 96 -0.89 46.02 -7.53
C ALA B 96 -1.40 44.86 -6.68
N SER B 97 -2.31 45.12 -5.74
CA SER B 97 -2.81 44.05 -4.88
C SER B 97 -3.63 43.04 -5.68
N TYR B 98 -4.43 43.52 -6.63
CA TYR B 98 -5.24 42.63 -7.44
C TYR B 98 -4.37 41.79 -8.38
N TRP B 99 -3.30 42.38 -8.91
CA TRP B 99 -2.37 41.61 -9.73
C TRP B 99 -1.49 40.69 -8.90
N ARG B 100 -1.36 40.96 -7.60
CA ARG B 100 -0.61 40.05 -6.73
C ARG B 100 -1.47 38.87 -6.30
N ARG B 101 -2.75 39.10 -6.05
CA ARG B 101 -3.61 38.06 -5.49
C ARG B 101 -4.07 37.06 -6.54
N TRP B 102 -4.49 37.54 -7.72
CA TRP B 102 -5.17 36.69 -8.69
C TRP B 102 -4.38 36.46 -9.98
N SER B 103 -3.16 36.99 -10.09
CA SER B 103 -2.40 36.90 -11.34
C SER B 103 -1.10 36.12 -11.12
N ILE B 104 -0.62 35.53 -12.21
CA ILE B 104 0.60 34.73 -12.18
C ILE B 104 1.82 35.62 -12.39
N LEU B 105 1.65 36.92 -12.18
CA LEU B 105 2.73 37.87 -12.37
C LEU B 105 3.54 38.02 -11.10
N SER B 106 4.86 38.14 -11.26
CA SER B 106 5.76 38.40 -10.14
C SER B 106 6.18 39.87 -10.05
N ALA B 107 6.10 40.61 -11.15
CA ALA B 107 6.46 42.02 -11.17
C ALA B 107 5.75 42.69 -12.33
N VAL B 108 5.82 44.02 -12.35
CA VAL B 108 5.23 44.83 -13.40
C VAL B 108 6.29 45.76 -13.97
N VAL B 109 6.23 46.01 -15.28
CA VAL B 109 7.20 46.84 -15.98
C VAL B 109 6.49 48.10 -16.47
N LEU B 110 6.99 49.25 -16.04
CA LEU B 110 6.50 50.54 -16.49
C LEU B 110 7.42 51.06 -17.59
N ARG B 111 6.84 51.39 -18.75
CA ARG B 111 7.60 51.89 -19.88
C ARG B 111 7.00 53.21 -20.34
N LEU B 112 7.85 54.21 -20.54
CA LEU B 112 7.42 55.54 -20.96
C LEU B 112 8.34 56.06 -22.05
N GLU B 113 7.77 56.79 -23.00
CA GLU B 113 8.52 57.50 -24.03
C GLU B 113 8.35 58.99 -23.79
N LEU B 114 9.45 59.70 -23.63
CA LEU B 114 9.42 61.10 -23.23
C LEU B 114 10.26 61.95 -24.16
N ALA B 115 9.91 63.24 -24.22
CA ALA B 115 10.68 64.23 -24.96
C ALA B 115 10.87 65.44 -24.05
N GLY B 116 12.11 65.83 -23.83
CA GLY B 116 12.45 66.94 -22.96
C GLY B 116 13.37 66.50 -21.84
N HIS B 117 13.48 67.37 -20.83
CA HIS B 117 14.34 67.15 -19.69
C HIS B 117 13.50 67.19 -18.41
N GLY B 118 13.59 66.14 -17.60
CA GLY B 118 12.84 66.08 -16.37
C GLY B 118 13.17 64.88 -15.51
N ARG B 119 12.22 64.44 -14.67
CA ARG B 119 12.44 63.30 -13.80
C ARG B 119 11.13 62.55 -13.62
N VAL B 120 11.23 61.21 -13.63
CA VAL B 120 10.11 60.33 -13.35
C VAL B 120 10.36 59.66 -12.00
N ASP B 121 9.35 59.65 -11.15
CA ASP B 121 9.46 59.06 -9.82
C ASP B 121 8.33 58.06 -9.62
N VAL B 122 8.68 56.79 -9.45
CA VAL B 122 7.70 55.72 -9.26
C VAL B 122 7.51 55.50 -7.76
N TYR B 123 6.27 55.64 -7.31
CA TYR B 123 5.88 55.39 -5.92
C TYR B 123 4.89 54.22 -5.86
N ARG B 124 4.78 53.64 -4.67
CA ARG B 124 3.79 52.64 -4.35
C ARG B 124 3.07 53.06 -3.07
N SER B 125 2.08 52.26 -2.66
CA SER B 125 1.36 52.52 -1.42
C SER B 125 1.07 51.21 -0.72
N LYS B 126 0.80 51.31 0.58
CA LYS B 126 0.44 50.16 1.39
C LYS B 126 -1.08 50.08 1.50
N ALA B 127 -1.57 49.21 2.39
CA ALA B 127 -3.00 48.98 2.51
C ALA B 127 -3.73 50.16 3.13
N ASP B 128 -3.04 51.02 3.89
CA ASP B 128 -3.67 52.14 4.57
C ASP B 128 -3.53 53.45 3.81
N GLY B 129 -3.08 53.40 2.55
CA GLY B 129 -2.98 54.60 1.75
C GLY B 129 -1.77 55.47 2.04
N SER B 130 -0.71 54.90 2.60
CA SER B 130 0.52 55.64 2.85
C SER B 130 1.46 55.51 1.65
N ARG B 131 2.14 56.60 1.32
CA ARG B 131 2.98 56.64 0.13
C ARG B 131 4.40 56.22 0.46
N ILE B 132 4.99 55.42 -0.42
CA ILE B 132 6.35 54.93 -0.28
C ILE B 132 7.08 55.15 -1.61
N HIS B 133 8.24 55.81 -1.53
CA HIS B 133 9.04 56.06 -2.73
C HIS B 133 9.74 54.78 -3.14
N VAL B 134 9.48 54.34 -4.38
CA VAL B 134 10.09 53.12 -4.89
C VAL B 134 11.37 53.46 -5.63
N GLN B 135 11.26 54.22 -6.72
CA GLN B 135 12.44 54.51 -7.53
C GLN B 135 12.27 55.86 -8.20
N GLY B 136 13.35 56.33 -8.83
CA GLY B 136 13.33 57.59 -9.54
C GLY B 136 14.48 57.74 -10.52
N LYS B 137 14.19 58.20 -11.73
CA LYS B 137 15.20 58.37 -12.77
C LYS B 137 15.02 59.72 -13.44
N GLU B 138 16.12 60.45 -13.59
CA GLU B 138 16.13 61.69 -14.35
C GLU B 138 16.33 61.38 -15.82
N PHE B 139 15.49 61.94 -16.67
CA PHE B 139 15.50 61.66 -18.09
C PHE B 139 15.79 62.93 -18.89
N ALA B 140 16.48 62.73 -20.02
CA ALA B 140 16.76 63.78 -20.97
C ALA B 140 16.97 63.14 -22.34
N VAL B 141 16.68 63.91 -23.40
CA VAL B 141 16.80 63.40 -24.75
C VAL B 141 18.26 63.50 -25.19
N ALA B 142 18.79 62.39 -25.71
CA ALA B 142 20.17 62.38 -26.16
C ALA B 142 20.33 63.23 -27.42
N PRO B 143 21.51 63.78 -27.66
CA PRO B 143 21.74 64.56 -28.88
C PRO B 143 21.63 63.68 -30.12
N GLY B 144 20.91 64.18 -31.12
CA GLY B 144 20.69 63.44 -32.35
C GLY B 144 19.45 62.58 -32.37
N THR B 145 18.67 62.56 -31.30
CA THR B 145 17.43 61.80 -31.22
C THR B 145 16.27 62.74 -30.89
N GLU B 146 15.05 62.19 -30.97
CA GLU B 146 13.84 62.97 -30.71
C GLU B 146 13.14 62.59 -29.42
N SER B 147 13.44 61.43 -28.83
CA SER B 147 12.77 60.99 -27.63
C SER B 147 13.72 60.11 -26.81
N VAL B 148 13.22 59.62 -25.69
CA VAL B 148 14.00 58.79 -24.78
C VAL B 148 13.06 57.80 -24.10
N SER B 149 13.56 56.61 -23.83
CA SER B 149 12.78 55.55 -23.19
C SER B 149 13.18 55.43 -21.73
N VAL B 150 12.18 55.43 -20.84
CA VAL B 150 12.39 55.28 -19.41
C VAL B 150 11.62 54.04 -18.96
N GLU B 151 12.29 53.14 -18.25
CA GLU B 151 11.69 51.86 -17.91
C GLU B 151 12.03 51.48 -16.48
N PHE B 152 11.00 51.09 -15.73
CA PHE B 152 11.13 50.59 -14.37
C PHE B 152 10.53 49.19 -14.28
N GLU B 153 10.95 48.43 -13.28
CA GLU B 153 10.37 47.12 -12.99
C GLU B 153 10.22 46.98 -11.49
N THR B 154 8.98 46.84 -11.03
CA THR B 154 8.68 46.78 -9.60
C THR B 154 8.00 45.47 -9.27
N ASP B 155 8.49 44.81 -8.22
CA ASP B 155 7.91 43.54 -7.79
C ASP B 155 6.54 43.77 -7.15
N LEU B 156 5.73 42.72 -7.18
CA LEU B 156 4.42 42.71 -6.52
C LEU B 156 4.50 42.11 -5.12
N GLY B 157 5.51 42.48 -4.35
CA GLY B 157 5.74 41.92 -3.04
C GLY B 157 4.86 42.52 -1.96
N PRO B 158 5.10 43.80 -1.64
CA PRO B 158 4.37 44.44 -0.53
C PRO B 158 2.98 44.94 -0.93
N PHE B 159 2.10 44.00 -1.30
CA PHE B 159 0.73 44.33 -1.65
C PHE B 159 -0.21 43.21 -1.21
N GLU B 160 0.03 42.66 -0.02
CA GLU B 160 -0.75 41.50 0.44
C GLU B 160 -2.15 41.91 0.87
N ASP B 161 -2.34 43.16 1.29
CA ASP B 161 -3.65 43.64 1.72
C ASP B 161 -4.15 44.85 0.93
N GLY B 162 -3.37 45.34 -0.02
CA GLY B 162 -3.78 46.50 -0.79
C GLY B 162 -2.56 47.25 -1.30
N GLY B 163 -2.83 48.33 -2.02
CA GLY B 163 -1.78 49.18 -2.52
C GLY B 163 -1.80 49.38 -4.03
N TRP B 164 -1.43 50.58 -4.46
CA TRP B 164 -1.32 50.93 -5.86
C TRP B 164 0.13 51.21 -6.22
N ILE B 165 0.38 51.36 -7.52
CA ILE B 165 1.68 51.74 -8.05
C ILE B 165 1.45 52.85 -9.08
N TRP B 166 2.18 53.94 -8.95
CA TRP B 166 2.01 55.06 -9.87
C TRP B 166 3.35 55.73 -10.10
N PHE B 167 3.36 56.70 -11.01
CA PHE B 167 4.55 57.47 -11.33
C PHE B 167 4.17 58.93 -11.50
N ASP B 168 5.05 59.81 -11.05
CA ASP B 168 4.89 61.25 -11.19
C ASP B 168 6.00 61.80 -12.07
N ILE B 169 5.65 62.76 -12.92
CA ILE B 169 6.59 63.39 -13.83
C ILE B 169 6.80 64.83 -13.39
N THR B 170 8.02 65.16 -12.99
CA THR B 170 8.39 66.51 -12.59
C THR B 170 9.33 67.06 -13.65
N SER B 171 8.89 68.07 -14.38
CA SER B 171 9.61 68.57 -15.55
C SER B 171 10.59 69.66 -15.18
N ASP B 172 11.72 69.68 -15.89
CA ASP B 172 12.66 70.80 -15.87
C ASP B 172 12.38 71.79 -16.99
N THR B 173 12.33 71.31 -18.23
CA THR B 173 11.89 72.07 -19.38
C THR B 173 10.53 71.52 -19.82
N ALA B 174 10.12 71.86 -21.04
CA ALA B 174 8.89 71.31 -21.58
C ALA B 174 9.04 69.80 -21.77
N VAL B 175 8.08 69.04 -21.27
CA VAL B 175 8.15 67.58 -21.29
C VAL B 175 6.89 67.03 -21.94
N THR B 176 7.06 66.23 -22.99
CA THR B 176 5.95 65.60 -23.69
C THR B 176 6.05 64.10 -23.53
N LEU B 177 5.05 63.51 -22.86
CA LEU B 177 4.91 62.06 -22.79
C LEU B 177 4.24 61.58 -24.06
N LEU B 178 5.02 60.93 -24.93
CA LEU B 178 4.48 60.46 -26.21
C LEU B 178 3.57 59.26 -26.01
N ALA B 179 4.04 58.28 -25.24
CA ALA B 179 3.27 57.08 -24.98
C ALA B 179 3.76 56.45 -23.69
N GLY B 180 2.97 55.52 -23.17
CA GLY B 180 3.33 54.84 -21.94
C GLY B 180 2.27 53.84 -21.57
N GLY B 181 2.68 52.85 -20.77
CA GLY B 181 1.77 51.81 -20.35
C GLY B 181 2.47 50.81 -19.45
N TRP B 182 1.67 49.96 -18.83
CA TRP B 182 2.16 48.90 -17.96
C TRP B 182 2.25 47.60 -18.72
N TYR B 183 3.25 46.79 -18.38
CA TYR B 183 3.55 45.57 -19.11
C TYR B 183 3.89 44.45 -18.15
N ALA B 184 3.53 43.25 -18.56
CA ALA B 184 3.89 41.98 -17.94
C ALA B 184 5.15 41.42 -18.60
N PRO B 185 6.14 40.98 -17.82
CA PRO B 185 7.42 40.55 -18.41
C PRO B 185 7.37 39.16 -19.03
N ILE B 186 6.17 38.62 -19.18
CA ILE B 186 5.95 37.34 -19.85
C ILE B 186 4.82 37.50 -20.84
N GLU B 187 4.80 36.61 -21.83
CA GLU B 187 3.76 36.64 -22.85
C GLU B 187 2.39 36.35 -22.24
N ALA B 188 1.36 36.75 -22.96
CA ALA B 188 -0.01 36.55 -22.50
C ALA B 188 -0.51 35.18 -22.95
N PRO B 189 -1.00 34.36 -22.04
CA PRO B 189 -1.49 33.03 -22.44
C PRO B 189 -2.74 33.13 -23.29
N GLY B 190 -2.88 32.16 -24.19
CA GLY B 190 -4.05 32.09 -25.04
C GLY B 190 -4.02 33.08 -26.19
N ALA B 191 -5.14 33.13 -26.91
CA ALA B 191 -5.28 34.03 -28.05
C ALA B 191 -5.91 35.36 -27.67
N GLY B 192 -6.71 35.40 -26.62
CA GLY B 192 -7.33 36.64 -26.17
C GLY B 192 -8.52 37.07 -26.98
N THR B 193 -9.20 36.16 -27.66
CA THR B 193 -10.40 36.51 -28.41
C THR B 193 -11.58 36.67 -27.47
N ILE B 194 -12.40 37.68 -27.72
CA ILE B 194 -13.54 38.01 -26.87
C ILE B 194 -14.79 38.17 -27.73
N ALA B 195 -15.92 37.70 -27.22
CA ALA B 195 -17.22 37.87 -27.85
C ALA B 195 -18.06 38.77 -26.96
N CYS B 196 -18.31 40.00 -27.42
CA CYS B 196 -19.11 40.94 -26.66
C CYS B 196 -20.60 40.67 -26.87
N GLY B 197 -21.39 41.03 -25.86
CA GLY B 197 -22.83 40.83 -25.96
C GLY B 197 -23.65 41.81 -25.13
N MET B 198 -24.65 42.43 -25.75
CA MET B 198 -25.44 43.48 -25.12
C MET B 198 -26.93 43.24 -25.37
N PRO B 199 -27.73 43.01 -24.34
CA PRO B 199 -29.18 43.06 -24.51
C PRO B 199 -29.66 44.50 -24.58
N THR B 200 -30.71 44.71 -25.38
CA THR B 200 -31.27 46.04 -25.58
C THR B 200 -32.78 45.95 -25.64
N PHE B 201 -33.45 47.04 -25.24
CA PHE B 201 -34.91 47.11 -25.25
C PHE B 201 -35.30 48.55 -25.50
N ASN B 202 -35.58 48.88 -26.76
CA ASN B 202 -36.08 50.20 -27.16
C ASN B 202 -35.11 51.31 -26.76
N ARG B 203 -33.82 51.06 -26.93
CA ARG B 203 -32.78 52.07 -26.68
C ARG B 203 -31.78 52.04 -27.83
N PRO B 204 -32.21 52.41 -29.05
CA PRO B 204 -31.30 52.34 -30.20
C PRO B 204 -30.30 53.49 -30.24
N THR B 205 -30.73 54.67 -29.77
CA THR B 205 -29.85 55.83 -29.81
C THR B 205 -28.61 55.63 -28.94
N ASP B 206 -28.74 54.90 -27.85
CA ASP B 206 -27.59 54.59 -27.00
C ASP B 206 -26.82 53.38 -27.48
N LEU B 207 -27.51 52.38 -28.06
CA LEU B 207 -26.81 51.22 -28.58
C LEU B 207 -25.94 51.58 -29.78
N VAL B 208 -26.35 52.57 -30.57
CA VAL B 208 -25.52 53.01 -31.69
C VAL B 208 -24.23 53.64 -31.19
N LYS B 209 -24.33 54.49 -30.17
CA LYS B 209 -23.12 55.07 -29.56
C LYS B 209 -22.24 53.99 -28.96
N THR B 210 -22.86 52.99 -28.32
CA THR B 210 -22.09 51.89 -27.75
C THR B 210 -21.34 51.12 -28.84
N LEU B 211 -22.01 50.81 -29.95
CA LEU B 211 -21.36 50.08 -31.02
C LEU B 211 -20.29 50.91 -31.71
N GLY B 212 -20.48 52.24 -31.77
CA GLY B 212 -19.44 53.09 -32.33
C GLY B 212 -18.21 53.17 -31.45
N ALA B 213 -18.41 53.30 -30.14
CA ALA B 213 -17.29 53.33 -29.21
C ALA B 213 -16.63 51.96 -29.07
N LEU B 214 -17.36 50.89 -29.37
CA LEU B 214 -16.79 49.55 -29.24
C LEU B 214 -15.78 49.26 -30.35
N GLY B 215 -16.03 49.78 -31.54
CA GLY B 215 -15.14 49.61 -32.68
C GLY B 215 -14.25 50.79 -32.98
N SER B 216 -14.19 51.79 -32.09
CA SER B 216 -13.36 52.96 -32.34
C SER B 216 -11.87 52.65 -32.14
N ASP B 217 -11.52 52.11 -30.98
CA ASP B 217 -10.13 51.78 -30.69
C ASP B 217 -9.72 50.54 -31.46
N PRO B 218 -8.73 50.61 -32.36
CA PRO B 218 -8.38 49.42 -33.14
C PRO B 218 -7.78 48.30 -32.31
N LEU B 219 -7.13 48.61 -31.18
CA LEU B 219 -6.61 47.55 -30.32
C LEU B 219 -7.73 46.68 -29.75
N VAL B 220 -8.92 47.27 -29.53
CA VAL B 220 -10.04 46.47 -29.06
C VAL B 220 -10.61 45.63 -30.19
N LEU B 221 -10.75 46.21 -31.39
CA LEU B 221 -11.26 45.46 -32.53
C LEU B 221 -10.33 44.31 -32.90
N GLY B 222 -9.03 44.45 -32.63
CA GLY B 222 -8.10 43.37 -32.91
C GLY B 222 -8.32 42.14 -32.05
N GLN B 223 -9.08 42.27 -30.97
CA GLN B 223 -9.37 41.16 -30.07
C GLN B 223 -10.82 40.72 -30.12
N VAL B 224 -11.71 41.50 -30.71
CA VAL B 224 -13.12 41.15 -30.76
C VAL B 224 -13.38 40.20 -31.92
N ALA B 225 -13.99 39.06 -31.61
CA ALA B 225 -14.39 38.09 -32.63
C ALA B 225 -15.87 38.12 -32.93
N ALA B 226 -16.69 38.73 -32.07
CA ALA B 226 -18.13 38.78 -32.27
C ALA B 226 -18.71 39.89 -31.41
N VAL B 227 -19.79 40.49 -31.90
CA VAL B 227 -20.55 41.50 -31.18
C VAL B 227 -22.02 41.11 -31.30
N ILE B 228 -22.56 40.49 -30.25
CA ILE B 228 -23.91 39.94 -30.25
C ILE B 228 -24.86 40.96 -29.64
N VAL B 229 -26.00 41.17 -30.27
CA VAL B 229 -27.01 42.11 -29.81
C VAL B 229 -28.36 41.41 -29.81
N ALA B 230 -28.96 41.26 -28.64
CA ALA B 230 -30.27 40.64 -28.49
C ALA B 230 -31.32 41.75 -28.40
N ASP B 231 -31.95 42.07 -29.52
CA ASP B 231 -32.95 43.13 -29.58
C ASP B 231 -34.28 42.57 -29.13
N GLN B 232 -34.76 43.02 -27.97
CA GLN B 232 -36.01 42.56 -27.40
C GLN B 232 -37.13 43.59 -27.49
N GLY B 233 -36.85 44.79 -27.98
CA GLY B 233 -37.84 45.83 -28.10
C GLY B 233 -38.35 45.99 -29.53
N ASN B 234 -39.48 46.69 -29.65
CA ASN B 234 -40.07 46.92 -30.96
C ASN B 234 -39.24 47.91 -31.79
N ARG B 235 -38.72 48.95 -31.15
CA ARG B 235 -37.86 49.91 -31.83
C ARG B 235 -36.50 49.28 -32.05
N LYS B 236 -36.29 48.71 -33.24
CA LYS B 236 -35.06 47.99 -33.52
C LYS B 236 -33.90 48.96 -33.72
N VAL B 237 -32.69 48.47 -33.41
CA VAL B 237 -31.49 49.28 -33.61
C VAL B 237 -31.08 49.32 -35.08
N VAL B 238 -31.52 48.36 -35.88
CA VAL B 238 -31.19 48.36 -37.31
C VAL B 238 -31.82 49.57 -38.00
N ASP B 239 -33.01 49.96 -37.56
CA ASP B 239 -33.72 51.11 -38.12
C ASP B 239 -33.35 52.41 -37.41
N GLU B 240 -32.06 52.64 -37.17
CA GLU B 240 -31.60 53.81 -36.45
C GLU B 240 -30.52 54.53 -37.24
N PRO B 241 -30.58 55.86 -37.32
CA PRO B 241 -29.50 56.59 -38.00
C PRO B 241 -28.17 56.42 -37.27
N GLY B 242 -27.09 56.34 -38.05
CA GLY B 242 -25.78 56.08 -37.50
C GLY B 242 -25.45 54.63 -37.26
N PHE B 243 -26.41 53.72 -37.48
CA PHE B 243 -26.16 52.30 -37.26
C PHE B 243 -25.30 51.71 -38.36
N ASP B 244 -25.51 52.15 -39.60
CA ASP B 244 -24.83 51.52 -40.74
C ASP B 244 -23.33 51.75 -40.71
N GLU B 245 -22.89 52.94 -40.29
CA GLU B 245 -21.46 53.23 -40.25
C GLU B 245 -20.75 52.37 -39.21
N ALA B 246 -21.30 52.31 -37.99
CA ALA B 246 -20.72 51.48 -36.95
C ALA B 246 -20.77 50.01 -37.33
N ALA B 247 -21.84 49.59 -38.00
CA ALA B 247 -21.93 48.20 -38.46
C ALA B 247 -20.86 47.90 -39.51
N ALA B 248 -20.59 48.85 -40.41
CA ALA B 248 -19.55 48.66 -41.40
C ALA B 248 -18.18 48.59 -40.75
N VAL B 249 -17.96 49.40 -39.70
CA VAL B 249 -16.69 49.35 -38.98
C VAL B 249 -16.54 48.01 -38.28
N LEU B 250 -17.63 47.49 -37.70
CA LEU B 250 -17.55 46.21 -36.99
C LEU B 250 -17.41 45.03 -37.96
N GLY B 251 -17.93 45.16 -39.17
CA GLY B 251 -17.81 44.09 -40.14
C GLY B 251 -18.76 42.93 -39.83
N ASP B 252 -18.29 41.72 -40.12
CA ASP B 252 -19.06 40.51 -39.88
C ASP B 252 -19.17 40.15 -38.41
N ARG B 253 -18.49 40.90 -37.51
CA ARG B 253 -18.58 40.61 -36.10
C ARG B 253 -19.98 40.85 -35.56
N LEU B 254 -20.68 41.85 -36.09
CA LEU B 254 -22.00 42.19 -35.59
C LEU B 254 -23.01 41.09 -35.93
N VAL B 255 -23.73 40.64 -34.91
CA VAL B 255 -24.76 39.60 -35.05
C VAL B 255 -25.95 40.05 -34.21
N ILE B 256 -27.06 40.38 -34.85
CA ILE B 256 -28.25 40.90 -34.18
C ILE B 256 -29.34 39.83 -34.23
N ARG B 257 -29.72 39.33 -33.07
CA ARG B 257 -30.83 38.41 -32.92
C ARG B 257 -32.05 39.15 -32.41
N ASP B 258 -33.23 38.66 -32.77
CA ASP B 258 -34.50 39.22 -32.34
C ASP B 258 -35.29 38.17 -31.58
N GLN B 259 -35.88 38.58 -30.46
CA GLN B 259 -36.62 37.67 -29.60
C GLN B 259 -37.59 38.49 -28.75
N PRO B 260 -38.60 37.86 -28.15
CA PRO B 260 -39.48 38.59 -27.24
C PRO B 260 -38.72 39.12 -26.03
N ASN B 261 -39.38 40.01 -25.29
CA ASN B 261 -38.77 40.62 -24.12
C ASN B 261 -38.70 39.64 -22.96
N LEU B 262 -37.57 38.95 -22.83
CA LEU B 262 -37.32 38.04 -21.72
C LEU B 262 -36.52 38.69 -20.61
N GLY B 263 -36.45 40.02 -20.59
CA GLY B 263 -35.71 40.73 -19.57
C GLY B 263 -34.21 40.59 -19.75
N GLY B 264 -33.49 41.13 -18.77
CA GLY B 264 -32.04 41.05 -18.79
C GLY B 264 -31.54 39.61 -18.72
N SER B 265 -32.23 38.77 -17.93
CA SER B 265 -31.88 37.36 -17.86
C SER B 265 -31.91 36.72 -19.23
N GLY B 266 -33.03 36.87 -19.94
CA GLY B 266 -33.14 36.29 -21.27
C GLY B 266 -32.17 36.89 -22.26
N GLY B 267 -31.94 38.20 -22.18
CA GLY B 267 -31.01 38.84 -23.10
C GLY B 267 -29.59 38.32 -22.93
N TYR B 268 -29.09 38.33 -21.70
CA TYR B 268 -27.74 37.84 -21.46
C TYR B 268 -27.63 36.34 -21.70
N SER B 269 -28.72 35.59 -21.46
CA SER B 269 -28.70 34.17 -21.77
C SER B 269 -28.59 33.93 -23.27
N ARG B 270 -29.31 34.71 -24.07
CA ARG B 270 -29.19 34.61 -25.52
C ARG B 270 -27.79 35.01 -25.98
N VAL B 271 -27.22 36.04 -25.35
CA VAL B 271 -25.85 36.44 -25.67
C VAL B 271 -24.88 35.29 -25.43
N MET B 272 -24.96 34.66 -24.24
CA MET B 272 -24.06 33.56 -23.93
C MET B 272 -24.30 32.37 -24.84
N TYR B 273 -25.57 32.09 -25.16
CA TYR B 273 -25.89 30.98 -26.06
C TYR B 273 -25.26 31.19 -27.43
N GLU B 274 -25.41 32.39 -28.00
CA GLU B 274 -24.83 32.68 -29.30
C GLU B 274 -23.30 32.62 -29.24
N ALA B 275 -22.71 33.14 -28.17
CA ALA B 275 -21.26 33.15 -28.05
C ALA B 275 -20.69 31.74 -27.93
N LEU B 276 -21.41 30.85 -27.23
CA LEU B 276 -20.94 29.48 -27.08
C LEU B 276 -21.24 28.62 -28.29
N LYS B 277 -22.27 28.98 -29.08
CA LYS B 277 -22.67 28.12 -30.19
C LYS B 277 -22.03 28.52 -31.51
N ASN B 278 -21.92 29.80 -31.81
CA ASN B 278 -21.55 30.25 -33.15
C ASN B 278 -20.25 31.04 -33.21
N THR B 279 -19.55 31.24 -32.09
CA THR B 279 -18.28 31.95 -32.09
C THR B 279 -17.23 31.09 -31.41
N ASP B 280 -15.99 31.23 -31.87
CA ASP B 280 -14.85 30.50 -31.32
C ASP B 280 -14.03 31.35 -30.35
N ALA B 281 -14.69 32.27 -29.65
CA ALA B 281 -13.99 33.17 -28.75
C ALA B 281 -13.60 32.45 -27.46
N GLU B 282 -12.78 33.12 -26.66
CA GLU B 282 -12.32 32.57 -25.38
C GLU B 282 -13.01 33.18 -24.18
N TYR B 283 -13.58 34.37 -24.32
CA TYR B 283 -14.19 35.06 -23.19
C TYR B 283 -15.46 35.78 -23.64
N ILE B 284 -16.56 35.51 -22.95
CA ILE B 284 -17.83 36.19 -23.21
C ILE B 284 -17.87 37.46 -22.37
N VAL B 285 -18.06 38.60 -23.01
CA VAL B 285 -18.03 39.90 -22.35
C VAL B 285 -19.46 40.44 -22.34
N TYR B 286 -20.13 40.28 -21.19
CA TYR B 286 -21.42 40.92 -20.98
C TYR B 286 -21.24 42.42 -20.88
N MET B 287 -22.02 43.17 -21.66
CA MET B 287 -22.08 44.61 -21.59
C MET B 287 -23.54 45.05 -21.60
N ASP B 288 -23.75 46.34 -21.35
CA ASP B 288 -25.08 46.92 -21.38
C ASP B 288 -25.23 47.85 -22.58
N ASP B 289 -26.48 48.04 -23.01
CA ASP B 289 -26.75 48.84 -24.20
C ASP B 289 -26.69 50.33 -23.93
N ASP B 290 -26.79 50.77 -22.67
CA ASP B 290 -26.82 52.19 -22.36
C ASP B 290 -25.64 52.61 -21.48
N ILE B 291 -24.42 52.27 -21.92
CA ILE B 291 -23.22 52.63 -21.19
C ILE B 291 -22.27 53.38 -22.11
N GLU B 292 -21.41 54.19 -21.50
CA GLU B 292 -20.35 54.90 -22.22
C GLU B 292 -19.05 54.16 -21.96
N ILE B 293 -18.50 53.54 -23.01
CA ILE B 293 -17.40 52.60 -22.87
C ILE B 293 -16.07 53.34 -22.97
N GLU B 294 -15.20 53.10 -21.99
CA GLU B 294 -13.78 53.43 -22.12
C GLU B 294 -13.09 52.22 -22.73
N PRO B 295 -12.57 52.31 -23.97
CA PRO B 295 -12.16 51.09 -24.67
C PRO B 295 -11.02 50.34 -24.02
N ASP B 296 -10.16 51.02 -23.25
CA ASP B 296 -9.03 50.34 -22.64
C ASP B 296 -9.45 49.47 -21.45
N SER B 297 -10.64 49.72 -20.89
CA SER B 297 -11.13 48.88 -19.80
C SER B 297 -11.33 47.44 -20.27
N ILE B 298 -11.79 47.27 -21.50
CA ILE B 298 -11.98 45.92 -22.06
C ILE B 298 -10.63 45.19 -22.13
N LEU B 299 -9.61 45.90 -22.63
CA LEU B 299 -8.28 45.28 -22.73
C LEU B 299 -7.70 44.97 -21.36
N ARG B 300 -7.95 45.84 -20.37
CA ARG B 300 -7.46 45.59 -19.02
C ARG B 300 -8.12 44.35 -18.44
N ALA B 301 -9.45 44.24 -18.56
CA ALA B 301 -10.14 43.07 -18.05
C ALA B 301 -9.69 41.80 -18.77
N LEU B 302 -9.45 41.89 -20.08
CA LEU B 302 -8.98 40.73 -20.84
C LEU B 302 -7.60 40.30 -20.37
N ALA B 303 -6.68 41.26 -20.19
CA ALA B 303 -5.34 40.92 -19.74
C ALA B 303 -5.36 40.37 -18.32
N PHE B 304 -6.30 40.83 -17.48
CA PHE B 304 -6.39 40.29 -16.13
C PHE B 304 -6.97 38.88 -16.14
N ALA B 305 -7.90 38.60 -17.05
CA ALA B 305 -8.47 37.26 -17.13
C ALA B 305 -7.50 36.27 -17.76
N ARG B 306 -6.63 36.73 -18.66
CA ARG B 306 -5.68 35.83 -19.31
C ARG B 306 -4.51 35.47 -18.39
N PHE B 307 -4.06 36.43 -17.58
CA PHE B 307 -2.95 36.20 -16.66
C PHE B 307 -3.40 35.65 -15.30
N ALA B 308 -4.63 35.16 -15.20
CA ALA B 308 -5.12 34.64 -13.94
C ALA B 308 -4.45 33.32 -13.59
N LYS B 309 -4.42 33.01 -12.30
CA LYS B 309 -3.89 31.72 -11.85
C LYS B 309 -4.84 30.59 -12.21
N SER B 310 -6.13 30.80 -12.02
CA SER B 310 -7.19 29.87 -12.36
C SER B 310 -8.27 30.63 -13.10
N PRO B 311 -9.12 29.94 -13.86
CA PRO B 311 -10.22 30.63 -14.55
C PRO B 311 -11.10 31.39 -13.56
N MET B 312 -11.41 32.63 -13.91
CA MET B 312 -12.14 33.51 -13.01
C MET B 312 -12.91 34.54 -13.81
N LEU B 313 -13.94 35.11 -13.18
CA LEU B 313 -14.75 36.16 -13.79
C LEU B 313 -14.17 37.51 -13.41
N VAL B 314 -13.81 38.30 -14.43
CA VAL B 314 -13.22 39.62 -14.23
C VAL B 314 -14.25 40.65 -14.61
N GLY B 315 -14.84 41.30 -13.62
CA GLY B 315 -15.85 42.32 -13.83
C GLY B 315 -15.28 43.72 -13.66
N GLY B 316 -15.91 44.68 -14.34
CA GLY B 316 -15.50 46.07 -14.27
C GLY B 316 -16.37 46.89 -13.34
N GLN B 317 -15.80 47.99 -12.86
CA GLN B 317 -16.52 48.88 -11.97
C GLN B 317 -17.43 49.81 -12.77
N MET B 318 -18.30 50.51 -12.05
CA MET B 318 -19.27 51.41 -12.67
C MET B 318 -19.00 52.84 -12.23
N LEU B 319 -18.75 53.72 -13.19
CA LEU B 319 -18.70 55.15 -12.93
C LEU B 319 -20.07 55.76 -13.21
N ASN B 320 -20.41 56.79 -12.45
CA ASN B 320 -21.73 57.39 -12.58
C ASN B 320 -21.84 58.12 -13.92
N LEU B 321 -22.85 57.75 -14.71
CA LEU B 321 -23.03 58.36 -16.02
C LEU B 321 -23.45 59.82 -15.91
N GLN B 322 -24.15 60.19 -14.84
CA GLN B 322 -24.58 61.57 -14.62
C GLN B 322 -23.55 62.39 -13.84
N GLU B 323 -22.63 61.72 -13.15
CA GLU B 323 -21.50 62.37 -12.47
C GLU B 323 -20.26 61.56 -12.84
N ARG B 324 -19.64 61.91 -13.97
CA ARG B 324 -18.58 61.10 -14.55
C ARG B 324 -17.31 61.05 -13.69
N SER B 325 -17.21 61.87 -12.65
CA SER B 325 -16.06 61.85 -11.75
C SER B 325 -16.34 61.06 -10.47
N HIS B 326 -17.38 60.24 -10.46
CA HIS B 326 -17.78 59.48 -9.28
C HIS B 326 -17.65 57.99 -9.56
N LEU B 327 -16.91 57.29 -8.72
CA LEU B 327 -16.89 55.83 -8.72
C LEU B 327 -18.01 55.35 -7.81
N HIS B 328 -18.92 54.55 -8.37
CA HIS B 328 -20.12 54.17 -7.62
C HIS B 328 -19.76 53.24 -6.46
N SER B 329 -19.18 52.09 -6.76
CA SER B 329 -18.87 51.10 -5.74
C SER B 329 -17.56 50.40 -6.06
N MET B 330 -16.73 50.20 -5.03
CA MET B 330 -15.51 49.43 -5.18
C MET B 330 -15.78 47.93 -5.26
N GLY B 331 -16.91 47.46 -4.74
CA GLY B 331 -17.24 46.06 -4.75
C GLY B 331 -18.51 45.73 -4.01
N GLU B 332 -19.12 44.59 -4.32
CA GLU B 332 -20.38 44.17 -3.72
C GLU B 332 -20.27 42.76 -3.18
N VAL B 333 -20.81 42.54 -2.00
CA VAL B 333 -20.91 41.20 -1.43
C VAL B 333 -22.36 40.91 -1.11
N VAL B 334 -22.64 39.76 -0.52
CA VAL B 334 -23.99 39.40 -0.08
C VAL B 334 -23.94 38.99 1.37
N ASP B 335 -24.71 39.66 2.22
CA ASP B 335 -24.86 39.26 3.61
C ASP B 335 -25.61 37.94 3.67
N ARG B 336 -24.97 36.93 4.28
CA ARG B 336 -25.53 35.59 4.39
C ARG B 336 -26.43 35.40 5.59
N GLY B 337 -26.61 36.43 6.42
CA GLY B 337 -27.53 36.35 7.54
C GLY B 337 -28.96 36.56 7.09
N ILE B 338 -29.28 37.79 6.67
CA ILE B 338 -30.57 38.07 6.05
C ILE B 338 -30.55 37.77 4.56
N PHE B 339 -29.40 37.38 4.01
CA PHE B 339 -29.21 37.13 2.59
C PHE B 339 -29.64 38.32 1.75
N MET B 340 -28.76 39.32 1.64
CA MET B 340 -29.10 40.54 0.92
C MET B 340 -27.81 41.15 0.36
N TRP B 341 -27.85 41.56 -0.91
CA TRP B 341 -26.67 42.15 -1.51
C TRP B 341 -26.40 43.53 -0.93
N THR B 342 -25.13 43.79 -0.62
CA THR B 342 -24.73 45.04 0.02
C THR B 342 -23.33 45.38 -0.44
N SER B 343 -22.86 46.56 -0.02
CA SER B 343 -21.50 46.97 -0.32
C SER B 343 -20.52 46.11 0.47
N ALA B 344 -19.38 45.80 -0.17
CA ALA B 344 -18.37 44.98 0.46
C ALA B 344 -17.78 45.69 1.67
N PRO B 345 -17.14 44.95 2.58
CA PRO B 345 -16.42 45.60 3.68
C PRO B 345 -15.32 46.51 3.13
N ASN B 346 -15.08 47.62 3.84
CA ASN B 346 -14.13 48.64 3.44
C ASN B 346 -14.51 49.28 2.10
N VAL B 347 -15.80 49.38 1.83
CA VAL B 347 -16.32 49.99 0.62
C VAL B 347 -17.42 50.97 0.99
N GLU B 348 -17.36 52.17 0.41
CA GLU B 348 -18.40 53.19 0.59
C GLU B 348 -18.87 53.64 -0.78
N TYR B 349 -20.18 53.88 -0.89
CA TYR B 349 -20.75 54.28 -2.17
C TYR B 349 -20.43 55.73 -2.50
N ASP B 350 -20.33 56.01 -3.81
CA ASP B 350 -20.15 57.36 -4.33
C ASP B 350 -18.86 58.00 -3.84
N HIS B 351 -17.80 57.91 -4.64
CA HIS B 351 -16.51 58.51 -4.32
C HIS B 351 -16.14 59.48 -5.43
N ASP B 352 -16.02 60.75 -5.09
CA ASP B 352 -15.69 61.79 -6.05
C ASP B 352 -14.17 61.96 -6.08
N PHE B 353 -13.55 61.64 -7.22
CA PHE B 353 -12.11 61.80 -7.36
C PHE B 353 -11.68 63.25 -7.57
N ALA B 354 -12.59 64.11 -8.01
CA ALA B 354 -12.24 65.52 -8.17
C ALA B 354 -12.14 66.22 -6.83
N LYS B 355 -13.00 65.85 -5.87
CA LYS B 355 -12.98 66.39 -4.52
C LYS B 355 -11.97 65.66 -3.63
N HIS B 356 -11.93 64.33 -3.69
CA HIS B 356 -11.03 63.51 -2.89
C HIS B 356 -10.18 62.67 -3.83
N PRO B 357 -8.99 63.15 -4.21
CA PRO B 357 -8.11 62.36 -5.08
C PRO B 357 -7.59 61.13 -4.37
N LEU B 358 -6.95 60.25 -5.15
CA LEU B 358 -6.41 59.02 -4.59
C LEU B 358 -5.28 59.27 -3.60
N LYS B 359 -4.65 60.44 -3.66
CA LYS B 359 -3.59 60.78 -2.72
C LYS B 359 -4.11 61.18 -1.35
N ASP B 360 -5.41 61.48 -1.25
CA ASP B 360 -6.00 61.91 0.02
C ASP B 360 -6.07 60.73 0.97
N ARG B 361 -5.27 60.77 2.03
CA ARG B 361 -5.26 59.69 3.01
C ARG B 361 -6.46 59.76 3.97
N ASP B 362 -7.10 60.91 4.08
CA ASP B 362 -8.21 61.05 5.03
C ASP B 362 -9.52 60.53 4.44
N ASN B 363 -9.79 60.80 3.17
CA ASN B 363 -11.07 60.47 2.56
C ASN B 363 -10.96 59.43 1.44
N SER B 364 -9.77 58.94 1.13
CA SER B 364 -9.60 57.96 0.06
C SER B 364 -8.71 56.79 0.47
N LYS B 365 -8.57 56.54 1.78
CA LYS B 365 -7.74 55.43 2.23
C LYS B 365 -8.39 54.08 1.94
N LEU B 366 -9.72 54.00 2.01
CA LEU B 366 -10.41 52.74 1.75
C LEU B 366 -10.20 52.26 0.32
N LEU B 367 -9.90 53.15 -0.62
CA LEU B 367 -9.61 52.75 -1.98
C LEU B 367 -8.27 52.03 -2.12
N HIS B 368 -7.47 52.00 -1.05
CA HIS B 368 -6.17 51.34 -1.06
C HIS B 368 -6.21 49.95 -0.46
N ARG B 369 -7.39 49.41 -0.18
CA ARG B 369 -7.54 48.05 0.31
C ARG B 369 -8.09 47.16 -0.80
N ARG B 370 -7.52 45.97 -0.92
CA ARG B 370 -8.00 45.02 -1.93
C ARG B 370 -9.37 44.50 -1.53
N ILE B 371 -10.36 44.74 -2.39
CA ILE B 371 -11.75 44.39 -2.10
C ILE B 371 -12.05 43.03 -2.68
N ASP B 372 -12.54 42.13 -1.84
CA ASP B 372 -12.97 40.80 -2.27
C ASP B 372 -14.49 40.78 -2.37
N VAL B 373 -15.00 40.38 -3.54
CA VAL B 373 -16.42 40.46 -3.83
C VAL B 373 -16.97 39.07 -4.08
N ASP B 374 -18.29 38.96 -4.00
CA ASP B 374 -19.00 37.72 -4.32
C ASP B 374 -19.52 37.69 -5.74
N PHE B 375 -19.90 38.84 -6.30
CA PHE B 375 -20.41 38.92 -7.65
C PHE B 375 -20.03 40.26 -8.25
N ASN B 376 -20.33 40.41 -9.54
CA ASN B 376 -20.14 41.67 -10.25
C ASN B 376 -21.28 41.85 -11.24
N GLY B 377 -21.64 43.10 -11.48
CA GLY B 377 -22.71 43.40 -12.42
C GLY B 377 -22.35 43.01 -13.84
N TRP B 378 -23.37 42.97 -14.69
CA TRP B 378 -23.21 42.58 -16.08
C TRP B 378 -23.14 43.79 -17.02
N TRP B 379 -22.91 44.98 -16.48
CA TRP B 379 -22.66 46.13 -17.33
C TRP B 379 -21.33 45.99 -18.07
N THR B 380 -20.33 45.38 -17.42
CA THR B 380 -19.08 44.98 -18.09
C THR B 380 -18.51 43.83 -17.28
N CYS B 381 -18.64 42.61 -17.80
CA CYS B 381 -18.22 41.43 -17.06
C CYS B 381 -17.64 40.39 -18.02
N VAL B 382 -16.44 39.90 -17.70
CA VAL B 382 -15.76 38.89 -18.51
C VAL B 382 -16.00 37.53 -17.89
N ILE B 383 -16.37 36.56 -18.73
CA ILE B 383 -16.63 35.19 -18.29
C ILE B 383 -15.82 34.26 -19.19
N PRO B 384 -14.93 33.43 -18.64
CA PRO B 384 -14.20 32.49 -19.47
C PRO B 384 -15.14 31.47 -20.12
N ARG B 385 -14.76 31.02 -21.31
CA ARG B 385 -15.59 30.06 -22.04
C ARG B 385 -15.75 28.77 -21.25
N GLN B 386 -14.68 28.34 -20.57
CA GLN B 386 -14.76 27.14 -19.73
C GLN B 386 -15.82 27.29 -18.65
N VAL B 387 -15.83 28.45 -17.97
CA VAL B 387 -16.79 28.67 -16.90
C VAL B 387 -18.21 28.67 -17.45
N ALA B 388 -18.42 29.32 -18.60
CA ALA B 388 -19.76 29.37 -19.19
C ALA B 388 -20.24 27.99 -19.61
N GLU B 389 -19.34 27.18 -20.18
CA GLU B 389 -19.74 25.85 -20.61
C GLU B 389 -19.87 24.88 -19.43
N GLN B 390 -19.28 25.20 -18.29
CA GLN B 390 -19.35 24.29 -17.14
C GLN B 390 -20.55 24.61 -16.24
N ILE B 391 -20.72 25.86 -15.83
CA ILE B 391 -21.78 26.16 -14.87
C ILE B 391 -23.12 26.35 -15.56
N GLY B 392 -23.12 26.75 -16.82
CA GLY B 392 -24.34 26.82 -17.60
C GLY B 392 -24.82 28.24 -17.85
N GLN B 393 -26.09 28.34 -18.23
CA GLN B 393 -26.76 29.58 -18.58
C GLN B 393 -27.29 30.29 -17.34
N PRO B 394 -27.57 31.59 -17.44
CA PRO B 394 -28.19 32.29 -16.31
C PRO B 394 -29.59 31.75 -16.02
N LEU B 395 -30.03 31.98 -14.78
CA LEU B 395 -31.37 31.54 -14.39
C LEU B 395 -32.43 32.39 -15.05
N PRO B 396 -33.60 31.82 -15.33
CA PRO B 396 -34.73 32.60 -15.90
C PRO B 396 -35.46 33.41 -14.84
N LEU B 397 -34.80 34.48 -14.38
CA LEU B 397 -35.34 35.35 -13.35
C LEU B 397 -35.90 36.65 -13.89
N PHE B 398 -35.80 36.86 -15.21
CA PHE B 398 -36.22 38.09 -15.89
C PHE B 398 -35.33 39.27 -15.53
N LEU B 399 -35.40 39.72 -14.27
CA LEU B 399 -34.59 40.84 -13.82
C LEU B 399 -34.34 40.71 -12.32
N LYS B 400 -33.25 41.32 -11.87
CA LYS B 400 -32.83 41.34 -10.46
C LYS B 400 -32.35 39.98 -9.98
N TRP B 401 -31.21 39.96 -9.28
CA TRP B 401 -30.55 38.80 -8.69
C TRP B 401 -30.02 37.80 -9.73
N ASP B 402 -30.17 38.09 -11.03
CA ASP B 402 -29.70 37.16 -12.05
C ASP B 402 -28.18 37.13 -12.13
N ASP B 403 -27.49 38.17 -11.69
CA ASP B 403 -26.03 38.18 -11.69
C ASP B 403 -25.43 37.71 -10.37
N VAL B 404 -26.10 37.98 -9.25
CA VAL B 404 -25.60 37.52 -7.95
C VAL B 404 -25.59 36.00 -7.90
N GLU B 405 -26.67 35.37 -8.38
CA GLU B 405 -26.73 33.91 -8.38
C GLU B 405 -25.67 33.31 -9.30
N TYR B 406 -25.43 33.95 -10.45
CA TYR B 406 -24.41 33.45 -11.36
C TYR B 406 -23.02 33.53 -10.73
N GLY B 407 -22.74 34.64 -10.03
CA GLY B 407 -21.47 34.75 -9.32
C GLY B 407 -21.33 33.72 -8.23
N LEU B 408 -22.40 33.49 -7.46
CA LEU B 408 -22.35 32.49 -6.39
C LEU B 408 -22.15 31.09 -6.95
N ARG B 409 -22.80 30.79 -8.08
CA ARG B 409 -22.62 29.48 -8.71
C ARG B 409 -21.20 29.30 -9.22
N ALA B 410 -20.65 30.33 -9.87
CA ALA B 410 -19.27 30.27 -10.32
C ALA B 410 -18.33 30.05 -9.14
N ARG B 411 -18.59 30.71 -8.01
CA ARG B 411 -17.76 30.51 -6.83
C ARG B 411 -17.89 29.08 -6.30
N ASP B 412 -19.10 28.53 -6.34
CA ASP B 412 -19.31 27.16 -5.89
C ASP B 412 -18.59 26.16 -6.79
N HIS B 413 -18.45 26.47 -8.08
CA HIS B 413 -17.76 25.60 -9.01
C HIS B 413 -16.25 25.83 -9.04
N GLY B 414 -15.72 26.59 -8.09
CA GLY B 414 -14.28 26.83 -8.02
C GLY B 414 -13.76 27.98 -8.85
N TYR B 415 -14.62 28.90 -9.26
CA TYR B 415 -14.21 30.04 -10.09
C TYR B 415 -14.53 31.34 -9.35
N PRO B 416 -13.54 32.13 -8.96
CA PRO B 416 -13.82 33.35 -8.21
C PRO B 416 -14.14 34.52 -9.14
N THR B 417 -14.65 35.58 -8.55
CA THR B 417 -15.02 36.79 -9.27
C THR B 417 -14.35 37.99 -8.61
N VAL B 418 -13.80 38.88 -9.44
CA VAL B 418 -13.09 40.06 -8.95
C VAL B 418 -13.61 41.29 -9.68
N THR B 419 -13.78 42.37 -8.93
CA THR B 419 -14.11 43.68 -9.49
C THR B 419 -12.81 44.48 -9.60
N LEU B 420 -12.30 44.60 -10.82
CA LEU B 420 -10.97 45.16 -11.05
C LEU B 420 -11.02 46.67 -11.07
N PRO B 421 -10.36 47.38 -10.16
CA PRO B 421 -10.33 48.85 -10.22
C PRO B 421 -9.48 49.32 -11.39
N GLY B 422 -9.97 50.35 -12.08
CA GLY B 422 -9.29 50.87 -13.24
C GLY B 422 -10.03 50.58 -14.53
N ALA B 423 -10.63 49.39 -14.62
CA ALA B 423 -11.45 49.01 -15.75
C ALA B 423 -12.91 49.32 -15.40
N ALA B 424 -13.45 50.38 -16.01
CA ALA B 424 -14.79 50.83 -15.67
C ALA B 424 -15.47 51.42 -16.89
N VAL B 425 -16.79 51.44 -16.85
CA VAL B 425 -17.62 52.09 -17.85
C VAL B 425 -18.63 52.97 -17.13
N TRP B 426 -19.14 53.97 -17.83
CA TRP B 426 -20.11 54.90 -17.27
C TRP B 426 -21.52 54.37 -17.47
N HIS B 427 -22.26 54.25 -16.37
CA HIS B 427 -23.63 53.75 -16.40
C HIS B 427 -24.42 54.44 -15.29
N MET B 428 -25.73 54.53 -15.49
CA MET B 428 -26.58 55.19 -14.51
C MET B 428 -26.59 54.41 -13.19
N ALA B 429 -26.55 55.14 -12.09
CA ALA B 429 -26.56 54.55 -10.77
C ALA B 429 -27.99 54.36 -10.26
N TRP B 430 -28.12 53.68 -9.13
CA TRP B 430 -29.41 53.42 -8.53
C TRP B 430 -29.52 54.03 -7.13
N LYS B 433 -33.07 54.55 -7.06
CA LYS B 433 -34.18 55.49 -7.00
C LYS B 433 -35.40 54.86 -6.32
N ASP B 434 -36.45 54.63 -7.10
CA ASP B 434 -37.68 54.00 -6.62
C ASP B 434 -37.70 52.50 -6.85
N ASP B 435 -36.53 51.87 -6.97
CA ASP B 435 -36.44 50.45 -7.29
C ASP B 435 -36.99 49.56 -6.18
N ALA B 436 -37.25 50.10 -5.00
CA ALA B 436 -37.78 49.32 -3.88
C ALA B 436 -39.28 49.53 -3.68
N ILE B 437 -39.93 50.31 -4.55
CA ILE B 437 -41.34 50.63 -4.41
C ILE B 437 -42.14 50.21 -5.64
N ASP B 438 -41.60 50.43 -6.84
CA ASP B 438 -42.34 50.19 -8.07
C ASP B 438 -42.43 48.70 -8.40
N TRP B 439 -42.57 48.37 -9.69
CA TRP B 439 -42.74 46.98 -10.10
C TRP B 439 -41.54 46.13 -9.74
N GLN B 440 -40.33 46.72 -9.76
CA GLN B 440 -39.13 45.95 -9.47
C GLN B 440 -39.16 45.34 -8.08
N ALA B 441 -39.89 45.97 -7.15
CA ALA B 441 -40.01 45.43 -5.79
C ALA B 441 -40.54 44.00 -5.80
N TYR B 442 -41.30 43.63 -6.84
CA TYR B 442 -41.67 42.24 -7.01
C TYR B 442 -40.43 41.38 -7.29
N PHE B 443 -39.74 41.67 -8.39
CA PHE B 443 -38.63 40.82 -8.81
C PHE B 443 -37.51 40.80 -7.80
N HIS B 444 -37.37 41.87 -7.00
CA HIS B 444 -36.29 41.91 -6.04
C HIS B 444 -36.58 41.04 -4.82
N LEU B 445 -37.82 40.60 -4.62
CA LEU B 445 -38.15 39.72 -3.51
C LEU B 445 -38.16 38.25 -3.94
N ARG B 446 -39.06 37.89 -4.87
CA ARG B 446 -39.20 36.54 -5.37
C ARG B 446 -37.84 35.92 -5.68
N ASN B 447 -37.15 36.47 -6.69
CA ASN B 447 -35.84 35.96 -7.07
C ASN B 447 -34.90 35.90 -5.88
N ARG B 448 -34.95 36.91 -5.00
CA ARG B 448 -34.16 36.88 -3.77
C ARG B 448 -34.36 35.55 -3.06
N LEU B 449 -35.60 35.24 -2.70
CA LEU B 449 -35.92 33.96 -2.06
C LEU B 449 -35.35 32.80 -2.86
N VAL B 450 -35.52 32.84 -4.19
CA VAL B 450 -35.00 31.77 -5.05
C VAL B 450 -33.51 31.58 -4.79
N VAL B 451 -32.75 32.67 -4.85
CA VAL B 451 -31.31 32.56 -4.65
C VAL B 451 -31.00 32.05 -3.25
N ALA B 452 -31.82 32.45 -2.26
CA ALA B 452 -31.65 31.90 -0.92
C ALA B 452 -31.79 30.39 -0.95
N SER B 453 -32.83 29.90 -1.64
CA SER B 453 -33.04 28.46 -1.74
C SER B 453 -31.84 27.75 -2.35
N LEU B 454 -30.94 28.48 -3.00
CA LEU B 454 -29.75 27.88 -3.59
C LEU B 454 -28.50 28.08 -2.75
N HIS B 455 -28.46 29.05 -1.84
CA HIS B 455 -27.21 29.36 -1.18
C HIS B 455 -27.31 29.79 0.28
N LEU B 456 -28.50 30.01 0.82
CA LEU B 456 -28.63 30.48 2.19
C LEU B 456 -28.41 29.33 3.16
N PRO B 457 -27.38 29.38 4.02
CA PRO B 457 -27.17 28.29 4.98
C PRO B 457 -27.93 28.51 6.27
N GLY B 458 -28.91 27.66 6.55
CA GLY B 458 -29.70 27.72 7.75
C GLY B 458 -31.18 27.66 7.45
N ASN B 459 -31.99 28.02 8.44
CA ASN B 459 -33.44 27.97 8.29
C ASN B 459 -33.99 29.19 7.58
N GLY B 460 -33.22 30.27 7.46
CA GLY B 460 -33.68 31.46 6.80
C GLY B 460 -34.68 32.29 7.56
N LYS B 461 -34.77 32.11 8.89
CA LYS B 461 -35.73 32.89 9.66
C LYS B 461 -35.30 34.35 9.78
N ALA B 462 -34.00 34.62 9.78
CA ALA B 462 -33.53 35.99 9.83
C ALA B 462 -33.96 36.76 8.59
N MET B 463 -33.90 36.12 7.43
CA MET B 463 -34.38 36.75 6.20
C MET B 463 -35.88 37.05 6.29
N VAL B 464 -36.65 36.15 6.91
CA VAL B 464 -38.08 36.37 7.04
C VAL B 464 -38.35 37.52 8.00
N VAL B 465 -37.56 37.64 9.07
CA VAL B 465 -37.73 38.76 9.98
C VAL B 465 -37.37 40.07 9.29
N ASN B 466 -36.34 40.04 8.43
CA ASN B 466 -35.98 41.22 7.66
C ASN B 466 -37.11 41.64 6.72
N THR B 467 -37.73 40.66 6.04
CA THR B 467 -38.86 40.99 5.18
C THR B 467 -40.06 41.46 5.98
N ILE B 468 -40.22 40.97 7.21
CA ILE B 468 -41.33 41.42 8.05
C ILE B 468 -41.15 42.89 8.42
N LYS B 469 -39.94 43.27 8.86
CA LYS B 469 -39.72 44.67 9.20
C LYS B 469 -39.76 45.55 7.96
N ALA B 470 -39.36 45.02 6.80
CA ALA B 470 -39.53 45.77 5.55
C ALA B 470 -41.00 46.00 5.24
N THR B 471 -41.84 44.99 5.46
CA THR B 471 -43.28 45.16 5.26
C THR B 471 -43.86 46.19 6.22
N LEU B 472 -43.38 46.17 7.47
CA LEU B 472 -43.81 47.19 8.43
C LEU B 472 -43.46 48.58 7.94
N LYS B 473 -42.23 48.77 7.48
CA LYS B 473 -41.82 50.07 6.94
C LYS B 473 -42.67 50.47 5.75
N HIS B 474 -42.92 49.53 4.84
CA HIS B 474 -43.72 49.84 3.65
C HIS B 474 -45.13 50.25 4.03
N LEU B 475 -45.74 49.55 4.99
CA LEU B 475 -47.12 49.87 5.38
C LEU B 475 -47.19 51.19 6.12
N LEU B 476 -46.19 51.50 6.95
CA LEU B 476 -46.19 52.78 7.65
C LEU B 476 -46.01 53.95 6.70
N CYS B 477 -45.36 53.72 5.56
CA CYS B 477 -45.13 54.77 4.57
C CYS B 477 -46.23 54.85 3.52
N LEU B 478 -47.37 54.19 3.76
CA LEU B 478 -48.52 54.24 2.85
C LEU B 478 -48.16 53.70 1.46
N GLU B 479 -47.31 52.69 1.41
CA GLU B 479 -46.86 52.06 0.18
C GLU B 479 -47.49 50.68 0.09
N TYR B 480 -48.79 50.65 -0.25
CA TYR B 480 -49.56 49.41 -0.22
C TYR B 480 -49.31 48.54 -1.45
N SER B 481 -49.11 49.17 -2.62
CA SER B 481 -48.84 48.39 -3.83
C SER B 481 -47.56 47.57 -3.69
N THR B 482 -46.57 48.09 -2.97
CA THR B 482 -45.35 47.32 -2.73
C THR B 482 -45.65 46.05 -1.94
N VAL B 483 -46.45 46.18 -0.88
CA VAL B 483 -46.80 45.00 -0.08
C VAL B 483 -47.62 44.02 -0.91
N ALA B 484 -48.50 44.52 -1.77
CA ALA B 484 -49.32 43.65 -2.61
C ALA B 484 -48.45 42.85 -3.57
N ILE B 485 -47.56 43.52 -4.29
CA ILE B 485 -46.71 42.82 -5.24
C ILE B 485 -45.68 41.94 -4.54
N GLN B 486 -45.29 42.26 -3.31
CA GLN B 486 -44.39 41.37 -2.58
C GLN B 486 -45.11 40.13 -2.09
N ASN B 487 -46.39 40.25 -1.70
CA ASN B 487 -47.19 39.06 -1.43
C ASN B 487 -47.33 38.21 -2.69
N LEU B 488 -47.54 38.85 -3.84
CA LEU B 488 -47.59 38.12 -5.10
C LEU B 488 -46.27 37.43 -5.38
N ALA B 489 -45.15 38.08 -5.05
CA ALA B 489 -43.84 37.48 -5.25
C ALA B 489 -43.63 36.26 -4.37
N ILE B 490 -44.02 36.35 -3.11
CA ILE B 490 -43.94 35.19 -2.22
C ILE B 490 -44.80 34.06 -2.74
N ARG B 491 -46.00 34.39 -3.22
CA ARG B 491 -46.89 33.36 -3.75
C ARG B 491 -46.27 32.67 -4.97
N ASP B 492 -45.72 33.45 -5.90
CA ASP B 492 -45.11 32.87 -7.09
C ASP B 492 -43.85 32.08 -6.76
N TYR B 493 -43.12 32.49 -5.73
CA TYR B 493 -41.94 31.72 -5.31
C TYR B 493 -42.35 30.39 -4.70
N LEU B 494 -43.38 30.39 -3.86
CA LEU B 494 -43.87 29.14 -3.27
C LEU B 494 -44.50 28.21 -4.30
N ALA B 495 -44.79 28.71 -5.51
CA ALA B 495 -45.34 27.84 -6.55
C ALA B 495 -44.33 26.79 -7.00
N GLY B 496 -43.04 27.11 -6.95
CA GLY B 496 -42.01 26.16 -7.30
C GLY B 496 -41.19 26.59 -8.50
N PRO B 497 -40.06 25.91 -8.71
CA PRO B 497 -39.21 26.24 -9.87
C PRO B 497 -39.78 25.81 -11.21
N GLU B 498 -40.95 25.16 -11.23
CA GLU B 498 -41.58 24.77 -12.48
C GLU B 498 -42.32 25.91 -13.15
N ARG B 499 -42.47 27.04 -12.47
CA ARG B 499 -43.17 28.20 -13.01
C ARG B 499 -42.22 29.30 -13.48
N LEU B 500 -40.91 29.09 -13.38
CA LEU B 500 -39.96 30.16 -13.69
C LEU B 500 -39.97 30.48 -15.19
N PHE B 501 -39.85 29.46 -16.04
CA PHE B 501 -39.89 29.71 -17.48
C PHE B 501 -41.26 30.14 -17.95
N GLN B 502 -42.32 29.85 -17.19
CA GLN B 502 -43.64 30.34 -17.54
C GLN B 502 -43.80 31.81 -17.17
N LEU B 503 -43.29 32.21 -16.00
CA LEU B 503 -43.39 33.58 -15.51
C LEU B 503 -42.40 34.51 -16.19
N LEU B 504 -41.57 34.02 -17.10
CA LEU B 504 -40.57 34.87 -17.73
C LEU B 504 -41.17 35.99 -18.57
N PRO B 505 -42.21 35.76 -19.40
CA PRO B 505 -42.82 36.88 -20.12
C PRO B 505 -44.20 37.26 -19.60
N SER B 506 -44.57 36.79 -18.41
CA SER B 506 -45.93 36.97 -17.91
C SER B 506 -46.04 37.61 -16.54
N ALA B 507 -44.96 37.68 -15.75
CA ALA B 507 -45.08 38.22 -14.40
C ALA B 507 -45.24 39.73 -14.40
N LEU B 508 -44.55 40.42 -15.32
CA LEU B 508 -44.57 41.88 -15.33
C LEU B 508 -45.98 42.40 -15.62
N GLY B 509 -46.72 41.72 -16.49
CA GLY B 509 -48.09 42.12 -16.75
C GLY B 509 -48.96 42.05 -15.51
N ALA B 510 -48.84 40.97 -14.74
CA ALA B 510 -49.61 40.85 -13.51
C ALA B 510 -49.19 41.89 -12.48
N VAL B 511 -47.89 42.17 -12.39
CA VAL B 511 -47.42 43.19 -11.45
C VAL B 511 -48.00 44.55 -11.80
N HIS B 512 -47.94 44.92 -13.08
CA HIS B 512 -48.50 46.20 -13.50
C HIS B 512 -50.00 46.25 -13.32
N ALA B 513 -50.70 45.15 -13.58
CA ALA B 513 -52.15 45.13 -13.41
C ALA B 513 -52.53 45.30 -11.94
N LEU B 514 -51.79 44.67 -11.03
CA LEU B 514 -52.09 44.81 -9.61
C LEU B 514 -51.73 46.21 -9.11
N ARG B 515 -50.63 46.77 -9.60
CA ARG B 515 -50.22 48.10 -9.15
C ARG B 515 -51.14 49.18 -9.68
N LYS B 516 -51.74 48.97 -10.87
CA LYS B 516 -52.65 49.96 -11.44
C LYS B 516 -53.92 50.12 -10.62
N GLN B 517 -54.17 49.23 -9.66
CA GLN B 517 -55.36 49.31 -8.80
C GLN B 517 -55.05 49.97 -7.46
N TYR B 518 -53.87 50.53 -7.29
CA TYR B 518 -53.48 51.24 -6.07
C TYR B 518 -53.13 52.68 -6.39
N PRO B 519 -53.61 53.65 -5.60
CA PRO B 519 -53.35 55.05 -5.93
C PRO B 519 -51.91 55.48 -5.73
N ASP B 520 -51.14 54.79 -4.89
CA ASP B 520 -49.75 55.14 -4.68
C ASP B 520 -48.83 54.71 -5.81
N ALA B 521 -49.30 53.84 -6.70
CA ALA B 521 -48.51 53.38 -7.84
C ALA B 521 -48.87 54.06 -9.15
N VAL B 522 -49.95 54.85 -9.17
CA VAL B 522 -50.36 55.57 -10.37
C VAL B 522 -49.77 56.96 -10.32
N ILE B 523 -48.95 57.30 -11.30
CA ILE B 523 -48.25 58.57 -11.35
C ILE B 523 -49.07 59.58 -12.12
N LEU B 524 -48.93 60.85 -11.75
CA LEU B 524 -49.55 61.98 -12.42
C LEU B 524 -48.48 62.91 -12.95
N PRO B 525 -48.78 63.71 -13.98
CA PRO B 525 -47.74 64.62 -14.52
C PRO B 525 -47.18 65.59 -13.50
N SER B 526 -48.02 66.11 -12.61
CA SER B 526 -47.57 67.08 -11.61
C SER B 526 -48.57 67.11 -10.48
N SER B 527 -48.19 67.76 -9.38
CA SER B 527 -49.07 67.95 -8.24
C SER B 527 -50.19 68.94 -8.52
N THR B 528 -50.21 69.56 -9.70
CA THR B 528 -51.28 70.48 -10.07
C THR B 528 -52.54 69.75 -10.53
N GLU B 529 -52.44 68.45 -10.85
CA GLU B 529 -53.61 67.70 -11.28
C GLU B 529 -54.56 67.41 -10.14
N LEU B 530 -54.12 67.56 -8.90
CA LEU B 530 -54.92 67.41 -7.70
C LEU B 530 -55.28 68.76 -7.11
N PRO B 531 -56.28 68.82 -6.22
CA PRO B 531 -56.56 70.07 -5.52
C PRO B 531 -55.35 70.55 -4.73
N LEU B 532 -55.34 71.85 -4.43
CA LEU B 532 -54.22 72.43 -3.70
C LEU B 532 -54.11 71.82 -2.31
N ALA B 533 -52.89 71.84 -1.78
CA ALA B 533 -52.63 71.26 -0.46
C ALA B 533 -53.42 72.00 0.61
N SER B 534 -54.32 71.27 1.27
CA SER B 534 -55.17 71.89 2.29
C SER B 534 -54.39 72.20 3.56
N HIS B 535 -53.37 71.41 3.87
CA HIS B 535 -52.57 71.53 5.08
C HIS B 535 -53.38 71.35 6.36
N LEU B 536 -54.60 70.83 6.24
CA LEU B 536 -55.44 70.59 7.41
C LEU B 536 -54.96 69.37 8.18
N GLU B 537 -55.10 69.43 9.51
CA GLU B 537 -54.78 68.33 10.40
C GLU B 537 -53.34 67.85 10.25
N VAL B 538 -52.43 68.77 9.94
CA VAL B 538 -51.02 68.46 9.77
C VAL B 538 -50.28 68.91 11.03
N GLY B 539 -49.69 67.95 11.73
CA GLY B 539 -48.93 68.21 12.95
C GLY B 539 -47.44 68.22 12.69
N ALA B 540 -46.70 67.69 13.65
CA ALA B 540 -45.25 67.62 13.53
C ALA B 540 -44.88 66.58 12.47
N VAL B 541 -44.18 67.02 11.42
CA VAL B 541 -43.81 66.16 10.32
C VAL B 541 -42.33 66.31 9.99
N ALA B 542 -41.58 66.90 10.90
CA ALA B 542 -40.15 67.10 10.72
C ALA B 542 -39.36 66.05 11.48
N GLU B 543 -38.15 65.79 11.02
CA GLU B 543 -37.31 64.75 11.61
C GLU B 543 -37.01 65.07 13.07
N PRO B 544 -37.46 64.26 14.02
CA PRO B 544 -37.17 64.54 15.43
C PRO B 544 -35.71 64.29 15.76
N ALA B 545 -35.18 65.09 16.68
CA ALA B 545 -33.75 65.03 17.01
C ALA B 545 -33.46 63.90 17.99
N ASN B 546 -33.86 64.06 19.25
CA ASN B 546 -33.56 63.07 20.27
C ASN B 546 -34.32 61.77 20.00
N PRO B 547 -33.74 60.63 20.36
CA PRO B 547 -34.40 59.35 20.06
C PRO B 547 -35.70 59.14 20.83
N ILE B 548 -35.85 59.78 22.00
CA ILE B 548 -37.13 59.72 22.71
C ILE B 548 -38.23 60.31 21.86
N ALA B 549 -37.92 61.40 21.14
CA ALA B 549 -38.89 61.99 20.23
C ALA B 549 -39.20 61.04 19.07
N LYS B 550 -38.18 60.31 18.60
CA LYS B 550 -38.40 59.29 17.58
C LYS B 550 -39.39 58.23 18.07
N VAL B 551 -39.21 57.77 19.31
CA VAL B 551 -40.08 56.73 19.85
C VAL B 551 -41.50 57.26 20.03
N VAL B 552 -41.64 58.48 20.57
CA VAL B 552 -42.98 58.99 20.80
C VAL B 552 -43.69 59.30 19.48
N ARG B 553 -42.94 59.69 18.45
CA ARG B 553 -43.58 59.90 17.16
C ARG B 553 -43.93 58.59 16.48
N LEU B 554 -43.13 57.54 16.69
CA LEU B 554 -43.53 56.22 16.21
C LEU B 554 -44.80 55.77 16.89
N ALA B 555 -44.93 56.04 18.19
CA ALA B 555 -46.18 55.73 18.90
C ALA B 555 -47.34 56.55 18.34
N LYS B 556 -47.11 57.84 18.06
CA LYS B 556 -48.14 58.67 17.44
C LYS B 556 -48.58 58.10 16.11
N GLY B 557 -47.64 57.67 15.28
CA GLY B 557 -47.99 57.11 13.99
C GLY B 557 -48.74 55.79 14.11
N VAL B 558 -48.33 54.95 15.06
CA VAL B 558 -49.05 53.70 15.29
C VAL B 558 -50.49 53.98 15.71
N LEU B 559 -50.68 54.96 16.60
CA LEU B 559 -52.03 55.30 17.03
C LEU B 559 -52.84 55.94 15.90
N HIS B 560 -52.18 56.71 15.03
CA HIS B 560 -52.89 57.37 13.93
C HIS B 560 -53.33 56.35 12.88
N ASN B 561 -52.49 55.35 12.62
CA ASN B 561 -52.85 54.32 11.64
C ASN B 561 -53.94 53.38 12.15
N LEU B 562 -54.43 53.56 13.38
CA LEU B 562 -55.52 52.76 13.90
C LEU B 562 -56.88 53.43 13.77
N ARG B 563 -56.92 54.75 13.64
CA ARG B 563 -58.19 55.47 13.53
C ARG B 563 -58.65 55.47 12.08
N PRO B 564 -59.96 55.39 11.84
CA PRO B 564 -60.47 55.46 10.47
C PRO B 564 -60.15 56.81 9.84
N ALA B 565 -59.52 56.77 8.67
CA ALA B 565 -59.11 57.98 8.00
C ALA B 565 -60.32 58.78 7.52
N HIS B 566 -60.08 60.03 7.16
CA HIS B 566 -61.12 60.93 6.67
C HIS B 566 -61.07 60.96 5.15
N ALA B 567 -62.24 60.81 4.52
CA ALA B 567 -62.31 60.82 3.07
C ALA B 567 -61.88 62.15 2.47
N ARG B 568 -61.96 63.24 3.25
CA ARG B 568 -61.51 64.55 2.78
C ARG B 568 -60.09 64.49 2.25
N HIS B 569 -59.17 63.90 3.04
CA HIS B 569 -57.78 63.83 2.65
C HIS B 569 -57.53 62.82 1.54
N HIS B 570 -58.55 62.08 1.11
CA HIS B 570 -58.47 61.25 -0.08
C HIS B 570 -59.02 61.96 -1.30
N GLU B 571 -59.50 63.19 -1.15
CA GLU B 571 -59.93 64.02 -2.27
C GLU B 571 -59.12 65.30 -2.39
N THR B 572 -58.68 65.87 -1.26
CA THR B 572 -57.85 67.06 -1.24
C THR B 572 -56.58 66.74 -0.47
N PRO B 573 -55.44 66.61 -1.15
CA PRO B 573 -54.21 66.22 -0.44
C PRO B 573 -53.82 67.24 0.62
N GLN B 574 -53.28 66.73 1.72
CA GLN B 574 -52.83 67.60 2.80
C GLN B 574 -51.51 68.27 2.46
N LEU B 575 -50.53 67.50 1.99
CA LEU B 575 -49.19 67.99 1.76
C LEU B 575 -48.70 67.57 0.38
N ASN B 576 -47.79 68.37 -0.17
CA ASN B 576 -47.04 68.06 -1.39
C ASN B 576 -45.59 67.85 -0.96
N VAL B 577 -45.23 66.59 -0.75
CA VAL B 577 -43.97 66.22 -0.11
C VAL B 577 -42.97 65.84 -1.19
N PRO B 578 -41.75 66.38 -1.15
CA PRO B 578 -40.72 65.96 -2.12
C PRO B 578 -40.23 64.55 -1.87
N THR B 579 -39.23 64.12 -2.64
CA THR B 579 -38.73 62.75 -2.51
C THR B 579 -37.97 62.57 -1.20
N LEU B 580 -37.15 63.53 -0.82
CA LEU B 580 -36.30 63.40 0.36
C LEU B 580 -37.01 63.79 1.66
N ASP B 581 -38.29 64.15 1.60
CA ASP B 581 -39.06 64.47 2.78
C ASP B 581 -40.13 63.44 3.10
N ALA B 582 -40.29 62.41 2.26
CA ALA B 582 -41.30 61.39 2.46
C ALA B 582 -40.75 60.23 3.30
N ARG B 583 -40.32 60.58 4.50
CA ARG B 583 -39.82 59.61 5.46
C ARG B 583 -40.96 59.17 6.39
N TRP B 584 -40.68 58.18 7.23
CA TRP B 584 -41.72 57.60 8.07
C TRP B 584 -42.33 58.62 9.02
N PHE B 585 -41.50 59.51 9.59
CA PHE B 585 -41.98 60.44 10.60
C PHE B 585 -42.95 61.47 10.03
N LEU B 586 -43.10 61.55 8.71
CA LEU B 586 -44.10 62.38 8.07
C LEU B 586 -45.26 61.57 7.51
N LEU B 587 -44.98 60.42 6.88
CA LEU B 587 -46.02 59.62 6.26
C LEU B 587 -46.87 58.87 7.26
N SER B 588 -46.39 58.69 8.50
CA SER B 588 -47.16 57.96 9.51
C SER B 588 -48.14 58.84 10.26
N GLN B 589 -48.20 60.14 9.97
CA GLN B 589 -49.12 61.05 10.63
C GLN B 589 -50.11 61.70 9.67
N VAL B 590 -50.24 61.19 8.45
CA VAL B 590 -51.08 61.80 7.44
C VAL B 590 -52.10 60.79 6.92
N ASP B 591 -53.18 61.31 6.33
CA ASP B 591 -54.20 60.51 5.68
C ASP B 591 -54.04 60.50 4.17
N GLY B 592 -53.82 61.66 3.56
CA GLY B 592 -53.61 61.74 2.13
C GLY B 592 -52.55 62.77 1.77
N VAL B 593 -51.55 62.37 1.00
CA VAL B 593 -50.41 63.23 0.70
C VAL B 593 -49.90 62.89 -0.70
N THR B 594 -49.56 63.93 -1.46
CA THR B 594 -48.88 63.71 -2.73
C THR B 594 -47.38 63.63 -2.49
N VAL B 595 -46.74 62.65 -3.11
CA VAL B 595 -45.31 62.39 -2.92
C VAL B 595 -44.64 62.45 -4.28
N THR B 596 -43.55 63.22 -4.37
CA THR B 596 -42.85 63.38 -5.64
C THR B 596 -41.93 62.19 -5.90
N THR B 597 -41.93 61.74 -7.15
CA THR B 597 -41.10 60.62 -7.56
C THR B 597 -39.62 61.00 -7.52
N ALA B 598 -38.76 59.97 -7.59
CA ALA B 598 -37.33 60.17 -7.42
C ALA B 598 -36.76 61.12 -8.47
N ASP B 599 -36.95 60.79 -9.75
CA ASP B 599 -36.41 61.65 -10.81
C ASP B 599 -37.17 62.96 -10.95
N GLY B 600 -38.27 63.14 -10.23
CA GLY B 600 -38.96 64.41 -10.22
C GLY B 600 -39.78 64.71 -11.46
N ARG B 601 -40.32 63.70 -12.10
CA ARG B 601 -41.16 63.88 -13.28
C ARG B 601 -42.64 63.72 -13.00
N GLY B 602 -43.02 63.46 -11.75
CA GLY B 602 -44.42 63.29 -11.42
C GLY B 602 -44.60 63.11 -9.93
N VAL B 603 -45.85 62.91 -9.53
CA VAL B 603 -46.21 62.68 -8.13
C VAL B 603 -47.25 61.56 -8.06
N VAL B 604 -47.32 60.94 -6.88
CA VAL B 604 -48.28 59.89 -6.60
C VAL B 604 -49.10 60.28 -5.38
N TYR B 605 -50.40 59.96 -5.41
CA TYR B 605 -51.32 60.31 -4.33
C TYR B 605 -51.39 59.13 -3.37
N ARG B 606 -50.64 59.21 -2.26
CA ARG B 606 -50.65 58.17 -1.26
C ARG B 606 -51.77 58.43 -0.26
N LYS B 607 -52.59 57.41 -0.01
CA LYS B 607 -53.73 57.50 0.87
C LYS B 607 -53.66 56.37 1.90
N ARG B 608 -54.13 56.65 3.11
CA ARG B 608 -54.07 55.71 4.21
C ARG B 608 -55.45 55.08 4.41
N ASP B 609 -55.48 53.75 4.45
CA ASP B 609 -56.70 52.99 4.71
C ASP B 609 -56.40 51.94 5.76
N PRO B 610 -56.95 52.06 6.97
CA PRO B 610 -56.63 51.07 8.02
C PRO B 610 -57.05 49.66 7.68
N ARG B 611 -58.23 49.50 7.06
CA ARG B 611 -58.71 48.16 6.72
C ARG B 611 -57.79 47.49 5.71
N GLN B 612 -57.46 48.20 4.63
CA GLN B 612 -56.63 47.62 3.59
C GLN B 612 -55.21 47.36 4.08
N ALA B 613 -54.67 48.28 4.91
CA ALA B 613 -53.34 48.07 5.47
C ALA B 613 -53.32 46.84 6.36
N LEU B 614 -54.33 46.69 7.22
CA LEU B 614 -54.39 45.52 8.10
C LEU B 614 -54.56 44.23 7.30
N GLY B 615 -55.36 44.27 6.24
CA GLY B 615 -55.52 43.08 5.41
C GLY B 615 -54.25 42.69 4.70
N LEU B 616 -53.54 43.68 4.14
CA LEU B 616 -52.26 43.40 3.49
C LEU B 616 -51.25 42.86 4.50
N PHE B 617 -51.25 43.40 5.72
CA PHE B 617 -50.34 42.89 6.74
C PHE B 617 -50.67 41.45 7.11
N LYS B 618 -51.95 41.13 7.26
CA LYS B 618 -52.35 39.76 7.59
C LYS B 618 -51.94 38.80 6.48
N GLU B 619 -52.18 39.19 5.22
CA GLU B 619 -51.81 38.31 4.11
C GLU B 619 -50.30 38.15 4.02
N ALA B 620 -49.54 39.22 4.24
CA ALA B 620 -48.08 39.13 4.22
C ALA B 620 -47.58 38.22 5.34
N MET B 621 -48.16 38.34 6.53
CA MET B 621 -47.74 37.48 7.63
C MET B 621 -48.08 36.02 7.36
N ARG B 622 -49.26 35.76 6.78
CA ARG B 622 -49.62 34.39 6.43
C ARG B 622 -48.65 33.80 5.41
N LEU B 623 -48.34 34.56 4.35
CA LEU B 623 -47.42 34.07 3.33
C LEU B 623 -46.03 33.88 3.90
N ARG B 624 -45.59 34.77 4.79
CA ARG B 624 -44.26 34.63 5.37
C ARG B 624 -44.19 33.46 6.34
N LYS B 625 -45.27 33.15 7.05
CA LYS B 625 -45.28 31.96 7.90
C LYS B 625 -45.24 30.70 7.04
N GLU B 626 -46.01 30.66 5.95
CA GLU B 626 -45.95 29.52 5.05
C GLU B 626 -44.55 29.37 4.45
N LEU B 627 -43.90 30.50 4.14
CA LEU B 627 -42.53 30.46 3.62
C LEU B 627 -41.57 29.91 4.66
N ALA B 628 -41.64 30.41 5.89
CA ALA B 628 -40.77 29.91 6.94
C ALA B 628 -41.00 28.43 7.21
N ALA B 629 -42.22 27.95 6.97
CA ALA B 629 -42.51 26.54 7.16
C ALA B 629 -41.95 25.69 6.03
N ARG B 630 -42.17 26.09 4.78
CA ARG B 630 -41.82 25.29 3.62
C ARG B 630 -40.44 25.60 3.05
N PHE B 631 -39.65 26.44 3.73
CA PHE B 631 -38.35 26.81 3.18
C PHE B 631 -37.41 25.63 2.91
N PRO B 632 -37.30 24.60 3.75
CA PRO B 632 -36.45 23.46 3.35
C PRO B 632 -36.96 22.75 2.11
N GLU B 633 -38.27 22.59 1.99
CA GLU B 633 -38.86 22.00 0.79
C GLU B 633 -38.47 22.78 -0.46
N MET B 634 -38.63 24.10 -0.41
CA MET B 634 -38.30 24.92 -1.57
C MET B 634 -36.80 24.93 -1.85
N GLN B 635 -35.99 24.89 -0.79
CA GLN B 635 -34.55 24.74 -0.97
C GLN B 635 -34.23 23.50 -1.79
N GLN B 636 -34.76 22.35 -1.35
CA GLN B 636 -34.50 21.10 -2.07
C GLN B 636 -35.03 21.17 -3.50
N ARG B 637 -36.23 21.71 -3.68
CA ARG B 637 -36.85 21.74 -5.01
C ARG B 637 -36.02 22.59 -5.97
N TYR B 638 -35.60 23.78 -5.53
CA TYR B 638 -34.83 24.66 -6.41
C TYR B 638 -33.43 24.09 -6.66
N ARG B 639 -32.80 23.50 -5.64
CA ARG B 639 -31.49 22.92 -5.85
C ARG B 639 -31.55 21.71 -6.77
N ALA B 640 -32.69 21.01 -6.81
CA ALA B 640 -32.84 19.89 -7.72
C ALA B 640 -33.16 20.35 -9.13
N ALA B 641 -33.96 21.41 -9.27
CA ALA B 641 -34.36 21.89 -10.58
C ALA B 641 -33.34 22.82 -11.22
N HIS B 642 -32.32 23.26 -10.48
CA HIS B 642 -31.31 24.14 -11.05
C HIS B 642 -30.63 23.61 -12.31
N PRO B 643 -30.22 22.33 -12.39
CA PRO B 643 -29.59 21.88 -13.64
C PRO B 643 -30.49 22.00 -14.86
N GLN B 644 -31.79 21.71 -14.70
CA GLN B 644 -32.71 21.83 -15.83
C GLN B 644 -33.01 23.30 -16.15
N LEU B 645 -32.98 24.18 -15.15
CA LEU B 645 -33.23 25.59 -15.39
C LEU B 645 -32.06 26.28 -16.06
N THR B 646 -30.86 25.72 -15.96
CA THR B 646 -29.68 26.30 -16.59
C THR B 646 -29.24 25.53 -17.83
N SER B 647 -30.04 24.56 -18.28
CA SER B 647 -29.66 23.76 -19.44
C SER B 647 -29.83 24.57 -20.73
N THR B 648 -29.16 24.12 -21.78
CA THR B 648 -29.26 24.79 -23.07
C THR B 648 -30.61 24.53 -23.72
N ALA B 649 -31.16 23.33 -23.55
CA ALA B 649 -32.43 22.99 -24.18
C ALA B 649 -33.57 23.83 -23.64
N ALA B 650 -33.58 24.09 -22.33
CA ALA B 650 -34.64 24.91 -21.75
C ALA B 650 -34.62 26.33 -22.31
N TRP B 651 -33.43 26.92 -22.42
CA TRP B 651 -33.35 28.27 -22.99
C TRP B 651 -33.63 28.28 -24.49
N GLU B 652 -33.28 27.20 -25.19
CA GLU B 652 -33.63 27.11 -26.60
C GLU B 652 -35.14 27.07 -26.78
N ASN B 653 -35.83 26.33 -25.91
CA ASN B 653 -37.30 26.32 -25.95
C ASN B 653 -37.88 27.67 -25.55
N ALA B 654 -37.22 28.36 -24.62
CA ALA B 654 -37.71 29.67 -24.20
C ALA B 654 -37.56 30.72 -25.31
N PHE B 655 -36.45 30.66 -26.05
CA PHE B 655 -36.22 31.61 -27.14
C PHE B 655 -37.16 31.40 -28.32
N GLY B 656 -37.86 30.27 -28.38
CA GLY B 656 -38.66 29.94 -29.53
C GLY B 656 -37.93 29.18 -30.62
N LEU B 657 -36.74 28.67 -30.34
CA LEU B 657 -35.93 27.94 -31.31
C LEU B 657 -36.05 26.42 -31.11
N GLY B 658 -37.27 25.93 -30.86
CA GLY B 658 -37.48 24.52 -30.64
C GLY B 658 -37.31 23.67 -31.88
N GLU C 33 37.08 94.60 2.69
CA GLU C 33 37.19 93.22 2.24
C GLU C 33 35.95 92.43 2.65
N THR C 34 36.16 91.25 3.22
CA THR C 34 35.07 90.39 3.66
C THR C 34 35.42 89.77 5.00
N ARG C 35 34.39 89.58 5.83
CA ARG C 35 34.54 88.93 7.12
C ARG C 35 34.44 87.41 7.04
N ALA C 36 34.12 86.87 5.86
CA ALA C 36 33.96 85.43 5.70
C ALA C 36 35.34 84.77 5.69
N LYS C 37 35.60 83.95 6.71
CA LYS C 37 36.88 83.24 6.83
C LYS C 37 36.75 81.75 6.57
N SER C 38 35.81 81.07 7.20
CA SER C 38 35.67 79.62 7.05
C SER C 38 34.23 79.26 6.69
N LEU C 39 34.06 78.51 5.61
CA LEU C 39 32.73 78.08 5.18
C LEU C 39 32.16 77.06 6.15
N LEU C 40 30.92 77.26 6.57
CA LEU C 40 30.24 76.35 7.47
C LEU C 40 29.08 75.61 6.83
N GLN C 41 28.37 76.24 5.90
CA GLN C 41 27.14 75.67 5.37
C GLN C 41 26.80 76.39 4.07
N ARG C 42 26.84 75.66 2.96
CA ARG C 42 26.47 76.25 1.67
C ARG C 42 24.95 76.33 1.54
N ILE C 43 24.51 77.17 0.60
CA ILE C 43 23.08 77.30 0.30
C ILE C 43 22.80 76.35 -0.86
N ILE C 44 22.36 75.14 -0.52
CA ILE C 44 22.10 74.11 -1.51
C ILE C 44 20.65 74.21 -1.98
N LEU C 45 20.41 73.71 -3.17
CA LEU C 45 19.12 73.84 -3.85
C LEU C 45 18.74 72.50 -4.46
N PRO C 46 17.47 72.30 -4.80
CA PRO C 46 17.03 70.99 -5.28
C PRO C 46 17.69 70.60 -6.59
N ARG C 47 17.45 69.35 -6.99
CA ARG C 47 17.98 68.70 -8.17
C ARG C 47 17.08 68.95 -9.37
N PRO C 48 17.58 68.75 -10.60
CA PRO C 48 16.72 68.91 -11.78
C PRO C 48 15.53 67.95 -11.73
N GLY C 49 14.34 68.52 -11.85
CA GLY C 49 13.12 67.73 -11.77
C GLY C 49 12.82 67.22 -10.37
N GLU C 50 13.18 67.99 -9.35
CA GLU C 50 12.97 67.53 -7.98
C GLU C 50 11.48 67.57 -7.64
N PRO C 51 10.97 66.54 -6.97
CA PRO C 51 9.57 66.58 -6.51
C PRO C 51 9.31 67.79 -5.64
N LEU C 52 8.07 68.29 -5.71
CA LEU C 52 7.73 69.53 -5.02
C LEU C 52 7.82 69.39 -3.51
N ASP C 53 7.45 68.22 -2.97
CA ASP C 53 7.47 68.02 -1.53
C ASP C 53 8.89 68.05 -0.98
N VAL C 54 9.87 67.56 -1.73
CA VAL C 54 11.25 67.61 -1.29
C VAL C 54 11.86 68.99 -1.49
N ARG C 55 11.31 69.80 -2.39
CA ARG C 55 11.81 71.16 -2.59
C ARG C 55 11.62 72.03 -1.36
N THR C 56 10.64 71.70 -0.50
CA THR C 56 10.41 72.49 0.71
C THR C 56 11.57 72.38 1.70
N LEU C 57 12.40 71.34 1.58
CA LEU C 57 13.58 71.24 2.42
C LEU C 57 14.65 72.25 2.05
N TYR C 58 14.54 72.86 0.86
CA TYR C 58 15.54 73.79 0.35
C TYR C 58 15.02 75.22 0.28
N VAL C 59 13.89 75.44 -0.39
CA VAL C 59 13.32 76.77 -0.55
C VAL C 59 11.83 76.71 -0.27
N GLU C 60 11.31 77.75 0.37
CA GLU C 60 9.88 77.89 0.65
C GLU C 60 9.36 79.02 -0.21
N GLU C 61 8.99 78.70 -1.44
N GLU C 61 8.99 78.70 -1.44
CA GLU C 61 8.48 79.70 -2.37
CA GLU C 61 8.48 79.69 -2.37
C GLU C 61 7.10 80.18 -1.95
C GLU C 61 7.11 80.19 -1.92
N SER C 62 6.72 81.35 -2.46
CA SER C 62 5.42 81.93 -2.18
C SER C 62 4.41 81.47 -3.22
N ALA C 63 3.20 81.13 -2.76
CA ALA C 63 2.16 80.68 -3.68
C ALA C 63 1.69 81.78 -4.61
N THR C 64 1.88 83.05 -4.23
CA THR C 64 1.47 84.17 -5.06
C THR C 64 2.41 84.44 -6.21
N ASN C 65 3.57 83.79 -6.24
CA ASN C 65 4.53 83.99 -7.33
C ASN C 65 3.96 83.50 -8.65
N ALA C 66 4.18 84.26 -9.71
CA ALA C 66 3.67 83.90 -11.02
C ALA C 66 4.52 82.88 -11.74
N ARG C 67 5.78 82.71 -11.32
CA ARG C 67 6.68 81.75 -11.94
C ARG C 67 7.41 80.97 -10.86
N ARG C 68 7.54 79.67 -11.06
CA ARG C 68 8.26 78.84 -10.10
C ARG C 68 9.77 79.07 -10.23
N ALA C 69 10.44 79.11 -9.08
CA ALA C 69 11.89 79.31 -9.08
C ALA C 69 12.58 78.12 -9.73
N HIS C 70 13.55 78.41 -10.60
CA HIS C 70 14.29 77.39 -11.33
C HIS C 70 15.75 77.44 -10.91
N ALA C 71 16.25 76.31 -10.38
CA ALA C 71 17.65 76.19 -9.98
C ALA C 71 18.44 75.63 -11.16
N ALA C 72 19.26 76.48 -11.79
CA ALA C 72 20.07 76.02 -12.90
C ALA C 72 21.08 74.97 -12.45
N THR C 73 21.75 75.22 -11.34
CA THR C 73 22.64 74.26 -10.70
C THR C 73 22.16 73.98 -9.28
N ARG C 74 22.88 73.09 -8.59
CA ARG C 74 22.54 72.76 -7.21
C ARG C 74 23.00 73.82 -6.22
N THR C 75 23.68 74.87 -6.68
CA THR C 75 24.14 75.95 -5.81
C THR C 75 23.75 77.33 -6.35
N SER C 76 22.81 77.39 -7.29
CA SER C 76 22.35 78.66 -7.85
C SER C 76 20.85 78.57 -8.10
N LEU C 77 20.17 79.70 -7.93
CA LEU C 77 18.72 79.77 -8.12
C LEU C 77 18.39 80.96 -9.01
N SER C 78 17.28 80.84 -9.74
CA SER C 78 16.82 81.89 -10.63
C SER C 78 15.33 82.14 -10.36
N ILE C 79 15.02 83.30 -9.79
CA ILE C 79 13.64 83.66 -9.48
C ILE C 79 13.20 84.80 -10.38
N GLY C 80 11.92 84.78 -10.76
CA GLY C 80 11.37 85.80 -11.62
C GLY C 80 11.08 87.09 -10.89
N ALA C 81 10.68 88.09 -11.67
CA ALA C 81 10.38 89.40 -11.12
C ALA C 81 9.12 89.35 -10.26
N GLU C 82 9.09 90.21 -9.23
CA GLU C 82 7.96 90.32 -8.30
C GLU C 82 7.63 88.97 -7.68
N SER C 83 8.65 88.36 -7.07
CA SER C 83 8.50 87.07 -6.40
C SER C 83 9.27 87.12 -5.09
N GLU C 84 8.90 86.24 -4.16
CA GLU C 84 9.55 86.15 -2.86
C GLU C 84 9.92 84.70 -2.61
N VAL C 85 11.17 84.46 -2.20
CA VAL C 85 11.66 83.13 -1.89
C VAL C 85 12.28 83.16 -0.49
N SER C 86 11.73 82.37 0.42
CA SER C 86 12.23 82.28 1.77
C SER C 86 13.19 81.10 1.90
N PHE C 87 14.24 81.29 2.70
CA PHE C 87 15.22 80.25 2.96
C PHE C 87 15.16 79.78 4.42
N CYS C 88 13.99 79.90 5.04
CA CYS C 88 13.75 79.36 6.38
C CYS C 88 13.36 77.89 6.26
N THR C 89 14.30 77.11 5.73
CA THR C 89 14.10 75.69 5.44
C THR C 89 15.08 74.86 6.26
N TYR C 90 14.97 73.54 6.12
CA TYR C 90 15.82 72.64 6.89
C TYR C 90 17.27 72.70 6.44
N PHE C 91 17.52 73.01 5.16
CA PHE C 91 18.86 72.95 4.61
C PHE C 91 19.53 74.31 4.44
N ASN C 92 18.76 75.40 4.36
CA ASN C 92 19.33 76.71 4.09
C ASN C 92 19.17 77.68 5.26
N ALA C 93 18.72 77.21 6.41
CA ALA C 93 18.65 78.02 7.62
C ALA C 93 19.73 77.55 8.59
N LEU C 94 20.31 78.50 9.33
CA LEU C 94 21.40 78.20 10.24
C LEU C 94 20.86 77.95 11.64
N PRO C 95 21.04 76.75 12.22
CA PRO C 95 20.65 76.55 13.61
C PRO C 95 21.58 77.28 14.58
N ALA C 96 21.20 78.49 14.97
CA ALA C 96 22.09 79.34 15.75
C ALA C 96 22.23 78.86 17.18
N SER C 97 21.21 78.17 17.71
CA SER C 97 21.27 77.72 19.09
C SER C 97 22.41 76.73 19.32
N TYR C 98 22.58 75.78 18.40
CA TYR C 98 23.63 74.78 18.57
C TYR C 98 25.02 75.40 18.45
N TRP C 99 25.21 76.33 17.51
CA TRP C 99 26.49 77.01 17.38
C TRP C 99 26.78 77.90 18.59
N ARG C 100 25.74 78.48 19.19
CA ARG C 100 25.96 79.28 20.39
C ARG C 100 26.30 78.39 21.58
N ARG C 101 25.70 77.19 21.64
CA ARG C 101 25.85 76.34 22.82
C ARG C 101 27.16 75.56 22.78
N TRP C 102 27.60 75.12 21.61
CA TRP C 102 28.73 74.20 21.52
C TRP C 102 29.93 74.73 20.74
N SER C 103 29.78 75.79 19.96
CA SER C 103 30.87 76.30 19.14
C SER C 103 31.52 77.51 19.80
N ILE C 104 32.75 77.79 19.37
CA ILE C 104 33.53 78.90 19.91
C ILE C 104 33.25 80.16 19.11
N LEU C 105 32.27 80.10 18.22
CA LEU C 105 31.93 81.24 17.37
C LEU C 105 31.06 82.23 18.12
N SER C 106 31.34 83.51 17.92
CA SER C 106 30.55 84.59 18.51
C SER C 106 29.50 85.13 17.56
N ALA C 107 29.71 85.01 16.25
CA ALA C 107 28.76 85.52 15.27
C ALA C 107 28.97 84.79 13.96
N VAL C 108 27.94 84.80 13.12
CA VAL C 108 27.99 84.19 11.81
C VAL C 108 27.94 85.28 10.75
N VAL C 109 28.47 84.96 9.57
CA VAL C 109 28.57 85.90 8.46
C VAL C 109 27.92 85.26 7.24
N LEU C 110 26.76 85.78 6.84
CA LEU C 110 26.09 85.31 5.63
C LEU C 110 26.57 86.13 4.45
N ARG C 111 26.97 85.45 3.38
CA ARG C 111 27.47 86.12 2.18
C ARG C 111 26.78 85.52 0.96
N LEU C 112 26.27 86.40 0.10
CA LEU C 112 25.52 86.00 -1.09
C LEU C 112 26.03 86.76 -2.30
N GLU C 113 25.98 86.10 -3.45
CA GLU C 113 26.29 86.71 -4.74
C GLU C 113 25.01 86.74 -5.56
N LEU C 114 24.60 87.93 -5.99
CA LEU C 114 23.30 88.13 -6.62
C LEU C 114 23.44 88.89 -7.92
N ALA C 115 22.48 88.66 -8.81
CA ALA C 115 22.35 89.41 -10.05
C ALA C 115 20.91 89.86 -10.19
N GLY C 116 20.71 91.11 -10.56
CA GLY C 116 19.40 91.69 -10.66
C GLY C 116 19.14 92.71 -9.55
N HIS C 117 17.89 93.14 -9.47
CA HIS C 117 17.47 94.16 -8.51
C HIS C 117 16.48 93.55 -7.54
N GLY C 118 16.80 93.61 -6.25
CA GLY C 118 15.92 93.03 -5.26
C GLY C 118 16.29 93.46 -3.86
N ARG C 119 15.84 92.64 -2.89
CA ARG C 119 16.09 92.92 -1.48
C ARG C 119 16.29 91.62 -0.73
N VAL C 120 17.25 91.62 0.20
CA VAL C 120 17.53 90.46 1.05
C VAL C 120 17.27 90.88 2.49
N ASP C 121 16.38 90.16 3.16
CA ASP C 121 16.00 90.43 4.54
C ASP C 121 16.40 89.25 5.41
N VAL C 122 17.30 89.48 6.35
CA VAL C 122 17.76 88.45 7.27
C VAL C 122 16.93 88.52 8.55
N TYR C 123 16.32 87.39 8.90
CA TYR C 123 15.52 87.24 10.11
C TYR C 123 16.14 86.20 11.02
N ARG C 124 15.75 86.25 12.30
CA ARG C 124 16.05 85.23 13.29
C ARG C 124 14.76 84.83 13.99
N SER C 125 14.86 83.82 14.85
CA SER C 125 13.71 83.36 15.62
C SER C 125 14.13 83.10 17.06
N LYS C 126 13.14 83.04 17.94
CA LYS C 126 13.37 82.75 19.34
C LYS C 126 13.09 81.28 19.61
N ALA C 127 13.04 80.90 20.90
CA ALA C 127 12.83 79.51 21.27
C ALA C 127 11.42 79.03 20.95
N ASP C 128 10.45 79.94 20.87
CA ASP C 128 9.07 79.58 20.58
C ASP C 128 8.69 79.83 19.13
N GLY C 129 9.66 80.09 18.26
CA GLY C 129 9.38 80.30 16.85
C GLY C 129 8.93 81.69 16.48
N SER C 130 9.13 82.67 17.35
CA SER C 130 8.73 84.04 17.06
C SER C 130 9.72 84.67 16.08
N ARG C 131 9.22 85.14 14.94
CA ARG C 131 10.08 85.73 13.92
C ARG C 131 10.46 87.14 14.32
N ILE C 132 11.75 87.47 14.16
CA ILE C 132 12.29 88.78 14.48
C ILE C 132 13.10 89.26 13.28
N HIS C 133 12.80 90.46 12.81
CA HIS C 133 13.52 91.05 11.68
C HIS C 133 14.88 91.53 12.16
N VAL C 134 15.95 90.88 11.70
CA VAL C 134 17.30 91.26 12.11
C VAL C 134 17.80 92.44 11.27
N GLN C 135 17.88 92.26 9.96
CA GLN C 135 18.43 93.30 9.10
C GLN C 135 17.86 93.15 7.70
N GLY C 136 18.11 94.15 6.86
CA GLY C 136 17.66 94.14 5.48
C GLY C 136 18.45 95.04 4.59
N LYS C 137 18.73 94.60 3.35
CA LYS C 137 19.51 95.38 2.41
C LYS C 137 18.93 95.23 1.01
N GLU C 138 18.77 96.36 0.32
CA GLU C 138 18.36 96.37 -1.07
C GLU C 138 19.60 96.30 -1.95
N PHE C 139 19.58 95.37 -2.92
CA PHE C 139 20.74 95.12 -3.76
C PHE C 139 20.39 95.32 -5.23
N ALA C 140 21.39 95.75 -5.99
CA ALA C 140 21.30 95.88 -7.44
C ALA C 140 22.70 95.76 -8.02
N VAL C 141 22.77 95.49 -9.31
CA VAL C 141 24.04 95.32 -10.00
C VAL C 141 24.50 96.68 -10.53
N ALA C 142 25.70 97.09 -10.15
CA ALA C 142 26.23 98.35 -10.61
C ALA C 142 26.49 98.30 -12.11
N PRO C 143 26.26 99.40 -12.83
CA PRO C 143 26.47 99.39 -14.29
C PRO C 143 27.92 99.13 -14.63
N GLY C 144 28.16 98.07 -15.39
CA GLY C 144 29.49 97.65 -15.80
C GLY C 144 29.89 96.28 -15.30
N THR C 145 29.24 95.78 -14.26
CA THR C 145 29.53 94.47 -13.69
C THR C 145 28.38 93.51 -13.97
N GLU C 146 28.53 92.27 -13.49
CA GLU C 146 27.53 91.24 -13.70
C GLU C 146 26.85 90.76 -12.42
N SER C 147 27.45 91.01 -11.25
CA SER C 147 26.91 90.51 -9.99
C SER C 147 27.16 91.55 -8.90
N VAL C 148 26.80 91.18 -7.67
CA VAL C 148 26.95 92.06 -6.52
C VAL C 148 26.96 91.20 -5.27
N SER C 149 27.80 91.57 -4.31
CA SER C 149 27.95 90.83 -3.07
C SER C 149 27.12 91.48 -1.96
N VAL C 150 26.40 90.65 -1.21
CA VAL C 150 25.62 91.08 -0.06
C VAL C 150 26.10 90.32 1.16
N GLU C 151 26.48 91.05 2.21
CA GLU C 151 27.08 90.43 3.38
C GLU C 151 26.46 90.99 4.65
N PHE C 152 26.21 90.10 5.61
CA PHE C 152 25.67 90.47 6.91
C PHE C 152 26.55 89.87 8.01
N GLU C 153 26.25 90.25 9.25
CA GLU C 153 26.95 89.70 10.41
C GLU C 153 26.06 89.89 11.63
N THR C 154 25.56 88.80 12.20
CA THR C 154 24.67 88.84 13.36
C THR C 154 25.26 87.99 14.47
N ASP C 155 25.25 88.54 15.69
CA ASP C 155 25.78 87.82 16.84
C ASP C 155 24.92 86.62 17.19
N LEU C 156 25.56 85.60 17.75
CA LEU C 156 24.85 84.44 18.29
C LEU C 156 24.49 84.66 19.75
N GLY C 157 23.80 85.76 20.02
CA GLY C 157 23.46 86.16 21.37
C GLY C 157 22.10 85.67 21.83
N PRO C 158 21.03 86.11 21.17
CA PRO C 158 19.67 85.72 21.58
C PRO C 158 19.28 84.33 21.07
N PHE C 159 20.04 83.31 21.50
CA PHE C 159 19.75 81.93 21.10
C PHE C 159 20.07 80.98 22.25
N GLU C 160 19.66 81.35 23.46
CA GLU C 160 20.02 80.56 24.64
C GLU C 160 19.30 79.21 24.64
N ASP C 161 17.98 79.22 24.45
CA ASP C 161 17.18 78.01 24.46
C ASP C 161 16.76 77.55 23.08
N GLY C 162 17.12 78.29 22.03
CA GLY C 162 16.75 77.91 20.68
C GLY C 162 16.72 79.11 19.77
N GLY C 163 16.52 78.81 18.49
CA GLY C 163 16.41 79.85 17.47
C GLY C 163 17.22 79.56 16.22
N TRP C 164 16.69 80.01 15.08
CA TRP C 164 17.32 79.86 13.79
C TRP C 164 17.66 81.23 13.23
N ILE C 165 18.41 81.24 12.13
CA ILE C 165 18.75 82.45 11.38
C ILE C 165 18.60 82.13 9.91
N TRP C 166 17.78 82.91 9.20
CA TRP C 166 17.54 82.67 7.78
C TRP C 166 17.44 84.01 7.06
N PHE C 167 17.22 83.94 5.75
CA PHE C 167 17.08 85.13 4.92
C PHE C 167 16.04 84.87 3.84
N ASP C 168 15.35 85.95 3.45
CA ASP C 168 14.39 85.92 2.37
C ASP C 168 14.85 86.87 1.26
N ILE C 169 14.55 86.49 0.02
CA ILE C 169 14.89 87.29 -1.15
C ILE C 169 13.59 87.71 -1.83
N THR C 170 13.33 89.01 -1.84
CA THR C 170 12.17 89.57 -2.53
C THR C 170 12.66 90.31 -3.76
N SER C 171 12.23 89.86 -4.93
CA SER C 171 12.75 90.36 -6.20
C SER C 171 11.88 91.49 -6.74
N ASP C 172 12.53 92.49 -7.33
CA ASP C 172 11.87 93.51 -8.12
C ASP C 172 11.94 93.19 -9.61
N THR C 173 13.11 92.83 -10.11
CA THR C 173 13.31 92.32 -11.45
C THR C 173 13.68 90.84 -11.35
N ALA C 174 14.03 90.25 -12.50
CA ALA C 174 14.48 88.87 -12.52
C ALA C 174 15.79 88.74 -11.76
N VAL C 175 15.78 88.00 -10.66
CA VAL C 175 16.93 87.89 -9.78
C VAL C 175 17.53 86.49 -9.90
N THR C 176 18.85 86.41 -9.77
CA THR C 176 19.57 85.15 -9.83
C THR C 176 20.58 85.11 -8.69
N LEU C 177 20.40 84.16 -7.78
CA LEU C 177 21.37 83.90 -6.72
C LEU C 177 22.43 82.96 -7.27
N LEU C 178 23.64 83.50 -7.50
CA LEU C 178 24.71 82.72 -8.10
C LEU C 178 25.32 81.75 -7.09
N ALA C 179 25.62 82.23 -5.90
CA ALA C 179 26.18 81.38 -4.85
C ALA C 179 25.88 82.02 -3.50
N GLY C 180 25.99 81.21 -2.45
CA GLY C 180 25.74 81.70 -1.11
C GLY C 180 26.20 80.68 -0.09
N GLY C 181 26.30 81.14 1.15
CA GLY C 181 26.72 80.28 2.24
C GLY C 181 26.97 81.01 3.54
N TRP C 182 26.95 80.27 4.65
CA TRP C 182 27.25 80.81 5.95
C TRP C 182 28.74 80.63 6.24
N TYR C 183 29.32 81.61 6.93
CA TYR C 183 30.75 81.61 7.20
C TYR C 183 31.00 82.04 8.63
N ALA C 184 32.13 81.59 9.16
CA ALA C 184 32.73 81.94 10.43
C ALA C 184 33.85 82.96 10.22
N PRO C 185 33.86 84.02 11.04
CA PRO C 185 34.86 85.08 10.89
C PRO C 185 36.25 84.71 11.40
N ILE C 186 36.49 83.44 11.73
CA ILE C 186 37.81 82.96 12.13
C ILE C 186 38.10 81.67 11.37
N GLU C 187 39.38 81.39 11.18
CA GLU C 187 39.78 80.18 10.47
C GLU C 187 39.47 78.95 11.30
N ALA C 188 39.25 77.83 10.60
CA ALA C 188 38.88 76.60 11.28
C ALA C 188 40.13 75.90 11.82
N PRO C 189 40.14 75.51 13.10
CA PRO C 189 41.31 74.83 13.65
C PRO C 189 41.48 73.44 13.04
N GLY C 190 42.71 72.96 13.09
CA GLY C 190 43.03 71.64 12.58
C GLY C 190 43.11 71.59 11.06
N ALA C 191 43.18 70.37 10.56
CA ALA C 191 43.27 70.13 9.13
C ALA C 191 41.94 69.73 8.50
N GLY C 192 41.04 69.14 9.27
CA GLY C 192 39.75 68.76 8.74
C GLY C 192 39.73 67.47 7.95
N THR C 193 40.67 66.56 8.21
CA THR C 193 40.70 65.28 7.52
C THR C 193 39.74 64.31 8.19
N ILE C 194 38.96 63.60 7.38
CA ILE C 194 37.95 62.67 7.88
C ILE C 194 38.13 61.33 7.18
N ALA C 195 37.87 60.26 7.92
CA ALA C 195 37.88 58.90 7.38
C ALA C 195 36.47 58.35 7.48
N CYS C 196 35.80 58.20 6.34
CA CYS C 196 34.42 57.72 6.30
C CYS C 196 34.41 56.20 6.26
N GLY C 197 33.45 55.60 6.96
CA GLY C 197 33.38 54.15 7.04
C GLY C 197 31.97 53.60 7.09
N MET C 198 31.70 52.58 6.27
CA MET C 198 30.37 52.02 6.12
C MET C 198 30.44 50.49 6.24
N PRO C 199 29.79 49.89 7.23
CA PRO C 199 29.64 48.43 7.23
C PRO C 199 28.50 48.01 6.30
N THR C 200 28.77 47.00 5.47
CA THR C 200 27.80 46.54 4.49
C THR C 200 27.58 45.04 4.64
N PHE C 201 26.42 44.57 4.15
CA PHE C 201 26.09 43.15 4.22
C PHE C 201 25.06 42.87 3.12
N ASN C 202 25.53 42.36 1.99
CA ASN C 202 24.68 41.93 0.87
C ASN C 202 23.82 43.07 0.34
N ARG C 203 24.41 44.27 0.25
CA ARG C 203 23.76 45.43 -0.35
C ARG C 203 24.76 46.14 -1.25
N PRO C 204 25.13 45.52 -2.37
CA PRO C 204 26.20 46.08 -3.21
C PRO C 204 25.77 47.28 -4.03
N THR C 205 24.55 47.27 -4.56
CA THR C 205 24.09 48.38 -5.39
C THR C 205 23.97 49.66 -4.57
N ASP C 206 23.36 49.57 -3.38
CA ASP C 206 23.22 50.75 -2.53
C ASP C 206 24.58 51.25 -2.08
N LEU C 207 25.53 50.34 -1.82
CA LEU C 207 26.86 50.77 -1.42
C LEU C 207 27.59 51.45 -2.56
N VAL C 208 27.42 50.97 -3.79
CA VAL C 208 28.02 51.63 -4.95
C VAL C 208 27.43 53.02 -5.12
N LYS C 209 26.11 53.15 -4.95
CA LYS C 209 25.48 54.47 -5.05
C LYS C 209 25.98 55.40 -3.95
N THR C 210 26.17 54.86 -2.74
CA THR C 210 26.69 55.68 -1.65
C THR C 210 28.12 56.13 -1.93
N LEU C 211 28.95 55.24 -2.48
CA LEU C 211 30.32 55.63 -2.84
C LEU C 211 30.31 56.69 -3.93
N GLY C 212 29.43 56.56 -4.91
CA GLY C 212 29.32 57.58 -5.94
C GLY C 212 28.90 58.92 -5.38
N ALA C 213 27.94 58.92 -4.46
CA ALA C 213 27.53 60.17 -3.82
C ALA C 213 28.64 60.75 -2.96
N LEU C 214 29.44 59.89 -2.32
CA LEU C 214 30.54 60.38 -1.49
C LEU C 214 31.65 60.98 -2.34
N GLY C 215 31.89 60.43 -3.52
CA GLY C 215 32.90 60.96 -4.42
C GLY C 215 32.41 61.98 -5.42
N SER C 216 31.11 62.30 -5.42
CA SER C 216 30.57 63.23 -6.40
C SER C 216 30.83 64.69 -6.06
N ASP C 217 31.13 65.01 -4.80
CA ASP C 217 31.35 66.39 -4.39
C ASP C 217 32.85 66.63 -4.26
N PRO C 218 33.41 67.58 -5.01
CA PRO C 218 34.87 67.83 -4.89
C PRO C 218 35.27 68.42 -3.56
N LEU C 219 34.43 69.23 -2.93
CA LEU C 219 34.77 69.78 -1.62
C LEU C 219 34.85 68.70 -0.56
N VAL C 220 33.95 67.71 -0.62
CA VAL C 220 33.97 66.64 0.36
C VAL C 220 35.16 65.71 0.11
N LEU C 221 35.50 65.48 -1.17
CA LEU C 221 36.66 64.65 -1.48
C LEU C 221 37.96 65.28 -1.01
N GLY C 222 38.02 66.61 -0.98
CA GLY C 222 39.20 67.30 -0.49
C GLY C 222 39.46 67.13 1.00
N GLN C 223 38.48 66.60 1.75
CA GLN C 223 38.64 66.37 3.17
C GLN C 223 38.74 64.89 3.54
N VAL C 224 38.28 63.99 2.67
CA VAL C 224 38.30 62.56 2.97
C VAL C 224 39.69 62.02 2.72
N ALA C 225 40.28 61.41 3.75
CA ALA C 225 41.57 60.73 3.62
C ALA C 225 41.42 59.24 3.35
N ALA C 226 40.29 58.64 3.69
CA ALA C 226 40.08 57.23 3.48
C ALA C 226 38.58 56.91 3.51
N VAL C 227 38.18 55.92 2.72
CA VAL C 227 36.82 55.42 2.70
C VAL C 227 36.91 53.93 3.00
N ILE C 228 36.55 53.54 4.21
CA ILE C 228 36.69 52.17 4.69
C ILE C 228 35.37 51.43 4.52
N VAL C 229 35.43 50.23 3.96
CA VAL C 229 34.26 49.41 3.74
C VAL C 229 34.56 48.00 4.25
N ALA C 230 33.84 47.58 5.29
CA ALA C 230 33.99 46.24 5.86
C ALA C 230 32.87 45.37 5.29
N ASP C 231 33.20 44.59 4.27
CA ASP C 231 32.21 43.76 3.58
C ASP C 231 32.01 42.46 4.36
N GLN C 232 30.87 42.35 5.04
CA GLN C 232 30.54 41.19 5.85
C GLN C 232 29.63 40.20 5.12
N GLY C 233 29.18 40.52 3.92
CA GLY C 233 28.30 39.65 3.16
C GLY C 233 29.03 38.83 2.11
N ASN C 234 28.27 37.94 1.48
CA ASN C 234 28.83 37.08 0.44
C ASN C 234 28.79 37.72 -0.95
N ARG C 235 27.78 38.56 -1.23
CA ARG C 235 27.73 39.29 -2.48
C ARG C 235 28.60 40.54 -2.32
N LYS C 236 29.86 40.41 -2.73
CA LYS C 236 30.83 41.48 -2.54
C LYS C 236 30.50 42.68 -3.43
N VAL C 237 30.90 43.86 -2.95
CA VAL C 237 30.65 45.10 -3.71
C VAL C 237 31.64 45.27 -4.85
N VAL C 238 32.76 44.55 -4.83
CA VAL C 238 33.74 44.67 -5.91
C VAL C 238 33.19 44.06 -7.19
N ASP C 239 32.40 42.99 -7.09
CA ASP C 239 31.82 42.32 -8.25
C ASP C 239 30.54 42.99 -8.75
N GLU C 240 30.23 44.19 -8.27
CA GLU C 240 29.02 44.92 -8.64
C GLU C 240 29.31 45.87 -9.80
N PRO C 241 28.43 45.89 -10.81
CA PRO C 241 28.59 46.87 -11.89
C PRO C 241 28.45 48.30 -11.36
N GLY C 242 29.18 49.21 -11.99
CA GLY C 242 29.23 50.59 -11.55
C GLY C 242 30.17 50.85 -10.38
N PHE C 243 30.81 49.81 -9.84
CA PHE C 243 31.72 50.00 -8.71
C PHE C 243 33.10 50.49 -9.16
N ASP C 244 33.55 50.07 -10.34
CA ASP C 244 34.89 50.42 -10.78
C ASP C 244 35.04 51.93 -10.98
N GLU C 245 34.00 52.57 -11.51
CA GLU C 245 34.08 54.02 -11.74
C GLU C 245 34.12 54.78 -10.42
N ALA C 246 33.27 54.41 -9.47
CA ALA C 246 33.30 55.06 -8.16
C ALA C 246 34.62 54.82 -7.45
N ALA C 247 35.18 53.62 -7.60
CA ALA C 247 36.47 53.32 -6.99
C ALA C 247 37.57 54.16 -7.62
N ALA C 248 37.56 54.31 -8.95
CA ALA C 248 38.56 55.15 -9.61
C ALA C 248 38.40 56.61 -9.21
N VAL C 249 37.18 57.08 -9.00
CA VAL C 249 36.97 58.46 -8.56
C VAL C 249 37.49 58.65 -7.14
N LEU C 250 37.21 57.69 -6.25
CA LEU C 250 37.69 57.81 -4.87
C LEU C 250 39.20 57.65 -4.77
N GLY C 251 39.81 56.89 -5.69
CA GLY C 251 41.25 56.74 -5.68
C GLY C 251 41.74 55.76 -4.63
N ASP C 252 42.92 56.05 -4.08
CA ASP C 252 43.52 55.20 -3.06
C ASP C 252 42.77 55.25 -1.74
N ARG C 253 41.81 56.16 -1.59
CA ARG C 253 41.06 56.27 -0.33
C ARG C 253 40.30 54.98 -0.03
N LEU C 254 39.74 54.35 -1.06
CA LEU C 254 38.86 53.21 -0.86
C LEU C 254 39.65 52.01 -0.37
N VAL C 255 39.33 51.54 0.83
CA VAL C 255 39.94 50.37 1.45
C VAL C 255 38.82 49.41 1.81
N ILE C 256 38.78 48.25 1.15
CA ILE C 256 37.74 47.25 1.34
C ILE C 256 38.36 46.08 2.09
N ARG C 257 37.88 45.85 3.32
CA ARG C 257 38.28 44.71 4.12
C ARG C 257 37.18 43.66 4.13
N ASP C 258 37.57 42.43 4.43
CA ASP C 258 36.65 41.30 4.45
C ASP C 258 36.71 40.61 5.81
N GLN C 259 35.55 40.21 6.31
CA GLN C 259 35.44 39.55 7.61
C GLN C 259 34.08 38.88 7.68
N PRO C 260 33.90 37.90 8.56
CA PRO C 260 32.59 37.29 8.73
C PRO C 260 31.56 38.30 9.20
N ASN C 261 30.28 37.90 9.11
CA ASN C 261 29.18 38.77 9.49
C ASN C 261 29.13 38.95 11.00
N LEU C 262 29.85 39.94 11.52
CA LEU C 262 29.84 40.27 12.93
C LEU C 262 28.78 41.29 13.29
N GLY C 263 27.88 41.60 12.37
CA GLY C 263 26.84 42.56 12.62
C GLY C 263 27.33 44.00 12.51
N GLY C 264 26.44 44.91 12.87
CA GLY C 264 26.79 46.32 12.85
C GLY C 264 27.90 46.66 13.83
N SER C 265 27.87 46.04 15.01
CA SER C 265 28.94 46.28 15.99
C SER C 265 30.30 45.90 15.40
N GLY C 266 30.41 44.70 14.84
CA GLY C 266 31.66 44.28 14.25
C GLY C 266 32.08 45.14 13.06
N GLY C 267 31.11 45.52 12.23
CA GLY C 267 31.44 46.34 11.07
C GLY C 267 31.98 47.70 11.45
N TYR C 268 31.28 48.39 12.36
CA TYR C 268 31.74 49.70 12.79
C TYR C 268 33.04 49.60 13.61
N SER C 269 33.22 48.51 14.36
CA SER C 269 34.48 48.34 15.08
C SER C 269 35.64 48.15 14.11
N ARG C 270 35.43 47.38 13.04
CA ARG C 270 36.46 47.23 12.02
C ARG C 270 36.75 48.55 11.32
N VAL C 271 35.71 49.33 11.04
CA VAL C 271 35.89 50.64 10.43
C VAL C 271 36.76 51.52 11.32
N MET C 272 36.41 51.62 12.61
CA MET C 272 37.16 52.46 13.53
C MET C 272 38.59 51.96 13.71
N TYR C 273 38.76 50.63 13.74
CA TYR C 273 40.10 50.06 13.88
C TYR C 273 40.97 50.42 12.69
N GLU C 274 40.45 50.24 11.47
CA GLU C 274 41.21 50.62 10.28
C GLU C 274 41.52 52.10 10.27
N ALA C 275 40.55 52.94 10.65
CA ALA C 275 40.76 54.38 10.64
C ALA C 275 41.83 54.79 11.65
N LEU C 276 41.84 54.18 12.83
CA LEU C 276 42.80 54.56 13.85
C LEU C 276 44.18 53.96 13.59
N LYS C 277 44.25 52.84 12.88
CA LYS C 277 45.53 52.18 12.69
C LYS C 277 46.24 52.61 11.41
N ASN C 278 45.52 52.69 10.28
CA ASN C 278 46.17 52.87 8.99
C ASN C 278 45.99 54.26 8.38
N THR C 279 45.08 55.07 8.90
CA THR C 279 44.84 56.40 8.36
C THR C 279 45.19 57.46 9.40
N ASP C 280 45.78 58.55 8.95
CA ASP C 280 46.16 59.67 9.83
C ASP C 280 45.11 60.77 9.77
N ALA C 281 43.85 60.41 9.90
CA ALA C 281 42.75 61.37 9.87
C ALA C 281 42.49 61.92 11.26
N GLU C 282 41.78 63.06 11.30
CA GLU C 282 41.44 63.70 12.56
C GLU C 282 40.04 63.33 13.06
N TYR C 283 39.16 62.84 12.19
CA TYR C 283 37.81 62.47 12.56
C TYR C 283 37.42 61.19 11.83
N ILE C 284 36.52 60.43 12.46
CA ILE C 284 35.95 59.22 11.87
C ILE C 284 34.47 59.49 11.62
N VAL C 285 34.00 59.14 10.42
CA VAL C 285 32.62 59.40 10.01
C VAL C 285 31.94 58.05 9.82
N TYR C 286 31.24 57.59 10.85
CA TYR C 286 30.40 56.42 10.72
C TYR C 286 29.24 56.71 9.78
N MET C 287 29.04 55.85 8.79
CA MET C 287 27.91 55.94 7.88
C MET C 287 27.28 54.56 7.74
N ASP C 288 26.16 54.50 7.04
CA ASP C 288 25.49 53.25 6.72
C ASP C 288 25.59 52.99 5.23
N ASP C 289 25.52 51.71 4.85
CA ASP C 289 25.69 51.32 3.46
C ASP C 289 24.46 51.63 2.61
N ASP C 290 23.30 51.86 3.24
CA ASP C 290 22.07 52.10 2.48
C ASP C 290 21.48 53.47 2.77
N ILE C 291 22.27 54.52 2.60
CA ILE C 291 21.82 55.89 2.84
C ILE C 291 21.99 56.71 1.57
N GLU C 292 21.12 57.70 1.42
CA GLU C 292 21.22 58.68 0.34
C GLU C 292 21.89 59.93 0.92
N ILE C 293 23.14 60.17 0.52
CA ILE C 293 23.97 61.17 1.15
C ILE C 293 23.74 62.53 0.49
N GLU C 294 23.40 63.53 1.30
CA GLU C 294 23.51 64.93 0.89
C GLU C 294 24.94 65.37 1.20
N PRO C 295 25.76 65.69 0.19
CA PRO C 295 27.21 65.83 0.43
C PRO C 295 27.58 66.96 1.35
N ASP C 296 26.80 68.05 1.39
CA ASP C 296 27.16 69.18 2.23
C ASP C 296 26.91 68.90 3.71
N SER C 297 26.11 67.88 4.03
CA SER C 297 25.88 67.54 5.44
C SER C 297 27.17 67.09 6.10
N ILE C 298 28.02 66.37 5.36
CA ILE C 298 29.31 65.94 5.90
C ILE C 298 30.16 67.15 6.24
N LEU C 299 30.20 68.15 5.35
CA LEU C 299 30.97 69.35 5.60
C LEU C 299 30.41 70.13 6.77
N ARG C 300 29.08 70.17 6.91
CA ARG C 300 28.49 70.86 8.05
C ARG C 300 28.85 70.20 9.36
N ALA C 301 28.77 68.86 9.41
CA ALA C 301 29.15 68.14 10.61
C ALA C 301 30.63 68.35 10.93
N LEU C 302 31.48 68.35 9.89
CA LEU C 302 32.90 68.57 10.10
C LEU C 302 33.18 69.97 10.65
N ALA C 303 32.50 70.97 10.09
CA ALA C 303 32.70 72.35 10.56
C ALA C 303 32.19 72.51 11.99
N PHE C 304 31.09 71.84 12.34
CA PHE C 304 30.58 71.92 13.71
C PHE C 304 31.49 71.18 14.68
N ALA C 305 32.20 70.14 14.20
CA ALA C 305 33.13 69.42 15.06
C ALA C 305 34.45 70.15 15.24
N ARG C 306 34.89 70.89 14.22
CA ARG C 306 36.18 71.57 14.30
C ARG C 306 36.10 72.81 15.19
N PHE C 307 34.98 73.53 15.14
CA PHE C 307 34.79 74.74 15.93
C PHE C 307 34.25 74.45 17.33
N ALA C 308 34.22 73.19 17.75
CA ALA C 308 33.68 72.84 19.05
C ALA C 308 34.58 73.37 20.17
N LYS C 309 33.94 73.70 21.30
CA LYS C 309 34.69 74.15 22.47
C LYS C 309 35.61 73.04 22.97
N SER C 310 35.05 71.88 23.23
CA SER C 310 35.77 70.68 23.59
C SER C 310 35.46 69.58 22.58
N PRO C 311 36.30 68.55 22.48
CA PRO C 311 36.00 67.44 21.57
C PRO C 311 34.64 66.82 21.89
N MET C 312 33.87 66.56 20.84
CA MET C 312 32.50 66.09 21.01
C MET C 312 32.08 65.30 19.77
N LEU C 313 31.05 64.47 19.96
CA LEU C 313 30.46 63.73 18.85
C LEU C 313 29.40 64.60 18.18
N VAL C 314 29.52 64.76 16.87
CA VAL C 314 28.59 65.55 16.08
C VAL C 314 27.85 64.59 15.16
N GLY C 315 26.65 64.17 15.59
CA GLY C 315 25.86 63.27 14.77
C GLY C 315 24.87 64.01 13.89
N GLY C 316 24.47 63.33 12.82
CA GLY C 316 23.51 63.87 11.88
C GLY C 316 22.12 63.32 12.11
N GLN C 317 21.14 64.00 11.50
CA GLN C 317 19.75 63.58 11.61
C GLN C 317 19.40 62.64 10.46
N MET C 318 18.20 62.07 10.54
CA MET C 318 17.74 61.08 9.57
C MET C 318 16.46 61.56 8.92
N LEU C 319 16.49 61.72 7.60
CA LEU C 319 15.29 61.95 6.83
C LEU C 319 14.75 60.63 6.30
N ASN C 320 13.42 60.53 6.24
CA ASN C 320 12.79 59.29 5.80
C ASN C 320 13.12 59.02 4.35
N LEU C 321 13.76 57.88 4.08
CA LEU C 321 14.13 57.53 2.71
C LEU C 321 12.90 57.28 1.85
N GLN C 322 11.79 56.89 2.45
CA GLN C 322 10.56 56.63 1.71
C GLN C 322 9.67 57.85 1.60
N GLU C 323 9.68 58.73 2.61
CA GLU C 323 9.02 60.03 2.55
C GLU C 323 10.11 61.07 2.73
N ARG C 324 10.73 61.48 1.63
CA ARG C 324 11.96 62.26 1.65
C ARG C 324 11.77 63.67 2.23
N SER C 325 10.54 64.15 2.39
CA SER C 325 10.30 65.46 2.97
C SER C 325 10.03 65.39 4.47
N HIS C 326 10.22 64.22 5.09
CA HIS C 326 9.93 64.02 6.51
C HIS C 326 11.21 63.87 7.30
N LEU C 327 11.34 64.63 8.37
CA LEU C 327 12.43 64.46 9.33
C LEU C 327 11.98 63.47 10.41
N HIS C 328 12.81 62.47 10.67
CA HIS C 328 12.41 61.41 11.60
C HIS C 328 12.44 61.88 13.05
N SER C 329 13.61 62.33 13.52
CA SER C 329 13.74 62.71 14.92
C SER C 329 14.72 63.88 15.04
N MET C 330 14.40 64.80 15.96
CA MET C 330 15.31 65.89 16.28
C MET C 330 16.35 65.47 17.31
N GLY C 331 16.05 64.48 18.14
CA GLY C 331 16.99 64.03 19.15
C GLY C 331 16.50 62.79 19.83
N GLU C 332 17.45 62.05 20.40
CA GLU C 332 17.18 60.80 21.09
C GLU C 332 17.86 60.80 22.45
N VAL C 333 17.12 60.41 23.49
CA VAL C 333 17.67 60.26 24.83
C VAL C 333 17.32 58.86 25.33
N VAL C 334 17.69 58.58 26.58
CA VAL C 334 17.39 57.30 27.22
C VAL C 334 16.80 57.58 28.60
N ASP C 335 15.59 57.09 28.83
CA ASP C 335 14.96 57.17 30.14
C ASP C 335 15.69 56.24 31.10
N ARG C 336 16.16 56.79 32.22
CA ARG C 336 16.95 56.06 33.20
C ARG C 336 16.11 55.30 34.21
N GLY C 337 14.79 55.47 34.20
CA GLY C 337 13.92 54.71 35.08
C GLY C 337 13.83 53.26 34.65
N ILE C 338 13.11 53.01 33.55
CA ILE C 338 13.09 51.67 32.95
C ILE C 338 14.27 51.45 32.02
N PHE C 339 15.14 52.45 31.85
CA PHE C 339 16.28 52.40 30.95
C PHE C 339 15.85 52.01 29.55
N MET C 340 15.32 52.97 28.79
CA MET C 340 14.82 52.69 27.45
C MET C 340 15.02 53.92 26.58
N TRP C 341 15.52 53.72 25.36
CA TRP C 341 15.76 54.83 24.47
C TRP C 341 14.43 55.37 23.91
N THR C 342 14.33 56.68 23.81
CA THR C 342 13.11 57.34 23.37
C THR C 342 13.48 58.70 22.79
N SER C 343 12.47 59.44 22.36
CA SER C 343 12.69 60.78 21.84
C SER C 343 13.08 61.74 22.94
N ALA C 344 13.92 62.71 22.61
CA ALA C 344 14.34 63.72 23.55
C ALA C 344 13.16 64.61 23.94
N PRO C 345 13.28 65.35 25.03
CA PRO C 345 12.23 66.33 25.37
C PRO C 345 12.04 67.33 24.24
N ASN C 346 10.79 67.75 24.05
CA ASN C 346 10.41 68.69 23.00
C ASN C 346 10.70 68.13 21.60
N VAL C 347 10.62 66.81 21.45
CA VAL C 347 10.87 66.15 20.17
C VAL C 347 9.70 65.22 19.86
N GLU C 348 9.15 65.35 18.66
CA GLU C 348 8.09 64.48 18.17
C GLU C 348 8.53 63.84 16.87
N TYR C 349 8.31 62.54 16.74
CA TYR C 349 8.76 61.81 15.56
C TYR C 349 7.94 62.21 14.34
N ASP C 350 8.57 62.07 13.16
CA ASP C 350 7.94 62.28 11.87
C ASP C 350 7.40 63.69 11.71
N HIS C 351 8.19 64.57 11.08
CA HIS C 351 7.80 65.95 10.84
C HIS C 351 7.87 66.22 9.34
N ASP C 352 6.71 66.44 8.72
CA ASP C 352 6.63 66.72 7.29
C ASP C 352 6.85 68.21 7.06
N PHE C 353 7.94 68.56 6.39
CA PHE C 353 8.20 69.95 6.05
C PHE C 353 7.39 70.44 4.86
N ALA C 354 6.94 69.53 3.99
CA ALA C 354 6.12 69.93 2.85
C ALA C 354 4.73 70.37 3.30
N LYS C 355 4.23 69.79 4.39
CA LYS C 355 2.93 70.16 4.93
C LYS C 355 3.06 71.23 6.02
N HIS C 356 3.97 71.02 6.97
CA HIS C 356 4.22 71.95 8.06
C HIS C 356 5.62 72.54 7.91
N PRO C 357 5.78 73.66 7.20
CA PRO C 357 7.11 74.25 7.05
C PRO C 357 7.62 74.81 8.37
N LEU C 358 8.90 75.19 8.36
CA LEU C 358 9.53 75.72 9.56
C LEU C 358 8.89 77.03 10.01
N LYS C 359 8.22 77.75 9.11
CA LYS C 359 7.57 79.00 9.47
C LYS C 359 6.29 78.79 10.26
N ASP C 360 5.68 77.61 10.16
CA ASP C 360 4.40 77.34 10.83
C ASP C 360 4.62 77.24 12.33
N ARG C 361 4.20 78.28 13.06
CA ARG C 361 4.39 78.30 14.50
C ARG C 361 3.40 77.41 15.25
N ASP C 362 2.36 76.91 14.58
CA ASP C 362 1.40 76.04 15.24
C ASP C 362 1.87 74.59 15.25
N ASN C 363 2.57 74.15 14.22
CA ASN C 363 3.00 72.75 14.11
C ASN C 363 4.50 72.56 14.12
N SER C 364 5.30 73.63 14.07
CA SER C 364 6.76 73.50 14.04
C SER C 364 7.43 74.34 15.12
N LYS C 365 6.69 74.72 16.16
CA LYS C 365 7.27 75.54 17.23
C LYS C 365 8.29 74.76 18.05
N LEU C 366 8.25 73.43 18.02
CA LEU C 366 9.22 72.64 18.77
C LEU C 366 10.57 72.56 18.08
N LEU C 367 10.62 72.74 16.75
CA LEU C 367 11.89 72.70 16.04
C LEU C 367 12.78 73.89 16.35
N HIS C 368 12.22 74.94 16.93
CA HIS C 368 12.98 76.12 17.30
C HIS C 368 13.54 76.04 18.72
N ARG C 369 13.52 74.87 19.33
CA ARG C 369 14.12 74.64 20.64
C ARG C 369 15.38 73.79 20.49
N ARG C 370 16.42 74.17 21.23
CA ARG C 370 17.66 73.40 21.21
C ARG C 370 17.45 72.05 21.87
N ILE C 371 17.78 70.98 21.15
CA ILE C 371 17.54 69.62 21.62
C ILE C 371 18.85 69.04 22.13
N ASP C 372 18.85 68.62 23.40
CA ASP C 372 19.99 67.97 24.02
C ASP C 372 19.77 66.47 24.00
N VAL C 373 20.73 65.74 23.45
CA VAL C 373 20.60 64.29 23.26
C VAL C 373 21.61 63.57 24.14
N ASP C 374 21.37 62.28 24.31
CA ASP C 374 22.30 61.41 25.02
C ASP C 374 23.17 60.57 24.08
N PHE C 375 22.73 60.36 22.85
CA PHE C 375 23.49 59.60 21.86
C PHE C 375 23.00 60.01 20.48
N ASN C 376 23.57 59.37 19.46
CA ASN C 376 23.16 59.61 18.09
C ASN C 376 23.41 58.34 17.28
N GLY C 377 22.56 58.12 16.28
CA GLY C 377 22.69 56.94 15.45
C GLY C 377 23.94 57.00 14.59
N TRP C 378 24.33 55.82 14.10
CA TRP C 378 25.54 55.68 13.30
C TRP C 378 25.26 55.70 11.80
N TRP C 379 24.10 56.22 11.38
CA TRP C 379 23.87 56.46 9.97
C TRP C 379 24.76 57.59 9.45
N THR C 380 25.02 58.60 10.28
CA THR C 380 26.01 59.64 9.98
C THR C 380 26.46 60.21 11.32
N CYS C 381 27.67 59.85 11.74
CA CYS C 381 28.16 60.26 13.05
C CYS C 381 29.64 60.62 12.96
N VAL C 382 30.00 61.80 13.45
CA VAL C 382 31.37 62.28 13.43
C VAL C 382 31.95 62.14 14.83
N ILE C 383 32.99 61.33 14.95
CA ILE C 383 33.66 61.05 16.21
C ILE C 383 35.10 61.52 16.09
N PRO C 384 35.58 62.40 16.96
CA PRO C 384 36.99 62.83 16.89
C PRO C 384 37.93 61.66 17.15
N ARG C 385 39.13 61.76 16.58
CA ARG C 385 40.13 60.72 16.75
C ARG C 385 40.54 60.59 18.22
N GLN C 386 40.63 61.72 18.92
CA GLN C 386 40.97 61.70 20.34
C GLN C 386 39.95 60.88 21.14
N VAL C 387 38.66 61.11 20.88
CA VAL C 387 37.62 60.37 21.59
C VAL C 387 37.68 58.88 21.27
N ALA C 388 37.86 58.55 20.00
CA ALA C 388 37.91 57.14 19.60
C ALA C 388 39.12 56.44 20.21
N GLU C 389 40.24 57.14 20.35
CA GLU C 389 41.43 56.53 20.93
C GLU C 389 41.35 56.45 22.45
N GLN C 390 40.62 57.37 23.09
CA GLN C 390 40.56 57.37 24.55
C GLN C 390 39.50 56.40 25.07
N ILE C 391 38.29 56.44 24.50
CA ILE C 391 37.20 55.63 25.05
C ILE C 391 37.16 54.21 24.51
N GLY C 392 37.77 53.95 23.36
CA GLY C 392 37.90 52.59 22.86
C GLY C 392 36.87 52.26 21.79
N GLN C 393 36.82 50.95 21.49
CA GLN C 393 35.99 50.36 20.46
C GLN C 393 34.59 50.06 20.97
N PRO C 394 33.61 49.91 20.09
CA PRO C 394 32.25 49.57 20.53
C PRO C 394 32.20 48.19 21.17
N LEU C 395 31.06 47.89 21.79
CA LEU C 395 30.86 46.61 22.43
C LEU C 395 30.48 45.55 21.42
N PRO C 396 30.83 44.28 21.67
CA PRO C 396 30.44 43.17 20.77
C PRO C 396 29.00 42.73 21.02
N LEU C 397 28.06 43.62 20.70
CA LEU C 397 26.64 43.35 20.89
C LEU C 397 25.93 42.92 19.62
N PHE C 398 26.66 42.87 18.50
CA PHE C 398 26.15 42.50 17.17
C PHE C 398 25.21 43.56 16.60
N LEU C 399 24.07 43.78 17.26
CA LEU C 399 23.11 44.77 16.80
C LEU C 399 22.31 45.28 17.99
N LYS C 400 21.83 46.51 17.88
CA LYS C 400 21.01 47.19 18.90
C LYS C 400 21.82 47.58 20.12
N TRP C 401 21.60 48.80 20.61
CA TRP C 401 22.17 49.35 21.84
C TRP C 401 23.67 49.59 21.78
N ASP C 402 24.29 49.43 20.61
CA ASP C 402 25.72 49.73 20.50
C ASP C 402 25.98 51.23 20.41
N ASP C 403 25.18 51.93 19.61
CA ASP C 403 25.33 53.39 19.51
C ASP C 403 24.96 54.08 20.81
N VAL C 404 23.92 53.58 21.50
CA VAL C 404 23.51 54.18 22.77
C VAL C 404 24.63 54.04 23.80
N GLU C 405 25.19 52.83 23.90
CA GLU C 405 26.26 52.61 24.87
C GLU C 405 27.50 53.41 24.51
N TYR C 406 27.81 53.54 23.22
CA TYR C 406 28.98 54.33 22.83
C TYR C 406 28.78 55.79 23.18
N GLY C 407 27.59 56.33 22.95
CA GLY C 407 27.32 57.71 23.34
C GLY C 407 27.39 57.91 24.83
N LEU C 408 26.83 56.97 25.60
CA LEU C 408 26.87 57.08 27.05
C LEU C 408 28.30 57.01 27.57
N ARG C 409 29.13 56.14 26.99
CA ARG C 409 30.52 56.06 27.40
C ARG C 409 31.27 57.33 27.06
N ALA C 410 31.03 57.88 25.86
CA ALA C 410 31.65 59.15 25.49
C ALA C 410 31.26 60.24 26.47
N ARG C 411 29.99 60.28 26.88
CA ARG C 411 29.56 61.27 27.87
C ARG C 411 30.24 61.04 29.22
N ASP C 412 30.41 59.77 29.60
CA ASP C 412 31.11 59.45 30.84
C ASP C 412 32.57 59.90 30.78
N HIS C 413 33.15 59.95 29.58
CA HIS C 413 34.52 60.43 29.41
C HIS C 413 34.59 61.93 29.14
N GLY C 414 33.51 62.67 29.35
CA GLY C 414 33.52 64.11 29.19
C GLY C 414 33.28 64.61 27.79
N TYR C 415 32.93 63.73 26.85
CA TYR C 415 32.66 64.11 25.47
C TYR C 415 31.18 64.00 25.19
N PRO C 416 30.47 65.11 24.98
CA PRO C 416 29.02 65.04 24.71
C PRO C 416 28.72 64.81 23.24
N THR C 417 27.47 64.40 22.99
CA THR C 417 26.98 64.15 21.66
C THR C 417 25.89 65.16 21.31
N VAL C 418 25.94 65.68 20.09
CA VAL C 418 24.96 66.66 19.62
C VAL C 418 24.42 66.22 18.27
N THR C 419 23.10 66.14 18.17
CA THR C 419 22.42 65.81 16.91
C THR C 419 22.17 67.11 16.17
N LEU C 420 23.06 67.44 15.24
CA LEU C 420 23.04 68.74 14.57
C LEU C 420 21.96 68.78 13.51
N PRO C 421 20.96 69.65 13.62
CA PRO C 421 19.97 69.78 12.54
C PRO C 421 20.58 70.50 11.35
N GLY C 422 20.05 70.18 10.17
CA GLY C 422 20.55 70.71 8.92
C GLY C 422 21.52 69.79 8.22
N ALA C 423 22.18 68.90 8.94
CA ALA C 423 23.06 67.89 8.37
C ALA C 423 22.39 66.53 8.55
N ALA C 424 21.83 65.99 7.47
CA ALA C 424 21.07 64.75 7.55
C ALA C 424 21.33 63.91 6.31
N VAL C 425 20.95 62.64 6.42
CA VAL C 425 20.99 61.69 5.31
C VAL C 425 19.68 60.91 5.30
N TRP C 426 19.33 60.39 4.12
CA TRP C 426 18.08 59.66 3.95
C TRP C 426 18.32 58.19 4.28
N HIS C 427 17.52 57.66 5.22
CA HIS C 427 17.59 56.27 5.62
C HIS C 427 16.20 55.79 5.97
N MET C 428 15.98 54.49 5.84
CA MET C 428 14.67 53.91 6.14
C MET C 428 14.34 54.06 7.61
N ALA C 429 13.16 54.58 7.90
CA ALA C 429 12.71 54.76 9.27
C ALA C 429 12.24 53.43 9.85
N TRP C 430 11.78 53.47 11.09
CA TRP C 430 11.31 52.27 11.77
C TRP C 430 9.94 52.51 12.42
N LYS C 433 8.96 49.00 12.25
CA LYS C 433 8.08 47.93 11.76
C LYS C 433 7.97 46.81 12.78
N ASP C 434 8.33 45.59 12.37
CA ASP C 434 8.30 44.41 13.24
C ASP C 434 9.59 44.24 14.02
N ASP C 435 10.30 45.34 14.31
CA ASP C 435 11.58 45.26 14.99
C ASP C 435 11.47 44.85 16.45
N ALA C 436 10.29 44.91 17.03
CA ALA C 436 10.07 44.51 18.43
C ALA C 436 9.38 43.16 18.55
N ILE C 437 9.23 42.43 17.44
CA ILE C 437 8.56 41.13 17.43
C ILE C 437 9.48 40.03 16.93
N ASP C 438 10.20 40.29 15.83
CA ASP C 438 11.02 39.26 15.22
C ASP C 438 12.32 39.02 15.99
N TRP C 439 13.33 38.49 15.29
CA TRP C 439 14.59 38.12 15.93
C TRP C 439 15.25 39.31 16.63
N GLN C 440 15.05 40.52 16.10
CA GLN C 440 15.68 41.70 16.69
C GLN C 440 15.27 41.88 18.15
N ALA C 441 14.04 41.49 18.51
CA ALA C 441 13.58 41.59 19.89
C ALA C 441 14.52 40.88 20.86
N TYR C 442 15.26 39.88 20.36
CA TYR C 442 16.33 39.29 21.15
C TYR C 442 17.42 40.33 21.39
N PHE C 443 18.11 40.72 20.32
CA PHE C 443 19.29 41.57 20.45
C PHE C 443 18.99 42.87 21.15
N HIS C 444 17.74 43.32 21.10
CA HIS C 444 17.32 44.45 21.91
C HIS C 444 17.45 44.09 23.38
N LEU C 445 16.55 43.22 23.87
CA LEU C 445 16.41 42.99 25.30
C LEU C 445 17.76 42.68 25.96
N ARG C 446 18.45 41.65 25.45
CA ARG C 446 19.76 41.28 25.97
C ARG C 446 20.64 42.50 26.14
N ASN C 447 20.86 43.25 25.06
CA ASN C 447 21.76 44.39 25.15
C ASN C 447 21.17 45.51 26.00
N ARG C 448 19.84 45.64 26.02
CA ARG C 448 19.20 46.58 26.92
C ARG C 448 19.57 46.29 28.36
N LEU C 449 19.80 45.01 28.69
CA LEU C 449 20.31 44.67 30.01
C LEU C 449 21.80 44.98 30.12
N VAL C 450 22.56 44.68 29.06
CA VAL C 450 24.02 44.85 29.11
C VAL C 450 24.36 46.31 29.39
N VAL C 451 23.80 47.23 28.60
CA VAL C 451 24.03 48.65 28.85
C VAL C 451 23.46 49.05 30.21
N ALA C 452 22.37 48.40 30.64
CA ALA C 452 21.84 48.68 31.98
C ALA C 452 22.82 48.25 33.06
N SER C 453 23.68 47.28 32.76
CA SER C 453 24.72 46.89 33.71
C SER C 453 25.84 47.92 33.78
N LEU C 454 25.79 48.98 32.98
CA LEU C 454 26.85 49.97 32.95
C LEU C 454 26.40 51.38 33.33
N HIS C 455 25.13 51.74 33.07
CA HIS C 455 24.70 53.11 33.28
C HIS C 455 23.31 53.21 33.89
N LEU C 456 22.88 52.18 34.64
CA LEU C 456 21.58 52.22 35.30
C LEU C 456 21.77 52.38 36.80
N PRO C 457 21.54 53.58 37.36
CA PRO C 457 21.69 53.78 38.81
C PRO C 457 20.50 53.20 39.56
N GLY C 458 20.78 52.24 40.44
CA GLY C 458 19.76 51.60 41.26
C GLY C 458 19.72 50.10 41.03
N ASN C 459 18.71 49.47 41.60
CA ASN C 459 18.54 48.03 41.48
C ASN C 459 17.87 47.62 40.16
N GLY C 460 17.34 48.58 39.41
CA GLY C 460 16.77 48.27 38.11
C GLY C 460 15.52 47.44 38.13
N LYS C 461 14.77 47.44 39.22
CA LYS C 461 13.54 46.66 39.28
C LYS C 461 12.42 47.28 38.45
N ALA C 462 12.47 48.58 38.21
CA ALA C 462 11.50 49.20 37.31
C ALA C 462 11.64 48.67 35.90
N MET C 463 12.88 48.47 35.44
CA MET C 463 13.11 47.86 34.14
C MET C 463 12.56 46.43 34.10
N VAL C 464 12.67 45.71 35.22
CA VAL C 464 12.15 44.34 35.26
C VAL C 464 10.63 44.35 35.20
N VAL C 465 9.98 45.30 35.88
CA VAL C 465 8.53 45.41 35.79
C VAL C 465 8.11 45.77 34.36
N ASN C 466 8.89 46.64 33.71
CA ASN C 466 8.60 47.00 32.33
C ASN C 466 8.70 45.78 31.41
N THR C 467 9.75 44.96 31.59
CA THR C 467 9.86 43.75 30.78
C THR C 467 8.76 42.75 31.11
N ILE C 468 8.30 42.72 32.37
CA ILE C 468 7.20 41.83 32.74
C ILE C 468 5.93 42.21 31.99
N LYS C 469 5.58 43.51 32.02
CA LYS C 469 4.37 43.93 31.30
C LYS C 469 4.54 43.81 29.79
N ALA C 470 5.77 43.96 29.29
CA ALA C 470 6.00 43.70 27.86
C ALA C 470 5.76 42.23 27.52
N THR C 471 6.21 41.32 28.39
CA THR C 471 5.94 39.90 28.17
C THR C 471 4.45 39.61 28.24
N LEU C 472 3.73 40.28 29.14
CA LEU C 472 2.29 40.13 29.21
C LEU C 472 1.63 40.56 27.89
N LYS C 473 2.05 41.71 27.36
CA LYS C 473 1.50 42.18 26.08
C LYS C 473 1.84 41.22 24.95
N HIS C 474 3.06 40.67 24.97
CA HIS C 474 3.44 39.71 23.93
C HIS C 474 2.59 38.45 24.00
N LEU C 475 2.32 37.97 25.22
CA LEU C 475 1.54 36.74 25.36
C LEU C 475 0.07 36.95 25.03
N LEU C 476 -0.47 38.12 25.35
CA LEU C 476 -1.86 38.40 25.00
C LEU C 476 -2.06 38.60 23.51
N CYS C 477 -1.00 38.78 22.74
CA CYS C 477 -1.08 38.98 21.30
C CYS C 477 -0.59 37.77 20.51
N LEU C 478 -0.48 36.62 21.16
CA LEU C 478 -0.12 35.35 20.51
C LEU C 478 1.26 35.42 19.86
N GLU C 479 2.17 36.18 20.46
CA GLU C 479 3.53 36.33 19.95
C GLU C 479 4.47 35.52 20.83
N TYR C 480 4.38 34.19 20.68
CA TYR C 480 5.10 33.29 21.59
C TYR C 480 6.59 33.22 21.27
N SER C 481 6.94 33.32 19.98
CA SER C 481 8.34 33.30 19.59
C SER C 481 9.10 34.48 20.19
N THR C 482 8.43 35.64 20.30
CA THR C 482 9.07 36.79 20.93
C THR C 482 9.40 36.52 22.39
N VAL C 483 8.46 35.91 23.13
CA VAL C 483 8.72 35.60 24.53
C VAL C 483 9.83 34.56 24.65
N ALA C 484 9.85 33.59 23.74
CA ALA C 484 10.89 32.56 23.77
C ALA C 484 12.27 33.17 23.54
N ILE C 485 12.39 34.04 22.53
CA ILE C 485 13.70 34.62 22.25
C ILE C 485 14.08 35.65 23.32
N GLN C 486 13.10 36.26 23.98
CA GLN C 486 13.44 37.15 25.08
C GLN C 486 13.92 36.38 26.30
N ASN C 487 13.35 35.20 26.56
CA ASN C 487 13.89 34.34 27.59
C ASN C 487 15.30 33.88 27.24
N LEU C 488 15.52 33.55 25.97
CA LEU C 488 16.88 33.22 25.51
C LEU C 488 17.83 34.39 25.72
N ALA C 489 17.36 35.62 25.49
CA ALA C 489 18.19 36.80 25.70
C ALA C 489 18.54 36.97 27.17
N ILE C 490 17.56 36.79 28.06
CA ILE C 490 17.84 36.88 29.50
C ILE C 490 18.85 35.82 29.91
N ARG C 491 18.71 34.61 29.36
CA ARG C 491 19.66 33.53 29.70
C ARG C 491 21.06 33.85 29.21
N ASP C 492 21.18 34.37 27.99
CA ASP C 492 22.51 34.71 27.46
C ASP C 492 23.11 35.92 28.17
N TYR C 493 22.27 36.83 28.67
CA TYR C 493 22.78 37.95 29.44
C TYR C 493 23.29 37.50 30.80
N LEU C 494 22.54 36.63 31.48
CA LEU C 494 23.01 36.08 32.75
C LEU C 494 24.23 35.19 32.58
N ALA C 495 24.55 34.78 31.36
CA ALA C 495 25.74 33.96 31.11
C ALA C 495 27.04 34.72 31.33
N GLY C 496 26.99 36.04 31.46
CA GLY C 496 28.16 36.83 31.73
C GLY C 496 28.74 37.50 30.49
N PRO C 497 29.61 38.49 30.71
CA PRO C 497 30.23 39.17 29.57
C PRO C 497 31.27 38.33 28.84
N GLU C 498 31.67 37.18 29.39
CA GLU C 498 32.64 36.33 28.71
C GLU C 498 32.06 35.72 27.45
N ARG C 499 30.73 35.54 27.41
CA ARG C 499 30.06 34.95 26.25
C ARG C 499 29.73 35.98 25.17
N LEU C 500 30.03 37.26 25.39
CA LEU C 500 29.64 38.27 24.40
C LEU C 500 30.41 38.10 23.10
N PHE C 501 31.70 37.80 23.19
CA PHE C 501 32.50 37.60 21.96
C PHE C 501 32.22 36.25 21.32
N GLN C 502 31.79 35.26 22.11
CA GLN C 502 31.45 33.96 21.54
C GLN C 502 30.09 33.99 20.85
N LEU C 503 29.14 34.75 21.40
CA LEU C 503 27.81 34.88 20.83
C LEU C 503 27.75 35.89 19.70
N LEU C 504 28.87 36.53 19.34
CA LEU C 504 28.84 37.52 18.28
C LEU C 504 28.56 36.89 16.91
N PRO C 505 29.24 35.80 16.49
CA PRO C 505 28.93 35.24 15.18
C PRO C 505 28.02 34.02 15.24
N SER C 506 27.30 33.84 16.34
CA SER C 506 26.50 32.62 16.51
C SER C 506 25.10 32.84 17.09
N ALA C 507 24.80 34.00 17.68
CA ALA C 507 23.50 34.17 18.30
C ALA C 507 22.37 34.27 17.27
N LEU C 508 22.65 34.85 16.12
CA LEU C 508 21.61 35.05 15.11
C LEU C 508 21.07 33.71 14.59
N GLY C 509 21.97 32.76 14.33
CA GLY C 509 21.53 31.44 13.89
C GLY C 509 20.71 30.73 14.95
N ALA C 510 21.10 30.87 16.21
CA ALA C 510 20.33 30.26 17.29
C ALA C 510 18.93 30.86 17.39
N VAL C 511 18.83 32.18 17.29
CA VAL C 511 17.52 32.82 17.33
C VAL C 511 16.67 32.41 16.14
N HIS C 512 17.30 32.27 14.96
CA HIS C 512 16.57 31.82 13.78
C HIS C 512 16.03 30.40 13.97
N ALA C 513 16.87 29.51 14.49
CA ALA C 513 16.44 28.13 14.72
C ALA C 513 15.36 28.05 15.80
N LEU C 514 15.41 28.95 16.78
CA LEU C 514 14.39 28.95 17.83
C LEU C 514 13.06 29.49 17.31
N ARG C 515 13.10 30.53 16.47
CA ARG C 515 11.88 31.10 15.92
C ARG C 515 11.26 30.26 14.82
N LYS C 516 12.06 29.43 14.14
CA LYS C 516 11.51 28.56 13.11
C LYS C 516 10.52 27.54 13.67
N GLN C 517 10.61 27.25 14.96
CA GLN C 517 9.74 26.26 15.60
C GLN C 517 8.42 26.85 16.09
N TYR C 518 8.10 28.08 15.71
CA TYR C 518 6.86 28.72 16.12
C TYR C 518 6.06 29.18 14.91
N PRO C 519 4.74 28.95 14.90
CA PRO C 519 3.95 29.33 13.73
C PRO C 519 3.78 30.83 13.57
N ASP C 520 3.92 31.61 14.64
CA ASP C 520 3.80 33.06 14.55
C ASP C 520 5.03 33.73 13.98
N ALA C 521 6.14 32.98 13.82
CA ALA C 521 7.36 33.53 13.24
C ALA C 521 7.69 32.97 11.88
N VAL C 522 6.92 32.00 11.38
CA VAL C 522 7.14 31.44 10.05
C VAL C 522 6.29 32.24 9.07
N ILE C 523 6.96 33.01 8.22
CA ILE C 523 6.27 33.88 7.26
C ILE C 523 5.93 33.08 6.01
N LEU C 524 4.68 33.17 5.57
CA LEU C 524 4.14 32.58 4.37
C LEU C 524 3.98 33.63 3.29
N PRO C 525 4.06 33.25 2.01
CA PRO C 525 3.96 34.25 0.93
C PRO C 525 2.67 35.05 0.96
N SER C 526 1.53 34.39 1.17
CA SER C 526 0.24 35.07 1.17
C SER C 526 -0.72 34.30 2.06
N SER C 527 -1.85 34.94 2.37
CA SER C 527 -2.92 34.26 3.10
C SER C 527 -3.61 33.19 2.28
N THR C 528 -3.22 33.02 1.01
CA THR C 528 -3.79 31.97 0.17
C THR C 528 -3.18 30.60 0.47
N GLU C 529 -2.05 30.55 1.17
CA GLU C 529 -1.45 29.27 1.54
C GLU C 529 -2.26 28.53 2.59
N LEU C 530 -3.23 29.20 3.22
CA LEU C 530 -4.11 28.62 4.21
C LEU C 530 -5.55 28.62 3.70
N PRO C 531 -6.44 27.83 4.30
CA PRO C 531 -7.85 27.88 3.91
C PRO C 531 -8.44 29.27 4.15
N LEU C 532 -9.60 29.50 3.54
CA LEU C 532 -10.25 30.80 3.63
C LEU C 532 -10.65 31.10 5.07
N ALA C 533 -10.82 32.39 5.36
CA ALA C 533 -11.22 32.82 6.69
C ALA C 533 -12.60 32.30 7.03
N SER C 534 -12.70 31.53 8.11
CA SER C 534 -13.97 30.91 8.48
C SER C 534 -14.90 31.86 9.19
N HIS C 535 -14.36 32.85 9.91
CA HIS C 535 -15.15 33.80 10.70
C HIS C 535 -15.99 33.09 11.76
N LEU C 536 -15.55 31.92 12.20
CA LEU C 536 -16.23 31.17 13.24
C LEU C 536 -15.76 31.64 14.62
N GLU C 537 -16.72 31.81 15.53
CA GLU C 537 -16.43 32.19 16.92
C GLU C 537 -15.66 33.51 16.99
N VAL C 538 -16.05 34.47 16.16
CA VAL C 538 -15.41 35.78 16.10
C VAL C 538 -16.39 36.78 16.72
N GLY C 539 -16.07 37.23 17.93
CA GLY C 539 -16.90 38.21 18.60
C GLY C 539 -16.51 39.64 18.29
N ALA C 540 -16.54 40.51 19.28
CA ALA C 540 -16.15 41.90 19.08
C ALA C 540 -14.64 42.01 18.94
N VAL C 541 -14.19 42.64 17.86
CA VAL C 541 -12.76 42.79 17.58
C VAL C 541 -12.38 44.23 17.28
N ALA C 542 -13.33 45.17 17.30
CA ALA C 542 -13.01 46.56 17.05
C ALA C 542 -12.49 47.23 18.32
N GLU C 543 -11.92 48.42 18.17
CA GLU C 543 -11.38 49.14 19.32
C GLU C 543 -12.53 49.59 20.22
N PRO C 544 -12.45 49.34 21.53
CA PRO C 544 -13.52 49.79 22.42
C PRO C 544 -13.58 51.31 22.49
N ALA C 545 -14.81 51.83 22.57
CA ALA C 545 -15.01 53.28 22.62
C ALA C 545 -14.70 53.83 24.01
N ASN C 546 -15.60 53.59 24.95
CA ASN C 546 -15.40 54.05 26.33
C ASN C 546 -14.38 53.17 27.05
N PRO C 547 -13.66 53.72 28.02
CA PRO C 547 -12.65 52.91 28.73
C PRO C 547 -13.23 51.74 29.50
N ILE C 548 -14.49 51.82 29.92
CA ILE C 548 -15.14 50.67 30.56
C ILE C 548 -15.24 49.52 29.58
N ALA C 549 -15.47 49.81 28.31
CA ALA C 549 -15.44 48.77 27.29
C ALA C 549 -14.05 48.19 27.14
N LYS C 550 -13.01 49.02 27.25
CA LYS C 550 -11.64 48.51 27.26
C LYS C 550 -11.42 47.54 28.42
N VAL C 551 -11.93 47.89 29.61
CA VAL C 551 -11.75 47.04 30.78
C VAL C 551 -12.50 45.72 30.60
N VAL C 552 -13.74 45.77 30.12
CA VAL C 552 -14.50 44.53 29.97
C VAL C 552 -13.92 43.67 28.87
N ARG C 553 -13.32 44.28 27.83
CA ARG C 553 -12.68 43.47 26.80
C ARG C 553 -11.37 42.87 27.30
N LEU C 554 -10.63 43.58 28.14
CA LEU C 554 -9.45 42.99 28.77
C LEU C 554 -9.85 41.81 29.64
N ALA C 555 -10.96 41.93 30.36
CA ALA C 555 -11.46 40.81 31.17
C ALA C 555 -11.86 39.63 30.28
N LYS C 556 -12.55 39.92 29.17
CA LYS C 556 -12.93 38.86 28.24
C LYS C 556 -11.71 38.18 27.64
N GLY C 557 -10.65 38.93 27.39
CA GLY C 557 -9.44 38.34 26.85
C GLY C 557 -8.71 37.49 27.88
N VAL C 558 -8.70 37.94 29.14
CA VAL C 558 -8.10 37.13 30.20
C VAL C 558 -8.87 35.84 30.38
N LEU C 559 -10.20 35.91 30.32
CA LEU C 559 -11.02 34.70 30.45
C LEU C 559 -10.85 33.78 29.24
N HIS C 560 -10.72 34.35 28.05
CA HIS C 560 -10.62 33.55 26.83
C HIS C 560 -9.30 32.80 26.77
N ASN C 561 -8.21 33.41 27.25
CA ASN C 561 -6.92 32.75 27.28
C ASN C 561 -6.82 31.66 28.33
N LEU C 562 -7.86 31.47 29.15
CA LEU C 562 -7.89 30.38 30.12
C LEU C 562 -8.53 29.12 29.57
N ARG C 563 -9.51 29.26 28.68
CA ARG C 563 -10.23 28.11 28.17
C ARG C 563 -9.37 27.34 27.17
N PRO C 564 -9.61 26.03 27.03
CA PRO C 564 -8.87 25.26 26.01
C PRO C 564 -9.20 25.75 24.61
N ALA C 565 -8.16 25.98 23.81
CA ALA C 565 -8.36 26.46 22.46
C ALA C 565 -8.86 25.34 21.55
N HIS C 566 -9.83 25.66 20.71
CA HIS C 566 -10.37 24.71 19.74
C HIS C 566 -9.36 24.52 18.61
N ALA C 567 -8.91 23.28 18.43
CA ALA C 567 -7.87 22.98 17.44
C ALA C 567 -8.35 23.16 16.00
N ARG C 568 -9.63 23.42 15.77
CA ARG C 568 -10.10 23.66 14.41
C ARG C 568 -9.57 24.96 13.85
N HIS C 569 -9.40 25.97 14.70
CA HIS C 569 -8.90 27.27 14.28
C HIS C 569 -7.38 27.30 14.14
N HIS C 570 -6.70 26.22 14.48
CA HIS C 570 -5.27 26.09 14.22
C HIS C 570 -4.98 25.41 12.89
N GLU C 571 -6.01 25.10 12.11
CA GLU C 571 -5.88 24.60 10.75
C GLU C 571 -6.55 25.51 9.73
N THR C 572 -7.69 26.10 10.07
CA THR C 572 -8.37 27.07 9.20
C THR C 572 -8.41 28.40 9.94
N PRO C 573 -7.74 29.44 9.43
CA PRO C 573 -7.69 30.71 10.17
C PRO C 573 -9.06 31.36 10.27
N GLN C 574 -9.36 31.89 11.45
CA GLN C 574 -10.63 32.58 11.65
C GLN C 574 -10.65 33.91 10.92
N LEU C 575 -9.55 34.66 10.96
CA LEU C 575 -9.49 35.99 10.39
C LEU C 575 -8.17 36.21 9.69
N ASN C 576 -8.19 37.11 8.71
CA ASN C 576 -7.00 37.62 8.01
C ASN C 576 -6.88 39.09 8.41
N VAL C 577 -6.01 39.36 9.37
CA VAL C 577 -5.94 40.65 10.04
C VAL C 577 -4.74 41.41 9.50
N PRO C 578 -4.92 42.61 8.94
CA PRO C 578 -3.78 43.43 8.54
C PRO C 578 -2.97 43.87 9.75
N THR C 579 -1.84 44.52 9.46
CA THR C 579 -0.91 44.93 10.51
C THR C 579 -1.56 45.91 11.47
N LEU C 580 -2.17 46.97 10.94
CA LEU C 580 -2.74 48.01 11.79
C LEU C 580 -3.97 47.53 12.57
N ASP C 581 -4.54 46.38 12.20
CA ASP C 581 -5.69 45.84 12.91
C ASP C 581 -5.31 44.80 13.96
N ALA C 582 -4.04 44.39 14.02
CA ALA C 582 -3.60 43.37 14.97
C ALA C 582 -3.20 44.03 16.29
N ARG C 583 -4.23 44.45 17.02
CA ARG C 583 -4.07 45.08 18.33
C ARG C 583 -4.56 44.12 19.41
N TRP C 584 -4.42 44.54 20.67
CA TRP C 584 -4.75 43.66 21.78
C TRP C 584 -6.24 43.34 21.85
N PHE C 585 -7.10 44.26 21.40
CA PHE C 585 -8.54 44.06 21.47
C PHE C 585 -9.07 43.14 20.38
N LEU C 586 -8.20 42.35 19.73
CA LEU C 586 -8.63 41.45 18.67
C LEU C 586 -7.97 40.09 18.84
N LEU C 587 -6.65 40.09 19.10
CA LEU C 587 -5.91 38.84 19.17
C LEU C 587 -6.22 38.04 20.43
N SER C 588 -6.74 38.69 21.47
CA SER C 588 -7.03 37.99 22.73
C SER C 588 -8.38 37.28 22.71
N GLN C 589 -9.19 37.45 21.65
CA GLN C 589 -10.47 36.79 21.52
C GLN C 589 -10.48 35.71 20.45
N VAL C 590 -9.32 35.41 19.85
CA VAL C 590 -9.25 34.46 18.75
C VAL C 590 -8.30 33.33 19.13
N ASP C 591 -8.51 32.16 18.50
CA ASP C 591 -7.66 31.00 18.70
C ASP C 591 -6.65 30.82 17.57
N GLY C 592 -6.96 31.28 16.36
CA GLY C 592 -6.06 31.15 15.24
C GLY C 592 -6.36 32.18 14.17
N VAL C 593 -5.38 33.02 13.84
CA VAL C 593 -5.59 34.13 12.92
C VAL C 593 -4.32 34.35 12.12
N THR C 594 -4.47 34.62 10.83
CA THR C 594 -3.34 35.05 10.03
C THR C 594 -3.18 36.56 10.18
N VAL C 595 -1.96 36.99 10.47
CA VAL C 595 -1.64 38.41 10.68
C VAL C 595 -0.64 38.82 9.62
N THR C 596 -0.93 39.94 8.95
CA THR C 596 -0.07 40.43 7.88
C THR C 596 1.14 41.15 8.46
N THR C 597 2.30 40.91 7.83
CA THR C 597 3.54 41.53 8.27
C THR C 597 3.52 43.03 7.98
N ALA C 598 4.45 43.75 8.64
CA ALA C 598 4.44 45.21 8.58
C ALA C 598 4.62 45.73 7.16
N ASP C 599 5.69 45.28 6.48
CA ASP C 599 5.91 45.73 5.12
C ASP C 599 4.90 45.17 4.12
N GLY C 600 4.13 44.16 4.52
CA GLY C 600 3.05 43.66 3.68
C GLY C 600 3.47 42.64 2.64
N ARG C 601 4.53 41.88 2.89
CA ARG C 601 5.03 40.88 1.96
C ARG C 601 4.66 39.45 2.36
N GLY C 602 3.91 39.27 3.43
CA GLY C 602 3.55 37.93 3.85
C GLY C 602 2.62 37.98 5.05
N VAL C 603 2.33 36.78 5.57
CA VAL C 603 1.46 36.62 6.73
C VAL C 603 2.04 35.53 7.63
N VAL C 604 1.67 35.59 8.91
CA VAL C 604 2.06 34.59 9.89
C VAL C 604 0.81 34.07 10.59
N TYR C 605 0.80 32.76 10.86
CA TYR C 605 -0.38 32.09 11.43
C TYR C 605 -0.22 32.04 12.93
N ARG C 606 -0.75 33.05 13.61
CA ARG C 606 -0.68 33.11 15.07
C ARG C 606 -1.76 32.22 15.67
N LYS C 607 -1.36 31.35 16.59
CA LYS C 607 -2.25 30.39 17.22
C LYS C 607 -2.14 30.50 18.73
N ARG C 608 -3.28 30.48 19.42
CA ARG C 608 -3.33 30.64 20.86
C ARG C 608 -3.30 29.27 21.52
N ASP C 609 -2.29 29.02 22.34
CA ASP C 609 -2.17 27.77 23.10
C ASP C 609 -2.05 28.09 24.58
N PRO C 610 -3.05 27.73 25.39
CA PRO C 610 -2.98 28.09 26.82
C PRO C 610 -1.79 27.47 27.54
N ARG C 611 -1.53 26.18 27.30
CA ARG C 611 -0.44 25.50 28.01
C ARG C 611 0.91 26.10 27.63
N GLN C 612 1.15 26.31 26.34
CA GLN C 612 2.43 26.88 25.92
C GLN C 612 2.60 28.31 26.40
N ALA C 613 1.52 29.10 26.38
CA ALA C 613 1.60 30.47 26.88
C ALA C 613 1.91 30.49 28.37
N LEU C 614 1.26 29.62 29.15
CA LEU C 614 1.53 29.59 30.59
C LEU C 614 2.94 29.10 30.88
N GLY C 615 3.43 28.13 30.10
CA GLY C 615 4.80 27.66 30.30
C GLY C 615 5.82 28.73 29.97
N LEU C 616 5.63 29.44 28.86
CA LEU C 616 6.53 30.54 28.51
C LEU C 616 6.47 31.64 29.57
N PHE C 617 5.28 31.90 30.11
CA PHE C 617 5.14 32.91 31.16
C PHE C 617 5.88 32.49 32.42
N LYS C 618 5.77 31.21 32.80
CA LYS C 618 6.49 30.72 33.98
C LYS C 618 8.00 30.82 33.78
N GLU C 619 8.49 30.43 32.60
CA GLU C 619 9.92 30.53 32.34
C GLU C 619 10.39 31.99 32.36
N ALA C 620 9.60 32.88 31.76
CA ALA C 620 9.96 34.30 31.76
C ALA C 620 9.98 34.86 33.17
N MET C 621 8.99 34.51 34.00
CA MET C 621 8.96 35.01 35.36
C MET C 621 10.12 34.47 36.19
N ARG C 622 10.48 33.19 35.99
CA ARG C 622 11.62 32.63 36.70
C ARG C 622 12.91 33.34 36.31
N LEU C 623 13.11 33.54 35.00
CA LEU C 623 14.32 34.21 34.54
C LEU C 623 14.36 35.65 35.03
N ARG C 624 13.21 36.33 35.07
CA ARG C 624 13.20 37.72 35.52
C ARG C 624 13.40 37.84 37.02
N LYS C 625 12.90 36.86 37.80
CA LYS C 625 13.19 36.84 39.23
C LYS C 625 14.67 36.61 39.48
N GLU C 626 15.27 35.66 38.76
CA GLU C 626 16.71 35.44 38.87
C GLU C 626 17.50 36.68 38.47
N LEU C 627 17.03 37.39 37.44
CA LEU C 627 17.69 38.61 36.99
C LEU C 627 17.58 39.71 38.05
N ALA C 628 16.40 39.90 38.63
CA ALA C 628 16.25 40.89 39.69
C ALA C 628 17.11 40.54 40.89
N ALA C 629 17.33 39.25 41.14
CA ALA C 629 18.18 38.84 42.26
C ALA C 629 19.66 39.02 41.96
N ARG C 630 20.09 38.82 40.72
CA ARG C 630 21.50 38.81 40.36
C ARG C 630 21.97 40.10 39.70
N PHE C 631 21.10 41.11 39.55
CA PHE C 631 21.50 42.32 38.86
C PHE C 631 22.73 43.02 39.44
N PRO C 632 22.94 43.11 40.76
CA PRO C 632 24.20 43.72 41.24
C PRO C 632 25.43 42.95 40.81
N GLU C 633 25.38 41.62 40.88
CA GLU C 633 26.50 40.81 40.41
C GLU C 633 26.80 41.06 38.94
N MET C 634 25.75 41.11 38.11
CA MET C 634 25.96 41.36 36.69
C MET C 634 26.50 42.76 36.44
N GLN C 635 26.03 43.74 37.22
CA GLN C 635 26.60 45.08 37.13
C GLN C 635 28.09 45.06 37.39
N GLN C 636 28.50 44.43 38.49
CA GLN C 636 29.91 44.36 38.84
C GLN C 636 30.71 43.66 37.72
N ARG C 637 30.21 42.53 37.25
CA ARG C 637 30.93 41.75 36.24
C ARG C 637 31.09 42.54 34.94
N TYR C 638 30.01 43.16 34.47
CA TYR C 638 30.07 43.89 33.20
C TYR C 638 30.91 45.15 33.32
N ARG C 639 30.81 45.86 34.45
CA ARG C 639 31.64 47.05 34.62
C ARG C 639 33.11 46.69 34.79
N ALA C 640 33.41 45.49 35.27
CA ALA C 640 34.80 45.04 35.34
C ALA C 640 35.31 44.58 33.97
N ALA C 641 34.45 43.95 33.17
CA ALA C 641 34.86 43.41 31.89
C ALA C 641 34.79 44.43 30.75
N HIS C 642 34.18 45.59 30.97
CA HIS C 642 34.10 46.59 29.91
C HIS C 642 35.44 47.00 29.33
N PRO C 643 36.50 47.26 30.12
CA PRO C 643 37.79 47.60 29.51
C PRO C 643 38.34 46.52 28.60
N GLN C 644 38.02 45.25 28.86
CA GLN C 644 38.51 44.17 28.02
C GLN C 644 37.66 44.00 26.77
N LEU C 645 36.36 44.31 26.84
CA LEU C 645 35.48 44.16 25.70
C LEU C 645 35.63 45.29 24.69
N THR C 646 36.24 46.41 25.08
CA THR C 646 36.43 47.55 24.20
C THR C 646 37.88 47.73 23.77
N SER C 647 38.74 46.76 24.06
CA SER C 647 40.15 46.89 23.73
C SER C 647 40.40 46.52 22.27
N THR C 648 41.51 47.04 21.74
CA THR C 648 41.85 46.78 20.35
C THR C 648 42.25 45.32 20.14
N ALA C 649 42.91 44.72 21.12
CA ALA C 649 43.39 43.35 20.98
C ALA C 649 42.24 42.37 20.87
N ALA C 650 41.17 42.57 21.65
CA ALA C 650 40.02 41.68 21.59
C ALA C 650 39.35 41.73 20.22
N TRP C 651 39.19 42.93 19.66
CA TRP C 651 38.58 43.04 18.34
C TRP C 651 39.50 42.53 17.25
N GLU C 652 40.83 42.66 17.42
CA GLU C 652 41.76 42.07 16.48
C GLU C 652 41.66 40.55 16.49
N ASN C 653 41.47 39.96 17.68
CA ASN C 653 41.24 38.53 17.78
C ASN C 653 39.92 38.14 17.12
N ALA C 654 38.89 38.96 17.31
CA ALA C 654 37.58 38.66 16.72
C ALA C 654 37.61 38.76 15.20
N PHE C 655 38.39 39.69 14.64
CA PHE C 655 38.46 39.87 13.20
C PHE C 655 39.22 38.76 12.50
N GLY C 656 39.95 37.92 13.24
CA GLY C 656 40.78 36.90 12.63
C GLY C 656 42.17 37.35 12.26
N LEU C 657 42.68 38.42 12.88
CA LEU C 657 44.01 38.92 12.57
C LEU C 657 45.02 38.44 13.61
N GLU D 33 16.50 -45.42 65.39
CA GLU D 33 17.50 -45.61 64.35
C GLU D 33 16.98 -45.10 63.00
N THR D 34 17.31 -43.85 62.68
CA THR D 34 16.87 -43.23 61.44
C THR D 34 18.02 -42.44 60.83
N ARG D 35 18.08 -42.43 59.50
CA ARG D 35 19.09 -41.68 58.77
C ARG D 35 18.75 -40.20 58.64
N ALA D 36 17.57 -39.77 59.10
CA ALA D 36 17.17 -38.37 59.01
C ALA D 36 17.90 -37.57 60.08
N LYS D 37 18.63 -36.53 59.64
CA LYS D 37 19.34 -35.66 60.56
C LYS D 37 18.82 -34.22 60.52
N SER D 38 18.79 -33.60 59.35
CA SER D 38 18.37 -32.20 59.22
C SER D 38 17.23 -32.08 58.23
N LEU D 39 16.13 -31.45 58.68
CA LEU D 39 14.99 -31.23 57.81
C LEU D 39 15.30 -30.17 56.77
N LEU D 40 15.05 -30.49 55.49
CA LEU D 40 15.31 -29.57 54.39
C LEU D 40 14.05 -29.10 53.69
N GLN D 41 12.96 -29.85 53.77
CA GLN D 41 11.77 -29.55 52.99
C GLN D 41 10.57 -30.35 53.49
N ARG D 42 9.60 -29.66 54.08
CA ARG D 42 8.40 -30.32 54.58
C ARG D 42 7.41 -30.58 53.45
N ILE D 43 6.66 -31.67 53.58
CA ILE D 43 5.60 -32.00 52.63
C ILE D 43 4.40 -31.12 52.98
N ILE D 44 4.26 -30.01 52.28
CA ILE D 44 3.19 -29.04 52.55
C ILE D 44 1.97 -29.40 51.73
N LEU D 45 0.81 -28.97 52.21
CA LEU D 45 -0.48 -29.32 51.63
C LEU D 45 -1.36 -28.10 51.57
N PRO D 46 -2.36 -28.08 50.68
CA PRO D 46 -3.14 -26.86 50.47
C PRO D 46 -3.93 -26.44 51.70
N ARG D 47 -4.40 -25.20 51.64
CA ARG D 47 -5.21 -24.60 52.69
C ARG D 47 -6.65 -25.10 52.61
N PRO D 48 -7.42 -24.97 53.70
CA PRO D 48 -8.84 -25.32 53.63
C PRO D 48 -9.57 -24.47 52.61
N GLY D 49 -10.23 -25.15 51.67
CA GLY D 49 -10.94 -24.46 50.60
C GLY D 49 -10.05 -23.90 49.52
N GLU D 50 -8.83 -24.42 49.38
CA GLU D 50 -7.93 -23.92 48.35
C GLU D 50 -8.51 -24.19 46.96
N PRO D 51 -8.40 -23.24 46.03
CA PRO D 51 -8.87 -23.49 44.67
C PRO D 51 -8.19 -24.70 44.05
N LEU D 52 -8.89 -25.35 43.12
CA LEU D 52 -8.38 -26.58 42.53
C LEU D 52 -7.11 -26.33 41.71
N ASP D 53 -7.03 -25.18 41.05
CA ASP D 53 -5.85 -24.88 40.25
C ASP D 53 -4.61 -24.68 41.13
N VAL D 54 -4.78 -24.12 42.33
CA VAL D 54 -3.66 -23.95 43.24
C VAL D 54 -3.31 -25.26 43.95
N ARG D 55 -4.25 -26.20 44.06
CA ARG D 55 -3.97 -27.47 44.70
C ARG D 55 -2.90 -28.26 43.95
N THR D 56 -2.78 -28.04 42.63
CA THR D 56 -1.80 -28.78 41.84
C THR D 56 -0.37 -28.41 42.20
N LEU D 57 -0.15 -27.26 42.83
CA LEU D 57 1.17 -26.91 43.31
C LEU D 57 1.63 -27.81 44.44
N TYR D 58 0.70 -28.46 45.13
CA TYR D 58 1.00 -29.33 46.27
C TYR D 58 0.87 -30.80 45.95
N VAL D 59 -0.28 -31.23 45.43
CA VAL D 59 -0.52 -32.64 45.13
C VAL D 59 -1.12 -32.77 43.74
N GLU D 60 -0.83 -33.88 43.08
CA GLU D 60 -1.37 -34.22 41.76
C GLU D 60 -2.23 -35.47 41.94
N GLU D 61 -3.50 -35.27 42.27
N GLU D 61 -3.50 -35.27 42.27
CA GLU D 61 -4.41 -36.40 42.45
CA GLU D 61 -4.42 -36.38 42.44
C GLU D 61 -4.75 -37.03 41.10
C GLU D 61 -4.73 -37.04 41.09
N SER D 62 -5.22 -38.27 41.16
CA SER D 62 -5.60 -39.01 39.97
C SER D 62 -7.06 -38.70 39.63
N ALA D 63 -7.32 -38.53 38.33
CA ALA D 63 -8.69 -38.26 37.89
C ALA D 63 -9.62 -39.44 38.10
N THR D 64 -9.07 -40.65 38.23
CA THR D 64 -9.87 -41.85 38.42
C THR D 64 -10.24 -42.09 39.88
N ASN D 65 -9.76 -41.27 40.81
CA ASN D 65 -10.12 -41.43 42.20
C ASN D 65 -11.59 -41.11 42.42
N ALA D 66 -12.25 -41.91 43.26
CA ALA D 66 -13.67 -41.71 43.55
C ALA D 66 -13.90 -40.64 44.61
N ARG D 67 -12.84 -40.10 45.22
CA ARG D 67 -12.97 -39.13 46.28
C ARG D 67 -11.75 -38.22 46.27
N ARG D 68 -11.98 -36.91 46.35
CA ARG D 68 -10.89 -35.96 46.38
C ARG D 68 -10.16 -36.05 47.72
N ALA D 69 -8.83 -35.96 47.67
CA ALA D 69 -8.03 -36.00 48.89
C ALA D 69 -8.32 -34.80 49.76
N HIS D 70 -8.44 -35.04 51.07
CA HIS D 70 -8.79 -34.01 52.04
C HIS D 70 -7.65 -33.85 53.03
N ALA D 71 -7.09 -32.65 53.11
CA ALA D 71 -6.03 -32.33 54.05
C ALA D 71 -6.65 -31.65 55.27
N ALA D 72 -6.68 -32.36 56.39
CA ALA D 72 -7.23 -31.78 57.62
C ALA D 72 -6.38 -30.62 58.09
N THR D 73 -5.07 -30.82 58.17
CA THR D 73 -4.12 -29.77 58.50
C THR D 73 -3.25 -29.47 57.29
N ARG D 74 -2.42 -28.44 57.42
CA ARG D 74 -1.53 -28.05 56.34
C ARG D 74 -0.36 -29.00 56.16
N THR D 75 -0.24 -30.04 57.00
CA THR D 75 0.85 -31.00 56.89
C THR D 75 0.39 -32.44 56.77
N SER D 76 -0.90 -32.74 56.96
CA SER D 76 -1.41 -34.10 56.90
C SER D 76 -2.48 -34.20 55.82
N LEU D 77 -2.52 -35.34 55.14
CA LEU D 77 -3.47 -35.58 54.07
C LEU D 77 -4.22 -36.88 54.34
N SER D 78 -5.43 -36.98 53.81
CA SER D 78 -6.28 -38.15 54.01
C SER D 78 -6.87 -38.56 52.67
N ILE D 79 -6.43 -39.70 52.13
CA ILE D 79 -6.91 -40.20 50.85
C ILE D 79 -7.72 -41.47 51.09
N GLY D 80 -8.76 -41.65 50.28
CA GLY D 80 -9.62 -42.81 50.39
C GLY D 80 -8.99 -44.05 49.81
N ALA D 81 -9.72 -45.16 49.94
CA ALA D 81 -9.22 -46.45 49.47
C ALA D 81 -9.19 -46.49 47.95
N GLU D 82 -8.20 -47.24 47.43
CA GLU D 82 -8.01 -47.40 45.99
C GLU D 82 -7.85 -46.05 45.29
N SER D 83 -7.07 -45.16 45.90
CA SER D 83 -6.79 -43.84 45.35
C SER D 83 -5.29 -43.64 45.28
N GLU D 84 -4.84 -42.94 44.24
CA GLU D 84 -3.42 -42.66 44.04
C GLU D 84 -3.19 -41.16 44.08
N VAL D 85 -2.17 -40.74 44.81
CA VAL D 85 -1.81 -39.33 44.93
C VAL D 85 -0.32 -39.19 44.66
N SER D 86 0.04 -38.42 43.65
CA SER D 86 1.42 -38.16 43.30
C SER D 86 1.88 -36.84 43.92
N PHE D 87 3.16 -36.79 44.28
CA PHE D 87 3.78 -35.59 44.84
C PHE D 87 4.85 -35.03 43.92
N CYS D 88 4.73 -35.30 42.62
CA CYS D 88 5.61 -34.71 41.61
C CYS D 88 5.13 -33.29 41.27
N THR D 89 5.17 -32.44 42.27
CA THR D 89 4.65 -31.07 42.18
C THR D 89 5.77 -30.07 42.42
N TYR D 90 5.42 -28.79 42.32
CA TYR D 90 6.41 -27.73 42.49
C TYR D 90 6.88 -27.63 43.94
N PHE D 91 6.03 -28.01 44.89
CA PHE D 91 6.34 -27.84 46.31
C PHE D 91 6.85 -29.10 46.97
N ASN D 92 6.24 -30.25 46.72
CA ASN D 92 6.56 -31.47 47.46
C ASN D 92 7.59 -32.36 46.78
N ALA D 93 8.08 -31.99 45.60
CA ALA D 93 9.15 -32.71 44.95
C ALA D 93 10.48 -32.02 45.23
N LEU D 94 11.56 -32.81 45.26
CA LEU D 94 12.87 -32.30 45.62
C LEU D 94 13.69 -32.06 44.37
N PRO D 95 14.13 -30.84 44.09
CA PRO D 95 15.03 -30.62 42.95
C PRO D 95 16.43 -31.16 43.23
N ALA D 96 16.71 -32.38 42.77
CA ALA D 96 17.94 -33.05 43.15
C ALA D 96 19.16 -32.45 42.48
N SER D 97 19.00 -31.89 41.28
CA SER D 97 20.15 -31.31 40.58
C SER D 97 20.72 -30.11 41.33
N TYR D 98 19.85 -29.31 41.95
CA TYR D 98 20.33 -28.14 42.69
C TYR D 98 21.03 -28.56 43.98
N TRP D 99 20.53 -29.61 44.64
CA TRP D 99 21.18 -30.14 45.83
C TRP D 99 22.43 -30.96 45.49
N ARG D 100 22.63 -31.31 44.23
CA ARG D 100 23.84 -32.00 43.80
C ARG D 100 24.93 -31.02 43.37
N ARG D 101 24.54 -29.94 42.68
CA ARG D 101 25.51 -29.03 42.10
C ARG D 101 26.13 -28.10 43.13
N TRP D 102 25.37 -27.69 44.16
CA TRP D 102 25.83 -26.68 45.10
C TRP D 102 25.87 -27.14 46.56
N SER D 103 25.28 -28.28 46.90
CA SER D 103 25.19 -28.72 48.28
C SER D 103 26.20 -29.84 48.54
N ILE D 104 26.64 -29.94 49.80
CA ILE D 104 27.69 -30.86 50.20
C ILE D 104 27.09 -32.25 50.41
N LEU D 105 25.78 -32.36 50.17
CA LEU D 105 25.10 -33.62 50.37
C LEU D 105 25.41 -34.60 49.24
N SER D 106 25.39 -35.89 49.59
CA SER D 106 25.54 -36.97 48.64
C SER D 106 24.28 -37.80 48.46
N ALA D 107 23.36 -37.74 49.43
CA ALA D 107 22.12 -38.50 49.36
C ALA D 107 21.07 -37.80 50.20
N VAL D 108 19.81 -38.07 49.87
CA VAL D 108 18.66 -37.52 50.58
C VAL D 108 17.86 -38.65 51.19
N VAL D 109 17.15 -38.34 52.27
CA VAL D 109 16.38 -39.31 53.03
C VAL D 109 14.94 -38.80 53.11
N LEU D 110 14.02 -39.53 52.49
CA LEU D 110 12.60 -39.24 52.61
C LEU D 110 12.01 -40.03 53.77
N ARG D 111 11.25 -39.35 54.63
CA ARG D 111 10.65 -39.98 55.80
C ARG D 111 9.18 -39.60 55.87
N LEU D 112 8.31 -40.60 55.95
CA LEU D 112 6.87 -40.40 55.98
C LEU D 112 6.28 -41.14 57.18
N GLU D 113 5.21 -40.57 57.73
CA GLU D 113 4.43 -41.20 58.78
C GLU D 113 3.05 -41.49 58.20
N LEU D 114 2.67 -42.77 58.17
CA LEU D 114 1.48 -43.19 57.44
C LEU D 114 0.59 -44.06 58.31
N ALA D 115 -0.72 -43.95 58.07
CA ALA D 115 -1.71 -44.80 58.69
C ALA D 115 -2.55 -45.45 57.60
N GLY D 116 -2.79 -46.75 57.75
CA GLY D 116 -3.52 -47.52 56.76
C GLY D 116 -2.60 -48.42 55.96
N HIS D 117 -3.21 -49.09 54.99
CA HIS D 117 -2.52 -50.04 54.13
C HIS D 117 -2.35 -49.45 52.73
N GLY D 118 -1.12 -49.45 52.24
CA GLY D 118 -0.87 -48.92 50.91
C GLY D 118 0.55 -49.17 50.47
N ARG D 119 1.01 -48.36 49.52
CA ARG D 119 2.36 -48.46 48.99
C ARG D 119 2.87 -47.08 48.63
N VAL D 120 4.16 -46.86 48.91
CA VAL D 120 4.85 -45.62 48.56
C VAL D 120 5.94 -45.96 47.56
N ASP D 121 5.88 -45.32 46.39
CA ASP D 121 6.84 -45.54 45.32
C ASP D 121 7.61 -44.25 45.07
N VAL D 122 8.92 -44.29 45.29
CA VAL D 122 9.79 -43.14 45.07
C VAL D 122 10.35 -43.21 43.66
N TYR D 123 10.13 -42.15 42.89
CA TYR D 123 10.62 -42.00 41.53
C TYR D 123 11.58 -40.82 41.45
N ARG D 124 12.39 -40.83 40.40
CA ARG D 124 13.26 -39.71 40.04
C ARG D 124 13.07 -39.40 38.55
N SER D 125 13.73 -38.35 38.08
CA SER D 125 13.66 -37.97 36.68
C SER D 125 15.05 -37.60 36.18
N LYS D 126 15.21 -37.65 34.86
CA LYS D 126 16.46 -37.27 34.22
C LYS D 126 16.38 -35.81 33.80
N ALA D 127 17.37 -35.36 33.02
CA ALA D 127 17.41 -33.96 32.60
C ALA D 127 16.34 -33.63 31.57
N ASP D 128 15.83 -34.62 30.86
CA ASP D 128 14.80 -34.39 29.84
C ASP D 128 13.39 -34.70 30.35
N GLY D 129 13.24 -34.99 31.64
CA GLY D 129 11.94 -35.27 32.21
C GLY D 129 11.51 -36.72 32.17
N SER D 130 12.38 -37.63 31.75
CA SER D 130 12.05 -39.04 31.72
C SER D 130 11.95 -39.60 33.13
N ARG D 131 10.87 -40.32 33.41
CA ARG D 131 10.60 -40.84 34.75
C ARG D 131 11.29 -42.19 34.93
N ILE D 132 11.96 -42.35 36.07
CA ILE D 132 12.67 -43.57 36.41
C ILE D 132 12.20 -44.03 37.79
N HIS D 133 11.83 -45.31 37.89
CA HIS D 133 11.40 -45.87 39.17
C HIS D 133 12.62 -46.13 40.04
N VAL D 134 12.69 -45.46 41.19
CA VAL D 134 13.82 -45.64 42.10
C VAL D 134 13.55 -46.81 43.04
N GLN D 135 12.52 -46.69 43.87
CA GLN D 135 12.25 -47.72 44.86
C GLN D 135 10.77 -47.74 45.20
N GLY D 136 10.37 -48.74 45.98
CA GLY D 136 8.99 -48.87 46.40
C GLY D 136 8.82 -49.76 47.62
N LYS D 137 7.93 -49.37 48.52
CA LYS D 137 7.71 -50.13 49.75
C LYS D 137 6.22 -50.18 50.07
N GLU D 138 5.72 -51.37 50.39
CA GLU D 138 4.34 -51.56 50.81
C GLU D 138 4.26 -51.41 52.33
N PHE D 139 3.43 -50.48 52.78
CA PHE D 139 3.33 -50.16 54.19
C PHE D 139 1.96 -50.55 54.75
N ALA D 140 1.96 -50.92 56.03
CA ALA D 140 0.75 -51.23 56.76
C ALA D 140 1.04 -51.04 58.25
N VAL D 141 0.01 -50.64 58.99
CA VAL D 141 0.17 -50.38 60.42
C VAL D 141 0.13 -51.69 61.18
N ALA D 142 1.15 -51.93 62.00
CA ALA D 142 1.21 -53.14 62.80
C ALA D 142 0.12 -53.11 63.86
N PRO D 143 -0.43 -54.28 64.23
CA PRO D 143 -1.46 -54.31 65.27
C PRO D 143 -0.92 -53.82 66.61
N GLY D 144 -1.69 -52.94 67.26
CA GLY D 144 -1.29 -52.36 68.52
C GLY D 144 -0.80 -50.92 68.43
N THR D 145 -0.55 -50.42 67.23
CA THR D 145 -0.08 -49.07 67.01
C THR D 145 -1.10 -48.31 66.14
N GLU D 146 -0.84 -47.02 65.93
CA GLU D 146 -1.71 -46.19 65.12
C GLU D 146 -1.10 -45.75 63.80
N SER D 147 0.23 -45.77 63.67
CA SER D 147 0.90 -45.32 62.47
C SER D 147 2.13 -46.18 62.22
N VAL D 148 2.87 -45.83 61.17
CA VAL D 148 4.07 -46.56 60.77
C VAL D 148 4.99 -45.61 60.02
N SER D 149 6.29 -45.77 60.23
CA SER D 149 7.30 -44.92 59.61
C SER D 149 7.85 -45.60 58.37
N VAL D 150 7.84 -44.87 57.26
CA VAL D 150 8.42 -45.33 55.99
C VAL D 150 9.61 -44.43 55.68
N GLU D 151 10.70 -45.02 55.23
CA GLU D 151 11.92 -44.27 54.99
C GLU D 151 12.63 -44.78 53.75
N PHE D 152 13.11 -43.84 52.94
CA PHE D 152 13.88 -44.12 51.74
C PHE D 152 15.15 -43.27 51.75
N GLU D 153 16.20 -43.78 51.12
CA GLU D 153 17.45 -43.04 50.96
C GLU D 153 17.93 -43.19 49.54
N THR D 154 18.14 -42.05 48.85
CA THR D 154 18.52 -42.06 47.45
C THR D 154 19.67 -41.09 47.23
N ASP D 155 20.69 -41.53 46.51
CA ASP D 155 21.83 -40.69 46.22
C ASP D 155 21.48 -39.59 45.22
N LEU D 156 22.26 -38.52 45.24
CA LEU D 156 22.15 -37.44 44.27
C LEU D 156 23.07 -37.64 43.07
N GLY D 157 23.37 -38.88 42.71
CA GLY D 157 24.28 -39.18 41.64
C GLY D 157 23.79 -38.78 40.26
N PRO D 158 22.69 -39.41 39.81
CA PRO D 158 22.22 -39.19 38.41
C PRO D 158 21.36 -37.94 38.26
N PHE D 159 21.98 -36.78 38.52
CA PHE D 159 21.31 -35.48 38.39
C PHE D 159 22.32 -34.44 37.95
N GLU D 160 23.16 -34.79 36.96
CA GLU D 160 24.23 -33.89 36.55
C GLU D 160 23.69 -32.64 35.87
N ASP D 161 22.71 -32.79 34.98
CA ASP D 161 22.12 -31.65 34.27
C ASP D 161 20.67 -31.38 34.62
N GLY D 162 20.10 -32.08 35.59
CA GLY D 162 18.72 -31.88 35.95
C GLY D 162 18.13 -33.13 36.58
N GLY D 163 16.92 -32.98 37.09
CA GLY D 163 16.19 -34.09 37.69
C GLY D 163 15.56 -33.76 39.02
N TRP D 164 14.45 -34.45 39.32
CA TRP D 164 13.74 -34.32 40.57
C TRP D 164 13.68 -35.67 41.27
N ILE D 165 13.19 -35.64 42.51
CA ILE D 165 12.93 -36.85 43.30
C ILE D 165 11.60 -36.67 44.00
N TRP D 166 10.61 -37.49 43.64
CA TRP D 166 9.29 -37.39 44.24
C TRP D 166 8.80 -38.78 44.64
N PHE D 167 7.61 -38.82 45.24
CA PHE D 167 7.03 -40.07 45.71
C PHE D 167 5.54 -40.06 45.46
N ASP D 168 5.00 -41.23 45.12
CA ASP D 168 3.57 -41.43 44.92
C ASP D 168 3.04 -42.40 45.97
N ILE D 169 1.84 -42.12 46.47
CA ILE D 169 1.18 -42.97 47.44
C ILE D 169 -0.03 -43.61 46.77
N THR D 170 0.00 -44.92 46.63
CA THR D 170 -1.12 -45.68 46.08
C THR D 170 -1.74 -46.49 47.22
N SER D 171 -3.00 -46.20 47.53
CA SER D 171 -3.66 -46.75 48.70
C SER D 171 -4.45 -48.00 48.34
N ASP D 172 -4.46 -48.97 49.25
CA ASP D 172 -5.37 -50.11 49.20
C ASP D 172 -6.57 -49.89 50.12
N THR D 173 -6.35 -49.36 51.31
CA THR D 173 -7.40 -48.92 52.22
C THR D 173 -7.30 -47.41 52.39
N ALA D 174 -8.13 -46.87 53.27
CA ALA D 174 -8.08 -45.45 53.58
C ALA D 174 -6.75 -45.10 54.21
N VAL D 175 -5.96 -44.27 53.54
CA VAL D 175 -4.60 -43.96 53.95
C VAL D 175 -4.55 -42.51 54.44
N THR D 176 -3.72 -42.26 55.46
CA THR D 176 -3.55 -40.93 56.01
C THR D 176 -2.06 -40.66 56.18
N LEU D 177 -1.57 -39.63 55.49
CA LEU D 177 -0.19 -39.16 55.65
C LEU D 177 -0.18 -38.13 56.77
N LEU D 178 0.27 -38.55 57.95
CA LEU D 178 0.29 -37.66 59.11
C LEU D 178 1.31 -36.55 58.94
N ALA D 179 2.50 -36.89 58.46
CA ALA D 179 3.56 -35.92 58.26
C ALA D 179 4.59 -36.50 57.30
N GLY D 180 5.28 -35.60 56.58
CA GLY D 180 6.33 -36.01 55.67
C GLY D 180 7.40 -34.95 55.61
N GLY D 181 8.50 -35.30 54.96
CA GLY D 181 9.60 -34.36 54.82
C GLY D 181 10.88 -34.95 54.25
N TRP D 182 11.68 -34.12 53.62
CA TRP D 182 12.99 -34.51 53.13
C TRP D 182 14.05 -34.15 54.15
N TYR D 183 15.03 -35.03 54.31
CA TYR D 183 16.04 -34.88 55.34
C TYR D 183 17.42 -35.18 54.77
N ALA D 184 18.40 -34.40 55.21
CA ALA D 184 19.84 -34.59 55.05
C ALA D 184 20.38 -35.50 56.14
N PRO D 185 21.20 -36.47 55.77
CA PRO D 185 21.75 -37.43 56.74
C PRO D 185 22.84 -36.86 57.63
N ILE D 186 23.08 -35.54 57.61
CA ILE D 186 24.07 -34.90 58.45
C ILE D 186 23.46 -33.64 59.04
N GLU D 187 23.98 -33.22 60.20
CA GLU D 187 23.44 -32.03 60.84
C GLU D 187 23.77 -30.78 60.04
N ALA D 188 22.97 -29.75 60.25
CA ALA D 188 23.11 -28.51 59.47
C ALA D 188 24.19 -27.62 60.08
N PRO D 189 25.10 -27.09 59.27
CA PRO D 189 26.14 -26.21 59.81
C PRO D 189 25.57 -24.90 60.29
N GLY D 190 26.26 -24.29 61.25
CA GLY D 190 25.87 -22.99 61.76
C GLY D 190 24.63 -23.05 62.64
N ALA D 191 24.22 -21.87 63.10
CA ALA D 191 23.05 -21.73 63.96
C ALA D 191 21.76 -21.55 63.19
N GLY D 192 21.83 -21.10 61.93
CA GLY D 192 20.64 -20.90 61.14
C GLY D 192 19.87 -19.64 61.45
N THR D 193 20.47 -18.70 62.17
CA THR D 193 19.78 -17.45 62.49
C THR D 193 19.65 -16.58 61.24
N ILE D 194 18.46 -16.00 61.07
CA ILE D 194 18.16 -15.19 59.90
C ILE D 194 17.56 -13.87 60.37
N ALA D 195 17.97 -12.78 59.70
CA ALA D 195 17.40 -11.45 59.92
C ALA D 195 16.62 -11.07 58.67
N CYS D 196 15.29 -11.07 58.79
CA CYS D 196 14.44 -10.74 57.65
C CYS D 196 14.29 -9.22 57.54
N GLY D 197 14.09 -8.75 56.31
CA GLY D 197 13.98 -7.32 56.08
C GLY D 197 13.19 -6.94 54.85
N MET D 198 12.25 -6.00 55.01
CA MET D 198 11.37 -5.58 53.93
C MET D 198 11.30 -4.06 53.89
N PRO D 199 11.59 -3.43 52.75
CA PRO D 199 11.31 -2.00 52.59
C PRO D 199 9.86 -1.79 52.17
N THR D 200 9.17 -0.87 52.85
CA THR D 200 7.77 -0.58 52.57
C THR D 200 7.62 0.89 52.22
N PHE D 201 6.54 1.19 51.47
CA PHE D 201 6.24 2.56 51.06
C PHE D 201 4.75 2.66 50.81
N ASN D 202 4.02 3.15 51.81
CA ASN D 202 2.58 3.41 51.71
C ASN D 202 1.80 2.14 51.33
N ARG D 203 2.23 1.01 51.89
CA ARG D 203 1.52 -0.26 51.73
C ARG D 203 1.46 -0.97 53.08
N PRO D 204 0.67 -0.43 54.02
CA PRO D 204 0.62 -1.03 55.35
C PRO D 204 -0.32 -2.23 55.43
N THR D 205 -1.42 -2.19 54.66
CA THR D 205 -2.39 -3.28 54.70
C THR D 205 -1.77 -4.60 54.26
N ASP D 206 -0.80 -4.55 53.35
CA ASP D 206 -0.10 -5.77 52.92
C ASP D 206 1.08 -6.09 53.82
N LEU D 207 1.76 -5.08 54.35
CA LEU D 207 2.89 -5.33 55.25
C LEU D 207 2.43 -6.00 56.54
N VAL D 208 1.24 -5.65 57.03
CA VAL D 208 0.72 -6.29 58.23
C VAL D 208 0.49 -7.78 57.98
N LYS D 209 -0.10 -8.11 56.82
CA LYS D 209 -0.30 -9.51 56.48
C LYS D 209 1.03 -10.23 56.29
N THR D 210 2.02 -9.56 55.72
CA THR D 210 3.33 -10.16 55.55
C THR D 210 3.97 -10.47 56.90
N LEU D 211 3.93 -9.51 57.82
CA LEU D 211 4.48 -9.73 59.16
C LEU D 211 3.73 -10.81 59.91
N GLY D 212 2.41 -10.90 59.70
CA GLY D 212 1.63 -11.94 60.35
C GLY D 212 1.99 -13.33 59.83
N ALA D 213 2.02 -13.48 58.50
CA ALA D 213 2.39 -14.76 57.90
C ALA D 213 3.84 -15.12 58.17
N LEU D 214 4.69 -14.14 58.49
CA LEU D 214 6.07 -14.44 58.84
C LEU D 214 6.15 -15.15 60.18
N GLY D 215 5.53 -14.56 61.22
CA GLY D 215 5.52 -15.13 62.55
C GLY D 215 4.44 -16.14 62.82
N SER D 216 3.72 -16.60 61.78
CA SER D 216 2.67 -17.58 61.97
C SER D 216 3.20 -19.01 62.01
N ASP D 217 4.40 -19.25 61.48
CA ASP D 217 5.01 -20.57 61.49
C ASP D 217 6.03 -20.65 62.60
N PRO D 218 5.86 -21.53 63.59
CA PRO D 218 6.82 -21.59 64.70
C PRO D 218 8.22 -22.03 64.27
N LEU D 219 8.33 -22.93 63.30
CA LEU D 219 9.66 -23.35 62.83
C LEU D 219 10.40 -22.20 62.16
N VAL D 220 9.68 -21.27 61.56
CA VAL D 220 10.34 -20.11 60.95
C VAL D 220 10.74 -19.10 62.02
N LEU D 221 9.86 -18.87 63.01
CA LEU D 221 10.20 -17.96 64.10
C LEU D 221 11.35 -18.48 64.93
N GLY D 222 11.53 -19.80 65.00
CA GLY D 222 12.65 -20.36 65.73
C GLY D 222 14.00 -19.96 65.19
N GLN D 223 14.07 -19.57 63.91
CA GLN D 223 15.32 -19.16 63.30
C GLN D 223 15.43 -17.65 63.10
N VAL D 224 14.32 -16.93 63.18
CA VAL D 224 14.33 -15.49 62.96
C VAL D 224 14.84 -14.78 64.21
N ALA D 225 15.87 -13.96 64.04
CA ALA D 225 16.42 -13.15 65.13
C ALA D 225 15.96 -11.71 65.08
N ALA D 226 15.59 -11.20 63.90
CA ALA D 226 15.14 -9.82 63.77
C ALA D 226 14.31 -9.68 62.51
N VAL D 227 13.37 -8.76 62.53
CA VAL D 227 12.52 -8.43 61.39
C VAL D 227 12.62 -6.92 61.20
N ILE D 228 13.36 -6.48 60.19
CA ILE D 228 13.69 -5.08 59.99
C ILE D 228 12.75 -4.50 58.93
N VAL D 229 12.02 -3.46 59.31
CA VAL D 229 11.15 -2.73 58.40
C VAL D 229 11.71 -1.34 58.20
N ALA D 230 11.72 -0.87 56.96
CA ALA D 230 12.21 0.46 56.61
C ALA D 230 11.04 1.23 55.98
N ASP D 231 10.32 1.97 56.82
CA ASP D 231 9.11 2.67 56.37
C ASP D 231 9.50 4.00 55.75
N GLN D 232 9.41 4.07 54.41
CA GLN D 232 9.78 5.26 53.67
C GLN D 232 8.59 6.13 53.28
N GLY D 233 7.37 5.62 53.44
CA GLY D 233 6.18 6.37 53.09
C GLY D 233 5.64 7.17 54.25
N ASN D 234 4.53 7.86 53.98
CA ASN D 234 3.86 8.66 55.00
C ASN D 234 2.82 7.88 55.78
N ARG D 235 2.27 6.82 55.21
CA ARG D 235 1.30 5.96 55.90
C ARG D 235 2.08 4.89 56.64
N LYS D 236 2.36 5.16 57.92
CA LYS D 236 3.18 4.25 58.70
C LYS D 236 2.41 2.98 59.03
N VAL D 237 3.13 1.85 59.07
CA VAL D 237 2.50 0.57 59.36
C VAL D 237 2.13 0.46 60.84
N VAL D 238 2.73 1.28 61.71
CA VAL D 238 2.38 1.25 63.12
C VAL D 238 0.95 1.74 63.32
N ASP D 239 0.48 2.63 62.45
CA ASP D 239 -0.88 3.16 62.52
C ASP D 239 -1.87 2.38 61.67
N GLU D 240 -1.64 1.08 61.48
CA GLU D 240 -2.50 0.24 60.65
C GLU D 240 -3.25 -0.76 61.54
N PRO D 241 -4.55 -0.92 61.35
CA PRO D 241 -5.28 -1.93 62.13
C PRO D 241 -4.74 -3.33 61.85
N GLY D 242 -4.53 -4.10 62.91
CA GLY D 242 -3.95 -5.42 62.81
C GLY D 242 -2.45 -5.47 63.00
N PHE D 243 -1.79 -4.32 63.22
CA PHE D 243 -0.34 -4.30 63.36
C PHE D 243 0.10 -4.73 64.76
N ASP D 244 -0.66 -4.37 65.79
CA ASP D 244 -0.23 -4.64 67.15
C ASP D 244 -0.19 -6.13 67.44
N GLU D 245 -1.14 -6.90 66.90
CA GLU D 245 -1.14 -8.34 67.14
C GLU D 245 0.07 -9.02 66.51
N ALA D 246 0.35 -8.69 65.25
CA ALA D 246 1.52 -9.25 64.59
C ALA D 246 2.81 -8.81 65.27
N ALA D 247 2.87 -7.56 65.72
CA ALA D 247 4.05 -7.07 66.42
C ALA D 247 4.25 -7.82 67.74
N ALA D 248 3.16 -8.12 68.44
CA ALA D 248 3.26 -8.89 69.68
C ALA D 248 3.68 -10.32 69.41
N VAL D 249 3.19 -10.92 68.33
CA VAL D 249 3.59 -12.27 67.97
C VAL D 249 5.07 -12.31 67.63
N LEU D 250 5.57 -11.29 66.93
CA LEU D 250 6.99 -11.26 66.58
C LEU D 250 7.86 -11.00 67.80
N GLY D 251 7.64 -9.87 68.48
CA GLY D 251 8.38 -9.57 69.69
C GLY D 251 9.44 -8.50 69.48
N ASP D 252 10.54 -8.60 70.23
CA ASP D 252 11.65 -7.66 70.09
C ASP D 252 12.33 -7.76 68.73
N ARG D 253 12.05 -8.83 67.97
CA ARG D 253 12.63 -8.97 66.64
C ARG D 253 12.25 -7.79 65.75
N LEU D 254 11.00 -7.35 65.82
CA LEU D 254 10.51 -6.31 64.92
C LEU D 254 11.18 -4.98 65.25
N VAL D 255 11.92 -4.45 64.28
CA VAL D 255 12.60 -3.17 64.40
C VAL D 255 12.17 -2.32 63.21
N ILE D 256 11.45 -1.23 63.49
CA ILE D 256 10.92 -0.35 62.46
C ILE D 256 11.76 0.93 62.46
N ARG D 257 12.36 1.23 61.31
CA ARG D 257 13.12 2.45 61.10
C ARG D 257 12.38 3.34 60.11
N ASP D 258 12.60 4.64 60.24
CA ASP D 258 11.97 5.64 59.38
C ASP D 258 13.04 6.44 58.66
N GLN D 259 12.84 6.66 57.37
CA GLN D 259 13.79 7.38 56.54
C GLN D 259 13.06 7.95 55.34
N PRO D 260 13.60 8.99 54.70
CA PRO D 260 12.99 9.50 53.47
C PRO D 260 12.91 8.43 52.39
N ASN D 261 12.04 8.67 51.41
CA ASN D 261 11.81 7.73 50.33
C ASN D 261 13.06 7.64 49.46
N LEU D 262 13.88 6.62 49.71
CA LEU D 262 15.10 6.38 48.94
C LEU D 262 14.92 5.26 47.92
N GLY D 263 13.70 4.75 47.76
CA GLY D 263 13.45 3.68 46.83
C GLY D 263 13.83 2.32 47.38
N GLY D 264 13.71 1.31 46.51
CA GLY D 264 14.06 -0.04 46.91
C GLY D 264 15.53 -0.18 47.26
N SER D 265 16.40 0.51 46.51
CA SER D 265 17.82 0.46 46.81
C SER D 265 18.10 0.95 48.23
N GLY D 266 17.58 2.13 48.57
CA GLY D 266 17.80 2.66 49.91
C GLY D 266 17.16 1.81 50.98
N GLY D 267 15.95 1.27 50.71
CA GLY D 267 15.29 0.45 51.70
C GLY D 267 16.04 -0.83 52.02
N TYR D 268 16.44 -1.56 50.97
CA TYR D 268 17.21 -2.78 51.19
C TYR D 268 18.59 -2.48 51.77
N SER D 269 19.18 -1.34 51.42
CA SER D 269 20.45 -0.96 52.02
C SER D 269 20.29 -0.70 53.50
N ARG D 270 19.21 -0.04 53.91
CA ARG D 270 18.94 0.17 55.33
C ARG D 270 18.69 -1.15 56.04
N VAL D 271 17.98 -2.07 55.40
CA VAL D 271 17.75 -3.39 55.97
C VAL D 271 19.09 -4.08 56.23
N MET D 272 19.95 -4.11 55.22
CA MET D 272 21.26 -4.77 55.36
C MET D 272 22.12 -4.07 56.41
N TYR D 273 22.07 -2.74 56.46
CA TYR D 273 22.84 -2.00 57.45
C TYR D 273 22.39 -2.35 58.87
N GLU D 274 21.08 -2.33 59.12
CA GLU D 274 20.57 -2.68 60.43
C GLU D 274 20.91 -4.12 60.79
N ALA D 275 20.82 -5.04 59.82
CA ALA D 275 21.11 -6.44 60.09
C ALA D 275 22.58 -6.64 60.44
N LEU D 276 23.48 -6.00 59.69
CA LEU D 276 24.90 -6.16 59.97
C LEU D 276 25.34 -5.42 61.22
N LYS D 277 24.60 -4.39 61.63
CA LYS D 277 25.04 -3.58 62.76
C LYS D 277 24.47 -4.06 64.09
N ASN D 278 23.17 -4.31 64.16
CA ASN D 278 22.50 -4.51 65.44
C ASN D 278 22.02 -5.94 65.67
N THR D 279 22.28 -6.87 64.75
CA THR D 279 21.91 -8.26 64.96
C THR D 279 23.14 -9.14 64.76
N ASP D 280 23.07 -10.35 65.34
CA ASP D 280 24.12 -11.35 65.19
C ASP D 280 23.68 -12.49 64.27
N ALA D 281 22.71 -12.25 63.40
CA ALA D 281 22.20 -13.30 62.52
C ALA D 281 23.26 -13.71 61.50
N GLU D 282 23.10 -14.93 60.98
CA GLU D 282 24.03 -15.47 60.01
C GLU D 282 23.64 -15.19 58.57
N TYR D 283 22.37 -14.89 58.30
CA TYR D 283 21.89 -14.67 56.95
C TYR D 283 20.88 -13.55 56.92
N ILE D 284 21.07 -12.60 56.00
CA ILE D 284 20.10 -11.55 55.74
C ILE D 284 19.08 -12.09 54.74
N VAL D 285 17.80 -11.86 55.00
CA VAL D 285 16.72 -12.36 54.16
C VAL D 285 15.96 -11.16 53.62
N TYR D 286 16.28 -10.75 52.40
CA TYR D 286 15.53 -9.71 51.72
C TYR D 286 14.15 -10.24 51.33
N MET D 287 13.11 -9.48 51.67
CA MET D 287 11.75 -9.77 51.25
C MET D 287 11.11 -8.48 50.76
N ASP D 288 9.94 -8.61 50.16
CA ASP D 288 9.17 -7.48 49.68
C ASP D 288 7.97 -7.27 50.60
N ASP D 289 7.48 -6.02 50.64
CA ASP D 289 6.38 -5.67 51.53
C ASP D 289 5.02 -6.14 51.02
N ASP D 290 4.94 -6.68 49.80
CA ASP D 290 3.68 -7.07 49.19
C ASP D 290 3.81 -8.48 48.58
N ILE D 291 4.19 -9.44 49.41
CA ILE D 291 4.32 -10.83 48.98
C ILE D 291 3.48 -11.70 49.90
N GLU D 292 2.89 -12.75 49.31
CA GLU D 292 2.18 -13.77 50.06
C GLU D 292 3.17 -14.88 50.40
N ILE D 293 3.59 -14.94 51.66
CA ILE D 293 4.70 -15.78 52.06
C ILE D 293 4.22 -17.21 52.30
N GLU D 294 4.84 -18.16 51.60
CA GLU D 294 4.75 -19.57 51.97
C GLU D 294 5.84 -19.84 52.98
N PRO D 295 5.51 -20.12 54.25
CA PRO D 295 6.53 -20.06 55.31
C PRO D 295 7.65 -21.08 55.15
N ASP D 296 7.37 -22.24 54.56
CA ASP D 296 8.41 -23.26 54.44
C ASP D 296 9.47 -22.89 53.41
N SER D 297 9.17 -21.95 52.50
CA SER D 297 10.17 -21.54 51.52
C SER D 297 11.37 -20.88 52.18
N ILE D 298 11.12 -20.12 53.26
CA ILE D 298 12.22 -19.49 53.99
C ILE D 298 13.15 -20.55 54.56
N LEU D 299 12.58 -21.58 55.19
CA LEU D 299 13.39 -22.66 55.74
C LEU D 299 14.10 -23.45 54.66
N ARG D 300 13.47 -23.61 53.49
CA ARG D 300 14.13 -24.30 52.38
C ARG D 300 15.35 -23.53 51.90
N ALA D 301 15.20 -22.21 51.72
CA ALA D 301 16.33 -21.39 51.31
C ALA D 301 17.42 -21.40 52.37
N LEU D 302 17.03 -21.35 53.65
CA LEU D 302 18.01 -21.39 54.73
C LEU D 302 18.79 -22.70 54.73
N ALA D 303 18.08 -23.82 54.56
CA ALA D 303 18.75 -25.12 54.54
C ALA D 303 19.66 -25.25 53.32
N PHE D 304 19.24 -24.70 52.18
CA PHE D 304 20.10 -24.73 51.00
C PHE D 304 21.34 -23.86 51.19
N ALA D 305 21.22 -22.75 51.91
CA ALA D 305 22.38 -21.90 52.14
C ALA D 305 23.32 -22.50 53.17
N ARG D 306 22.79 -23.22 54.16
CA ARG D 306 23.63 -23.79 55.21
C ARG D 306 24.43 -24.99 54.72
N PHE D 307 23.84 -25.79 53.83
CA PHE D 307 24.52 -26.96 53.26
C PHE D 307 25.31 -26.64 52.01
N ALA D 308 25.58 -25.36 51.75
CA ALA D 308 26.31 -24.99 50.55
C ALA D 308 27.79 -25.33 50.66
N LYS D 309 28.40 -25.62 49.52
CA LYS D 309 29.83 -25.93 49.51
C LYS D 309 30.66 -24.69 49.83
N SER D 310 30.28 -23.55 49.30
CA SER D 310 30.88 -22.26 49.56
C SER D 310 29.77 -21.25 49.81
N PRO D 311 30.07 -20.12 50.45
CA PRO D 311 29.04 -19.09 50.64
C PRO D 311 28.43 -18.67 49.30
N MET D 312 27.11 -18.61 49.27
CA MET D 312 26.39 -18.33 48.04
C MET D 312 25.06 -17.67 48.37
N LEU D 313 24.50 -16.99 47.36
CA LEU D 313 23.20 -16.34 47.48
C LEU D 313 22.11 -17.30 47.03
N VAL D 314 21.13 -17.53 47.89
CA VAL D 314 20.03 -18.45 47.60
C VAL D 314 18.77 -17.60 47.48
N GLY D 315 18.39 -17.28 46.25
CA GLY D 315 17.20 -16.50 45.99
C GLY D 315 16.02 -17.39 45.62
N GLY D 316 14.83 -17.01 46.12
CA GLY D 316 13.63 -17.77 45.84
C GLY D 316 12.96 -17.38 44.53
N GLN D 317 11.96 -18.16 44.16
CA GLN D 317 11.21 -17.94 42.93
C GLN D 317 9.92 -17.18 43.23
N MET D 318 9.31 -16.68 42.16
CA MET D 318 8.11 -15.85 42.26
C MET D 318 6.97 -16.51 41.50
N LEU D 319 5.92 -16.87 42.22
CA LEU D 319 4.65 -17.23 41.61
C LEU D 319 3.79 -15.98 41.43
N ASN D 320 2.86 -16.06 40.48
CA ASN D 320 2.03 -14.91 40.15
C ASN D 320 0.95 -14.72 41.22
N LEU D 321 0.89 -13.51 41.79
CA LEU D 321 -0.09 -13.24 42.83
C LEU D 321 -1.51 -13.21 42.27
N GLN D 322 -1.66 -12.91 40.99
CA GLN D 322 -2.97 -12.87 40.35
C GLN D 322 -3.35 -14.18 39.68
N GLU D 323 -2.36 -15.01 39.32
CA GLU D 323 -2.59 -16.38 38.84
C GLU D 323 -1.71 -17.28 39.71
N ARG D 324 -2.25 -17.70 40.85
CA ARG D 324 -1.44 -18.35 41.87
C ARG D 324 -0.87 -19.68 41.42
N SER D 325 -1.43 -20.30 40.38
CA SER D 325 -0.95 -21.58 39.90
C SER D 325 0.10 -21.44 38.79
N HIS D 326 0.64 -20.24 38.59
CA HIS D 326 1.61 -19.98 37.53
C HIS D 326 2.96 -19.62 38.14
N LEU D 327 4.03 -20.22 37.62
CA LEU D 327 5.39 -19.85 37.96
C LEU D 327 5.89 -18.85 36.93
N HIS D 328 6.34 -17.68 37.40
CA HIS D 328 6.70 -16.61 36.48
C HIS D 328 7.98 -16.94 35.71
N SER D 329 9.06 -17.28 36.42
CA SER D 329 10.33 -17.50 35.77
C SER D 329 11.16 -18.49 36.60
N MET D 330 11.80 -19.43 35.91
CA MET D 330 12.72 -20.35 36.57
C MET D 330 14.05 -19.69 36.89
N GLY D 331 14.52 -18.79 36.03
CA GLY D 331 15.78 -18.13 36.27
C GLY D 331 15.98 -16.97 35.31
N GLU D 332 16.86 -16.05 35.72
CA GLU D 332 17.17 -14.86 34.95
C GLU D 332 18.67 -14.70 34.82
N VAL D 333 19.12 -14.37 33.61
CA VAL D 333 20.52 -14.06 33.34
C VAL D 333 20.59 -12.68 32.69
N VAL D 334 21.81 -12.28 32.32
CA VAL D 334 22.02 -11.01 31.63
C VAL D 334 22.85 -11.28 30.39
N ASP D 335 22.33 -10.87 29.23
CA ASP D 335 23.09 -10.93 27.99
C ASP D 335 24.17 -9.86 28.01
N ARG D 336 25.42 -10.28 27.81
CA ARG D 336 26.58 -9.40 27.91
C ARG D 336 26.88 -8.67 26.59
N GLY D 337 26.21 -9.02 25.50
CA GLY D 337 26.39 -8.30 24.26
C GLY D 337 25.78 -6.92 24.32
N ILE D 338 24.44 -6.85 24.33
CA ILE D 338 23.74 -5.59 24.52
C ILE D 338 23.53 -5.27 25.99
N PHE D 339 24.00 -6.13 26.90
CA PHE D 339 23.86 -5.96 28.34
C PHE D 339 22.39 -5.75 28.73
N MET D 340 21.63 -6.83 28.78
CA MET D 340 20.21 -6.72 29.10
C MET D 340 19.75 -7.99 29.81
N TRP D 341 18.98 -7.81 30.88
CA TRP D 341 18.50 -8.96 31.65
C TRP D 341 17.38 -9.67 30.90
N THR D 342 17.45 -10.99 30.84
CA THR D 342 16.50 -11.81 30.11
C THR D 342 16.40 -13.17 30.80
N SER D 343 15.58 -14.05 30.21
CA SER D 343 15.41 -15.38 30.77
C SER D 343 16.64 -16.24 30.49
N ALA D 344 16.99 -17.08 31.46
CA ALA D 344 18.11 -17.99 31.31
C ALA D 344 17.83 -18.99 30.19
N PRO D 345 18.88 -19.65 29.67
CA PRO D 345 18.64 -20.70 28.67
C PRO D 345 17.74 -21.80 29.23
N ASN D 346 16.90 -22.35 28.35
CA ASN D 346 15.94 -23.40 28.71
C ASN D 346 14.95 -22.92 29.76
N VAL D 347 14.50 -21.67 29.62
CA VAL D 347 13.54 -21.06 30.54
C VAL D 347 12.49 -20.32 29.71
N GLU D 348 11.22 -20.56 30.01
CA GLU D 348 10.11 -19.86 29.38
C GLU D 348 9.23 -19.25 30.47
N TYR D 349 8.82 -18.01 30.26
CA TYR D 349 8.02 -17.29 31.25
C TYR D 349 6.62 -17.87 31.36
N ASP D 350 6.03 -17.72 32.55
CA ASP D 350 4.65 -18.07 32.83
C ASP D 350 4.35 -19.55 32.53
N HIS D 351 4.48 -20.39 33.54
CA HIS D 351 4.22 -21.82 33.41
C HIS D 351 3.09 -22.22 34.36
N ASP D 352 1.98 -22.66 33.80
CA ASP D 352 0.81 -23.05 34.59
C ASP D 352 0.93 -24.52 34.97
N PHE D 353 0.95 -24.80 36.28
CA PHE D 353 1.03 -26.18 36.73
C PHE D 353 -0.33 -26.87 36.71
N ALA D 354 -1.42 -26.12 36.88
CA ALA D 354 -2.75 -26.71 36.79
C ALA D 354 -3.05 -27.18 35.37
N LYS D 355 -2.43 -26.56 34.36
CA LYS D 355 -2.61 -26.95 32.98
C LYS D 355 -1.55 -27.96 32.54
N HIS D 356 -0.28 -27.65 32.78
CA HIS D 356 0.84 -28.53 32.44
C HIS D 356 1.56 -28.94 33.72
N PRO D 357 1.22 -30.09 34.30
CA PRO D 357 1.90 -30.53 35.52
C PRO D 357 3.35 -30.90 35.25
N LEU D 358 4.09 -31.13 36.34
CA LEU D 358 5.50 -31.50 36.22
C LEU D 358 5.68 -32.87 35.57
N LYS D 359 4.66 -33.72 35.59
CA LYS D 359 4.75 -35.03 34.94
C LYS D 359 4.69 -34.92 33.43
N ASP D 360 4.15 -33.83 32.90
CA ASP D 360 4.00 -33.66 31.46
C ASP D 360 5.36 -33.43 30.81
N ARG D 361 5.76 -34.36 29.93
CA ARG D 361 7.03 -34.25 29.25
C ARG D 361 6.95 -33.41 27.97
N ASP D 362 5.75 -33.18 27.44
CA ASP D 362 5.61 -32.38 26.23
C ASP D 362 5.61 -30.89 26.50
N ASN D 363 5.26 -30.46 27.72
CA ASN D 363 5.15 -29.04 28.03
C ASN D 363 5.89 -28.61 29.29
N SER D 364 6.47 -29.54 30.06
CA SER D 364 7.18 -29.19 31.28
C SER D 364 8.56 -29.81 31.34
N LYS D 365 9.11 -30.23 30.20
CA LYS D 365 10.43 -30.86 30.19
C LYS D 365 11.52 -29.88 30.58
N LEU D 366 11.37 -28.61 30.20
CA LEU D 366 12.37 -27.60 30.55
C LEU D 366 12.47 -27.40 32.06
N LEU D 367 11.42 -27.71 32.81
CA LEU D 367 11.48 -27.63 34.26
C LEU D 367 12.33 -28.72 34.88
N HIS D 368 12.74 -29.71 34.09
CA HIS D 368 13.58 -30.80 34.58
C HIS D 368 15.07 -30.56 34.32
N ARG D 369 15.44 -29.36 33.88
CA ARG D 369 16.82 -28.99 33.66
C ARG D 369 17.29 -28.03 34.75
N ARG D 370 18.53 -28.22 35.19
CA ARG D 370 19.10 -27.31 36.18
C ARG D 370 19.39 -25.96 35.54
N ILE D 371 18.85 -24.89 36.12
CA ILE D 371 18.96 -23.55 35.58
C ILE D 371 20.06 -22.81 36.33
N ASP D 372 20.94 -22.15 35.59
CA ASP D 372 22.01 -21.34 36.16
C ASP D 372 21.70 -19.87 35.90
N VAL D 373 21.76 -19.06 36.96
CA VAL D 373 21.35 -17.66 36.89
C VAL D 373 22.55 -16.78 37.23
N ASP D 374 22.45 -15.52 36.81
CA ASP D 374 23.44 -14.51 37.17
C ASP D 374 23.03 -13.69 38.38
N PHE D 375 21.74 -13.48 38.59
CA PHE D 375 21.23 -12.75 39.74
C PHE D 375 19.88 -13.32 40.14
N ASN D 376 19.27 -12.71 41.15
CA ASN D 376 17.91 -13.08 41.57
C ASN D 376 17.28 -11.88 42.25
N GLY D 377 15.99 -11.68 41.97
CA GLY D 377 15.28 -10.56 42.56
C GLY D 377 15.18 -10.64 44.06
N TRP D 378 14.92 -9.49 44.67
CA TRP D 378 14.88 -9.36 46.12
C TRP D 378 13.48 -9.51 46.71
N TRP D 379 12.56 -10.11 45.96
CA TRP D 379 11.27 -10.47 46.55
C TRP D 379 11.47 -11.50 47.66
N THR D 380 12.42 -12.41 47.47
CA THR D 380 12.87 -13.31 48.53
C THR D 380 14.29 -13.74 48.18
N CYS D 381 15.24 -13.33 49.02
CA CYS D 381 16.64 -13.60 48.74
C CYS D 381 17.39 -13.82 50.05
N VAL D 382 18.36 -14.73 50.03
CA VAL D 382 19.17 -15.04 51.19
C VAL D 382 20.61 -14.67 50.88
N ILE D 383 21.21 -13.83 51.73
CA ILE D 383 22.57 -13.36 51.57
C ILE D 383 23.35 -13.71 52.83
N PRO D 384 24.41 -14.50 52.74
CA PRO D 384 25.21 -14.79 53.94
C PRO D 384 25.83 -13.52 54.50
N ARG D 385 25.92 -13.47 55.84
CA ARG D 385 26.47 -12.29 56.50
C ARG D 385 27.90 -12.02 56.02
N GLN D 386 28.68 -13.07 55.78
CA GLN D 386 30.03 -12.91 55.28
C GLN D 386 30.04 -12.20 53.92
N VAL D 387 29.15 -12.62 53.02
CA VAL D 387 29.11 -12.01 51.69
C VAL D 387 28.72 -10.54 51.78
N ALA D 388 27.72 -10.23 52.61
CA ALA D 388 27.28 -8.84 52.74
C ALA D 388 28.37 -7.97 53.37
N GLU D 389 29.11 -8.53 54.32
CA GLU D 389 30.18 -7.76 54.96
C GLU D 389 31.37 -7.58 54.03
N GLN D 390 31.63 -8.54 53.14
CA GLN D 390 32.81 -8.46 52.28
C GLN D 390 32.57 -7.65 51.02
N ILE D 391 31.40 -7.80 50.37
CA ILE D 391 31.17 -7.10 49.11
C ILE D 391 30.54 -5.73 49.30
N GLY D 392 29.91 -5.46 50.45
CA GLY D 392 29.44 -4.12 50.76
C GLY D 392 27.95 -3.97 50.57
N GLN D 393 27.52 -2.71 50.62
CA GLN D 393 26.12 -2.33 50.53
C GLN D 393 25.67 -2.23 49.08
N PRO D 394 24.35 -2.28 48.83
CA PRO D 394 23.87 -2.11 47.46
C PRO D 394 24.17 -0.72 46.92
N LEU D 395 24.08 -0.60 45.59
CA LEU D 395 24.33 0.68 44.93
C LEU D 395 23.12 1.60 45.08
N PRO D 396 23.35 2.91 45.19
CA PRO D 396 22.23 3.88 45.24
C PRO D 396 21.63 4.13 43.86
N LEU D 397 20.78 3.21 43.43
CA LEU D 397 20.14 3.28 42.13
C LEU D 397 18.64 3.59 42.22
N PHE D 398 18.09 3.67 43.43
CA PHE D 398 16.67 3.91 43.70
C PHE D 398 15.81 2.74 43.24
N LEU D 399 15.70 2.54 41.93
CA LEU D 399 14.90 1.45 41.39
C LEU D 399 15.57 0.93 40.13
N LYS D 400 15.38 -0.37 39.87
CA LYS D 400 15.90 -1.07 38.70
C LYS D 400 17.41 -1.26 38.75
N TRP D 401 17.85 -2.47 38.37
CA TRP D 401 19.26 -2.85 38.24
C TRP D 401 20.02 -2.83 39.57
N ASP D 402 19.32 -2.68 40.69
CA ASP D 402 19.98 -2.72 41.99
C ASP D 402 20.20 -4.15 42.48
N ASP D 403 19.48 -5.12 41.94
CA ASP D 403 19.70 -6.53 42.25
C ASP D 403 20.61 -7.23 41.25
N VAL D 404 20.54 -6.84 39.97
CA VAL D 404 21.43 -7.42 38.96
C VAL D 404 22.88 -7.09 39.28
N GLU D 405 23.14 -5.83 39.65
CA GLU D 405 24.50 -5.42 39.98
C GLU D 405 24.99 -6.14 41.23
N TYR D 406 24.12 -6.33 42.22
CA TYR D 406 24.54 -7.04 43.43
C TYR D 406 24.86 -8.49 43.12
N GLY D 407 24.05 -9.15 42.28
CA GLY D 407 24.37 -10.50 41.87
C GLY D 407 25.67 -10.60 41.12
N LEU D 408 25.92 -9.66 40.20
CA LEU D 408 27.16 -9.68 39.43
C LEU D 408 28.37 -9.41 40.33
N ARG D 409 28.23 -8.51 41.30
CA ARG D 409 29.34 -8.24 42.21
C ARG D 409 29.62 -9.45 43.11
N ALA D 410 28.56 -10.10 43.61
CA ALA D 410 28.76 -11.31 44.39
C ALA D 410 29.44 -12.39 43.56
N ARG D 411 29.07 -12.52 42.28
CA ARG D 411 29.72 -13.49 41.41
C ARG D 411 31.19 -13.14 41.19
N ASP D 412 31.49 -11.85 41.04
CA ASP D 412 32.89 -11.43 40.88
C ASP D 412 33.70 -11.67 42.14
N HIS D 413 33.06 -11.62 43.30
CA HIS D 413 33.75 -11.89 44.56
C HIS D 413 33.85 -13.38 44.88
N GLY D 414 33.40 -14.26 43.99
CA GLY D 414 33.46 -15.69 44.23
C GLY D 414 32.27 -16.28 44.96
N TYR D 415 31.10 -15.65 44.88
CA TYR D 415 29.89 -16.14 45.54
C TYR D 415 28.79 -16.27 44.49
N PRO D 416 28.40 -17.49 44.12
CA PRO D 416 27.38 -17.65 43.07
C PRO D 416 25.98 -17.34 43.58
N THR D 417 25.00 -17.41 42.67
CA THR D 417 23.60 -17.18 42.99
C THR D 417 22.77 -18.30 42.39
N VAL D 418 21.86 -18.86 43.18
CA VAL D 418 21.01 -19.96 42.74
C VAL D 418 19.56 -19.59 42.96
N THR D 419 18.73 -19.82 41.94
CA THR D 419 17.29 -19.64 42.04
C THR D 419 16.70 -21.01 42.36
N LEU D 420 16.48 -21.27 43.65
CA LEU D 420 16.10 -22.60 44.11
C LEU D 420 14.63 -22.87 43.83
N PRO D 421 14.30 -23.85 42.99
CA PRO D 421 12.89 -24.20 42.78
C PRO D 421 12.31 -24.86 44.02
N GLY D 422 11.06 -24.53 44.32
CA GLY D 422 10.41 -25.04 45.52
C GLY D 422 10.25 -23.98 46.58
N ALA D 423 11.29 -23.15 46.77
CA ALA D 423 11.23 -22.02 47.69
C ALA D 423 10.73 -20.81 46.90
N ALA D 424 9.44 -20.53 47.02
CA ALA D 424 8.81 -19.48 46.23
C ALA D 424 7.92 -18.62 47.11
N VAL D 425 7.61 -17.43 46.58
CA VAL D 425 6.65 -16.51 47.18
C VAL D 425 5.77 -15.94 46.08
N TRP D 426 4.58 -15.50 46.47
CA TRP D 426 3.62 -14.95 45.52
C TRP D 426 3.78 -13.44 45.43
N HIS D 427 3.96 -12.94 44.21
CA HIS D 427 4.13 -11.52 43.96
C HIS D 427 3.68 -11.21 42.54
N MET D 428 3.26 -9.97 42.32
CA MET D 428 2.77 -9.55 41.01
C MET D 428 3.89 -9.60 39.99
N ALA D 429 3.61 -10.17 38.83
CA ALA D 429 4.58 -10.26 37.75
C ALA D 429 4.68 -8.93 37.02
N TRP D 430 5.47 -8.91 35.94
CA TRP D 430 5.65 -7.69 35.17
C TRP D 430 5.08 -7.84 33.77
N LYS D 433 4.01 -4.67 32.80
CA LYS D 433 2.98 -3.89 32.13
C LYS D 433 3.60 -2.74 31.33
N ASP D 434 3.33 -1.50 31.76
CA ASP D 434 3.90 -0.32 31.14
C ASP D 434 5.23 0.08 31.74
N ASP D 435 6.02 -0.90 32.22
CA ASP D 435 7.27 -0.60 32.91
C ASP D 435 8.34 -0.08 31.97
N ALA D 436 8.19 -0.26 30.66
CA ALA D 436 9.15 0.21 29.68
C ALA D 436 8.74 1.53 29.04
N ILE D 437 7.65 2.14 29.50
CA ILE D 437 7.13 3.37 28.90
C ILE D 437 7.03 4.50 29.92
N ASP D 438 6.54 4.21 31.13
CA ASP D 438 6.31 5.25 32.12
C ASP D 438 7.60 5.72 32.78
N TRP D 439 7.49 6.25 34.00
CA TRP D 439 8.65 6.85 34.67
C TRP D 439 9.78 5.85 34.86
N GLN D 440 9.45 4.56 35.08
CA GLN D 440 10.48 3.55 35.30
C GLN D 440 11.48 3.50 34.14
N ALA D 441 11.03 3.81 32.92
CA ALA D 441 11.91 3.79 31.76
C ALA D 441 13.14 4.66 31.96
N TYR D 442 13.04 5.68 32.82
CA TYR D 442 14.23 6.44 33.21
C TYR D 442 15.21 5.56 33.98
N PHE D 443 14.79 5.07 35.14
CA PHE D 443 15.70 4.32 36.01
C PHE D 443 16.18 3.05 35.35
N HIS D 444 15.41 2.50 34.42
CA HIS D 444 15.81 1.27 33.75
C HIS D 444 16.92 1.52 32.75
N LEU D 445 17.03 2.74 32.21
CA LEU D 445 18.09 3.01 31.24
C LEU D 445 19.34 3.53 31.93
N ARG D 446 19.21 4.57 32.76
CA ARG D 446 20.35 5.15 33.46
C ARG D 446 21.16 4.06 34.16
N ASN D 447 20.51 3.30 35.04
CA ASN D 447 21.21 2.23 35.74
C ASN D 447 21.72 1.16 34.78
N ARG D 448 21.02 0.93 33.67
CA ARG D 448 21.51 0.00 32.66
C ARG D 448 22.88 0.46 32.15
N LEU D 449 23.09 1.76 32.04
CA LEU D 449 24.39 2.28 31.66
C LEU D 449 25.38 2.27 32.81
N VAL D 450 24.89 2.29 34.06
CA VAL D 450 25.78 2.29 35.22
C VAL D 450 26.37 0.90 35.43
N VAL D 451 25.51 -0.12 35.50
CA VAL D 451 25.99 -1.49 35.68
C VAL D 451 26.84 -1.93 34.50
N ALA D 452 26.50 -1.46 33.28
CA ALA D 452 27.35 -1.74 32.13
C ALA D 452 28.73 -1.11 32.29
N SER D 453 28.81 0.02 33.00
CA SER D 453 30.11 0.61 33.28
C SER D 453 30.95 -0.27 34.19
N LEU D 454 30.34 -1.25 34.86
CA LEU D 454 31.05 -2.10 35.81
C LEU D 454 31.32 -3.50 35.28
N HIS D 455 30.46 -4.05 34.43
CA HIS D 455 30.58 -5.44 34.02
C HIS D 455 30.48 -5.68 32.52
N LEU D 456 30.19 -4.66 31.71
CA LEU D 456 30.08 -4.86 30.26
C LEU D 456 31.47 -4.95 29.66
N PRO D 457 31.84 -6.09 29.05
CA PRO D 457 33.18 -6.20 28.46
C PRO D 457 33.24 -5.66 27.03
N GLY D 458 34.07 -4.66 26.80
CA GLY D 458 34.22 -4.09 25.47
C GLY D 458 33.82 -2.63 25.39
N ASN D 459 33.55 -2.16 24.17
CA ASN D 459 33.18 -0.77 23.96
C ASN D 459 31.68 -0.52 24.12
N GLY D 460 30.86 -1.56 24.06
CA GLY D 460 29.43 -1.40 24.26
C GLY D 460 28.70 -0.75 23.10
N LYS D 461 29.22 -0.88 21.87
CA LYS D 461 28.53 -0.32 20.72
C LYS D 461 27.22 -1.04 20.45
N ALA D 462 27.16 -2.36 20.74
CA ALA D 462 25.92 -3.10 20.55
C ALA D 462 24.81 -2.56 21.46
N MET D 463 25.17 -2.21 22.70
CA MET D 463 24.18 -1.63 23.61
C MET D 463 23.67 -0.29 23.08
N VAL D 464 24.56 0.51 22.49
CA VAL D 464 24.14 1.81 21.96
C VAL D 464 23.23 1.61 20.75
N VAL D 465 23.52 0.63 19.90
CA VAL D 465 22.64 0.35 18.76
C VAL D 465 21.29 -0.15 19.25
N ASN D 466 21.29 -0.96 20.31
CA ASN D 466 20.03 -1.44 20.88
C ASN D 466 19.20 -0.29 21.41
N THR D 467 19.82 0.65 22.12
CA THR D 467 19.08 1.81 22.60
C THR D 467 18.62 2.69 21.44
N ILE D 468 19.40 2.75 20.36
CA ILE D 468 18.98 3.53 19.18
C ILE D 468 17.70 2.95 18.59
N LYS D 469 17.67 1.63 18.38
CA LYS D 469 16.48 1.03 17.80
C LYS D 469 15.30 1.05 18.77
N ALA D 470 15.57 1.01 20.08
CA ALA D 470 14.50 1.17 21.05
C ALA D 470 13.91 2.59 20.97
N THR D 471 14.77 3.60 20.82
CA THR D 471 14.28 4.96 20.65
C THR D 471 13.48 5.10 19.35
N LEU D 472 13.92 4.42 18.30
CA LEU D 472 13.16 4.43 17.05
C LEU D 472 11.77 3.84 17.24
N LYS D 473 11.69 2.70 17.93
CA LYS D 473 10.39 2.10 18.22
C LYS D 473 9.52 3.02 19.05
N HIS D 474 10.10 3.65 20.08
CA HIS D 474 9.33 4.55 20.92
C HIS D 474 8.80 5.75 20.14
N LEU D 475 9.63 6.33 19.28
CA LEU D 475 9.20 7.48 18.48
C LEU D 475 8.16 7.10 17.45
N LEU D 476 8.26 5.89 16.88
CA LEU D 476 7.28 5.47 15.89
C LEU D 476 5.91 5.18 16.52
N CYS D 477 5.87 4.90 17.83
CA CYS D 477 4.63 4.58 18.52
C CYS D 477 4.09 5.78 19.31
N LEU D 478 4.51 6.99 18.98
CA LEU D 478 4.02 8.22 19.61
C LEU D 478 4.28 8.25 21.11
N GLU D 479 5.36 7.60 21.55
CA GLU D 479 5.74 7.58 22.96
C GLU D 479 6.93 8.53 23.14
N TYR D 480 6.61 9.83 23.19
CA TYR D 480 7.62 10.87 23.24
C TYR D 480 8.14 11.13 24.64
N SER D 481 7.29 11.03 25.67
CA SER D 481 7.75 11.21 27.04
C SER D 481 8.80 10.17 27.42
N THR D 482 8.66 8.94 26.90
CA THR D 482 9.67 7.92 27.15
C THR D 482 11.01 8.33 26.58
N VAL D 483 11.02 8.87 25.36
CA VAL D 483 12.27 9.34 24.75
C VAL D 483 12.85 10.49 25.56
N ALA D 484 11.99 11.39 26.03
CA ALA D 484 12.47 12.53 26.82
C ALA D 484 13.14 12.06 28.11
N ILE D 485 12.49 11.16 28.84
CA ILE D 485 13.07 10.69 30.09
C ILE D 485 14.27 9.79 29.85
N GLN D 486 14.36 9.12 28.70
CA GLN D 486 15.57 8.36 28.39
C GLN D 486 16.73 9.28 28.09
N ASN D 487 16.48 10.40 27.40
CA ASN D 487 17.52 11.41 27.22
C ASN D 487 17.95 11.98 28.56
N LEU D 488 16.99 12.21 29.45
CA LEU D 488 17.33 12.67 30.81
C LEU D 488 18.18 11.64 31.54
N ALA D 489 17.87 10.36 31.35
CA ALA D 489 18.67 9.29 31.98
C ALA D 489 20.10 9.29 31.45
N ILE D 490 20.25 9.44 30.13
CA ILE D 490 21.59 9.50 29.55
C ILE D 490 22.36 10.69 30.10
N ARG D 491 21.70 11.85 30.20
CA ARG D 491 22.37 13.03 30.71
C ARG D 491 22.78 12.86 32.17
N ASP D 492 21.90 12.28 32.99
CA ASP D 492 22.23 12.06 34.39
C ASP D 492 23.32 11.01 34.56
N TYR D 493 23.37 10.00 33.69
CA TYR D 493 24.42 9.01 33.75
C TYR D 493 25.77 9.63 33.38
N LEU D 494 25.80 10.46 32.34
CA LEU D 494 27.04 11.13 31.96
C LEU D 494 27.47 12.18 32.97
N ALA D 495 26.65 12.47 33.98
CA ALA D 495 27.02 13.41 35.03
C ALA D 495 28.00 12.82 36.04
N GLY D 496 28.37 11.55 35.89
CA GLY D 496 29.33 10.92 36.75
C GLY D 496 28.70 10.26 37.97
N PRO D 497 29.47 9.40 38.64
CA PRO D 497 28.96 8.74 39.85
C PRO D 497 28.80 9.68 41.04
N GLU D 498 29.32 10.90 40.97
CA GLU D 498 29.19 11.84 42.08
C GLU D 498 27.77 12.35 42.24
N ARG D 499 26.92 12.20 41.22
CA ARG D 499 25.54 12.64 41.27
C ARG D 499 24.57 11.52 41.64
N LEU D 500 25.06 10.30 41.87
CA LEU D 500 24.17 9.18 42.15
C LEU D 500 23.47 9.34 43.50
N PHE D 501 24.22 9.69 44.54
CA PHE D 501 23.61 9.88 45.85
C PHE D 501 22.76 11.14 45.90
N GLN D 502 23.10 12.15 45.08
CA GLN D 502 22.27 13.36 45.03
C GLN D 502 20.94 13.07 44.33
N LEU D 503 20.97 12.27 43.26
CA LEU D 503 19.77 11.92 42.51
C LEU D 503 18.95 10.83 43.18
N LEU D 504 19.38 10.33 44.35
CA LEU D 504 18.61 9.27 45.02
C LEU D 504 17.23 9.75 45.47
N PRO D 505 17.08 10.93 46.11
CA PRO D 505 15.73 11.35 46.50
C PRO D 505 15.15 12.46 45.61
N SER D 506 15.74 12.69 44.43
CA SER D 506 15.36 13.82 43.61
C SER D 506 15.02 13.48 42.16
N ALA D 507 15.48 12.34 41.63
CA ALA D 507 15.25 12.06 40.21
C ALA D 507 13.77 11.79 39.91
N LEU D 508 13.04 11.21 40.88
CA LEU D 508 11.66 10.81 40.62
C LEU D 508 10.78 12.02 40.34
N GLY D 509 10.94 13.10 41.10
CA GLY D 509 10.14 14.29 40.86
C GLY D 509 10.43 14.93 39.52
N ALA D 510 11.71 14.96 39.13
CA ALA D 510 12.07 15.51 37.83
C ALA D 510 11.46 14.68 36.70
N VAL D 511 11.54 13.36 36.81
CA VAL D 511 10.95 12.49 35.79
C VAL D 511 9.44 12.70 35.74
N HIS D 512 8.80 12.81 36.90
CA HIS D 512 7.36 13.02 36.94
C HIS D 512 6.96 14.33 36.27
N ALA D 513 7.71 15.40 36.55
CA ALA D 513 7.40 16.68 35.92
C ALA D 513 7.62 16.63 34.41
N LEU D 514 8.75 16.05 33.97
CA LEU D 514 9.03 15.96 32.55
C LEU D 514 7.98 15.14 31.82
N ARG D 515 7.46 14.09 32.45
CA ARG D 515 6.37 13.32 31.84
C ARG D 515 5.05 14.06 31.89
N LYS D 516 4.79 14.83 32.96
CA LYS D 516 3.59 15.64 33.02
C LYS D 516 3.55 16.66 31.90
N GLN D 517 4.72 17.14 31.46
CA GLN D 517 4.73 18.09 30.35
C GLN D 517 4.39 17.46 29.01
N TYR D 518 4.03 16.18 28.96
CA TYR D 518 3.66 15.50 27.73
C TYR D 518 2.24 14.95 27.84
N PRO D 519 1.49 14.91 26.71
CA PRO D 519 0.12 14.40 26.77
C PRO D 519 0.05 12.87 26.80
N ASP D 520 1.00 12.21 26.16
CA ASP D 520 1.00 10.75 26.12
C ASP D 520 1.32 10.11 27.46
N ALA D 521 1.74 10.89 28.45
CA ALA D 521 2.01 10.39 29.78
C ALA D 521 0.96 10.80 30.81
N VAL D 522 -0.01 11.61 30.42
CA VAL D 522 -1.08 12.02 31.32
C VAL D 522 -2.22 11.02 31.19
N ILE D 523 -2.59 10.39 32.30
CA ILE D 523 -3.62 9.36 32.31
C ILE D 523 -4.95 10.01 32.67
N LEU D 524 -5.94 9.85 31.79
CA LEU D 524 -7.31 10.28 32.04
C LEU D 524 -8.13 9.12 32.58
N PRO D 525 -9.20 9.41 33.34
CA PRO D 525 -10.02 8.31 33.88
C PRO D 525 -10.58 7.40 32.81
N SER D 526 -11.13 7.95 31.73
CA SER D 526 -11.71 7.15 30.66
C SER D 526 -11.65 7.93 29.36
N SER D 527 -11.92 7.24 28.25
CA SER D 527 -12.01 7.89 26.96
C SER D 527 -13.22 8.80 26.85
N THR D 528 -14.14 8.76 27.81
CA THR D 528 -15.29 9.66 27.81
C THR D 528 -14.87 11.10 28.07
N GLU D 529 -13.70 11.32 28.67
CA GLU D 529 -13.23 12.69 28.90
C GLU D 529 -12.86 13.40 27.61
N LEU D 530 -12.69 12.66 26.52
CA LEU D 530 -12.36 13.21 25.21
C LEU D 530 -13.57 13.14 24.29
N PRO D 531 -13.59 13.91 23.21
CA PRO D 531 -14.64 13.75 22.20
C PRO D 531 -14.65 12.34 21.62
N LEU D 532 -15.79 11.98 21.04
CA LEU D 532 -15.96 10.65 20.48
C LEU D 532 -14.95 10.38 19.37
N ALA D 533 -14.63 9.10 19.17
CA ALA D 533 -13.69 8.73 18.12
C ALA D 533 -14.24 9.09 16.76
N SER D 534 -13.47 9.86 15.99
CA SER D 534 -13.95 10.37 14.71
C SER D 534 -13.78 9.36 13.58
N HIS D 535 -12.78 8.48 13.67
CA HIS D 535 -12.45 7.52 12.63
C HIS D 535 -12.10 8.20 11.30
N LEU D 536 -11.73 9.48 11.35
CA LEU D 536 -11.36 10.21 10.15
C LEU D 536 -9.92 9.93 9.76
N GLU D 537 -9.70 9.70 8.47
CA GLU D 537 -8.36 9.49 7.91
C GLU D 537 -7.67 8.30 8.57
N VAL D 538 -8.38 7.18 8.60
CA VAL D 538 -7.86 5.93 9.19
C VAL D 538 -7.85 4.87 8.10
N GLY D 539 -6.68 4.30 7.83
CA GLY D 539 -6.55 3.28 6.82
C GLY D 539 -6.32 1.90 7.40
N ALA D 540 -5.33 1.18 6.86
CA ALA D 540 -5.01 -0.15 7.35
C ALA D 540 -4.36 -0.06 8.73
N VAL D 541 -4.93 -0.74 9.71
CA VAL D 541 -4.45 -0.70 11.09
C VAL D 541 -4.29 -2.09 11.70
N ALA D 542 -4.63 -3.15 10.98
CA ALA D 542 -4.48 -4.50 11.48
C ALA D 542 -3.10 -5.07 11.14
N GLU D 543 -2.82 -6.26 11.63
CA GLU D 543 -1.55 -6.90 11.36
C GLU D 543 -1.41 -7.18 9.87
N PRO D 544 -0.33 -6.76 9.23
CA PRO D 544 -0.14 -7.09 7.82
C PRO D 544 -0.04 -8.59 7.60
N ALA D 545 -0.62 -9.07 6.51
CA ALA D 545 -0.64 -10.49 6.19
C ALA D 545 0.77 -11.02 5.95
N ASN D 546 1.27 -10.83 4.74
CA ASN D 546 2.61 -11.28 4.38
C ASN D 546 3.65 -10.29 4.90
N PRO D 547 4.90 -10.73 5.07
CA PRO D 547 5.94 -9.81 5.54
C PRO D 547 6.20 -8.65 4.58
N ILE D 548 5.96 -8.85 3.28
CA ILE D 548 6.06 -7.75 2.33
C ILE D 548 5.07 -6.66 2.68
N ALA D 549 3.89 -7.04 3.18
CA ALA D 549 2.93 -6.06 3.66
C ALA D 549 3.45 -5.34 4.89
N LYS D 550 4.17 -6.05 5.76
CA LYS D 550 4.82 -5.41 6.89
C LYS D 550 5.80 -4.34 6.41
N VAL D 551 6.59 -4.66 5.39
CA VAL D 551 7.57 -3.70 4.89
C VAL D 551 6.88 -2.49 4.26
N VAL D 552 5.83 -2.73 3.45
CA VAL D 552 5.16 -1.60 2.81
C VAL D 552 4.44 -0.75 3.85
N ARG D 553 3.95 -1.34 4.93
CA ARG D 553 3.33 -0.53 5.98
C ARG D 553 4.37 0.24 6.78
N LEU D 554 5.56 -0.33 6.97
CA LEU D 554 6.64 0.45 7.58
C LEU D 554 6.98 1.66 6.71
N ALA D 555 7.04 1.47 5.40
CA ALA D 555 7.28 2.59 4.50
C ALA D 555 6.16 3.63 4.58
N LYS D 556 4.91 3.17 4.61
CA LYS D 556 3.77 4.07 4.76
C LYS D 556 3.86 4.86 6.06
N GLY D 557 4.25 4.20 7.15
CA GLY D 557 4.34 4.88 8.43
C GLY D 557 5.45 5.91 8.45
N VAL D 558 6.60 5.60 7.85
CA VAL D 558 7.68 6.58 7.75
C VAL D 558 7.22 7.79 6.95
N LEU D 559 6.62 7.55 5.78
CA LEU D 559 6.15 8.65 4.96
C LEU D 559 5.08 9.47 5.66
N HIS D 560 4.24 8.83 6.48
CA HIS D 560 3.21 9.55 7.21
C HIS D 560 3.81 10.40 8.32
N ASN D 561 4.77 9.86 9.06
CA ASN D 561 5.46 10.65 10.08
C ASN D 561 6.30 11.76 9.48
N LEU D 562 6.63 11.68 8.18
CA LEU D 562 7.32 12.78 7.53
C LEU D 562 6.39 13.97 7.27
N ARG D 563 5.10 13.71 7.07
CA ARG D 563 4.15 14.77 6.76
C ARG D 563 3.72 15.50 8.02
N PRO D 564 3.28 16.76 7.89
CA PRO D 564 2.73 17.47 9.05
C PRO D 564 1.46 16.83 9.56
N ALA D 565 1.16 17.10 10.82
CA ALA D 565 0.00 16.53 11.49
C ALA D 565 -1.15 17.53 11.52
N HIS D 566 -2.36 17.02 11.32
CA HIS D 566 -3.55 17.87 11.36
C HIS D 566 -3.99 18.07 12.81
N ALA D 567 -4.24 19.34 13.17
CA ALA D 567 -4.63 19.66 14.53
C ALA D 567 -5.98 19.07 14.91
N ARG D 568 -6.81 18.72 13.91
CA ARG D 568 -8.13 18.16 14.20
C ARG D 568 -8.03 16.90 15.06
N HIS D 569 -7.00 16.09 14.83
CA HIS D 569 -6.83 14.85 15.58
C HIS D 569 -6.11 15.06 16.90
N HIS D 570 -5.77 16.30 17.25
CA HIS D 570 -5.21 16.61 18.56
C HIS D 570 -6.27 17.09 19.54
N GLU D 571 -7.52 17.22 19.10
CA GLU D 571 -8.65 17.54 19.97
C GLU D 571 -9.69 16.43 19.99
N THR D 572 -10.12 15.97 18.81
CA THR D 572 -11.02 14.84 18.71
C THR D 572 -10.23 13.61 18.31
N PRO D 573 -10.07 12.61 19.17
CA PRO D 573 -9.22 11.47 18.83
C PRO D 573 -9.79 10.67 17.67
N GLN D 574 -8.89 10.05 16.90
CA GLN D 574 -9.30 9.24 15.76
C GLN D 574 -9.78 7.86 16.21
N LEU D 575 -9.05 7.22 17.12
CA LEU D 575 -9.34 5.86 17.52
C LEU D 575 -9.13 5.69 19.02
N ASN D 576 -10.02 4.90 19.63
CA ASN D 576 -9.82 4.40 20.99
C ASN D 576 -9.27 2.99 20.85
N VAL D 577 -7.99 2.82 21.14
CA VAL D 577 -7.25 1.59 20.88
C VAL D 577 -7.02 0.88 22.21
N PRO D 578 -7.28 -0.42 22.30
CA PRO D 578 -6.97 -1.16 23.53
C PRO D 578 -5.48 -1.33 23.74
N THR D 579 -5.11 -2.05 24.80
CA THR D 579 -3.69 -2.25 25.10
C THR D 579 -3.04 -3.17 24.07
N LEU D 580 -3.66 -4.31 23.79
CA LEU D 580 -3.07 -5.28 22.88
C LEU D 580 -3.11 -4.86 21.42
N ASP D 581 -3.79 -3.76 21.10
CA ASP D 581 -3.89 -3.28 19.73
C ASP D 581 -2.98 -2.08 19.45
N ALA D 582 -2.28 -1.57 20.46
CA ALA D 582 -1.41 -0.41 20.29
C ALA D 582 -0.01 -0.85 19.88
N ARG D 583 0.07 -1.33 18.64
CA ARG D 583 1.31 -1.76 18.02
C ARG D 583 1.71 -0.76 16.95
N TRP D 584 2.90 -0.96 16.38
CA TRP D 584 3.45 -0.01 15.42
C TRP D 584 2.58 0.11 14.17
N PHE D 585 2.05 -1.01 13.68
CA PHE D 585 1.31 -1.02 12.43
C PHE D 585 0.02 -0.20 12.49
N LEU D 586 -0.42 0.19 13.69
CA LEU D 586 -1.54 1.09 13.86
C LEU D 586 -1.13 2.49 14.27
N LEU D 587 -0.17 2.60 15.19
CA LEU D 587 0.23 3.91 15.71
C LEU D 587 1.08 4.70 14.71
N SER D 588 1.63 4.05 13.69
CA SER D 588 2.45 4.76 12.71
C SER D 588 1.64 5.38 11.59
N GLN D 589 0.32 5.24 11.59
CA GLN D 589 -0.54 5.80 10.55
C GLN D 589 -1.58 6.78 11.11
N VAL D 590 -1.36 7.29 12.32
CA VAL D 590 -2.34 8.14 12.98
C VAL D 590 -1.67 9.42 13.45
N ASP D 591 -2.50 10.43 13.69
CA ASP D 591 -2.06 11.71 14.23
C ASP D 591 -2.49 11.94 15.67
N GLY D 592 -3.59 11.33 16.11
CA GLY D 592 -4.07 11.47 17.47
C GLY D 592 -4.98 10.33 17.87
N VAL D 593 -4.59 9.56 18.88
CA VAL D 593 -5.31 8.34 19.25
C VAL D 593 -5.25 8.17 20.76
N THR D 594 -6.37 7.75 21.35
CA THR D 594 -6.35 7.38 22.76
C THR D 594 -5.98 5.91 22.88
N VAL D 595 -5.06 5.61 23.79
CA VAL D 595 -4.55 4.25 24.00
C VAL D 595 -4.87 3.85 25.43
N THR D 596 -5.41 2.65 25.60
CA THR D 596 -5.79 2.16 26.92
C THR D 596 -4.55 1.64 27.66
N THR D 597 -4.44 2.02 28.93
CA THR D 597 -3.32 1.59 29.75
C THR D 597 -3.38 0.09 30.00
N ALA D 598 -2.23 -0.48 30.37
CA ALA D 598 -2.10 -1.93 30.49
C ALA D 598 -3.08 -2.50 31.51
N ASP D 599 -3.11 -1.94 32.71
CA ASP D 599 -4.04 -2.42 33.73
C ASP D 599 -5.48 -2.05 33.44
N GLY D 600 -5.73 -1.16 32.48
CA GLY D 600 -7.08 -0.85 32.07
C GLY D 600 -7.83 0.13 32.94
N ARG D 601 -7.12 1.00 33.65
CA ARG D 601 -7.74 1.97 34.54
C ARG D 601 -7.78 3.37 33.94
N GLY D 602 -7.52 3.51 32.65
CA GLY D 602 -7.56 4.81 32.03
C GLY D 602 -7.05 4.76 30.60
N VAL D 603 -6.90 5.95 30.01
CA VAL D 603 -6.41 6.10 28.65
C VAL D 603 -5.45 7.27 28.60
N VAL D 604 -4.56 7.25 27.60
CA VAL D 604 -3.62 8.33 27.36
C VAL D 604 -3.78 8.80 25.92
N TYR D 605 -3.70 10.11 25.71
CA TYR D 605 -3.92 10.70 24.40
C TYR D 605 -2.57 10.87 23.71
N ARG D 606 -2.21 9.93 22.84
CA ARG D 606 -0.97 10.00 22.09
C ARG D 606 -1.20 10.82 20.82
N LYS D 607 -0.45 11.91 20.69
CA LYS D 607 -0.54 12.82 19.57
C LYS D 607 0.80 12.86 18.85
N ARG D 608 0.77 12.77 17.52
CA ARG D 608 1.99 12.71 16.72
C ARG D 608 2.39 14.12 16.29
N ASP D 609 3.60 14.51 16.65
CA ASP D 609 4.15 15.82 16.26
C ASP D 609 5.44 15.59 15.48
N PRO D 610 5.49 15.95 14.19
CA PRO D 610 6.73 15.66 13.42
C PRO D 610 7.93 16.44 13.92
N ARG D 611 7.79 17.74 14.19
CA ARG D 611 8.92 18.54 14.63
C ARG D 611 9.45 18.06 15.97
N GLN D 612 8.54 17.75 16.92
CA GLN D 612 8.98 17.31 18.23
C GLN D 612 9.64 15.93 18.15
N ALA D 613 9.09 15.04 17.31
CA ALA D 613 9.73 13.74 17.11
C ALA D 613 11.14 13.89 16.55
N LEU D 614 11.29 14.75 15.54
CA LEU D 614 12.61 14.96 14.95
C LEU D 614 13.58 15.56 15.96
N GLY D 615 13.12 16.52 16.76
CA GLY D 615 13.99 17.13 17.76
C GLY D 615 14.41 16.15 18.84
N LEU D 616 13.46 15.34 19.34
CA LEU D 616 13.80 14.32 20.32
C LEU D 616 14.77 13.31 19.74
N PHE D 617 14.59 12.93 18.46
CA PHE D 617 15.50 11.99 17.83
C PHE D 617 16.90 12.57 17.70
N LYS D 618 17.00 13.83 17.28
CA LYS D 618 18.30 14.47 17.17
C LYS D 618 19.00 14.56 18.52
N GLU D 619 18.26 14.96 19.56
CA GLU D 619 18.86 15.03 20.89
C GLU D 619 19.31 13.66 21.39
N ALA D 620 18.49 12.63 21.15
CA ALA D 620 18.84 11.28 21.57
C ALA D 620 20.08 10.78 20.84
N MET D 621 20.18 11.07 19.53
CA MET D 621 21.33 10.60 18.77
C MET D 621 22.60 11.34 19.18
N ARG D 622 22.49 12.64 19.47
CA ARG D 622 23.65 13.38 19.96
C ARG D 622 24.11 12.85 21.30
N LEU D 623 23.16 12.63 22.22
CA LEU D 623 23.51 12.08 23.53
C LEU D 623 24.09 10.68 23.41
N ARG D 624 23.63 9.88 22.45
CA ARG D 624 24.17 8.53 22.28
C ARG D 624 25.55 8.54 21.64
N LYS D 625 25.81 9.48 20.73
CA LYS D 625 27.17 9.65 20.24
C LYS D 625 28.11 10.04 21.38
N GLU D 626 27.70 11.01 22.20
CA GLU D 626 28.51 11.39 23.35
C GLU D 626 28.69 10.23 24.33
N LEU D 627 27.67 9.39 24.47
CA LEU D 627 27.76 8.24 25.36
C LEU D 627 28.74 7.20 24.85
N ALA D 628 28.61 6.82 23.58
CA ALA D 628 29.54 5.85 22.99
C ALA D 628 30.96 6.38 22.97
N ALA D 629 31.12 7.70 22.88
CA ALA D 629 32.46 8.27 22.88
C ALA D 629 33.08 8.26 24.27
N ARG D 630 32.28 8.55 25.30
CA ARG D 630 32.77 8.69 26.66
C ARG D 630 32.59 7.43 27.50
N PHE D 631 32.38 6.28 26.86
CA PHE D 631 32.09 5.08 27.63
C PHE D 631 33.29 4.55 28.42
N PRO D 632 34.51 4.53 27.86
CA PRO D 632 35.66 4.13 28.70
C PRO D 632 35.89 5.06 29.89
N GLU D 633 35.70 6.37 29.70
CA GLU D 633 35.82 7.31 30.79
C GLU D 633 34.84 6.98 31.92
N MET D 634 33.57 6.77 31.57
CA MET D 634 32.57 6.45 32.58
C MET D 634 32.83 5.09 33.22
N GLN D 635 33.33 4.13 32.43
CA GLN D 635 33.74 2.86 33.01
C GLN D 635 34.77 3.07 34.10
N GLN D 636 35.84 3.81 33.80
CA GLN D 636 36.88 4.07 34.79
C GLN D 636 36.31 4.79 36.00
N ARG D 637 35.49 5.81 35.78
CA ARG D 637 34.97 6.61 36.89
C ARG D 637 34.10 5.77 37.81
N TYR D 638 33.18 4.99 37.24
CA TYR D 638 32.29 4.19 38.06
C TYR D 638 33.03 3.06 38.76
N ARG D 639 34.00 2.43 38.09
CA ARG D 639 34.76 1.37 38.73
C ARG D 639 35.66 1.92 39.84
N ALA D 640 36.07 3.17 39.74
CA ALA D 640 36.86 3.78 40.81
C ALA D 640 35.98 4.29 41.96
N ALA D 641 34.74 4.68 41.66
CA ALA D 641 33.85 5.18 42.69
C ALA D 641 33.02 4.09 43.35
N HIS D 642 33.01 2.88 42.81
CA HIS D 642 32.23 1.79 43.40
C HIS D 642 32.53 1.53 44.88
N PRO D 643 33.78 1.52 45.36
CA PRO D 643 34.00 1.30 46.80
C PRO D 643 33.35 2.34 47.68
N GLN D 644 33.19 3.58 47.20
CA GLN D 644 32.57 4.62 48.01
C GLN D 644 31.06 4.60 47.92
N LEU D 645 30.51 4.23 46.76
CA LEU D 645 29.06 4.14 46.60
C LEU D 645 28.45 2.97 47.35
N THR D 646 29.27 2.07 47.89
CA THR D 646 28.78 0.91 48.63
C THR D 646 29.24 0.91 50.09
N SER D 647 29.78 2.02 50.57
CA SER D 647 30.33 2.07 51.93
C SER D 647 29.22 2.29 52.94
N THR D 648 29.51 1.89 54.19
CA THR D 648 28.56 2.10 55.27
C THR D 648 28.42 3.58 55.61
N ALA D 649 29.51 4.34 55.51
CA ALA D 649 29.46 5.76 55.85
C ALA D 649 28.60 6.55 54.88
N ALA D 650 28.72 6.26 53.58
CA ALA D 650 27.91 6.95 52.59
C ALA D 650 26.43 6.69 52.79
N TRP D 651 26.06 5.45 53.08
CA TRP D 651 24.65 5.14 53.32
C TRP D 651 24.17 5.70 54.64
N GLU D 652 25.02 5.75 55.66
CA GLU D 652 24.65 6.42 56.90
C GLU D 652 24.38 7.90 56.66
N ASN D 653 25.20 8.54 55.82
CA ASN D 653 24.94 9.93 55.45
C ASN D 653 23.64 10.06 54.67
N ALA D 654 23.34 9.10 53.81
CA ALA D 654 22.12 9.15 53.02
C ALA D 654 20.87 8.91 53.88
N PHE D 655 21.01 8.17 54.98
CA PHE D 655 19.89 7.88 55.86
C PHE D 655 19.57 9.03 56.81
N GLY D 656 20.46 10.00 56.95
CA GLY D 656 20.26 11.06 57.92
C GLY D 656 20.80 10.75 59.30
N LEU D 657 21.85 9.93 59.40
CA LEU D 657 22.46 9.54 60.66
C LEU D 657 23.88 10.07 60.77
N GLY D 658 24.10 11.30 60.33
CA GLY D 658 25.43 11.90 60.35
C GLY D 658 25.95 12.18 61.75
N GLU E 33 4.56 -6.77 -96.25
CA GLU E 33 3.84 -7.85 -95.58
C GLU E 33 4.24 -7.93 -94.12
N THR E 34 3.50 -7.22 -93.26
CA THR E 34 3.77 -7.20 -91.84
C THR E 34 2.46 -7.30 -91.06
N ARG E 35 2.51 -7.99 -89.93
CA ARG E 35 1.34 -8.14 -89.06
C ARG E 35 1.06 -6.89 -88.23
N ALA E 36 1.93 -5.87 -88.31
CA ALA E 36 1.74 -4.63 -87.56
C ALA E 36 0.64 -3.81 -88.21
N LYS E 37 -0.38 -3.45 -87.44
CA LYS E 37 -1.48 -2.63 -87.93
C LYS E 37 -1.61 -1.31 -87.19
N SER E 38 -1.62 -1.33 -85.85
CA SER E 38 -1.78 -0.10 -85.07
C SER E 38 -0.69 -0.02 -84.01
N LEU E 39 0.03 1.09 -83.99
CA LEU E 39 1.08 1.31 -83.01
C LEU E 39 0.47 1.47 -81.62
N LEU E 40 0.90 0.64 -80.67
CA LEU E 40 0.40 0.72 -79.30
C LEU E 40 1.40 1.35 -78.34
N GLN E 41 2.70 1.18 -78.59
CA GLN E 41 3.73 1.61 -77.66
C GLN E 41 5.05 1.70 -78.40
N ARG E 42 5.69 2.87 -78.34
CA ARG E 42 6.98 3.06 -78.99
C ARG E 42 8.12 2.72 -78.04
N ILE E 43 9.24 2.29 -78.61
CA ILE E 43 10.44 1.97 -77.84
C ILE E 43 11.19 3.29 -77.66
N ILE E 44 10.89 3.98 -76.56
CA ILE E 44 11.54 5.24 -76.26
C ILE E 44 12.88 4.99 -75.57
N LEU E 45 13.75 5.98 -75.63
CA LEU E 45 15.11 5.89 -75.13
C LEU E 45 15.46 7.18 -74.41
N PRO E 46 16.43 7.13 -73.49
CA PRO E 46 16.70 8.31 -72.65
C PRO E 46 17.18 9.50 -73.46
N ARG E 47 17.13 10.67 -72.82
CA ARG E 47 17.56 11.91 -73.42
C ARG E 47 19.09 11.98 -73.44
N PRO E 48 19.66 12.82 -74.30
CA PRO E 48 21.12 12.98 -74.31
C PRO E 48 21.64 13.46 -72.95
N GLY E 49 22.63 12.74 -72.44
CA GLY E 49 23.16 13.07 -71.12
C GLY E 49 22.21 12.79 -69.98
N GLU E 50 21.33 11.79 -70.13
CA GLU E 50 20.39 11.46 -69.09
C GLU E 50 21.12 10.90 -67.87
N PRO E 51 20.71 11.26 -66.66
CA PRO E 51 21.32 10.68 -65.46
C PRO E 51 21.24 9.16 -65.50
N LEU E 52 22.26 8.51 -64.91
CA LEU E 52 22.36 7.06 -64.98
C LEU E 52 21.21 6.37 -64.28
N ASP E 53 20.71 6.95 -63.18
CA ASP E 53 19.62 6.32 -62.44
C ASP E 53 18.29 6.41 -63.20
N VAL E 54 18.17 7.36 -64.14
CA VAL E 54 16.94 7.46 -64.93
C VAL E 54 17.02 6.64 -66.21
N ARG E 55 18.22 6.30 -66.69
CA ARG E 55 18.35 5.43 -67.84
C ARG E 55 17.76 4.05 -67.59
N THR E 56 17.62 3.64 -66.32
CA THR E 56 17.08 2.33 -66.01
C THR E 56 15.60 2.22 -66.32
N LEU E 57 14.89 3.36 -66.44
CA LEU E 57 13.49 3.34 -66.84
C LEU E 57 13.30 3.00 -68.32
N TYR E 58 14.38 2.99 -69.10
CA TYR E 58 14.30 2.75 -70.53
C TYR E 58 15.09 1.52 -70.96
N VAL E 59 16.35 1.41 -70.56
CA VAL E 59 17.20 0.29 -70.92
C VAL E 59 17.89 -0.25 -69.68
N GLU E 60 18.16 -1.55 -69.68
CA GLU E 60 18.87 -2.23 -68.61
C GLU E 60 20.15 -2.79 -69.21
N GLU E 61 21.21 -1.97 -69.20
N GLU E 61 21.20 -1.97 -69.20
CA GLU E 61 22.48 -2.39 -69.75
CA GLU E 61 22.49 -2.38 -69.74
C GLU E 61 23.20 -3.33 -68.79
C GLU E 61 23.18 -3.36 -68.78
N SER E 62 24.07 -4.17 -69.35
CA SER E 62 24.85 -5.12 -68.57
C SER E 62 26.13 -4.47 -68.09
N ALA E 63 26.55 -4.85 -66.88
CA ALA E 63 27.78 -4.30 -66.32
C ALA E 63 29.02 -4.79 -67.06
N THR E 64 28.95 -5.97 -67.68
CA THR E 64 30.06 -6.51 -68.43
C THR E 64 30.29 -5.80 -69.76
N ASN E 65 29.37 -4.95 -70.18
CA ASN E 65 29.53 -4.21 -71.43
C ASN E 65 30.73 -3.27 -71.33
N ALA E 66 31.68 -3.43 -72.26
CA ALA E 66 32.88 -2.59 -72.27
C ALA E 66 32.61 -1.17 -72.73
N ARG E 67 31.37 -0.82 -73.05
CA ARG E 67 31.03 0.50 -73.54
C ARG E 67 29.54 0.74 -73.32
N ARG E 68 29.21 1.91 -72.78
CA ARG E 68 27.81 2.23 -72.50
C ARG E 68 27.06 2.47 -73.81
N ALA E 69 25.80 2.03 -73.84
CA ALA E 69 24.97 2.20 -75.03
C ALA E 69 24.65 3.68 -75.24
N HIS E 70 24.88 4.17 -76.45
CA HIS E 70 24.67 5.57 -76.79
C HIS E 70 23.39 5.71 -77.60
N ALA E 71 22.44 6.48 -77.09
CA ALA E 71 21.19 6.77 -77.80
C ALA E 71 21.37 8.05 -78.60
N ALA E 72 21.49 7.91 -79.92
CA ALA E 72 21.66 9.08 -80.78
C ALA E 72 20.45 10.00 -80.69
N THR E 73 19.25 9.44 -80.78
CA THR E 73 18.03 10.20 -80.61
C THR E 73 17.20 9.64 -79.45
N ARG E 74 15.89 9.84 -79.49
CA ARG E 74 14.99 9.28 -78.49
C ARG E 74 14.33 7.99 -78.95
N THR E 75 14.63 7.52 -80.17
CA THR E 75 14.05 6.29 -80.69
C THR E 75 15.09 5.35 -81.30
N SER E 76 16.37 5.68 -81.22
CA SER E 76 17.43 4.83 -81.75
C SER E 76 18.49 4.61 -80.68
N LEU E 77 19.12 3.44 -80.71
CA LEU E 77 20.10 3.07 -79.70
C LEU E 77 21.27 2.35 -80.36
N SER E 78 22.48 2.85 -80.14
CA SER E 78 23.69 2.27 -80.70
C SER E 78 24.43 1.52 -79.60
N ILE E 79 24.51 0.20 -79.73
CA ILE E 79 25.21 -0.65 -78.78
C ILE E 79 26.45 -1.22 -79.45
N GLY E 80 27.55 -1.29 -78.70
CA GLY E 80 28.80 -1.79 -79.23
C GLY E 80 28.83 -3.30 -79.31
N ALA E 81 29.90 -3.81 -79.93
CA ALA E 81 30.04 -5.25 -80.13
C ALA E 81 30.19 -5.97 -78.79
N GLU E 82 29.66 -7.20 -78.75
CA GLU E 82 29.71 -8.04 -77.56
C GLU E 82 29.13 -7.33 -76.33
N SER E 83 27.90 -6.82 -76.50
CA SER E 83 27.20 -6.12 -75.44
C SER E 83 25.74 -6.50 -75.47
N GLU E 84 25.15 -6.70 -74.29
CA GLU E 84 23.76 -7.11 -74.16
C GLU E 84 22.97 -5.99 -73.52
N VAL E 85 21.79 -5.70 -74.10
CA VAL E 85 20.91 -4.66 -73.59
C VAL E 85 19.51 -5.25 -73.45
N SER E 86 18.97 -5.21 -72.25
CA SER E 86 17.62 -5.70 -71.97
C SER E 86 16.63 -4.55 -71.97
N PHE E 87 15.42 -4.81 -72.46
CA PHE E 87 14.35 -3.82 -72.48
C PHE E 87 13.21 -4.20 -71.54
N CYS E 88 13.54 -4.93 -70.47
CA CYS E 88 12.57 -5.25 -69.42
C CYS E 88 12.53 -4.10 -68.40
N THR E 89 12.12 -2.94 -68.88
CA THR E 89 12.07 -1.72 -68.09
C THR E 89 10.63 -1.24 -67.99
N TYR E 90 10.45 -0.09 -67.33
CA TYR E 90 9.11 0.43 -67.10
C TYR E 90 8.48 0.96 -68.39
N PHE E 91 9.30 1.44 -69.33
CA PHE E 91 8.78 2.09 -70.53
C PHE E 91 8.80 1.21 -71.77
N ASN E 92 9.75 0.28 -71.89
CA ASN E 92 9.89 -0.50 -73.11
C ASN E 92 9.41 -1.95 -72.96
N ALA E 93 8.78 -2.28 -71.84
CA ALA E 93 8.17 -3.59 -71.66
C ALA E 93 6.65 -3.46 -71.72
N LEU E 94 6.00 -4.45 -72.33
CA LEU E 94 4.56 -4.38 -72.55
C LEU E 94 3.84 -5.07 -71.40
N PRO E 95 2.97 -4.38 -70.66
CA PRO E 95 2.15 -5.05 -69.65
C PRO E 95 1.04 -5.89 -70.29
N ALA E 96 1.38 -7.15 -70.62
CA ALA E 96 0.45 -7.99 -71.37
C ALA E 96 -0.80 -8.32 -70.58
N SER E 97 -0.72 -8.32 -69.25
CA SER E 97 -1.87 -8.65 -68.43
C SER E 97 -2.99 -7.64 -68.62
N TYR E 98 -2.65 -6.35 -68.66
CA TYR E 98 -3.67 -5.31 -68.82
C TYR E 98 -4.28 -5.34 -70.21
N TRP E 99 -3.50 -5.69 -71.23
CA TRP E 99 -4.05 -5.80 -72.58
C TRP E 99 -4.88 -7.06 -72.74
N ARG E 100 -4.60 -8.09 -71.95
CA ARG E 100 -5.43 -9.30 -72.00
C ARG E 100 -6.73 -9.11 -71.23
N ARG E 101 -6.68 -8.35 -70.13
CA ARG E 101 -7.83 -8.24 -69.24
C ARG E 101 -8.85 -7.22 -69.73
N TRP E 102 -8.42 -6.15 -70.41
CA TRP E 102 -9.31 -5.05 -70.75
C TRP E 102 -9.37 -4.73 -72.23
N SER E 103 -8.51 -5.32 -73.06
CA SER E 103 -8.45 -4.99 -74.49
C SER E 103 -8.94 -6.17 -75.32
N ILE E 104 -9.39 -5.85 -76.54
CA ILE E 104 -10.04 -6.82 -77.43
C ILE E 104 -8.99 -7.59 -78.20
N LEU E 105 -7.72 -7.33 -77.90
CA LEU E 105 -6.62 -7.93 -78.62
C LEU E 105 -6.39 -9.38 -78.19
N SER E 106 -5.98 -10.20 -79.15
CA SER E 106 -5.61 -11.59 -78.89
C SER E 106 -4.11 -11.82 -78.93
N ALA E 107 -3.34 -10.89 -79.50
CA ALA E 107 -1.89 -11.03 -79.60
C ALA E 107 -1.28 -9.66 -79.84
N VAL E 108 0.04 -9.59 -79.69
CA VAL E 108 0.81 -8.38 -79.97
C VAL E 108 1.91 -8.73 -80.95
N VAL E 109 2.39 -7.70 -81.66
CA VAL E 109 3.38 -7.85 -82.71
C VAL E 109 4.52 -6.88 -82.41
N LEU E 110 5.69 -7.41 -82.12
CA LEU E 110 6.89 -6.60 -81.90
C LEU E 110 7.66 -6.50 -83.22
N ARG E 111 7.91 -5.28 -83.67
CA ARG E 111 8.64 -5.03 -84.90
C ARG E 111 9.83 -4.14 -84.61
N LEU E 112 10.99 -4.50 -85.14
CA LEU E 112 12.24 -3.79 -84.89
C LEU E 112 12.99 -3.59 -86.20
N GLU E 113 13.65 -2.45 -86.32
CA GLU E 113 14.54 -2.15 -87.43
C GLU E 113 15.97 -2.09 -86.88
N LEU E 114 16.84 -2.96 -87.40
CA LEU E 114 18.17 -3.14 -86.83
C LEU E 114 19.23 -3.01 -87.90
N ALA E 115 20.43 -2.66 -87.46
CA ALA E 115 21.61 -2.61 -88.32
C ALA E 115 22.75 -3.30 -87.59
N GLY E 116 23.43 -4.20 -88.28
CA GLY E 116 24.53 -4.97 -87.71
C GLY E 116 24.23 -6.45 -87.63
N HIS E 117 25.00 -7.13 -86.80
CA HIS E 117 24.89 -8.58 -86.61
C HIS E 117 24.67 -8.86 -85.14
N GLY E 118 23.56 -9.50 -84.82
CA GLY E 118 23.25 -9.79 -83.43
C GLY E 118 22.10 -10.76 -83.30
N ARG E 119 21.44 -10.71 -82.15
CA ARG E 119 20.31 -11.58 -81.87
C ARG E 119 19.32 -10.87 -80.96
N VAL E 120 18.03 -11.09 -81.22
CA VAL E 120 16.95 -10.54 -80.42
C VAL E 120 16.19 -11.70 -79.78
N ASP E 121 16.04 -11.65 -78.47
CA ASP E 121 15.35 -12.69 -77.71
C ASP E 121 14.17 -12.08 -76.98
N VAL E 122 12.96 -12.53 -77.32
CA VAL E 122 11.74 -12.06 -76.70
C VAL E 122 11.37 -13.01 -75.56
N TYR E 123 11.18 -12.44 -74.37
CA TYR E 123 10.78 -13.17 -73.18
C TYR E 123 9.46 -12.62 -72.64
N ARG E 124 8.84 -13.41 -71.77
CA ARG E 124 7.65 -13.01 -71.03
C ARG E 124 7.84 -13.40 -69.56
N SER E 125 6.89 -13.02 -68.72
CA SER E 125 6.96 -13.33 -67.30
C SER E 125 5.59 -13.76 -66.79
N LYS E 126 5.59 -14.43 -65.65
CA LYS E 126 4.37 -14.88 -64.99
C LYS E 126 4.00 -13.89 -63.89
N ALA E 127 2.98 -14.24 -63.11
CA ALA E 127 2.50 -13.36 -62.04
C ALA E 127 3.50 -13.23 -60.90
N ASP E 128 4.45 -14.15 -60.79
CA ASP E 128 5.44 -14.12 -59.72
C ASP E 128 6.82 -13.68 -60.20
N GLY E 129 6.96 -13.29 -61.46
CA GLY E 129 8.22 -12.81 -61.99
C GLY E 129 9.08 -13.85 -62.65
N SER E 130 8.57 -15.07 -62.85
CA SER E 130 9.35 -16.12 -63.50
C SER E 130 9.57 -15.78 -64.97
N ARG E 131 10.83 -15.76 -65.38
CA ARG E 131 11.18 -15.42 -66.76
C ARG E 131 11.02 -16.66 -67.64
N ILE E 132 10.21 -16.53 -68.69
CA ILE E 132 9.94 -17.61 -69.63
C ILE E 132 10.41 -17.18 -71.00
N HIS E 133 11.40 -17.88 -71.54
CA HIS E 133 11.90 -17.58 -72.88
C HIS E 133 10.83 -17.90 -73.90
N VAL E 134 10.45 -16.90 -74.70
CA VAL E 134 9.39 -17.08 -75.69
C VAL E 134 10.00 -17.42 -77.04
N GLN E 135 10.79 -16.51 -77.60
CA GLN E 135 11.31 -16.73 -78.96
C GLN E 135 12.64 -16.02 -79.11
N GLY E 136 13.32 -16.29 -80.22
CA GLY E 136 14.60 -15.68 -80.50
C GLY E 136 14.94 -15.77 -81.97
N LYS E 137 15.65 -14.75 -82.46
CA LYS E 137 16.05 -14.69 -83.86
C LYS E 137 17.42 -14.05 -83.97
N GLU E 138 18.29 -14.66 -84.78
CA GLU E 138 19.61 -14.08 -85.08
C GLU E 138 19.51 -13.28 -86.37
N PHE E 139 19.83 -11.99 -86.29
CA PHE E 139 19.70 -11.06 -87.40
C PHE E 139 21.07 -10.59 -87.87
N ALA E 140 21.14 -10.29 -89.17
CA ALA E 140 22.34 -9.75 -89.79
C ALA E 140 21.95 -8.99 -91.03
N VAL E 141 22.59 -7.84 -91.25
CA VAL E 141 22.28 -7.00 -92.40
C VAL E 141 22.84 -7.65 -93.66
N ALA E 142 21.97 -7.89 -94.64
CA ALA E 142 22.40 -8.47 -95.89
C ALA E 142 23.30 -7.49 -96.65
N PRO E 143 24.34 -7.97 -97.32
CA PRO E 143 25.21 -7.07 -98.08
C PRO E 143 24.45 -6.37 -99.20
N GLY E 144 24.65 -5.07 -99.31
CA GLY E 144 23.93 -4.27 -100.28
C GLY E 144 22.90 -3.37 -99.63
N THR E 145 22.14 -3.92 -98.69
CA THR E 145 21.16 -3.15 -97.94
C THR E 145 21.80 -2.60 -96.67
N GLU E 146 21.10 -1.66 -96.04
CA GLU E 146 21.60 -1.01 -94.82
C GLU E 146 20.95 -1.52 -93.56
N SER E 147 19.65 -1.82 -93.58
CA SER E 147 18.92 -2.23 -92.39
C SER E 147 18.29 -3.59 -92.60
N VAL E 148 17.70 -4.12 -91.53
CA VAL E 148 17.02 -5.40 -91.55
C VAL E 148 15.85 -5.34 -90.58
N SER E 149 14.74 -5.96 -90.96
CA SER E 149 13.53 -5.96 -90.14
C SER E 149 13.42 -7.28 -89.38
N VAL E 150 13.07 -7.18 -88.11
CA VAL E 150 12.83 -8.34 -87.26
C VAL E 150 11.41 -8.21 -86.71
N GLU E 151 10.68 -9.33 -86.66
CA GLU E 151 9.29 -9.27 -86.24
C GLU E 151 8.92 -10.54 -85.49
N PHE E 152 8.21 -10.35 -84.37
CA PHE E 152 7.66 -11.44 -83.57
C PHE E 152 6.18 -11.18 -83.33
N GLU E 153 5.43 -12.25 -83.09
CA GLU E 153 4.03 -12.15 -82.71
C GLU E 153 3.77 -13.11 -81.56
N THR E 154 3.26 -12.58 -80.45
CA THR E 154 3.05 -13.37 -79.24
C THR E 154 1.62 -13.16 -78.75
N ASP E 155 0.94 -14.26 -78.45
CA ASP E 155 -0.43 -14.20 -77.95
C ASP E 155 -0.45 -13.69 -76.51
N LEU E 156 -1.61 -13.16 -76.12
CA LEU E 156 -1.86 -12.73 -74.75
C LEU E 156 -2.50 -13.82 -73.91
N GLY E 157 -2.13 -15.08 -74.14
CA GLY E 157 -2.73 -16.20 -73.47
C GLY E 157 -2.35 -16.31 -72.00
N PRO E 158 -1.08 -16.60 -71.72
CA PRO E 158 -0.63 -16.85 -70.34
C PRO E 158 -0.35 -15.57 -69.56
N PHE E 159 -1.39 -14.77 -69.33
CA PHE E 159 -1.27 -13.53 -68.56
C PHE E 159 -2.55 -13.26 -67.77
N GLU E 160 -3.14 -14.31 -67.20
CA GLU E 160 -4.43 -14.16 -66.54
C GLU E 160 -4.30 -13.36 -65.24
N ASP E 161 -3.21 -13.55 -64.50
CA ASP E 161 -2.99 -12.85 -63.24
C ASP E 161 -1.92 -11.78 -63.31
N GLY E 162 -1.15 -11.72 -64.37
CA GLY E 162 -0.10 -10.74 -64.49
C GLY E 162 0.99 -11.22 -65.42
N GLY E 163 1.96 -10.33 -65.64
CA GLY E 163 3.08 -10.66 -66.51
C GLY E 163 3.37 -9.58 -67.53
N TRP E 164 4.60 -9.55 -68.03
CA TRP E 164 5.04 -8.62 -69.05
C TRP E 164 5.55 -9.37 -70.27
N ILE E 165 5.86 -8.62 -71.32
CA ILE E 165 6.53 -9.15 -72.50
C ILE E 165 7.61 -8.14 -72.90
N TRP E 166 8.86 -8.60 -73.00
CA TRP E 166 9.96 -7.72 -73.33
C TRP E 166 10.90 -8.43 -74.28
N PHE E 167 11.94 -7.72 -74.71
CA PHE E 167 12.94 -8.27 -75.61
C PHE E 167 14.32 -7.76 -75.21
N ASP E 168 15.32 -8.61 -75.44
CA ASP E 168 16.72 -8.28 -75.21
C ASP E 168 17.47 -8.38 -76.53
N ILE E 169 18.52 -7.56 -76.65
CA ILE E 169 19.37 -7.53 -77.85
C ILE E 169 20.79 -7.86 -77.41
N THR E 170 21.31 -8.97 -77.92
CA THR E 170 22.70 -9.38 -77.68
C THR E 170 23.47 -9.24 -78.98
N SER E 171 24.49 -8.39 -78.97
CA SER E 171 25.20 -8.01 -80.17
C SER E 171 26.47 -8.84 -80.34
N ASP E 172 26.70 -9.30 -81.57
CA ASP E 172 27.97 -9.91 -81.95
C ASP E 172 28.95 -8.86 -82.45
N THR E 173 28.50 -8.02 -83.38
CA THR E 173 29.22 -6.84 -83.84
C THR E 173 28.50 -5.60 -83.33
N ALA E 174 28.87 -4.45 -83.86
CA ALA E 174 28.18 -3.21 -83.51
C ALA E 174 26.75 -3.25 -84.04
N VAL E 175 25.79 -2.92 -83.18
CA VAL E 175 24.38 -3.01 -83.52
C VAL E 175 23.71 -1.66 -83.27
N THR E 176 22.75 -1.32 -84.11
CA THR E 176 22.01 -0.07 -83.99
C THR E 176 20.52 -0.36 -84.17
N LEU E 177 19.74 -0.11 -83.11
CA LEU E 177 18.29 -0.15 -83.20
C LEU E 177 17.80 1.19 -83.75
N LEU E 178 17.37 1.19 -85.01
CA LEU E 178 16.93 2.43 -85.63
C LEU E 178 15.59 2.88 -85.08
N ALA E 179 14.63 1.96 -85.01
CA ALA E 179 13.31 2.25 -84.46
C ALA E 179 12.61 0.94 -84.18
N GLY E 180 11.65 1.00 -83.25
CA GLY E 180 10.89 -0.18 -82.90
C GLY E 180 9.72 0.17 -82.01
N GLY E 181 8.77 -0.75 -81.94
CA GLY E 181 7.59 -0.53 -81.12
C GLY E 181 6.66 -1.72 -81.19
N TRP E 182 5.72 -1.73 -80.24
CA TRP E 182 4.71 -2.77 -80.19
C TRP E 182 3.50 -2.38 -81.02
N TYR E 183 2.89 -3.37 -81.67
CA TYR E 183 1.78 -3.14 -82.57
C TYR E 183 0.68 -4.17 -82.31
N ALA E 184 -0.55 -3.73 -82.51
CA ALA E 184 -1.77 -4.52 -82.58
C ALA E 184 -2.03 -4.94 -84.03
N PRO E 185 -2.31 -6.22 -84.24
CA PRO E 185 -2.52 -6.74 -85.60
C PRO E 185 -3.87 -6.34 -86.22
N ILE E 186 -4.61 -5.42 -85.60
CA ILE E 186 -5.86 -4.92 -86.15
C ILE E 186 -5.87 -3.41 -86.03
N GLU E 187 -6.61 -2.76 -86.93
CA GLU E 187 -6.68 -1.30 -86.90
C GLU E 187 -7.43 -0.81 -85.67
N ALA E 188 -7.14 0.44 -85.29
CA ALA E 188 -7.72 1.00 -84.08
C ALA E 188 -9.11 1.59 -84.37
N PRO E 189 -10.06 1.36 -83.47
CA PRO E 189 -11.40 1.91 -83.65
C PRO E 189 -11.43 3.41 -83.42
N GLY E 190 -12.41 4.07 -84.04
CA GLY E 190 -12.59 5.49 -83.87
C GLY E 190 -11.53 6.31 -84.59
N ALA E 191 -11.48 7.58 -84.18
CA ALA E 191 -10.53 8.54 -84.75
C ALA E 191 -9.34 8.82 -83.85
N GLY E 192 -9.50 8.71 -82.54
CA GLY E 192 -8.40 8.97 -81.63
C GLY E 192 -8.18 10.42 -81.28
N THR E 193 -9.17 11.28 -81.50
CA THR E 193 -9.05 12.68 -81.16
C THR E 193 -9.20 12.87 -79.65
N ILE E 194 -8.31 13.66 -79.07
CA ILE E 194 -8.30 13.90 -77.63
C ILE E 194 -8.22 15.40 -77.38
N ALA E 195 -8.92 15.85 -76.34
CA ALA E 195 -8.86 17.23 -75.88
C ALA E 195 -8.19 17.23 -74.52
N CYS E 196 -6.99 17.79 -74.45
CA CYS E 196 -6.23 17.85 -73.20
C CYS E 196 -6.65 19.07 -72.40
N GLY E 197 -6.49 18.98 -71.08
CA GLY E 197 -6.89 20.07 -70.22
C GLY E 197 -6.18 20.11 -68.88
N MET E 198 -5.64 21.28 -68.52
CA MET E 198 -4.88 21.45 -67.28
C MET E 198 -5.39 22.68 -66.55
N PRO E 199 -5.85 22.55 -65.31
CA PRO E 199 -6.10 23.74 -64.50
C PRO E 199 -4.81 24.26 -63.87
N THR E 200 -4.64 25.57 -63.92
CA THR E 200 -3.45 26.21 -63.38
C THR E 200 -3.85 27.28 -62.36
N PHE E 201 -2.91 27.57 -61.44
CA PHE E 201 -3.15 28.57 -60.40
C PHE E 201 -1.80 29.17 -60.02
N ASN E 202 -1.48 30.32 -60.63
CA ASN E 202 -0.26 31.06 -60.32
C ASN E 202 1.00 30.23 -60.56
N ARG E 203 0.96 29.38 -61.58
CA ARG E 203 2.10 28.56 -61.99
C ARG E 203 2.26 28.62 -63.50
N PRO E 204 2.65 29.79 -64.05
CA PRO E 204 2.79 29.90 -65.51
C PRO E 204 4.10 29.32 -66.00
N THR E 205 5.14 29.35 -65.15
CA THR E 205 6.44 28.86 -65.55
C THR E 205 6.40 27.38 -65.90
N ASP E 206 5.80 26.56 -65.04
CA ASP E 206 5.69 25.14 -65.32
C ASP E 206 4.67 24.85 -66.41
N LEU E 207 3.60 25.65 -66.48
CA LEU E 207 2.60 25.43 -67.51
C LEU E 207 3.15 25.68 -68.91
N VAL E 208 4.07 26.64 -69.05
CA VAL E 208 4.68 26.89 -70.35
C VAL E 208 5.48 25.68 -70.81
N LYS E 209 6.27 25.09 -69.90
CA LYS E 209 7.02 23.89 -70.24
C LYS E 209 6.08 22.71 -70.53
N THR E 210 4.98 22.62 -69.79
CA THR E 210 4.01 21.55 -70.03
C THR E 210 3.39 21.68 -71.42
N LEU E 211 3.01 22.91 -71.80
CA LEU E 211 2.43 23.13 -73.12
C LEU E 211 3.45 22.91 -74.23
N GLY E 212 4.71 23.27 -73.98
CA GLY E 212 5.74 23.04 -74.98
C GLY E 212 6.01 21.56 -75.20
N ALA E 213 6.09 20.79 -74.11
CA ALA E 213 6.27 19.35 -74.24
C ALA E 213 5.03 18.68 -74.82
N LEU E 214 3.85 19.28 -74.62
CA LEU E 214 2.62 18.71 -75.17
C LEU E 214 2.61 18.79 -76.69
N GLY E 215 3.25 19.79 -77.27
CA GLY E 215 3.34 19.93 -78.71
C GLY E 215 4.69 19.61 -79.32
N SER E 216 5.65 19.11 -78.53
CA SER E 216 6.97 18.80 -79.07
C SER E 216 6.97 17.52 -79.89
N ASP E 217 5.99 16.63 -79.68
CA ASP E 217 5.93 15.38 -80.42
C ASP E 217 4.91 15.50 -81.54
N PRO E 218 5.30 15.26 -82.80
CA PRO E 218 4.32 15.36 -83.89
C PRO E 218 3.23 14.32 -83.82
N LEU E 219 3.53 13.10 -83.37
CA LEU E 219 2.51 12.07 -83.28
C LEU E 219 1.47 12.41 -82.22
N VAL E 220 1.84 13.17 -81.19
CA VAL E 220 0.87 13.58 -80.18
C VAL E 220 0.04 14.75 -80.69
N LEU E 221 0.67 15.70 -81.39
CA LEU E 221 -0.08 16.81 -81.97
C LEU E 221 -1.06 16.34 -83.02
N GLY E 222 -0.73 15.26 -83.74
CA GLY E 222 -1.63 14.73 -84.75
C GLY E 222 -2.93 14.20 -84.19
N GLN E 223 -2.99 13.95 -82.89
CA GLN E 223 -4.20 13.46 -82.24
C GLN E 223 -4.89 14.49 -81.36
N VAL E 224 -4.17 15.53 -80.92
CA VAL E 224 -4.75 16.54 -80.06
C VAL E 224 -5.63 17.47 -80.89
N ALA E 225 -6.86 17.69 -80.44
CA ALA E 225 -7.78 18.62 -81.09
C ALA E 225 -7.93 19.92 -80.31
N ALA E 226 -7.66 19.91 -79.01
CA ALA E 226 -7.80 21.11 -78.19
C ALA E 226 -6.93 20.97 -76.95
N VAL E 227 -6.51 22.11 -76.42
CA VAL E 227 -5.73 22.18 -75.18
C VAL E 227 -6.38 23.26 -74.33
N ILE E 228 -7.16 22.86 -73.33
CA ILE E 228 -7.96 23.77 -72.52
C ILE E 228 -7.18 24.10 -71.25
N VAL E 229 -7.12 25.39 -70.93
CA VAL E 229 -6.39 25.87 -69.75
C VAL E 229 -7.33 26.78 -68.95
N ALA E 230 -7.69 26.35 -67.75
CA ALA E 230 -8.53 27.14 -66.85
C ALA E 230 -7.61 27.85 -65.86
N ASP E 231 -7.37 29.15 -66.11
CA ASP E 231 -6.46 29.94 -65.29
C ASP E 231 -7.23 30.52 -64.12
N GLN E 232 -7.02 29.97 -62.93
CA GLN E 232 -7.69 30.42 -61.72
C GLN E 232 -6.83 31.36 -60.88
N GLY E 233 -5.61 31.66 -61.32
CA GLY E 233 -4.72 32.53 -60.57
C GLY E 233 -4.61 33.91 -61.19
N ASN E 234 -4.02 34.82 -60.43
CA ASN E 234 -3.85 36.19 -60.89
C ASN E 234 -2.67 36.34 -61.85
N ARG E 235 -1.60 35.56 -61.65
CA ARG E 235 -0.47 35.56 -62.56
C ARG E 235 -0.84 34.70 -63.77
N LYS E 236 -1.31 35.34 -64.83
CA LYS E 236 -1.77 34.62 -66.01
C LYS E 236 -0.61 34.03 -66.79
N VAL E 237 -0.88 32.90 -67.46
CA VAL E 237 0.15 32.25 -68.26
C VAL E 237 0.40 33.00 -69.56
N VAL E 238 -0.57 33.79 -70.03
CA VAL E 238 -0.38 34.57 -71.24
C VAL E 238 0.70 35.63 -71.05
N ASP E 239 0.96 36.04 -69.82
CA ASP E 239 1.97 37.05 -69.50
C ASP E 239 3.29 36.43 -69.05
N GLU E 240 3.59 35.22 -69.51
CA GLU E 240 4.80 34.50 -69.14
C GLU E 240 5.75 34.37 -70.34
N PRO E 241 7.04 34.60 -70.15
CA PRO E 241 7.99 34.39 -71.25
C PRO E 241 8.01 32.93 -71.69
N GLY E 242 8.15 32.73 -73.01
CA GLY E 242 8.10 31.41 -73.58
C GLY E 242 6.72 30.91 -73.91
N PHE E 243 5.67 31.68 -73.58
CA PHE E 243 4.31 31.24 -73.82
C PHE E 243 3.90 31.38 -75.27
N ASP E 244 4.36 32.45 -75.94
CA ASP E 244 3.90 32.71 -77.30
C ASP E 244 4.43 31.67 -78.28
N GLU E 245 5.66 31.21 -78.08
CA GLU E 245 6.23 30.21 -78.99
C GLU E 245 5.48 28.89 -78.88
N ALA E 246 5.23 28.44 -77.66
CA ALA E 246 4.47 27.20 -77.46
C ALA E 246 3.04 27.35 -77.98
N ALA E 247 2.44 28.54 -77.81
CA ALA E 247 1.10 28.76 -78.32
C ALA E 247 1.08 28.71 -79.84
N ALA E 248 2.12 29.25 -80.49
CA ALA E 248 2.19 29.18 -81.95
C ALA E 248 2.43 27.75 -82.42
N VAL E 249 3.20 26.98 -81.66
CA VAL E 249 3.41 25.57 -82.01
C VAL E 249 2.10 24.81 -81.91
N LEU E 250 1.32 25.06 -80.85
CA LEU E 250 0.04 24.38 -80.71
C LEU E 250 -0.94 24.82 -81.80
N GLY E 251 -1.30 26.10 -81.83
CA GLY E 251 -2.22 26.59 -82.83
C GLY E 251 -3.57 26.95 -82.26
N ASP E 252 -4.63 26.70 -83.03
CA ASP E 252 -5.99 26.99 -82.58
C ASP E 252 -6.43 26.08 -81.44
N ARG E 253 -5.62 25.08 -81.08
CA ARG E 253 -5.98 24.15 -80.02
C ARG E 253 -6.03 24.84 -78.66
N LEU E 254 -5.08 25.73 -78.39
CA LEU E 254 -4.94 26.33 -77.07
C LEU E 254 -6.12 27.27 -76.82
N VAL E 255 -6.95 26.92 -75.84
CA VAL E 255 -8.09 27.71 -75.42
C VAL E 255 -7.92 28.00 -73.93
N ILE E 256 -7.69 29.26 -73.60
CA ILE E 256 -7.43 29.67 -72.22
C ILE E 256 -8.65 30.43 -71.71
N ARG E 257 -9.34 29.84 -70.74
CA ARG E 257 -10.45 30.49 -70.05
C ARG E 257 -9.98 30.97 -68.68
N ASP E 258 -10.65 32.00 -68.18
CA ASP E 258 -10.32 32.60 -66.89
C ASP E 258 -11.54 32.56 -65.98
N GLN E 259 -11.30 32.25 -64.71
CA GLN E 259 -12.37 32.14 -63.72
C GLN E 259 -11.75 32.27 -62.34
N PRO E 260 -12.55 32.61 -61.33
CA PRO E 260 -12.03 32.67 -59.96
C PRO E 260 -11.50 31.31 -59.50
N ASN E 261 -10.73 31.34 -58.42
CA ASN E 261 -10.09 30.14 -57.89
C ASN E 261 -11.16 29.24 -57.28
N LEU E 262 -11.61 28.25 -58.05
CA LEU E 262 -12.58 27.26 -57.59
C LEU E 262 -11.91 25.94 -57.20
N GLY E 263 -10.58 25.90 -57.16
CA GLY E 263 -9.88 24.68 -56.82
C GLY E 263 -9.76 23.73 -57.99
N GLY E 264 -9.18 22.56 -57.69
CA GLY E 264 -9.04 21.55 -58.72
C GLY E 264 -10.37 21.05 -59.24
N SER E 265 -11.36 20.92 -58.35
CA SER E 265 -12.69 20.50 -58.78
C SER E 265 -13.25 21.45 -59.83
N GLY E 266 -13.27 22.75 -59.52
CA GLY E 266 -13.79 23.71 -60.47
C GLY E 266 -12.96 23.81 -61.74
N GLY E 267 -11.64 23.70 -61.61
CA GLY E 267 -10.78 23.76 -62.79
C GLY E 267 -11.03 22.61 -63.75
N TYR E 268 -11.03 21.38 -63.24
CA TYR E 268 -11.29 20.24 -64.09
C TYR E 268 -12.73 20.22 -64.60
N SER E 269 -13.67 20.75 -63.81
CA SER E 269 -15.04 20.86 -64.29
C SER E 269 -15.13 21.82 -65.47
N ARG E 270 -14.43 22.96 -65.39
CA ARG E 270 -14.41 23.89 -66.51
C ARG E 270 -13.74 23.26 -67.73
N VAL E 271 -12.66 22.49 -67.50
CA VAL E 271 -11.99 21.81 -68.60
C VAL E 271 -12.95 20.86 -69.31
N MET E 272 -13.64 20.02 -68.52
CA MET E 272 -14.58 19.06 -69.12
C MET E 272 -15.74 19.78 -69.79
N TYR E 273 -16.20 20.89 -69.23
CA TYR E 273 -17.27 21.66 -69.84
C TYR E 273 -16.85 22.19 -71.21
N GLU E 274 -15.69 22.84 -71.28
CA GLU E 274 -15.20 23.35 -72.55
C GLU E 274 -15.01 22.22 -73.56
N ALA E 275 -14.49 21.07 -73.10
CA ALA E 275 -14.27 19.95 -74.01
C ALA E 275 -15.58 19.42 -74.57
N LEU E 276 -16.57 19.18 -73.70
CA LEU E 276 -17.83 18.62 -74.15
C LEU E 276 -18.67 19.62 -74.92
N LYS E 277 -18.41 20.91 -74.78
CA LYS E 277 -19.20 21.93 -75.46
C LYS E 277 -18.62 22.37 -76.79
N ASN E 278 -17.34 22.76 -76.83
CA ASN E 278 -16.78 23.44 -77.98
C ASN E 278 -15.86 22.57 -78.82
N THR E 279 -15.57 21.34 -78.41
CA THR E 279 -14.69 20.46 -79.17
C THR E 279 -15.43 19.18 -79.55
N ASP E 280 -15.02 18.58 -80.67
CA ASP E 280 -15.56 17.33 -81.16
C ASP E 280 -14.65 16.15 -80.88
N ALA E 281 -13.82 16.24 -79.84
CA ALA E 281 -12.88 15.19 -79.53
C ALA E 281 -13.61 13.97 -78.95
N GLU E 282 -12.97 12.81 -79.06
CA GLU E 282 -13.54 11.57 -78.56
C GLU E 282 -13.15 11.27 -77.12
N TYR E 283 -12.10 11.91 -76.60
CA TYR E 283 -11.65 11.67 -75.24
C TYR E 283 -11.22 12.99 -74.61
N ILE E 284 -11.34 13.05 -73.29
CA ILE E 284 -10.86 14.17 -72.48
C ILE E 284 -9.65 13.69 -71.70
N VAL E 285 -8.56 14.44 -71.77
CA VAL E 285 -7.31 14.08 -71.11
C VAL E 285 -7.06 15.10 -70.01
N TYR E 286 -7.46 14.75 -68.79
CA TYR E 286 -7.10 15.55 -67.63
C TYR E 286 -5.60 15.45 -67.38
N MET E 287 -4.95 16.60 -67.24
CA MET E 287 -3.55 16.70 -66.86
C MET E 287 -3.42 17.76 -65.77
N ASP E 288 -2.21 17.89 -65.24
CA ASP E 288 -1.89 18.91 -64.26
C ASP E 288 -0.92 19.91 -64.87
N ASP E 289 -0.94 21.14 -64.34
CA ASP E 289 -0.12 22.20 -64.90
C ASP E 289 1.34 22.06 -64.53
N ASP E 290 1.67 21.27 -63.51
CA ASP E 290 3.05 21.16 -63.03
C ASP E 290 3.59 19.75 -63.16
N ILE E 291 3.49 19.15 -64.34
CA ILE E 291 3.98 17.81 -64.58
C ILE E 291 4.96 17.82 -65.74
N GLU E 292 5.88 16.87 -65.73
CA GLU E 292 6.82 16.66 -66.83
C GLU E 292 6.25 15.54 -67.71
N ILE E 293 5.78 15.91 -68.90
CA ILE E 293 5.02 15.00 -69.75
C ILE E 293 5.97 14.15 -70.58
N GLU E 294 5.80 12.83 -70.50
CA GLU E 294 6.40 11.92 -71.47
C GLU E 294 5.45 11.79 -72.65
N PRO E 295 5.85 12.20 -73.87
CA PRO E 295 4.86 12.33 -74.95
C PRO E 295 4.21 11.01 -75.35
N ASP E 296 4.94 9.90 -75.31
CA ASP E 296 4.38 8.64 -75.76
C ASP E 296 3.40 8.04 -74.76
N SER E 297 3.42 8.50 -73.51
CA SER E 297 2.47 8.00 -72.52
C SER E 297 1.04 8.36 -72.91
N ILE E 298 0.84 9.55 -73.46
CA ILE E 298 -0.50 9.96 -73.90
C ILE E 298 -0.98 9.06 -75.03
N LEU E 299 -0.09 8.74 -75.97
CA LEU E 299 -0.48 7.86 -77.08
C LEU E 299 -0.75 6.45 -76.59
N ARG E 300 0.00 5.99 -75.58
CA ARG E 300 -0.25 4.66 -75.02
C ARG E 300 -1.62 4.61 -74.35
N ALA E 301 -1.93 5.63 -73.54
CA ALA E 301 -3.24 5.69 -72.90
C ALA E 301 -4.36 5.77 -73.94
N LEU E 302 -4.13 6.52 -75.01
CA LEU E 302 -5.13 6.62 -76.08
C LEU E 302 -5.36 5.26 -76.74
N ALA E 303 -4.28 4.57 -77.13
CA ALA E 303 -4.41 3.28 -77.77
C ALA E 303 -5.04 2.25 -76.83
N PHE E 304 -4.80 2.38 -75.52
CA PHE E 304 -5.43 1.47 -74.58
C PHE E 304 -6.92 1.76 -74.42
N ALA E 305 -7.30 3.05 -74.49
CA ALA E 305 -8.71 3.42 -74.42
C ALA E 305 -9.47 3.12 -75.70
N ARG E 306 -8.77 3.02 -76.84
CA ARG E 306 -9.46 2.75 -78.10
C ARG E 306 -9.72 1.26 -78.29
N PHE E 307 -8.76 0.41 -77.94
CA PHE E 307 -8.92 -1.03 -78.06
C PHE E 307 -9.64 -1.67 -76.87
N ALA E 308 -10.29 -0.87 -76.03
CA ALA E 308 -10.95 -1.40 -74.86
C ALA E 308 -12.18 -2.22 -75.25
N LYS E 309 -12.55 -3.16 -74.38
CA LYS E 309 -13.74 -3.96 -74.62
C LYS E 309 -15.00 -3.13 -74.43
N SER E 310 -15.09 -2.43 -73.30
CA SER E 310 -16.16 -1.50 -73.00
C SER E 310 -15.56 -0.14 -72.67
N PRO E 311 -16.35 0.93 -72.76
CA PRO E 311 -15.82 2.26 -72.38
C PRO E 311 -15.32 2.25 -70.95
N MET E 312 -14.17 2.89 -70.74
CA MET E 312 -13.49 2.82 -69.46
C MET E 312 -12.53 4.00 -69.33
N LEU E 313 -12.14 4.27 -68.10
CA LEU E 313 -11.15 5.31 -67.80
C LEU E 313 -9.76 4.68 -67.77
N VAL E 314 -8.82 5.29 -68.48
CA VAL E 314 -7.44 4.81 -68.56
C VAL E 314 -6.57 5.89 -67.92
N GLY E 315 -6.23 5.71 -66.66
CA GLY E 315 -5.42 6.67 -65.92
C GLY E 315 -3.95 6.27 -65.93
N GLY E 316 -3.08 7.29 -66.03
CA GLY E 316 -1.66 7.05 -66.02
C GLY E 316 -1.09 6.99 -64.61
N GLN E 317 0.20 6.65 -64.53
CA GLN E 317 0.90 6.55 -63.27
C GLN E 317 1.76 7.79 -63.04
N MET E 318 2.25 7.93 -61.81
CA MET E 318 3.00 9.10 -61.39
C MET E 318 4.40 8.66 -60.95
N LEU E 319 5.40 9.05 -61.73
CA LEU E 319 6.78 8.97 -61.26
C LEU E 319 7.11 10.19 -60.42
N ASN E 320 8.06 10.03 -59.51
CA ASN E 320 8.42 11.12 -58.61
C ASN E 320 9.22 12.18 -59.35
N LEU E 321 8.76 13.43 -59.26
CA LEU E 321 9.46 14.52 -59.92
C LEU E 321 10.78 14.86 -59.24
N GLN E 322 10.92 14.51 -57.96
CA GLN E 322 12.16 14.76 -57.23
C GLN E 322 13.11 13.56 -57.27
N GLU E 323 12.56 12.35 -57.40
CA GLU E 323 13.33 11.13 -57.62
C GLU E 323 12.80 10.53 -58.92
N ARG E 324 13.37 10.95 -60.05
CA ARG E 324 12.83 10.65 -61.36
C ARG E 324 12.87 9.18 -61.71
N SER E 325 13.61 8.36 -60.98
CA SER E 325 13.63 6.92 -61.22
C SER E 325 12.62 6.16 -60.36
N HIS E 326 11.94 6.84 -59.44
CA HIS E 326 11.02 6.19 -58.52
C HIS E 326 9.60 6.24 -59.04
N LEU E 327 8.88 5.14 -58.89
CA LEU E 327 7.45 5.06 -59.19
C LEU E 327 6.66 5.15 -57.89
N HIS E 328 5.71 6.07 -57.83
CA HIS E 328 4.99 6.31 -56.58
C HIS E 328 4.09 5.12 -56.22
N SER E 329 3.14 4.80 -57.09
CA SER E 329 2.18 3.75 -56.78
C SER E 329 1.73 3.06 -58.06
N MET E 330 1.53 1.75 -57.98
CA MET E 330 1.00 0.99 -59.10
C MET E 330 -0.51 1.14 -59.23
N GLY E 331 -1.19 1.51 -58.16
CA GLY E 331 -2.63 1.70 -58.20
C GLY E 331 -3.17 2.01 -56.83
N GLU E 332 -4.39 2.52 -56.83
CA GLU E 332 -5.06 2.97 -55.61
C GLU E 332 -6.48 2.43 -55.59
N VAL E 333 -6.93 2.03 -54.39
CA VAL E 333 -8.31 1.62 -54.15
C VAL E 333 -8.83 2.41 -52.95
N VAL E 334 -10.05 2.11 -52.54
CA VAL E 334 -10.66 2.73 -51.37
C VAL E 334 -11.20 1.63 -50.47
N ASP E 335 -10.73 1.60 -49.22
CA ASP E 335 -11.25 0.69 -48.22
C ASP E 335 -12.66 1.11 -47.82
N ARG E 336 -13.62 0.21 -47.99
CA ARG E 336 -15.03 0.50 -47.73
C ARG E 336 -15.41 0.27 -46.28
N GLY E 337 -14.50 -0.22 -45.44
CA GLY E 337 -14.77 -0.35 -44.02
C GLY E 337 -14.79 1.01 -43.36
N ILE E 338 -13.60 1.57 -43.09
CA ILE E 338 -13.50 2.94 -42.60
C ILE E 338 -13.61 3.96 -43.71
N PHE E 339 -13.76 3.52 -44.96
CA PHE E 339 -13.88 4.38 -46.13
C PHE E 339 -12.69 5.33 -46.23
N MET E 340 -11.59 4.85 -46.81
CA MET E 340 -10.38 5.66 -46.91
C MET E 340 -9.56 5.16 -48.09
N TRP E 341 -9.04 6.10 -48.89
CA TRP E 341 -8.23 5.70 -50.04
C TRP E 341 -6.87 5.19 -49.58
N THR E 342 -6.42 4.11 -50.22
CA THR E 342 -5.17 3.45 -49.85
C THR E 342 -4.62 2.75 -51.10
N SER E 343 -3.46 2.12 -50.92
CA SER E 343 -2.85 1.39 -52.03
C SER E 343 -3.59 0.09 -52.28
N ALA E 344 -3.68 -0.29 -53.56
CA ALA E 344 -4.33 -1.53 -53.94
C ALA E 344 -3.53 -2.72 -53.42
N PRO E 345 -4.15 -3.91 -53.37
CA PRO E 345 -3.39 -5.10 -52.98
C PRO E 345 -2.22 -5.35 -53.93
N ASN E 346 -1.17 -5.94 -53.37
CA ASN E 346 0.08 -6.22 -54.10
C ASN E 346 0.74 -4.94 -54.61
N VAL E 347 0.58 -3.85 -53.88
CA VAL E 347 1.15 -2.56 -54.25
C VAL E 347 1.83 -1.96 -53.02
N GLU E 348 3.08 -1.55 -53.17
CA GLU E 348 3.83 -0.83 -52.15
C GLU E 348 4.30 0.49 -52.71
N TYR E 349 4.33 1.52 -51.87
CA TYR E 349 4.69 2.85 -52.33
C TYR E 349 6.20 2.96 -52.56
N ASP E 350 6.55 3.81 -53.52
CA ASP E 350 7.94 4.17 -53.83
C ASP E 350 8.77 2.96 -54.28
N HIS E 351 8.98 2.83 -55.57
CA HIS E 351 9.77 1.73 -56.14
C HIS E 351 10.86 2.32 -57.01
N ASP E 352 12.11 2.15 -56.59
CA ASP E 352 13.27 2.66 -57.33
C ASP E 352 13.70 1.61 -58.34
N PHE E 353 13.54 1.92 -59.63
CA PHE E 353 13.96 1.00 -60.68
C PHE E 353 15.47 0.99 -60.86
N ALA E 354 16.16 2.08 -60.52
CA ALA E 354 17.60 2.10 -60.60
C ALA E 354 18.23 1.12 -59.61
N LYS E 355 17.64 1.00 -58.42
CA LYS E 355 18.14 0.07 -57.42
C LYS E 355 17.59 -1.33 -57.65
N HIS E 356 16.27 -1.46 -57.75
CA HIS E 356 15.61 -2.75 -57.96
C HIS E 356 14.97 -2.77 -59.34
N PRO E 357 15.64 -3.32 -60.35
CA PRO E 357 15.04 -3.36 -61.69
C PRO E 357 13.88 -4.35 -61.75
N LEU E 358 13.18 -4.34 -62.88
CA LEU E 358 12.04 -5.23 -63.08
C LEU E 358 12.45 -6.69 -63.11
N LYS E 359 13.71 -6.98 -63.43
CA LYS E 359 14.22 -8.35 -63.46
C LYS E 359 14.48 -8.91 -62.07
N ASP E 360 14.54 -8.06 -61.05
CA ASP E 360 14.80 -8.50 -59.69
C ASP E 360 13.55 -9.16 -59.13
N ARG E 361 13.60 -10.48 -58.96
CA ARG E 361 12.44 -11.21 -58.42
C ARG E 361 12.32 -11.10 -56.91
N ASP E 362 13.35 -10.58 -56.23
CA ASP E 362 13.31 -10.43 -54.78
C ASP E 362 12.62 -9.15 -54.34
N ASN E 363 12.73 -8.06 -55.11
CA ASN E 363 12.18 -6.78 -54.71
C ASN E 363 11.22 -6.19 -55.74
N SER E 364 10.95 -6.88 -56.84
CA SER E 364 10.06 -6.36 -57.88
C SER E 364 9.07 -7.43 -58.35
N LYS E 365 8.77 -8.39 -57.48
CA LYS E 365 7.81 -9.43 -57.83
C LYS E 365 6.38 -8.90 -57.85
N LEU E 366 6.09 -7.89 -57.02
CA LEU E 366 4.74 -7.32 -56.98
C LEU E 366 4.42 -6.53 -58.24
N LEU E 367 5.43 -6.09 -58.99
CA LEU E 367 5.20 -5.36 -60.23
C LEU E 367 4.75 -6.27 -61.38
N HIS E 368 4.78 -7.58 -61.18
CA HIS E 368 4.35 -8.53 -62.21
C HIS E 368 2.91 -8.98 -62.03
N ARG E 369 2.21 -8.49 -61.01
CA ARG E 369 0.81 -8.84 -60.78
C ARG E 369 -0.08 -7.73 -61.32
N ARG E 370 -1.12 -8.12 -62.06
CA ARG E 370 -2.06 -7.15 -62.59
C ARG E 370 -2.84 -6.51 -61.46
N ILE E 371 -2.75 -5.18 -61.35
CA ILE E 371 -3.35 -4.44 -60.26
C ILE E 371 -4.69 -3.87 -60.73
N ASP E 372 -5.74 -4.11 -59.96
CA ASP E 372 -7.06 -3.56 -60.23
C ASP E 372 -7.34 -2.42 -59.27
N VAL E 373 -7.81 -1.29 -59.80
CA VAL E 373 -7.95 -0.07 -59.04
C VAL E 373 -9.41 0.36 -59.02
N ASP E 374 -9.74 1.21 -58.04
CA ASP E 374 -11.07 1.79 -57.95
C ASP E 374 -11.16 3.17 -58.60
N PHE E 375 -10.06 3.93 -58.60
CA PHE E 375 -10.04 5.25 -59.18
C PHE E 375 -8.62 5.54 -59.67
N ASN E 376 -8.39 6.78 -60.08
CA ASN E 376 -7.05 7.22 -60.49
C ASN E 376 -6.98 8.72 -60.38
N GLY E 377 -5.77 9.22 -60.20
CA GLY E 377 -5.57 10.66 -60.10
C GLY E 377 -5.78 11.37 -61.41
N TRP E 378 -5.89 12.70 -61.31
CA TRP E 378 -6.15 13.55 -62.47
C TRP E 378 -4.88 14.24 -62.97
N TRP E 379 -3.71 13.75 -62.59
CA TRP E 379 -2.47 14.23 -63.20
C TRP E 379 -2.36 13.78 -64.65
N THR E 380 -2.91 12.60 -64.96
CA THR E 380 -3.03 12.13 -66.33
C THR E 380 -4.16 11.11 -66.36
N CYS E 381 -5.25 11.45 -67.04
CA CYS E 381 -6.43 10.58 -67.04
C CYS E 381 -7.19 10.75 -68.36
N VAL E 382 -7.51 9.63 -69.00
CA VAL E 382 -8.25 9.62 -70.25
C VAL E 382 -9.68 9.16 -69.95
N ILE E 383 -10.63 10.06 -70.13
CA ILE E 383 -12.05 9.79 -69.92
C ILE E 383 -12.74 9.84 -71.27
N PRO E 384 -13.44 8.78 -71.69
CA PRO E 384 -14.16 8.85 -72.97
C PRO E 384 -15.26 9.91 -72.92
N ARG E 385 -15.50 10.52 -74.08
CA ARG E 385 -16.56 11.53 -74.18
C ARG E 385 -17.92 10.94 -73.80
N GLN E 386 -18.15 9.67 -74.13
CA GLN E 386 -19.40 9.01 -73.77
C GLN E 386 -19.58 8.97 -72.26
N VAL E 387 -18.54 8.55 -71.54
CA VAL E 387 -18.63 8.43 -70.08
C VAL E 387 -18.82 9.81 -69.46
N ALA E 388 -18.07 10.80 -69.93
CA ALA E 388 -18.18 12.15 -69.36
C ALA E 388 -19.54 12.75 -69.63
N GLU E 389 -20.13 12.48 -70.80
CA GLU E 389 -21.44 13.00 -71.10
C GLU E 389 -22.53 12.29 -70.32
N GLN E 390 -22.32 11.01 -70.00
CA GLN E 390 -23.36 10.26 -69.30
C GLN E 390 -23.34 10.53 -67.80
N ILE E 391 -22.17 10.40 -67.16
CA ILE E 391 -22.12 10.46 -65.71
C ILE E 391 -22.11 11.88 -65.16
N GLY E 392 -21.70 12.87 -65.97
CA GLY E 392 -21.82 14.26 -65.55
C GLY E 392 -20.50 14.95 -65.24
N GLN E 393 -20.56 15.94 -64.35
CA GLN E 393 -19.43 16.79 -63.99
C GLN E 393 -18.92 16.46 -62.59
N PRO E 394 -17.68 16.81 -62.28
CA PRO E 394 -17.15 16.58 -60.92
C PRO E 394 -17.94 17.35 -59.88
N LEU E 395 -17.80 16.89 -58.63
CA LEU E 395 -18.49 17.53 -57.52
C LEU E 395 -17.78 18.83 -57.13
N PRO E 396 -18.52 19.80 -56.57
CA PRO E 396 -17.89 21.04 -56.07
C PRO E 396 -17.25 20.85 -54.70
N LEU E 397 -16.19 20.05 -54.66
CA LEU E 397 -15.48 19.75 -53.43
C LEU E 397 -14.17 20.52 -53.29
N PHE E 398 -13.85 21.39 -54.25
CA PHE E 398 -12.63 22.19 -54.26
C PHE E 398 -11.39 21.33 -54.44
N LEU E 399 -10.97 20.63 -53.39
CA LEU E 399 -9.80 19.77 -53.45
C LEU E 399 -10.03 18.52 -52.61
N LYS E 400 -9.33 17.44 -52.97
CA LYS E 400 -9.38 16.15 -52.27
C LYS E 400 -10.72 15.43 -52.47
N TRP E 401 -10.65 14.11 -52.64
CA TRP E 401 -11.82 13.24 -52.76
C TRP E 401 -12.72 13.59 -53.94
N ASP E 402 -12.17 14.23 -54.98
CA ASP E 402 -12.93 14.50 -56.19
C ASP E 402 -12.71 13.42 -57.24
N ASP E 403 -11.45 13.08 -57.53
CA ASP E 403 -11.17 12.00 -58.46
C ASP E 403 -11.67 10.66 -57.93
N VAL E 404 -11.63 10.46 -56.61
CA VAL E 404 -12.14 9.23 -56.02
C VAL E 404 -13.64 9.09 -56.29
N GLU E 405 -14.39 10.16 -56.02
CA GLU E 405 -15.83 10.12 -56.24
C GLU E 405 -16.15 9.97 -57.71
N TYR E 406 -15.38 10.62 -58.59
CA TYR E 406 -15.64 10.50 -60.02
C TYR E 406 -15.38 9.07 -60.50
N GLY E 407 -14.31 8.44 -60.02
CA GLY E 407 -14.05 7.06 -60.38
C GLY E 407 -15.11 6.11 -59.86
N LEU E 408 -15.56 6.33 -58.62
CA LEU E 408 -16.61 5.47 -58.06
C LEU E 408 -17.92 5.65 -58.82
N ARG E 409 -18.23 6.88 -59.23
CA ARG E 409 -19.44 7.12 -60.02
C ARG E 409 -19.34 6.42 -61.38
N ALA E 410 -18.19 6.56 -62.04
CA ALA E 410 -17.98 5.86 -63.31
C ALA E 410 -18.13 4.36 -63.15
N ARG E 411 -17.61 3.80 -62.06
CA ARG E 411 -17.75 2.37 -61.80
C ARG E 411 -19.20 1.99 -61.59
N ASP E 412 -19.95 2.83 -60.86
CA ASP E 412 -21.37 2.56 -60.66
C ASP E 412 -22.15 2.62 -61.98
N HIS E 413 -21.70 3.44 -62.92
CA HIS E 413 -22.32 3.51 -64.23
C HIS E 413 -21.79 2.46 -65.21
N GLY E 414 -21.06 1.46 -64.71
CA GLY E 414 -20.58 0.39 -65.57
C GLY E 414 -19.32 0.71 -66.34
N TYR E 415 -18.51 1.65 -65.86
CA TYR E 415 -17.27 2.04 -66.53
C TYR E 415 -16.10 1.86 -65.56
N PRO E 416 -15.26 0.86 -65.75
CA PRO E 416 -14.14 0.66 -64.83
C PRO E 416 -12.98 1.62 -65.10
N THR E 417 -12.10 1.73 -64.12
CA THR E 417 -10.90 2.53 -64.21
C THR E 417 -9.68 1.62 -64.13
N VAL E 418 -8.68 1.89 -64.97
CA VAL E 418 -7.47 1.08 -65.01
C VAL E 418 -6.26 2.01 -64.97
N THR E 419 -5.36 1.74 -64.03
CA THR E 419 -4.08 2.44 -63.94
C THR E 419 -3.08 1.68 -64.80
N LEU E 420 -2.89 2.14 -66.04
CA LEU E 420 -2.08 1.40 -66.99
C LEU E 420 -0.59 1.65 -66.74
N PRO E 421 0.19 0.62 -66.46
CA PRO E 421 1.64 0.82 -66.31
C PRO E 421 2.30 1.11 -67.65
N GLY E 422 3.40 1.85 -67.59
CA GLY E 422 4.10 2.23 -68.80
C GLY E 422 3.79 3.64 -69.23
N ALA E 423 2.52 4.02 -69.13
CA ALA E 423 2.08 5.38 -69.43
C ALA E 423 2.07 6.17 -68.12
N ALA E 424 3.08 7.02 -67.93
CA ALA E 424 3.23 7.74 -66.68
C ALA E 424 3.73 9.15 -66.96
N VAL E 425 3.57 10.01 -65.95
CA VAL E 425 4.08 11.38 -65.98
C VAL E 425 4.78 11.65 -64.66
N TRP E 426 5.69 12.62 -64.68
CA TRP E 426 6.47 13.00 -63.51
C TRP E 426 5.73 14.08 -62.73
N HIS E 427 5.61 13.89 -61.42
CA HIS E 427 4.90 14.83 -60.56
C HIS E 427 5.29 14.56 -59.11
N MET E 428 5.18 15.59 -58.28
CA MET E 428 5.55 15.47 -56.88
C MET E 428 4.59 14.52 -56.14
N ALA E 429 5.14 13.81 -55.16
CA ALA E 429 4.39 12.84 -54.38
C ALA E 429 3.98 13.46 -53.04
N TRP E 430 3.59 12.62 -52.09
CA TRP E 430 3.12 13.09 -50.79
C TRP E 430 3.81 12.36 -49.65
N LYS E 433 3.40 14.80 -47.47
CA LYS E 433 4.12 15.60 -46.47
C LYS E 433 3.21 15.96 -45.30
N ASP E 434 2.95 17.25 -45.12
CA ASP E 434 2.06 17.75 -44.08
C ASP E 434 0.63 17.89 -44.56
N ASP E 435 0.18 17.04 -45.48
CA ASP E 435 -1.17 17.16 -46.02
C ASP E 435 -2.25 16.70 -45.06
N ALA E 436 -1.88 16.17 -43.89
CA ALA E 436 -2.84 15.76 -42.88
C ALA E 436 -2.89 16.68 -41.67
N ILE E 437 -2.11 17.77 -41.68
CA ILE E 437 -2.04 18.68 -40.56
C ILE E 437 -2.47 20.10 -40.95
N ASP E 438 -2.09 20.55 -42.15
CA ASP E 438 -2.38 21.91 -42.58
C ASP E 438 -3.84 22.08 -42.98
N TRP E 439 -4.12 23.06 -43.84
CA TRP E 439 -5.49 23.36 -44.22
C TRP E 439 -6.16 22.20 -44.95
N GLN E 440 -5.36 21.40 -45.66
CA GLN E 440 -5.92 20.30 -46.43
C GLN E 440 -6.68 19.31 -45.55
N ALA E 441 -6.28 19.18 -44.28
CA ALA E 441 -6.98 18.29 -43.36
C ALA E 441 -8.46 18.62 -43.26
N TYR E 442 -8.83 19.87 -43.55
CA TYR E 442 -10.25 20.21 -43.68
C TYR E 442 -10.87 19.48 -44.87
N PHE E 443 -10.37 19.75 -46.07
CA PHE E 443 -10.97 19.20 -47.28
C PHE E 443 -10.89 17.68 -47.34
N HIS E 444 -9.99 17.08 -46.56
CA HIS E 444 -9.86 15.63 -46.54
C HIS E 444 -10.78 14.96 -45.53
N LEU E 445 -11.49 15.73 -44.72
CA LEU E 445 -12.48 15.16 -43.81
C LEU E 445 -13.91 15.49 -44.19
N ARG E 446 -14.16 16.72 -44.66
CA ARG E 446 -15.49 17.07 -45.14
C ARG E 446 -15.88 16.23 -46.35
N ASN E 447 -15.10 16.34 -47.43
CA ASN E 447 -15.41 15.61 -48.64
C ASN E 447 -15.33 14.10 -48.44
N ARG E 448 -14.42 13.64 -47.57
CA ARG E 448 -14.38 12.22 -47.23
C ARG E 448 -15.73 11.75 -46.71
N LEU E 449 -16.42 12.60 -45.94
CA LEU E 449 -17.77 12.26 -45.50
C LEU E 449 -18.76 12.36 -46.65
N VAL E 450 -18.59 13.37 -47.52
CA VAL E 450 -19.53 13.57 -48.62
C VAL E 450 -19.57 12.33 -49.51
N VAL E 451 -18.41 11.88 -49.97
CA VAL E 451 -18.35 10.64 -50.75
C VAL E 451 -18.84 9.47 -49.92
N ALA E 452 -18.60 9.50 -48.61
CA ALA E 452 -19.11 8.44 -47.75
C ALA E 452 -20.64 8.43 -47.71
N SER E 453 -21.28 9.55 -48.02
CA SER E 453 -22.72 9.59 -48.12
C SER E 453 -23.24 9.02 -49.43
N LEU E 454 -22.36 8.58 -50.32
CA LEU E 454 -22.75 8.11 -51.64
C LEU E 454 -22.35 6.67 -51.93
N HIS E 455 -21.30 6.15 -51.30
CA HIS E 455 -20.81 4.82 -51.63
C HIS E 455 -20.45 3.97 -50.41
N LEU E 456 -20.78 4.41 -49.20
CA LEU E 456 -20.42 3.66 -48.00
C LEU E 456 -21.59 2.77 -47.60
N PRO E 457 -21.47 1.44 -47.68
CA PRO E 457 -22.55 0.57 -47.23
C PRO E 457 -22.50 0.36 -45.73
N GLY E 458 -23.64 0.55 -45.07
CA GLY E 458 -23.75 0.39 -43.64
C GLY E 458 -24.02 1.70 -42.92
N ASN E 459 -23.82 1.67 -41.60
CA ASN E 459 -24.04 2.84 -40.76
C ASN E 459 -22.82 3.75 -40.65
N GLY E 460 -21.66 3.31 -41.12
CA GLY E 460 -20.47 4.12 -41.04
C GLY E 460 -19.91 4.31 -39.65
N LYS E 461 -20.19 3.38 -38.74
CA LYS E 461 -19.67 3.51 -37.37
C LYS E 461 -18.15 3.31 -37.33
N ALA E 462 -17.64 2.41 -38.16
CA ALA E 462 -16.19 2.18 -38.18
C ALA E 462 -15.43 3.41 -38.65
N MET E 463 -16.00 4.13 -39.63
CA MET E 463 -15.39 5.38 -40.07
C MET E 463 -15.35 6.40 -38.94
N VAL E 464 -16.42 6.46 -38.14
CA VAL E 464 -16.46 7.40 -37.03
C VAL E 464 -15.44 7.02 -35.96
N VAL E 465 -15.27 5.72 -35.71
CA VAL E 465 -14.27 5.29 -34.73
C VAL E 465 -12.87 5.61 -35.23
N ASN E 466 -12.63 5.41 -36.53
CA ASN E 466 -11.33 5.75 -37.10
C ASN E 466 -11.04 7.24 -36.99
N THR E 467 -12.04 8.07 -37.26
CA THR E 467 -11.83 9.51 -37.10
C THR E 467 -11.67 9.90 -35.64
N ILE E 468 -12.30 9.16 -34.72
CA ILE E 468 -12.12 9.42 -33.29
C ILE E 468 -10.67 9.16 -32.88
N LYS E 469 -10.13 8.01 -33.29
CA LYS E 469 -8.74 7.73 -32.94
C LYS E 469 -7.78 8.66 -33.67
N ALA E 470 -8.14 9.13 -34.87
CA ALA E 470 -7.33 10.13 -35.55
C ALA E 470 -7.33 11.45 -34.78
N THR E 471 -8.49 11.84 -34.23
CA THR E 471 -8.56 13.04 -33.40
C THR E 471 -7.72 12.87 -32.13
N LEU E 472 -7.75 11.68 -31.54
CA LEU E 472 -6.91 11.41 -30.38
C LEU E 472 -5.43 11.57 -30.72
N LYS E 473 -5.01 11.02 -31.87
CA LYS E 473 -3.62 11.18 -32.29
C LYS E 473 -3.27 12.64 -32.52
N HIS E 474 -4.17 13.39 -33.17
CA HIS E 474 -3.92 14.81 -33.43
C HIS E 474 -3.81 15.59 -32.13
N LEU E 475 -4.61 15.23 -31.12
CA LEU E 475 -4.56 15.94 -29.85
C LEU E 475 -3.29 15.60 -29.07
N LEU E 476 -2.87 14.33 -29.08
CA LEU E 476 -1.68 13.94 -28.36
C LEU E 476 -0.41 14.54 -28.96
N CYS E 477 -0.44 14.91 -30.24
CA CYS E 477 0.72 15.50 -30.91
C CYS E 477 0.71 17.02 -30.90
N LEU E 478 -0.14 17.63 -30.07
CA LEU E 478 -0.23 19.09 -29.95
C LEU E 478 -0.58 19.74 -31.30
N GLU E 479 -1.44 19.08 -32.06
CA GLU E 479 -1.89 19.57 -33.35
C GLU E 479 -3.35 20.02 -33.23
N TYR E 480 -3.53 21.13 -32.52
CA TYR E 480 -4.88 21.60 -32.19
C TYR E 480 -5.58 22.25 -33.37
N SER E 481 -4.83 22.95 -34.24
CA SER E 481 -5.44 23.56 -35.41
C SER E 481 -6.07 22.52 -36.32
N THR E 482 -5.45 21.34 -36.42
CA THR E 482 -6.00 20.27 -37.22
C THR E 482 -7.35 19.83 -36.68
N VAL E 483 -7.45 19.66 -35.36
CA VAL E 483 -8.73 19.26 -34.76
C VAL E 483 -9.77 20.35 -34.94
N ALA E 484 -9.34 21.61 -34.86
CA ALA E 484 -10.29 22.72 -35.04
C ALA E 484 -10.86 22.72 -36.45
N ILE E 485 -10.00 22.63 -37.46
CA ILE E 485 -10.50 22.63 -38.84
C ILE E 485 -11.25 21.34 -39.15
N GLN E 486 -10.94 20.24 -38.46
CA GLN E 486 -11.72 19.02 -38.66
C GLN E 486 -13.13 19.17 -38.09
N ASN E 487 -13.26 19.82 -36.93
CA ASN E 487 -14.58 20.13 -36.40
C ASN E 487 -15.33 21.06 -37.35
N LEU E 488 -14.62 22.04 -37.91
CA LEU E 488 -15.24 22.92 -38.90
C LEU E 488 -15.71 22.14 -40.13
N ALA E 489 -14.92 21.16 -40.58
CA ALA E 489 -15.30 20.33 -41.70
C ALA E 489 -16.55 19.50 -41.39
N ILE E 490 -16.60 18.93 -40.18
CA ILE E 490 -17.79 18.17 -39.78
C ILE E 490 -19.02 19.07 -39.77
N ARG E 491 -18.88 20.29 -39.23
CA ARG E 491 -20.02 21.20 -39.18
C ARG E 491 -20.47 21.60 -40.58
N ASP E 492 -19.52 21.86 -41.49
CA ASP E 492 -19.87 22.24 -42.85
C ASP E 492 -20.50 21.07 -43.61
N TYR E 493 -20.06 19.84 -43.33
CA TYR E 493 -20.67 18.68 -43.97
C TYR E 493 -22.09 18.45 -43.47
N LEU E 494 -22.31 18.63 -42.16
CA LEU E 494 -23.65 18.47 -41.61
C LEU E 494 -24.60 19.57 -42.04
N ALA E 495 -24.09 20.64 -42.66
CA ALA E 495 -24.96 21.72 -43.15
C ALA E 495 -25.73 21.33 -44.40
N GLY E 496 -25.43 20.18 -44.99
CA GLY E 496 -26.15 19.71 -46.17
C GLY E 496 -25.40 20.00 -47.45
N PRO E 497 -25.81 19.34 -48.54
CA PRO E 497 -25.16 19.58 -49.83
C PRO E 497 -25.47 20.94 -50.43
N GLU E 498 -26.53 21.61 -49.97
CA GLU E 498 -26.91 22.90 -50.53
C GLU E 498 -25.79 23.93 -50.36
N ARG E 499 -24.96 23.79 -49.34
CA ARG E 499 -23.86 24.70 -49.10
C ARG E 499 -22.61 24.36 -49.91
N LEU E 500 -22.59 23.21 -50.59
CA LEU E 500 -21.36 22.77 -51.26
C LEU E 500 -20.91 23.77 -52.33
N PHE E 501 -21.85 24.26 -53.13
CA PHE E 501 -21.48 25.27 -54.12
C PHE E 501 -21.16 26.62 -53.49
N GLN E 502 -21.65 26.88 -52.27
CA GLN E 502 -21.37 28.15 -51.62
C GLN E 502 -20.00 28.15 -50.97
N LEU E 503 -19.59 27.02 -50.41
CA LEU E 503 -18.27 26.87 -49.80
C LEU E 503 -17.18 26.61 -50.82
N LEU E 504 -17.53 26.50 -52.11
CA LEU E 504 -16.50 26.25 -53.12
C LEU E 504 -15.49 27.38 -53.24
N PRO E 505 -15.88 28.67 -53.26
CA PRO E 505 -14.85 29.72 -53.34
C PRO E 505 -14.65 30.46 -52.02
N SER E 506 -15.06 29.85 -50.89
CA SER E 506 -15.03 30.56 -49.63
C SER E 506 -14.58 29.73 -48.44
N ALA E 507 -14.31 28.43 -48.61
CA ALA E 507 -13.92 27.61 -47.47
C ALA E 507 -12.45 27.81 -47.11
N LEU E 508 -11.59 28.00 -48.12
CA LEU E 508 -10.16 28.13 -47.86
C LEU E 508 -9.85 29.34 -46.99
N GLY E 509 -10.54 30.46 -47.24
CA GLY E 509 -10.32 31.65 -46.43
C GLY E 509 -10.68 31.43 -44.97
N ALA E 510 -11.83 30.78 -44.72
CA ALA E 510 -12.23 30.50 -43.35
C ALA E 510 -11.26 29.54 -42.68
N VAL E 511 -10.80 28.51 -43.40
CA VAL E 511 -9.84 27.57 -42.81
C VAL E 511 -8.54 28.28 -42.45
N HIS E 512 -8.06 29.15 -43.34
CA HIS E 512 -6.82 29.88 -43.05
C HIS E 512 -7.00 30.83 -41.88
N ALA E 513 -8.13 31.55 -41.84
CA ALA E 513 -8.37 32.49 -40.74
C ALA E 513 -8.53 31.78 -39.41
N LEU E 514 -9.02 30.53 -39.43
CA LEU E 514 -9.13 29.78 -38.17
C LEU E 514 -7.79 29.18 -37.77
N ARG E 515 -6.99 28.73 -38.74
CA ARG E 515 -5.70 28.14 -38.40
C ARG E 515 -4.70 29.18 -37.92
N LYS E 516 -4.75 30.39 -38.47
CA LYS E 516 -3.82 31.43 -38.02
C LYS E 516 -4.08 31.90 -36.59
N GLN E 517 -5.14 31.40 -35.95
CA GLN E 517 -5.43 31.72 -34.56
C GLN E 517 -4.73 30.76 -33.59
N TYR E 518 -4.03 29.74 -34.10
CA TYR E 518 -3.32 28.77 -33.29
C TYR E 518 -1.81 28.87 -33.51
N PRO E 519 -1.01 28.68 -32.46
CA PRO E 519 0.44 28.80 -32.64
C PRO E 519 1.05 27.64 -33.43
N ASP E 520 0.43 26.47 -33.39
CA ASP E 520 0.95 25.31 -34.11
C ASP E 520 0.70 25.37 -35.61
N ALA E 521 -0.02 26.38 -36.09
CA ALA E 521 -0.25 26.56 -37.52
C ALA E 521 0.38 27.83 -38.07
N VAL E 522 1.14 28.57 -37.27
CA VAL E 522 1.84 29.77 -37.71
C VAL E 522 3.27 29.37 -38.04
N ILE E 523 3.64 29.46 -39.32
CA ILE E 523 4.96 29.04 -39.78
C ILE E 523 5.92 30.22 -39.67
N LEU E 524 6.98 30.06 -38.89
CA LEU E 524 8.05 31.04 -38.79
C LEU E 524 9.19 30.66 -39.72
N PRO E 525 10.00 31.62 -40.17
CA PRO E 525 11.09 31.29 -41.09
C PRO E 525 12.08 30.29 -40.52
N SER E 526 12.50 30.49 -39.26
CA SER E 526 13.47 29.60 -38.64
C SER E 526 13.21 29.56 -37.14
N SER E 527 13.84 28.59 -36.48
CA SER E 527 13.74 28.51 -35.03
C SER E 527 14.48 29.63 -34.32
N THR E 528 15.20 30.48 -35.06
CA THR E 528 15.90 31.61 -34.47
C THR E 528 14.95 32.71 -34.01
N GLU E 529 13.71 32.72 -34.52
CA GLU E 529 12.76 33.74 -34.10
C GLU E 529 12.28 33.54 -32.68
N LEU E 530 12.43 32.33 -32.13
CA LEU E 530 12.12 32.00 -30.76
C LEU E 530 13.38 31.91 -29.94
N PRO E 531 13.29 32.04 -28.61
CA PRO E 531 14.47 31.87 -27.76
C PRO E 531 15.09 30.49 -27.93
N LEU E 532 16.34 30.38 -27.49
CA LEU E 532 17.06 29.12 -27.61
C LEU E 532 16.38 28.03 -26.79
N ALA E 533 16.61 26.78 -27.21
CA ALA E 533 15.98 25.64 -26.55
C ALA E 533 16.46 25.52 -25.11
N SER E 534 15.51 25.48 -24.18
CA SER E 534 15.87 25.42 -22.76
C SER E 534 16.34 24.03 -22.36
N HIS E 535 15.70 22.99 -22.91
CA HIS E 535 15.98 21.59 -22.57
C HIS E 535 15.64 21.27 -21.13
N LEU E 536 14.87 22.11 -20.47
CA LEU E 536 14.43 21.87 -19.10
C LEU E 536 13.18 21.00 -19.08
N GLU E 537 13.12 20.09 -18.11
CA GLU E 537 11.97 19.20 -17.93
C GLU E 537 11.69 18.39 -19.19
N VAL E 538 12.74 17.84 -19.79
CA VAL E 538 12.65 17.01 -20.99
C VAL E 538 13.26 15.66 -20.65
N GLY E 539 12.42 14.64 -20.53
CA GLY E 539 12.89 13.32 -20.16
C GLY E 539 13.03 12.37 -21.33
N ALA E 540 12.44 11.18 -21.22
CA ALA E 540 12.52 10.17 -22.26
C ALA E 540 11.74 10.63 -23.49
N VAL E 541 12.45 10.88 -24.59
CA VAL E 541 11.84 11.40 -25.81
C VAL E 541 12.18 10.55 -27.04
N ALA E 542 12.98 9.50 -26.89
CA ALA E 542 13.32 8.62 -28.00
C ALA E 542 12.51 7.33 -27.93
N GLU E 543 12.17 6.80 -29.09
CA GLU E 543 11.30 5.63 -29.15
C GLU E 543 11.94 4.46 -28.43
N PRO E 544 11.18 3.73 -27.60
CA PRO E 544 11.74 2.59 -26.86
C PRO E 544 11.73 1.34 -27.74
N ALA E 545 12.21 0.24 -27.16
CA ALA E 545 12.32 -1.02 -27.87
C ALA E 545 11.12 -1.92 -27.59
N ASN E 546 11.01 -2.41 -26.36
CA ASN E 546 9.93 -3.31 -26.02
C ASN E 546 8.60 -2.57 -26.00
N PRO E 547 7.51 -3.20 -26.49
CA PRO E 547 6.21 -2.51 -26.49
C PRO E 547 5.66 -2.22 -25.11
N ILE E 548 6.13 -2.92 -24.07
CA ILE E 548 5.75 -2.56 -22.71
C ILE E 548 6.23 -1.15 -22.38
N ALA E 549 7.43 -0.80 -22.83
CA ALA E 549 7.91 0.57 -22.66
C ALA E 549 7.08 1.55 -23.48
N LYS E 550 6.60 1.13 -24.65
CA LYS E 550 5.67 1.96 -25.41
C LYS E 550 4.41 2.23 -24.62
N VAL E 551 3.87 1.21 -23.96
CA VAL E 551 2.65 1.37 -23.17
C VAL E 551 2.90 2.28 -21.98
N VAL E 552 4.03 2.11 -21.30
CA VAL E 552 4.29 2.95 -20.13
C VAL E 552 4.56 4.39 -20.55
N ARG E 553 5.14 4.60 -21.74
CA ARG E 553 5.30 5.97 -22.21
C ARG E 553 3.98 6.59 -22.64
N LEU E 554 3.09 5.78 -23.21
CA LEU E 554 1.74 6.28 -23.49
C LEU E 554 1.03 6.68 -22.20
N ALA E 555 1.22 5.87 -21.13
CA ALA E 555 0.65 6.22 -19.83
C ALA E 555 1.26 7.52 -19.29
N LYS E 556 2.58 7.68 -19.43
CA LYS E 556 3.23 8.91 -18.99
C LYS E 556 2.72 10.11 -19.77
N GLY E 557 2.50 9.95 -21.07
CA GLY E 557 1.98 11.05 -21.88
C GLY E 557 0.55 11.40 -21.53
N VAL E 558 -0.27 10.38 -21.23
CA VAL E 558 -1.62 10.65 -20.76
C VAL E 558 -1.60 11.40 -19.45
N LEU E 559 -0.75 10.96 -18.51
CA LEU E 559 -0.63 11.64 -17.22
C LEU E 559 -0.09 13.06 -17.38
N HIS E 560 0.73 13.29 -18.41
CA HIS E 560 1.34 14.61 -18.58
C HIS E 560 0.36 15.61 -19.17
N ASN E 561 -0.50 15.17 -20.08
CA ASN E 561 -1.50 16.07 -20.66
C ASN E 561 -2.61 16.43 -19.68
N LEU E 562 -2.68 15.77 -18.52
CA LEU E 562 -3.66 16.14 -17.51
C LEU E 562 -3.16 17.29 -16.64
N ARG E 563 -1.86 17.33 -16.35
CA ARG E 563 -1.31 18.35 -15.48
C ARG E 563 -1.25 19.69 -16.20
N PRO E 564 -1.39 20.80 -15.47
CA PRO E 564 -1.33 22.12 -16.11
C PRO E 564 0.03 22.38 -16.70
N ALA E 565 0.04 23.00 -17.88
CA ALA E 565 1.29 23.33 -18.56
C ALA E 565 1.90 24.58 -17.95
N HIS E 566 3.23 24.60 -17.91
CA HIS E 566 3.95 25.76 -17.38
C HIS E 566 4.09 26.82 -18.46
N ALA E 567 3.75 28.07 -18.11
CA ALA E 567 3.76 29.14 -19.10
C ALA E 567 5.16 29.40 -19.64
N ARG E 568 6.19 29.08 -18.87
CA ARG E 568 7.56 29.26 -19.32
C ARG E 568 7.80 28.56 -20.66
N HIS E 569 7.41 27.29 -20.75
CA HIS E 569 7.59 26.52 -21.97
C HIS E 569 6.71 27.00 -23.12
N HIS E 570 5.79 27.93 -22.86
CA HIS E 570 5.02 28.56 -23.93
C HIS E 570 5.67 29.83 -24.45
N GLU E 571 6.73 30.30 -23.82
CA GLU E 571 7.47 31.48 -24.26
C GLU E 571 8.88 31.15 -24.76
N THR E 572 9.56 30.22 -24.09
CA THR E 572 10.84 29.72 -24.55
C THR E 572 10.70 28.25 -24.90
N PRO E 573 10.93 27.86 -26.15
CA PRO E 573 10.74 26.45 -26.53
C PRO E 573 11.73 25.54 -25.83
N GLN E 574 11.31 24.30 -25.60
CA GLN E 574 12.14 23.31 -24.92
C GLN E 574 13.07 22.58 -25.89
N LEU E 575 12.57 22.24 -27.08
CA LEU E 575 13.35 21.47 -28.04
C LEU E 575 13.12 22.02 -29.44
N ASN E 576 14.14 21.87 -30.29
CA ASN E 576 14.03 22.17 -31.71
C ASN E 576 13.95 20.85 -32.46
N VAL E 577 12.76 20.25 -32.44
CA VAL E 577 12.58 18.89 -32.94
C VAL E 577 12.44 18.93 -34.45
N PRO E 578 13.19 18.09 -35.18
CA PRO E 578 13.02 18.04 -36.65
C PRO E 578 11.72 17.38 -37.06
N THR E 579 11.60 17.04 -38.35
CA THR E 579 10.37 16.45 -38.86
C THR E 579 10.23 14.99 -38.43
N LEU E 580 11.23 14.17 -38.76
CA LEU E 580 11.14 12.73 -38.49
C LEU E 580 11.17 12.42 -37.00
N ASP E 581 11.67 13.33 -36.18
CA ASP E 581 11.69 13.15 -34.73
C ASP E 581 10.41 13.63 -34.06
N ALA E 582 9.49 14.23 -34.81
CA ALA E 582 8.22 14.70 -34.27
C ALA E 582 7.22 13.55 -34.33
N ARG E 583 7.22 12.74 -33.28
CA ARG E 583 6.34 11.58 -33.18
C ARG E 583 5.64 11.62 -31.82
N TRP E 584 4.72 10.67 -31.61
CA TRP E 584 3.90 10.69 -30.41
C TRP E 584 4.72 10.51 -29.14
N PHE E 585 5.79 9.73 -29.19
CA PHE E 585 6.60 9.44 -28.01
C PHE E 585 7.48 10.62 -27.60
N LEU E 586 7.31 11.78 -28.20
CA LEU E 586 8.04 12.99 -27.84
C LEU E 586 7.12 14.18 -27.63
N LEU E 587 6.11 14.34 -28.48
CA LEU E 587 5.20 15.47 -28.39
C LEU E 587 4.23 15.36 -27.21
N SER E 588 4.15 14.20 -26.56
CA SER E 588 3.26 14.01 -25.43
C SER E 588 3.94 14.23 -24.08
N GLN E 589 5.26 14.34 -24.06
CA GLN E 589 6.00 14.59 -22.83
C GLN E 589 6.49 16.03 -22.72
N VAL E 590 6.05 16.92 -23.61
CA VAL E 590 6.53 18.29 -23.64
C VAL E 590 5.36 19.24 -23.48
N ASP E 591 5.68 20.48 -23.12
CA ASP E 591 4.71 21.56 -23.02
C ASP E 591 4.80 22.56 -24.17
N GLY E 592 6.00 22.83 -24.68
CA GLY E 592 6.18 23.74 -25.79
C GLY E 592 7.42 23.41 -26.59
N VAL E 593 7.25 23.14 -27.88
CA VAL E 593 8.34 22.66 -28.72
C VAL E 593 8.17 23.21 -30.13
N THR E 594 9.28 23.60 -30.75
CA THR E 594 9.29 23.99 -32.15
C THR E 594 9.49 22.75 -33.01
N VAL E 595 8.57 22.52 -33.93
CA VAL E 595 8.60 21.38 -34.84
C VAL E 595 8.84 21.90 -36.25
N THR E 596 9.80 21.30 -36.95
CA THR E 596 10.15 21.73 -38.29
C THR E 596 9.15 21.17 -39.31
N THR E 597 8.81 22.00 -40.30
CA THR E 597 7.87 21.59 -41.34
C THR E 597 8.50 20.51 -42.22
N ALA E 598 7.64 19.85 -43.01
CA ALA E 598 8.07 18.70 -43.80
C ALA E 598 9.14 19.10 -44.81
N ASP E 599 8.82 20.04 -45.71
CA ASP E 599 9.79 20.47 -46.70
C ASP E 599 10.98 21.20 -46.10
N GLY E 600 10.89 21.62 -44.83
CA GLY E 600 12.05 22.18 -44.16
C GLY E 600 12.28 23.65 -44.38
N ARG E 601 11.24 24.41 -44.70
CA ARG E 601 11.36 25.85 -44.92
C ARG E 601 10.96 26.68 -43.71
N GLY E 602 10.56 26.04 -42.62
CA GLY E 602 10.16 26.80 -41.44
C GLY E 602 9.89 25.88 -40.27
N VAL E 603 9.43 26.49 -39.17
CA VAL E 603 9.09 25.78 -37.95
C VAL E 603 7.79 26.33 -37.40
N VAL E 604 7.15 25.54 -36.54
CA VAL E 604 5.91 25.93 -35.87
C VAL E 604 6.04 25.65 -34.37
N TYR E 605 5.55 26.57 -33.56
CA TYR E 605 5.69 26.50 -32.11
C TYR E 605 4.44 25.81 -31.56
N ARG E 606 4.53 24.49 -31.36
CA ARG E 606 3.42 23.74 -30.79
C ARG E 606 3.43 23.85 -29.27
N LYS E 607 2.27 24.19 -28.71
CA LYS E 607 2.12 24.36 -27.27
C LYS E 607 0.96 23.51 -26.79
N ARG E 608 1.05 23.04 -25.55
CA ARG E 608 0.07 22.15 -24.96
C ARG E 608 -0.76 22.91 -23.92
N ASP E 609 -2.08 22.77 -24.01
CA ASP E 609 -2.98 23.36 -23.03
C ASP E 609 -4.06 22.35 -22.67
N PRO E 610 -4.19 21.96 -21.40
CA PRO E 610 -5.18 20.94 -21.03
C PRO E 610 -6.61 21.34 -21.32
N ARG E 611 -6.97 22.59 -20.98
CA ARG E 611 -8.35 23.03 -21.22
C ARG E 611 -8.68 23.05 -22.70
N GLN E 612 -7.76 23.55 -23.53
CA GLN E 612 -8.01 23.60 -24.96
C GLN E 612 -8.12 22.21 -25.57
N ALA E 613 -7.24 21.30 -25.15
CA ALA E 613 -7.31 19.93 -25.65
C ALA E 613 -8.62 19.27 -25.25
N LEU E 614 -9.02 19.43 -23.98
CA LEU E 614 -10.26 18.82 -23.51
C LEU E 614 -11.48 19.41 -24.24
N GLY E 615 -11.49 20.72 -24.45
CA GLY E 615 -12.60 21.34 -25.15
C GLY E 615 -12.69 20.91 -26.61
N LEU E 616 -11.54 20.85 -27.29
CA LEU E 616 -11.53 20.36 -28.66
C LEU E 616 -12.01 18.91 -28.73
N PHE E 617 -11.58 18.08 -27.77
CA PHE E 617 -12.03 16.70 -27.73
C PHE E 617 -13.53 16.60 -27.53
N LYS E 618 -14.07 17.40 -26.59
CA LYS E 618 -15.51 17.36 -26.34
C LYS E 618 -16.30 17.82 -27.56
N GLU E 619 -15.85 18.89 -28.22
CA GLU E 619 -16.53 19.37 -29.42
C GLU E 619 -16.47 18.34 -30.54
N ALA E 620 -15.31 17.72 -30.73
CA ALA E 620 -15.18 16.69 -31.76
C ALA E 620 -16.07 15.50 -31.48
N MET E 621 -16.15 15.07 -30.20
CA MET E 621 -17.00 13.94 -29.86
C MET E 621 -18.47 14.27 -30.04
N ARG E 622 -18.88 15.49 -29.69
CA ARG E 622 -20.26 15.90 -29.89
C ARG E 622 -20.60 15.90 -31.38
N LEU E 623 -19.74 16.52 -32.20
CA LEU E 623 -19.99 16.54 -33.64
C LEU E 623 -20.00 15.15 -34.23
N ARG E 624 -19.15 14.25 -33.71
CA ARG E 624 -19.09 12.91 -34.28
C ARG E 624 -20.28 12.06 -33.85
N LYS E 625 -20.81 12.27 -32.64
CA LYS E 625 -22.04 11.59 -32.27
C LYS E 625 -23.22 12.10 -33.09
N GLU E 626 -23.28 13.41 -33.31
CA GLU E 626 -24.32 13.95 -34.18
C GLU E 626 -24.19 13.39 -35.59
N LEU E 627 -22.95 13.23 -36.07
CA LEU E 627 -22.73 12.65 -37.40
C LEU E 627 -23.17 11.20 -37.46
N ALA E 628 -22.81 10.40 -36.44
CA ALA E 628 -23.23 9.00 -36.42
C ALA E 628 -24.75 8.89 -36.34
N ALA E 629 -25.41 9.87 -35.71
CA ALA E 629 -26.87 9.83 -35.63
C ALA E 629 -27.52 10.25 -36.94
N ARG E 630 -26.98 11.27 -37.62
CA ARG E 630 -27.60 11.84 -38.81
C ARG E 630 -27.04 11.27 -40.11
N PHE E 631 -26.17 10.27 -40.03
CA PHE E 631 -25.59 9.71 -41.25
C PHE E 631 -26.62 9.23 -42.28
N PRO E 632 -27.70 8.52 -41.91
CA PRO E 632 -28.69 8.17 -42.93
C PRO E 632 -29.37 9.39 -43.56
N GLU E 633 -29.69 10.39 -42.75
CA GLU E 633 -30.28 11.62 -43.28
C GLU E 633 -29.34 12.28 -44.29
N MET E 634 -28.06 12.40 -43.94
CA MET E 634 -27.12 13.03 -44.85
C MET E 634 -26.89 12.19 -46.10
N GLN E 635 -26.87 10.86 -45.95
CA GLN E 635 -26.81 9.98 -47.12
C GLN E 635 -27.96 10.28 -48.07
N GLN E 636 -29.18 10.33 -47.54
CA GLN E 636 -30.35 10.60 -48.39
C GLN E 636 -30.24 11.96 -49.06
N ARG E 637 -29.86 12.99 -48.29
CA ARG E 637 -29.79 14.34 -48.83
C ARG E 637 -28.74 14.45 -49.94
N TYR E 638 -27.56 13.87 -49.71
CA TYR E 638 -26.49 13.96 -50.69
C TYR E 638 -26.80 13.13 -51.93
N ARG E 639 -27.38 11.94 -51.76
CA ARG E 639 -27.73 11.14 -52.93
C ARG E 639 -28.87 11.77 -53.72
N ALA E 640 -29.73 12.56 -53.05
CA ALA E 640 -30.77 13.27 -53.78
C ALA E 640 -30.22 14.48 -54.51
N ALA E 641 -29.24 15.17 -53.91
CA ALA E 641 -28.67 16.35 -54.52
C ALA E 641 -27.56 16.06 -55.53
N HIS E 642 -27.10 14.81 -55.60
CA HIS E 642 -26.04 14.46 -56.54
C HIS E 642 -26.36 14.80 -57.99
N PRO E 643 -27.54 14.47 -58.54
CA PRO E 643 -27.81 14.85 -59.94
C PRO E 643 -27.80 16.35 -60.17
N GLN E 644 -28.13 17.14 -59.15
CA GLN E 644 -28.13 18.59 -59.31
C GLN E 644 -26.72 19.17 -59.16
N LEU E 645 -25.88 18.57 -58.32
CA LEU E 645 -24.51 19.05 -58.15
C LEU E 645 -23.63 18.69 -59.35
N THR E 646 -24.01 17.68 -60.13
CA THR E 646 -23.24 17.26 -61.29
C THR E 646 -23.84 17.74 -62.60
N SER E 647 -24.79 18.67 -62.55
CA SER E 647 -25.44 19.16 -63.75
C SER E 647 -24.58 20.24 -64.42
N THR E 648 -24.79 20.39 -65.74
CA THR E 648 -24.07 21.41 -66.49
C THR E 648 -24.53 22.81 -66.10
N ALA E 649 -25.82 22.98 -65.78
CA ALA E 649 -26.34 24.30 -65.44
C ALA E 649 -25.77 24.82 -64.14
N ALA E 650 -25.65 23.95 -63.12
CA ALA E 650 -25.10 24.37 -61.84
C ALA E 650 -23.65 24.83 -61.99
N TRP E 651 -22.86 24.10 -62.78
CA TRP E 651 -21.47 24.50 -62.96
C TRP E 651 -21.36 25.73 -63.85
N GLU E 652 -22.27 25.90 -64.82
CA GLU E 652 -22.30 27.14 -65.59
C GLU E 652 -22.58 28.33 -64.69
N ASN E 653 -23.47 28.15 -63.70
CA ASN E 653 -23.73 29.20 -62.73
C ASN E 653 -22.52 29.45 -61.84
N ALA E 654 -21.82 28.38 -61.46
CA ALA E 654 -20.63 28.52 -60.62
C ALA E 654 -19.50 29.23 -61.35
N PHE E 655 -19.39 29.02 -62.67
CA PHE E 655 -18.35 29.66 -63.46
C PHE E 655 -18.63 31.13 -63.74
N GLY E 656 -19.85 31.59 -63.51
CA GLY E 656 -20.22 32.95 -63.85
C GLY E 656 -20.59 33.16 -65.30
N LEU E 657 -20.70 32.09 -66.09
CA LEU E 657 -21.04 32.20 -67.50
C LEU E 657 -22.52 32.53 -67.68
N GLY E 658 -23.37 31.50 -67.69
CA GLY E 658 -24.79 31.69 -67.88
C GLY E 658 -25.51 32.11 -66.62
N GLU F 33 -58.87 -40.30 28.87
CA GLU F 33 -58.40 -38.94 28.62
C GLU F 33 -57.13 -38.97 27.77
N THR F 34 -56.43 -40.10 27.81
CA THR F 34 -55.18 -40.24 27.07
C THR F 34 -55.44 -40.24 25.56
N ARG F 35 -54.55 -39.57 24.83
CA ARG F 35 -54.62 -39.54 23.38
C ARG F 35 -54.01 -40.79 22.73
N ALA F 36 -53.40 -41.66 23.53
CA ALA F 36 -52.79 -42.87 23.00
C ALA F 36 -53.86 -43.83 22.49
N LYS F 37 -53.64 -44.39 21.30
CA LYS F 37 -54.61 -45.30 20.71
C LYS F 37 -53.94 -46.54 20.14
N SER F 38 -52.74 -46.42 19.59
CA SER F 38 -52.04 -47.57 19.02
C SER F 38 -50.57 -47.51 19.37
N LEU F 39 -50.06 -48.57 20.00
CA LEU F 39 -48.65 -48.66 20.32
C LEU F 39 -47.82 -48.80 19.05
N LEU F 40 -46.88 -47.88 18.85
CA LEU F 40 -46.02 -47.87 17.67
C LEU F 40 -44.59 -48.30 17.96
N GLN F 41 -44.06 -47.94 19.12
CA GLN F 41 -42.64 -48.16 19.41
C GLN F 41 -42.45 -48.10 20.92
N ARG F 42 -42.09 -49.23 21.52
CA ARG F 42 -41.87 -49.30 22.95
C ARG F 42 -40.48 -48.81 23.32
N ILE F 43 -40.38 -48.11 24.45
CA ILE F 43 -39.09 -47.65 24.98
C ILE F 43 -38.39 -48.86 25.57
N ILE F 44 -37.46 -49.45 24.83
CA ILE F 44 -36.75 -50.64 25.25
C ILE F 44 -35.40 -50.23 25.84
N LEU F 45 -34.85 -51.12 26.67
CA LEU F 45 -33.65 -50.85 27.44
C LEU F 45 -32.75 -52.08 27.37
N PRO F 46 -31.44 -51.91 27.63
CA PRO F 46 -30.50 -53.01 27.42
C PRO F 46 -30.74 -54.17 28.37
N ARG F 47 -30.05 -55.27 28.07
CA ARG F 47 -30.12 -56.50 28.84
C ARG F 47 -29.29 -56.40 30.11
N PRO F 48 -29.55 -57.24 31.10
CA PRO F 48 -28.72 -57.24 32.31
C PRO F 48 -27.27 -57.55 31.99
N GLY F 49 -26.37 -56.73 32.52
CA GLY F 49 -24.96 -56.88 32.21
C GLY F 49 -24.61 -56.60 30.76
N GLU F 50 -25.33 -55.68 30.13
CA GLU F 50 -25.06 -55.36 28.73
C GLU F 50 -23.72 -54.65 28.59
N PRO F 51 -22.94 -54.99 27.56
CA PRO F 51 -21.70 -54.23 27.32
C PRO F 51 -21.97 -52.75 27.15
N LEU F 52 -21.01 -51.93 27.58
CA LEU F 52 -21.21 -50.49 27.61
C LEU F 52 -21.40 -49.91 26.21
N ASP F 53 -20.64 -50.42 25.24
CA ASP F 53 -20.75 -49.90 23.88
C ASP F 53 -22.11 -50.20 23.26
N VAL F 54 -22.75 -51.30 23.66
CA VAL F 54 -24.07 -51.62 23.14
C VAL F 54 -25.16 -50.86 23.88
N ARG F 55 -24.91 -50.44 25.13
CA ARG F 55 -25.90 -49.65 25.86
C ARG F 55 -26.21 -48.34 25.17
N THR F 56 -25.30 -47.82 24.33
CA THR F 56 -25.54 -46.54 23.67
C THR F 56 -26.66 -46.61 22.65
N LEU F 57 -27.05 -47.82 22.22
CA LEU F 57 -28.18 -47.96 21.30
C LEU F 57 -29.52 -47.75 21.99
N TYR F 58 -29.54 -47.70 23.32
CA TYR F 58 -30.78 -47.55 24.08
C TYR F 58 -30.81 -46.26 24.89
N VAL F 59 -29.76 -45.97 25.64
CA VAL F 59 -29.71 -44.79 26.50
C VAL F 59 -28.39 -44.06 26.29
N GLU F 60 -28.42 -42.75 26.52
CA GLU F 60 -27.23 -41.89 26.44
C GLU F 60 -27.08 -41.21 27.80
N GLU F 61 -26.32 -41.84 28.68
N GLU F 61 -26.32 -41.84 28.68
CA GLU F 61 -26.10 -41.29 30.01
CA GLU F 61 -26.09 -41.29 30.02
C GLU F 61 -25.02 -40.22 29.99
C GLU F 61 -25.03 -40.21 29.98
N SER F 62 -25.22 -39.18 30.79
CA SER F 62 -24.25 -38.10 30.89
C SER F 62 -23.05 -38.54 31.73
N ALA F 63 -21.84 -38.18 31.29
CA ALA F 63 -20.64 -38.55 32.02
C ALA F 63 -20.57 -37.89 33.39
N THR F 64 -21.29 -36.78 33.59
CA THR F 64 -21.31 -36.11 34.88
C THR F 64 -22.17 -36.83 35.91
N ASN F 65 -22.92 -37.85 35.50
CA ASN F 65 -23.73 -38.62 36.45
C ASN F 65 -22.84 -39.37 37.42
N ALA F 66 -23.16 -39.28 38.71
CA ALA F 66 -22.39 -39.96 39.73
C ALA F 66 -22.66 -41.45 39.78
N ARG F 67 -23.77 -41.90 39.21
CA ARG F 67 -24.16 -43.30 39.25
C ARG F 67 -24.72 -43.72 37.90
N ARG F 68 -24.29 -44.88 37.42
CA ARG F 68 -24.80 -45.39 36.16
C ARG F 68 -26.24 -45.84 36.31
N ALA F 69 -27.05 -45.57 35.29
CA ALA F 69 -28.45 -45.97 35.31
C ALA F 69 -28.59 -47.48 35.29
N HIS F 70 -29.49 -48.00 36.12
CA HIS F 70 -29.71 -49.43 36.25
C HIS F 70 -31.06 -49.79 35.64
N ALA F 71 -31.03 -50.63 34.61
CA ALA F 71 -32.25 -51.10 33.94
C ALA F 71 -32.72 -52.37 34.65
N ALA F 72 -33.78 -52.23 35.47
CA ALA F 72 -34.32 -53.38 36.18
C ALA F 72 -34.84 -54.42 35.21
N THR F 73 -35.75 -54.02 34.33
CA THR F 73 -36.25 -54.88 33.26
C THR F 73 -35.87 -54.28 31.91
N ARG F 74 -36.22 -55.00 30.85
CA ARG F 74 -35.98 -54.50 29.50
C ARG F 74 -36.92 -53.37 29.12
N THR F 75 -37.87 -53.00 29.99
CA THR F 75 -38.82 -51.93 29.70
C THR F 75 -38.90 -50.90 30.82
N SER F 76 -37.95 -50.90 31.76
CA SER F 76 -37.93 -49.93 32.85
C SER F 76 -36.49 -49.55 33.15
N LEU F 77 -36.31 -48.32 33.65
CA LEU F 77 -35.00 -47.80 33.98
C LEU F 77 -35.06 -47.12 35.34
N SER F 78 -33.93 -47.10 36.04
CA SER F 78 -33.84 -46.49 37.36
C SER F 78 -32.58 -45.62 37.40
N ILE F 79 -32.77 -44.31 37.51
CA ILE F 79 -31.66 -43.36 37.52
C ILE F 79 -31.63 -42.66 38.88
N GLY F 80 -30.43 -42.34 39.33
CA GLY F 80 -30.24 -41.69 40.62
C GLY F 80 -30.56 -40.21 40.58
N ALA F 81 -30.49 -39.60 41.75
CA ALA F 81 -30.81 -38.19 41.89
C ALA F 81 -29.77 -37.33 41.18
N GLU F 82 -30.22 -36.18 40.68
CA GLU F 82 -29.37 -35.21 39.98
C GLU F 82 -28.60 -35.85 38.84
N SER F 83 -29.33 -36.60 38.02
CA SER F 83 -28.76 -37.25 36.84
C SER F 83 -29.61 -36.89 35.62
N GLU F 84 -29.01 -37.06 34.45
CA GLU F 84 -29.69 -36.78 33.19
C GLU F 84 -29.47 -37.95 32.23
N VAL F 85 -30.56 -38.44 31.65
CA VAL F 85 -30.50 -39.54 30.69
C VAL F 85 -31.24 -39.10 29.44
N SER F 86 -30.55 -39.11 28.30
CA SER F 86 -31.12 -38.74 27.02
C SER F 86 -31.52 -39.99 26.26
N PHE F 87 -32.70 -39.94 25.61
CA PHE F 87 -33.20 -41.03 24.81
C PHE F 87 -33.14 -40.72 23.32
N CYS F 88 -32.17 -39.90 22.91
CA CYS F 88 -31.89 -39.66 21.50
C CYS F 88 -30.98 -40.77 20.96
N THR F 89 -31.51 -41.98 21.00
CA THR F 89 -30.76 -43.18 20.66
C THR F 89 -31.41 -43.88 19.47
N TYR F 90 -30.70 -44.89 18.95
CA TYR F 90 -31.14 -45.59 17.76
C TYR F 90 -32.43 -46.37 17.99
N PHE F 91 -32.72 -46.77 19.24
CA PHE F 91 -33.89 -47.59 19.53
C PHE F 91 -35.02 -46.84 20.21
N ASN F 92 -34.75 -45.69 20.83
CA ASN F 92 -35.77 -44.97 21.60
C ASN F 92 -36.11 -43.60 21.00
N ALA F 93 -35.64 -43.29 19.81
CA ALA F 93 -35.98 -42.06 19.12
C ALA F 93 -36.84 -42.37 17.90
N LEU F 94 -37.94 -41.66 17.76
CA LEU F 94 -38.88 -41.93 16.68
C LEU F 94 -38.42 -41.26 15.39
N PRO F 95 -38.28 -42.00 14.29
CA PRO F 95 -37.97 -41.36 13.00
C PRO F 95 -39.18 -40.64 12.44
N ALA F 96 -39.34 -39.36 12.80
CA ALA F 96 -40.57 -38.63 12.48
C ALA F 96 -40.70 -38.39 10.98
N SER F 97 -39.58 -38.23 10.27
CA SER F 97 -39.66 -38.00 8.82
C SER F 97 -40.28 -39.19 8.11
N TYR F 98 -39.97 -40.40 8.56
CA TYR F 98 -40.53 -41.60 7.94
C TYR F 98 -42.02 -41.72 8.25
N TRP F 99 -42.42 -41.43 9.49
CA TRP F 99 -43.83 -41.46 9.85
C TRP F 99 -44.62 -40.27 9.32
N ARG F 100 -43.94 -39.29 8.72
CA ARG F 100 -44.59 -38.20 8.02
C ARG F 100 -44.69 -38.44 6.51
N ARG F 101 -43.67 -39.09 5.94
CA ARG F 101 -43.60 -39.26 4.50
C ARG F 101 -44.48 -40.41 3.99
N TRP F 102 -44.64 -41.47 4.79
CA TRP F 102 -45.33 -42.66 4.33
C TRP F 102 -46.52 -43.06 5.21
N SER F 103 -46.70 -42.44 6.37
CA SER F 103 -47.77 -42.81 7.29
C SER F 103 -48.91 -41.80 7.24
N ILE F 104 -50.09 -42.26 7.65
CA ILE F 104 -51.31 -41.45 7.62
C ILE F 104 -51.44 -40.69 8.94
N LEU F 105 -50.38 -40.69 9.74
CA LEU F 105 -50.41 -40.06 11.06
C LEU F 105 -50.07 -38.59 10.94
N SER F 106 -50.90 -37.75 11.57
CA SER F 106 -50.64 -36.32 11.63
C SER F 106 -49.82 -35.91 12.84
N ALA F 107 -49.77 -36.75 13.88
CA ALA F 107 -49.03 -36.44 15.10
C ALA F 107 -48.68 -37.74 15.80
N VAL F 108 -47.81 -37.62 16.80
CA VAL F 108 -47.42 -38.74 17.64
C VAL F 108 -47.66 -38.37 19.10
N VAL F 109 -47.79 -39.39 19.94
CA VAL F 109 -48.10 -39.22 21.35
C VAL F 109 -47.06 -40.00 22.15
N LEU F 110 -46.36 -39.31 23.05
CA LEU F 110 -45.39 -39.93 23.94
C LEU F 110 -46.01 -40.07 25.32
N ARG F 111 -46.13 -41.31 25.80
CA ARG F 111 -46.70 -41.59 27.11
C ARG F 111 -45.64 -42.26 27.97
N LEU F 112 -45.44 -41.74 29.18
CA LEU F 112 -44.44 -42.25 30.11
C LEU F 112 -45.05 -42.45 31.48
N GLU F 113 -44.65 -43.53 32.14
CA GLU F 113 -45.01 -43.78 33.53
C GLU F 113 -43.75 -43.61 34.38
N LEU F 114 -43.79 -42.69 35.33
CA LEU F 114 -42.60 -42.30 36.07
C LEU F 114 -42.88 -42.27 37.56
N ALA F 115 -41.87 -42.64 38.33
CA ALA F 115 -41.90 -42.55 39.78
C ALA F 115 -40.74 -41.67 40.24
N GLY F 116 -41.02 -40.74 41.14
CA GLY F 116 -40.00 -39.82 41.61
C GLY F 116 -40.28 -38.37 41.25
N HIS F 117 -39.28 -37.50 41.34
CA HIS F 117 -39.43 -36.08 41.05
C HIS F 117 -38.40 -35.67 40.02
N GLY F 118 -38.85 -35.22 38.87
CA GLY F 118 -37.93 -34.86 37.81
C GLY F 118 -38.60 -34.05 36.72
N ARG F 119 -37.97 -34.06 35.54
CA ARG F 119 -38.47 -33.31 34.41
C ARG F 119 -38.19 -34.08 33.13
N VAL F 120 -39.16 -34.05 32.22
CA VAL F 120 -39.06 -34.68 30.91
C VAL F 120 -39.14 -33.59 29.85
N ASP F 121 -38.13 -33.51 29.00
CA ASP F 121 -38.05 -32.51 27.94
C ASP F 121 -38.02 -33.23 26.59
N VAL F 122 -39.06 -33.02 25.79
CA VAL F 122 -39.14 -33.59 24.45
C VAL F 122 -38.54 -32.62 23.46
N TYR F 123 -37.57 -33.10 22.68
CA TYR F 123 -36.90 -32.35 21.63
C TYR F 123 -37.15 -33.02 20.28
N ARG F 124 -36.88 -32.25 19.22
CA ARG F 124 -36.85 -32.74 17.85
C ARG F 124 -35.58 -32.25 17.18
N SER F 125 -35.42 -32.59 15.90
CA SER F 125 -34.26 -32.16 15.13
C SER F 125 -34.70 -31.86 13.71
N LYS F 126 -33.84 -31.16 12.99
CA LYS F 126 -34.05 -30.87 11.58
C LYS F 126 -33.22 -31.81 10.73
N ALA F 127 -33.20 -31.59 9.41
CA ALA F 127 -32.47 -32.45 8.51
C ALA F 127 -30.96 -32.38 8.73
N ASP F 128 -30.47 -31.33 9.39
CA ASP F 128 -29.04 -31.17 9.66
C ASP F 128 -28.69 -31.45 11.11
N GLY F 129 -29.64 -31.95 11.90
CA GLY F 129 -29.35 -32.29 13.28
C GLY F 129 -29.40 -31.14 14.25
N SER F 130 -30.19 -30.10 13.96
CA SER F 130 -30.32 -28.96 14.85
C SER F 130 -31.33 -29.29 15.95
N ARG F 131 -30.88 -29.29 17.20
CA ARG F 131 -31.74 -29.64 18.32
C ARG F 131 -32.74 -28.52 18.58
N ILE F 132 -34.03 -28.84 18.50
CA ILE F 132 -35.11 -27.89 18.74
C ILE F 132 -35.89 -28.37 19.96
N HIS F 133 -35.87 -27.58 21.03
CA HIS F 133 -36.64 -27.91 22.22
C HIS F 133 -38.12 -27.78 21.92
N VAL F 134 -38.86 -28.88 22.03
CA VAL F 134 -40.28 -28.88 21.71
C VAL F 134 -41.10 -28.54 22.94
N GLN F 135 -41.05 -29.38 23.96
CA GLN F 135 -41.94 -29.16 25.11
C GLN F 135 -41.41 -29.87 26.35
N GLY F 136 -41.45 -29.17 27.48
CA GLY F 136 -40.98 -29.71 28.73
C GLY F 136 -42.07 -29.79 29.77
N LYS F 137 -41.90 -30.72 30.72
CA LYS F 137 -42.81 -30.88 31.84
C LYS F 137 -42.04 -31.30 33.07
N GLU F 138 -42.57 -30.96 34.24
CA GLU F 138 -41.99 -31.32 35.52
C GLU F 138 -42.97 -32.24 36.25
N PHE F 139 -42.50 -33.44 36.59
CA PHE F 139 -43.36 -34.46 37.18
C PHE F 139 -42.92 -34.80 38.60
N ALA F 140 -43.88 -35.21 39.41
CA ALA F 140 -43.64 -35.65 40.78
C ALA F 140 -44.78 -36.57 41.19
N VAL F 141 -44.46 -37.52 42.05
CA VAL F 141 -45.45 -38.49 42.54
C VAL F 141 -46.18 -37.89 43.73
N ALA F 142 -47.50 -37.80 43.63
CA ALA F 142 -48.31 -37.27 44.70
C ALA F 142 -48.26 -38.20 45.91
N PRO F 143 -48.36 -37.66 47.13
CA PRO F 143 -48.37 -38.52 48.31
C PRO F 143 -49.58 -39.43 48.32
N GLY F 144 -49.33 -40.73 48.54
CA GLY F 144 -50.35 -41.74 48.56
C GLY F 144 -50.42 -42.59 47.30
N THR F 145 -49.86 -42.12 46.19
CA THR F 145 -49.85 -42.86 44.95
C THR F 145 -48.45 -43.42 44.69
N GLU F 146 -48.36 -44.31 43.70
CA GLU F 146 -47.10 -44.99 43.39
C GLU F 146 -46.42 -44.51 42.11
N SER F 147 -47.15 -43.87 41.20
CA SER F 147 -46.57 -43.44 39.94
C SER F 147 -47.38 -42.29 39.38
N VAL F 148 -46.82 -41.66 38.35
CA VAL F 148 -47.44 -40.53 37.67
C VAL F 148 -47.31 -40.74 36.17
N SER F 149 -48.21 -40.14 35.41
CA SER F 149 -48.23 -40.23 33.97
C SER F 149 -47.80 -38.91 33.35
N VAL F 150 -46.94 -38.98 32.34
CA VAL F 150 -46.47 -37.80 31.62
C VAL F 150 -46.72 -38.04 30.14
N GLU F 151 -47.59 -37.22 29.55
CA GLU F 151 -48.03 -37.43 28.18
C GLU F 151 -47.81 -36.17 27.36
N PHE F 152 -47.19 -36.32 26.19
CA PHE F 152 -46.99 -35.25 25.23
C PHE F 152 -47.62 -35.65 23.90
N GLU F 153 -47.99 -34.65 23.11
CA GLU F 153 -48.50 -34.85 21.76
C GLU F 153 -47.82 -33.85 20.83
N THR F 154 -47.11 -34.34 19.83
CA THR F 154 -46.33 -33.49 18.93
C THR F 154 -46.66 -33.82 17.49
N ASP F 155 -46.94 -32.80 16.70
CA ASP F 155 -47.28 -32.99 15.29
C ASP F 155 -46.04 -33.40 14.49
N LEU F 156 -46.30 -34.05 13.37
CA LEU F 156 -45.25 -34.43 12.42
C LEU F 156 -45.12 -33.40 11.31
N GLY F 157 -45.11 -32.12 11.67
CA GLY F 157 -45.08 -31.05 10.71
C GLY F 157 -43.70 -30.80 10.12
N PRO F 158 -42.78 -30.29 10.96
CA PRO F 158 -41.44 -29.91 10.47
C PRO F 158 -40.49 -31.10 10.33
N PHE F 159 -40.82 -32.01 9.42
CA PHE F 159 -39.98 -33.18 9.15
C PHE F 159 -40.05 -33.52 7.65
N GLU F 160 -39.92 -32.50 6.81
CA GLU F 160 -40.06 -32.71 5.38
C GLU F 160 -38.86 -33.48 4.81
N ASP F 161 -37.64 -33.07 5.17
CA ASP F 161 -36.43 -33.71 4.69
C ASP F 161 -35.76 -34.60 5.71
N GLY F 162 -36.21 -34.61 6.95
CA GLY F 162 -35.60 -35.42 7.97
C GLY F 162 -35.94 -34.93 9.35
N GLY F 163 -35.35 -35.59 10.34
CA GLY F 163 -35.54 -35.20 11.73
C GLY F 163 -36.11 -36.31 12.59
N TRP F 164 -35.68 -36.35 13.85
CA TRP F 164 -36.16 -37.32 14.82
C TRP F 164 -37.00 -36.61 15.88
N ILE F 165 -37.55 -37.41 16.80
CA ILE F 165 -38.24 -36.90 17.99
C ILE F 165 -37.81 -37.76 19.17
N TRP F 166 -37.29 -37.13 20.22
CA TRP F 166 -36.83 -37.86 21.38
C TRP F 166 -37.16 -37.07 22.64
N PHE F 167 -36.79 -37.64 23.79
CA PHE F 167 -37.04 -37.02 25.07
C PHE F 167 -35.88 -37.31 26.02
N ASP F 168 -35.62 -36.35 26.91
CA ASP F 168 -34.59 -36.47 27.93
C ASP F 168 -35.25 -36.38 29.30
N ILE F 169 -34.68 -37.09 30.27
CA ILE F 169 -35.17 -37.10 31.64
C ILE F 169 -34.06 -36.58 32.54
N THR F 170 -34.32 -35.44 33.18
CA THR F 170 -33.41 -34.86 34.16
C THR F 170 -34.05 -34.98 35.54
N SER F 171 -33.41 -35.73 36.43
CA SER F 171 -33.99 -36.09 37.71
C SER F 171 -33.57 -35.12 38.81
N ASP F 172 -34.51 -34.78 39.67
CA ASP F 172 -34.21 -34.05 40.90
C ASP F 172 -33.96 -35.01 42.05
N THR F 173 -34.72 -36.09 42.12
CA THR F 173 -34.53 -37.18 43.06
C THR F 173 -34.30 -38.47 42.27
N ALA F 174 -34.35 -39.60 42.96
CA ALA F 174 -34.25 -40.89 42.28
C ALA F 174 -35.51 -41.11 41.45
N VAL F 175 -35.32 -41.33 40.14
CA VAL F 175 -36.43 -41.40 39.20
C VAL F 175 -36.42 -42.74 38.49
N THR F 176 -37.55 -43.43 38.49
CA THR F 176 -37.70 -44.72 37.86
C THR F 176 -38.74 -44.61 36.74
N LEU F 177 -38.31 -44.83 35.51
CA LEU F 177 -39.21 -44.94 34.36
C LEU F 177 -39.75 -46.36 34.31
N LEU F 178 -41.01 -46.53 34.71
CA LEU F 178 -41.60 -47.86 34.75
C LEU F 178 -41.91 -48.38 33.36
N ALA F 179 -42.49 -47.53 32.50
CA ALA F 179 -42.83 -47.92 31.14
C ALA F 179 -42.94 -46.67 30.29
N GLY F 180 -42.98 -46.89 28.98
CA GLY F 180 -43.09 -45.78 28.04
C GLY F 180 -43.06 -46.28 26.62
N GLY F 181 -43.61 -45.46 25.73
CA GLY F 181 -43.63 -45.81 24.32
C GLY F 181 -44.35 -44.74 23.53
N TRP F 182 -44.20 -44.84 22.21
CA TRP F 182 -44.86 -43.94 21.28
C TRP F 182 -46.21 -44.52 20.86
N TYR F 183 -47.17 -43.63 20.61
CA TYR F 183 -48.54 -44.04 20.34
C TYR F 183 -49.13 -43.17 19.24
N ALA F 184 -49.76 -43.81 18.28
CA ALA F 184 -50.59 -43.15 17.28
C ALA F 184 -51.94 -42.81 17.89
N PRO F 185 -52.45 -41.60 17.64
CA PRO F 185 -53.74 -41.18 18.21
C PRO F 185 -54.95 -41.80 17.53
N ILE F 186 -54.76 -42.75 16.62
CA ILE F 186 -55.87 -43.46 15.98
C ILE F 186 -55.59 -44.96 16.08
N GLU F 187 -56.65 -45.75 15.95
CA GLU F 187 -56.49 -47.19 16.02
C GLU F 187 -55.84 -47.73 14.76
N ALA F 188 -55.20 -48.89 14.90
CA ALA F 188 -54.45 -49.48 13.80
C ALA F 188 -55.39 -50.20 12.84
N PRO F 189 -55.26 -49.99 11.53
CA PRO F 189 -56.14 -50.68 10.59
C PRO F 189 -55.79 -52.15 10.47
N GLY F 190 -56.80 -52.96 10.12
CA GLY F 190 -56.59 -54.37 9.90
C GLY F 190 -56.49 -55.15 11.19
N ALA F 191 -55.88 -56.33 11.07
CA ALA F 191 -55.69 -57.23 12.21
C ALA F 191 -54.25 -57.34 12.68
N GLY F 192 -53.28 -57.04 11.82
CA GLY F 192 -51.89 -57.09 12.21
C GLY F 192 -51.31 -58.48 12.35
N THR F 193 -51.87 -59.45 11.65
CA THR F 193 -51.36 -60.81 11.70
C THR F 193 -50.19 -60.98 10.74
N ILE F 194 -49.12 -61.63 11.21
CA ILE F 194 -47.90 -61.78 10.44
C ILE F 194 -47.53 -63.26 10.36
N ALA F 195 -46.94 -63.64 9.23
CA ALA F 195 -46.40 -64.98 9.02
C ALA F 195 -44.91 -64.82 8.76
N CYS F 196 -44.08 -65.23 9.72
CA CYS F 196 -42.64 -65.12 9.61
C CYS F 196 -42.07 -66.33 8.89
N GLY F 197 -40.96 -66.11 8.19
CA GLY F 197 -40.35 -67.18 7.42
C GLY F 197 -38.85 -67.07 7.26
N MET F 198 -38.13 -68.15 7.55
CA MET F 198 -36.66 -68.15 7.54
C MET F 198 -36.17 -69.38 6.77
N PRO F 199 -35.41 -69.19 5.69
CA PRO F 199 -34.75 -70.34 5.05
C PRO F 199 -33.43 -70.65 5.76
N THR F 200 -33.22 -71.92 6.05
CA THR F 200 -32.02 -72.36 6.77
C THR F 200 -31.28 -73.41 5.96
N PHE F 201 -29.99 -73.56 6.25
CA PHE F 201 -29.15 -74.53 5.55
C PHE F 201 -27.99 -74.90 6.47
N ASN F 202 -28.12 -76.02 7.17
CA ASN F 202 -27.06 -76.56 8.03
C ASN F 202 -26.66 -75.59 9.14
N ARG F 203 -27.61 -74.81 9.65
CA ARG F 203 -27.38 -73.89 10.76
C ARG F 203 -28.48 -74.09 11.80
N PRO F 204 -28.49 -75.25 12.48
CA PRO F 204 -29.61 -75.56 13.38
C PRO F 204 -29.54 -74.83 14.71
N THR F 205 -28.32 -74.57 15.20
CA THR F 205 -28.18 -73.89 16.48
C THR F 205 -28.69 -72.46 16.41
N ASP F 206 -28.24 -71.72 15.39
CA ASP F 206 -28.71 -70.34 15.22
C ASP F 206 -30.20 -70.29 14.94
N LEU F 207 -30.72 -71.28 14.21
CA LEU F 207 -32.16 -71.31 13.94
C LEU F 207 -32.95 -71.58 15.21
N VAL F 208 -32.45 -72.46 16.08
CA VAL F 208 -33.11 -72.69 17.36
C VAL F 208 -33.08 -71.44 18.22
N LYS F 209 -31.95 -70.73 18.23
CA LYS F 209 -31.89 -69.47 18.97
C LYS F 209 -32.89 -68.46 18.41
N THR F 210 -33.01 -68.39 17.09
CA THR F 210 -33.94 -67.46 16.47
C THR F 210 -35.38 -67.82 16.79
N LEU F 211 -35.72 -69.11 16.76
CA LEU F 211 -37.07 -69.54 17.09
C LEU F 211 -37.40 -69.30 18.56
N GLY F 212 -36.39 -69.42 19.43
CA GLY F 212 -36.61 -69.12 20.84
C GLY F 212 -36.81 -67.63 21.08
N ALA F 213 -36.03 -66.79 20.39
CA ALA F 213 -36.19 -65.34 20.52
C ALA F 213 -37.50 -64.87 19.91
N LEU F 214 -37.98 -65.56 18.88
CA LEU F 214 -39.22 -65.15 18.23
C LEU F 214 -40.43 -65.34 19.14
N GLY F 215 -40.43 -66.42 19.92
CA GLY F 215 -41.51 -66.70 20.86
C GLY F 215 -41.27 -66.23 22.27
N SER F 216 -40.26 -65.39 22.50
CA SER F 216 -39.99 -64.92 23.85
C SER F 216 -40.89 -63.76 24.24
N ASP F 217 -41.18 -62.86 23.30
CA ASP F 217 -42.00 -61.70 23.59
C ASP F 217 -43.48 -62.06 23.44
N PRO F 218 -44.31 -61.86 24.46
CA PRO F 218 -45.74 -62.17 24.30
C PRO F 218 -46.44 -61.25 23.32
N LEU F 219 -46.06 -59.96 23.27
CA LEU F 219 -46.68 -59.04 22.31
C LEU F 219 -46.37 -59.43 20.88
N VAL F 220 -45.20 -60.01 20.63
CA VAL F 220 -44.86 -60.46 19.29
C VAL F 220 -45.62 -61.74 18.95
N LEU F 221 -45.69 -62.68 19.90
CA LEU F 221 -46.42 -63.92 19.65
C LEU F 221 -47.91 -63.67 19.44
N GLY F 222 -48.46 -62.63 20.07
CA GLY F 222 -49.87 -62.31 19.90
C GLY F 222 -50.22 -61.88 18.49
N GLN F 223 -49.23 -61.52 17.67
CA GLN F 223 -49.46 -61.09 16.30
C GLN F 223 -48.98 -62.11 15.28
N VAL F 224 -48.32 -63.18 15.71
CA VAL F 224 -47.80 -64.20 14.80
C VAL F 224 -48.85 -65.27 14.58
N ALA F 225 -49.16 -65.55 13.32
CA ALA F 225 -50.08 -66.62 12.97
C ALA F 225 -49.38 -67.86 12.42
N ALA F 226 -48.13 -67.73 11.99
CA ALA F 226 -47.39 -68.85 11.42
C ALA F 226 -45.91 -68.52 11.43
N VAL F 227 -45.09 -69.57 11.61
CA VAL F 227 -43.63 -69.47 11.57
C VAL F 227 -43.15 -70.55 10.61
N ILE F 228 -42.83 -70.16 9.39
CA ILE F 228 -42.48 -71.10 8.32
C ILE F 228 -40.97 -71.23 8.26
N VAL F 229 -40.49 -72.47 8.26
CA VAL F 229 -39.07 -72.79 8.13
C VAL F 229 -38.90 -73.68 6.90
N ALA F 230 -37.87 -73.39 6.11
CA ALA F 230 -37.56 -74.14 4.90
C ALA F 230 -36.17 -74.75 5.05
N ASP F 231 -36.11 -75.96 5.60
CA ASP F 231 -34.84 -76.62 5.87
C ASP F 231 -34.31 -77.22 4.56
N GLN F 232 -33.25 -76.62 4.03
CA GLN F 232 -32.65 -77.06 2.78
C GLN F 232 -31.35 -77.83 2.98
N GLY F 233 -30.88 -77.97 4.22
CA GLY F 233 -29.65 -78.66 4.51
C GLY F 233 -29.88 -80.05 5.09
N ASN F 234 -28.79 -80.80 5.21
CA ASN F 234 -28.87 -82.16 5.73
C ASN F 234 -29.06 -82.15 7.25
N ARG F 235 -28.35 -81.29 7.97
CA ARG F 235 -28.51 -81.18 9.42
C ARG F 235 -29.84 -80.51 9.71
N LYS F 236 -30.84 -81.31 10.11
CA LYS F 236 -32.18 -80.79 10.35
C LYS F 236 -32.26 -80.12 11.71
N VAL F 237 -33.10 -79.07 11.79
CA VAL F 237 -33.26 -78.34 13.03
C VAL F 237 -34.11 -79.11 14.03
N VAL F 238 -34.93 -80.06 13.56
CA VAL F 238 -35.74 -80.86 14.47
C VAL F 238 -34.88 -81.76 15.34
N ASP F 239 -33.66 -82.07 14.92
CA ASP F 239 -32.75 -82.92 15.65
C ASP F 239 -31.77 -82.14 16.51
N GLU F 240 -31.94 -80.82 16.61
CA GLU F 240 -31.05 -79.95 17.37
C GLU F 240 -31.53 -79.83 18.81
N PRO F 241 -30.64 -79.94 19.79
CA PRO F 241 -31.04 -79.72 21.19
C PRO F 241 -31.55 -78.31 21.41
N GLY F 242 -32.56 -78.19 22.26
CA GLY F 242 -33.21 -76.91 22.49
C GLY F 242 -34.32 -76.59 21.53
N PHE F 243 -34.58 -77.44 20.54
CA PHE F 243 -35.61 -77.17 19.54
C PHE F 243 -37.01 -77.42 20.07
N ASP F 244 -37.17 -78.45 20.92
CA ASP F 244 -38.50 -78.84 21.35
C ASP F 244 -39.15 -77.80 22.25
N GLU F 245 -38.35 -77.15 23.11
CA GLU F 245 -38.91 -76.13 24.00
C GLU F 245 -39.39 -74.92 23.20
N ALA F 246 -38.58 -74.44 22.26
CA ALA F 246 -39.01 -73.33 21.42
C ALA F 246 -40.20 -73.71 20.56
N ALA F 247 -40.24 -74.95 20.07
CA ALA F 247 -41.37 -75.41 19.28
C ALA F 247 -42.65 -75.43 20.11
N ALA F 248 -42.56 -75.89 21.36
CA ALA F 248 -43.72 -75.89 22.24
C ALA F 248 -44.16 -74.47 22.60
N VAL F 249 -43.21 -73.54 22.74
CA VAL F 249 -43.57 -72.15 22.99
C VAL F 249 -44.29 -71.56 21.79
N LEU F 250 -43.81 -71.86 20.58
CA LEU F 250 -44.43 -71.32 19.38
C LEU F 250 -45.81 -71.93 19.13
N GLY F 251 -45.96 -73.23 19.39
CA GLY F 251 -47.23 -73.89 19.20
C GLY F 251 -47.45 -74.40 17.79
N ASP F 252 -48.71 -74.40 17.33
CA ASP F 252 -49.04 -74.84 15.99
C ASP F 252 -48.50 -73.91 14.91
N ARG F 253 -48.02 -72.73 15.29
CA ARG F 253 -47.52 -71.77 14.30
C ARG F 253 -46.32 -72.34 13.56
N LEU F 254 -45.47 -73.09 14.24
CA LEU F 254 -44.24 -73.60 13.63
C LEU F 254 -44.57 -74.65 12.57
N VAL F 255 -44.13 -74.39 11.34
CA VAL F 255 -44.35 -75.27 10.20
C VAL F 255 -43.01 -75.43 9.49
N ILE F 256 -42.46 -76.64 9.50
CA ILE F 256 -41.16 -76.93 8.92
C ILE F 256 -41.36 -77.74 7.64
N ARG F 257 -40.79 -77.26 6.54
CA ARG F 257 -40.81 -77.94 5.26
C ARG F 257 -39.39 -78.31 4.88
N ASP F 258 -39.27 -79.33 4.02
CA ASP F 258 -37.98 -79.83 3.55
C ASP F 258 -37.95 -79.81 2.04
N GLN F 259 -36.83 -79.37 1.48
CA GLN F 259 -36.66 -79.27 0.03
C GLN F 259 -35.16 -79.20 -0.26
N PRO F 260 -34.75 -79.53 -1.49
CA PRO F 260 -33.34 -79.40 -1.84
C PRO F 260 -32.84 -77.97 -1.72
N ASN F 261 -31.52 -77.83 -1.70
CA ASN F 261 -30.88 -76.52 -1.54
C ASN F 261 -31.13 -75.69 -2.79
N LEU F 262 -32.15 -74.82 -2.72
CA LEU F 262 -32.48 -73.91 -3.81
C LEU F 262 -32.02 -72.49 -3.51
N GLY F 263 -31.09 -72.32 -2.59
CA GLY F 263 -30.59 -71.00 -2.25
C GLY F 263 -31.62 -70.17 -1.51
N GLY F 264 -31.21 -68.92 -1.23
CA GLY F 264 -32.12 -67.99 -0.57
C GLY F 264 -33.35 -67.70 -1.41
N SER F 265 -33.18 -67.62 -2.74
CA SER F 265 -34.33 -67.40 -3.62
C SER F 265 -35.37 -68.50 -3.41
N GLY F 266 -34.96 -69.76 -3.52
CA GLY F 266 -35.90 -70.85 -3.34
C GLY F 266 -36.47 -70.92 -1.94
N GLY F 267 -35.64 -70.63 -0.93
CA GLY F 267 -36.12 -70.67 0.44
C GLY F 267 -37.20 -69.65 0.72
N TYR F 268 -36.94 -68.38 0.38
CA TYR F 268 -37.94 -67.35 0.58
C TYR F 268 -39.15 -67.54 -0.32
N SER F 269 -38.95 -68.13 -1.51
CA SER F 269 -40.09 -68.45 -2.37
C SER F 269 -40.98 -69.48 -1.72
N ARG F 270 -40.39 -70.52 -1.11
CA ARG F 270 -41.17 -71.52 -0.40
C ARG F 270 -41.87 -70.90 0.80
N VAL F 271 -41.20 -69.99 1.50
CA VAL F 271 -41.83 -69.31 2.63
C VAL F 271 -43.08 -68.56 2.17
N MET F 272 -42.93 -67.74 1.12
CA MET F 272 -44.07 -66.96 0.62
C MET F 272 -45.16 -67.87 0.08
N TYR F 273 -44.79 -68.99 -0.55
CA TYR F 273 -45.77 -69.95 -1.05
C TYR F 273 -46.60 -70.52 0.08
N GLU F 274 -45.93 -71.01 1.13
CA GLU F 274 -46.66 -71.56 2.28
C GLU F 274 -47.52 -70.51 2.95
N ALA F 275 -47.02 -69.27 3.04
CA ALA F 275 -47.79 -68.20 3.68
C ALA F 275 -49.04 -67.88 2.89
N LEU F 276 -48.91 -67.71 1.58
CA LEU F 276 -50.07 -67.36 0.76
C LEU F 276 -51.01 -68.53 0.54
N LYS F 277 -50.56 -69.77 0.78
CA LYS F 277 -51.41 -70.92 0.53
C LYS F 277 -52.14 -71.40 1.79
N ASN F 278 -51.44 -71.52 2.91
CA ASN F 278 -51.98 -72.18 4.09
C ASN F 278 -52.28 -71.26 5.26
N THR F 279 -51.75 -70.04 5.27
CA THR F 279 -51.96 -69.11 6.37
C THR F 279 -52.85 -67.96 5.93
N ASP F 280 -53.61 -67.42 6.89
CA ASP F 280 -54.51 -66.30 6.64
C ASP F 280 -53.97 -65.00 7.22
N ALA F 281 -52.65 -64.86 7.29
CA ALA F 281 -52.04 -63.65 7.81
C ALA F 281 -52.15 -62.51 6.81
N GLU F 282 -51.94 -61.29 7.29
CA GLU F 282 -52.00 -60.10 6.45
C GLU F 282 -50.64 -59.65 5.94
N TYR F 283 -49.55 -60.14 6.53
CA TYR F 283 -48.20 -59.74 6.11
C TYR F 283 -47.28 -60.94 6.19
N ILE F 284 -46.26 -60.93 5.33
CA ILE F 284 -45.21 -61.94 5.31
C ILE F 284 -43.92 -61.28 5.77
N VAL F 285 -43.24 -61.91 6.73
CA VAL F 285 -42.04 -61.35 7.32
C VAL F 285 -40.88 -62.25 6.93
N TYR F 286 -40.16 -61.86 5.89
CA TYR F 286 -38.92 -62.53 5.52
C TYR F 286 -37.86 -62.26 6.59
N MET F 287 -37.23 -63.33 7.08
CA MET F 287 -36.14 -63.22 8.03
C MET F 287 -35.03 -64.20 7.63
N ASP F 288 -33.88 -64.05 8.26
CA ASP F 288 -32.76 -64.96 8.08
C ASP F 288 -32.65 -65.89 9.28
N ASP F 289 -32.05 -67.05 9.04
CA ASP F 289 -31.91 -68.05 10.09
C ASP F 289 -30.81 -67.74 11.09
N ASP F 290 -29.85 -66.89 10.73
CA ASP F 290 -28.73 -66.59 11.60
C ASP F 290 -28.71 -65.12 12.01
N ILE F 291 -29.76 -64.68 12.70
CA ILE F 291 -29.87 -63.30 13.16
C ILE F 291 -30.27 -63.28 14.62
N GLU F 292 -29.83 -62.24 15.33
CA GLU F 292 -30.24 -61.98 16.70
C GLU F 292 -31.42 -61.01 16.66
N ILE F 293 -32.62 -61.52 16.94
CA ILE F 293 -33.84 -60.75 16.74
C ILE F 293 -34.08 -59.82 17.92
N GLU F 294 -34.22 -58.54 17.63
CA GLU F 294 -34.77 -57.59 18.58
C GLU F 294 -36.29 -57.65 18.45
N PRO F 295 -37.00 -58.11 19.48
CA PRO F 295 -38.42 -58.46 19.29
C PRO F 295 -39.31 -57.28 18.93
N ASP F 296 -39.05 -56.10 19.51
CA ASP F 296 -39.93 -54.95 19.26
C ASP F 296 -39.76 -54.38 17.86
N SER F 297 -38.67 -54.72 17.17
CA SER F 297 -38.49 -54.26 15.80
C SER F 297 -39.56 -54.85 14.88
N ILE F 298 -39.97 -56.09 15.14
CA ILE F 298 -41.03 -56.70 14.36
C ILE F 298 -42.33 -55.92 14.52
N LEU F 299 -42.67 -55.57 15.76
CA LEU F 299 -43.89 -54.80 16.00
C LEU F 299 -43.79 -53.39 15.41
N ARG F 300 -42.59 -52.80 15.44
CA ARG F 300 -42.42 -51.48 14.83
C ARG F 300 -42.65 -51.53 13.33
N ALA F 301 -42.05 -52.52 12.65
CA ALA F 301 -42.26 -52.66 11.22
C ALA F 301 -43.73 -52.96 10.91
N LEU F 302 -44.38 -53.77 11.75
CA LEU F 302 -45.79 -54.07 11.56
C LEU F 302 -46.64 -52.81 11.66
N ALA F 303 -46.40 -52.01 12.71
CA ALA F 303 -47.16 -50.77 12.88
C ALA F 303 -46.87 -49.78 11.76
N PHE F 304 -45.64 -49.74 11.26
CA PHE F 304 -45.33 -48.85 10.15
C PHE F 304 -46.00 -49.30 8.86
N ALA F 305 -46.16 -50.60 8.67
CA ALA F 305 -46.85 -51.10 7.48
C ALA F 305 -48.36 -50.90 7.59
N ARG F 306 -48.92 -51.05 8.79
CA ARG F 306 -50.36 -50.94 8.96
C ARG F 306 -50.84 -49.50 8.81
N PHE F 307 -50.04 -48.53 9.23
CA PHE F 307 -50.40 -47.12 9.14
C PHE F 307 -49.93 -46.47 7.85
N ALA F 308 -49.44 -47.25 6.89
CA ALA F 308 -48.97 -46.69 5.63
C ALA F 308 -50.14 -46.13 4.82
N LYS F 309 -49.83 -45.12 4.00
CA LYS F 309 -50.84 -44.53 3.13
C LYS F 309 -51.32 -45.54 2.10
N SER F 310 -50.38 -46.06 1.30
CA SER F 310 -50.63 -47.16 0.38
C SER F 310 -49.85 -48.38 0.82
N PRO F 311 -50.25 -49.58 0.36
CA PRO F 311 -49.46 -50.78 0.68
C PRO F 311 -48.01 -50.61 0.24
N MET F 312 -47.09 -51.08 1.08
CA MET F 312 -45.67 -50.85 0.86
C MET F 312 -44.88 -51.89 1.62
N LEU F 313 -43.61 -52.03 1.22
CA LEU F 313 -42.67 -52.91 1.91
C LEU F 313 -41.93 -52.12 2.98
N VAL F 314 -41.90 -52.65 4.19
CA VAL F 314 -41.27 -52.00 5.33
C VAL F 314 -40.12 -52.91 5.76
N GLY F 315 -38.92 -52.63 5.25
CA GLY F 315 -37.76 -53.41 5.62
C GLY F 315 -37.04 -52.86 6.84
N GLY F 316 -36.28 -53.74 7.49
CA GLY F 316 -35.54 -53.37 8.67
C GLY F 316 -34.05 -53.23 8.42
N GLN F 317 -33.37 -52.48 9.27
CA GLN F 317 -31.95 -52.25 9.11
C GLN F 317 -31.16 -53.40 9.73
N MET F 318 -29.85 -53.41 9.44
CA MET F 318 -28.97 -54.49 9.88
C MET F 318 -27.87 -53.92 10.75
N LEU F 319 -27.85 -54.35 12.01
CA LEU F 319 -26.75 -54.03 12.92
C LEU F 319 -25.69 -55.11 12.82
N ASN F 320 -24.42 -54.70 12.90
CA ASN F 320 -23.32 -55.65 12.81
C ASN F 320 -23.35 -56.61 14.01
N LEU F 321 -23.42 -57.90 13.73
CA LEU F 321 -23.48 -58.89 14.80
C LEU F 321 -22.15 -58.96 15.55
N GLN F 322 -21.03 -58.72 14.86
CA GLN F 322 -19.73 -58.76 15.51
C GLN F 322 -19.45 -57.47 16.28
N GLU F 323 -19.73 -56.33 15.67
CA GLU F 323 -19.68 -55.03 16.36
C GLU F 323 -21.12 -54.62 16.64
N ARG F 324 -21.64 -55.09 17.78
CA ARG F 324 -23.06 -54.95 18.10
C ARG F 324 -23.51 -53.52 18.28
N SER F 325 -22.60 -52.55 18.33
CA SER F 325 -22.96 -51.15 18.45
C SER F 325 -22.97 -50.41 17.12
N HIS F 326 -22.67 -51.09 16.02
CA HIS F 326 -22.56 -50.47 14.72
C HIS F 326 -23.80 -50.72 13.88
N LEU F 327 -24.24 -49.69 13.16
CA LEU F 327 -25.26 -49.81 12.13
C LEU F 327 -24.58 -49.87 10.78
N HIS F 328 -24.92 -50.89 9.99
CA HIS F 328 -24.21 -51.11 8.74
C HIS F 328 -24.60 -50.09 7.68
N SER F 329 -25.88 -50.02 7.34
CA SER F 329 -26.33 -49.14 6.28
C SER F 329 -27.71 -48.58 6.60
N MET F 330 -27.89 -47.28 6.34
CA MET F 330 -29.20 -46.66 6.49
C MET F 330 -30.14 -47.06 5.36
N GLY F 331 -29.59 -47.41 4.20
CA GLY F 331 -30.40 -47.79 3.07
C GLY F 331 -29.54 -48.07 1.86
N GLU F 332 -30.14 -48.74 0.89
CA GLU F 332 -29.47 -49.14 -0.33
C GLU F 332 -30.28 -48.72 -1.54
N VAL F 333 -29.59 -48.20 -2.56
CA VAL F 333 -30.22 -47.88 -3.84
C VAL F 333 -29.46 -48.61 -4.93
N VAL F 334 -29.87 -48.44 -6.18
CA VAL F 334 -29.19 -49.03 -7.32
C VAL F 334 -28.92 -47.94 -8.35
N ASP F 335 -27.65 -47.74 -8.68
CA ASP F 335 -27.28 -46.81 -9.74
C ASP F 335 -27.68 -47.39 -11.10
N ARG F 336 -28.48 -46.64 -11.84
CA ARG F 336 -29.01 -47.07 -13.13
C ARG F 336 -28.06 -46.80 -14.30
N GLY F 337 -26.91 -46.19 -14.05
CA GLY F 337 -25.91 -46.02 -15.08
C GLY F 337 -25.20 -47.33 -15.37
N ILE F 338 -24.27 -47.71 -14.48
CA ILE F 338 -23.65 -49.02 -14.56
C ILE F 338 -24.53 -50.11 -13.98
N PHE F 339 -25.71 -49.76 -13.45
CA PHE F 339 -26.64 -50.69 -12.83
C PHE F 339 -25.95 -51.49 -11.73
N MET F 340 -25.78 -50.90 -10.55
CA MET F 340 -25.10 -51.57 -9.46
C MET F 340 -25.66 -51.07 -8.14
N TRP F 341 -25.91 -51.98 -7.21
CA TRP F 341 -26.44 -51.59 -5.91
C TRP F 341 -25.33 -50.96 -5.07
N THR F 342 -25.69 -49.89 -4.35
CA THR F 342 -24.72 -49.14 -3.56
C THR F 342 -25.47 -48.42 -2.44
N SER F 343 -24.73 -47.68 -1.64
CA SER F 343 -25.32 -46.92 -0.55
C SER F 343 -26.16 -45.77 -1.09
N ALA F 344 -27.28 -45.51 -0.43
CA ALA F 344 -28.17 -44.43 -0.84
C ALA F 344 -27.48 -43.09 -0.68
N PRO F 345 -28.02 -42.03 -1.30
CA PRO F 345 -27.49 -40.68 -1.04
C PRO F 345 -27.58 -40.33 0.44
N ASN F 346 -26.55 -39.64 0.92
CA ASN F 346 -26.44 -39.24 2.33
C ASN F 346 -26.39 -40.47 3.25
N VAL F 347 -25.65 -41.49 2.83
CA VAL F 347 -25.51 -42.73 3.60
C VAL F 347 -24.06 -43.19 3.54
N GLU F 348 -23.46 -43.41 4.70
CA GLU F 348 -22.13 -43.99 4.81
C GLU F 348 -22.20 -45.27 5.62
N TYR F 349 -21.36 -46.23 5.25
CA TYR F 349 -21.39 -47.54 5.88
C TYR F 349 -20.68 -47.53 7.23
N ASP F 350 -21.11 -48.44 8.10
CA ASP F 350 -20.49 -48.68 9.40
C ASP F 350 -20.47 -47.43 10.26
N HIS F 351 -21.53 -47.21 11.04
CA HIS F 351 -21.64 -46.05 11.92
C HIS F 351 -21.71 -46.55 13.36
N ASP F 352 -20.67 -46.25 14.13
CA ASP F 352 -20.60 -46.66 15.53
C ASP F 352 -21.34 -45.64 16.38
N PHE F 353 -22.37 -46.08 17.09
CA PHE F 353 -23.13 -45.18 17.96
C PHE F 353 -22.43 -44.96 19.30
N ALA F 354 -21.64 -45.95 19.75
CA ALA F 354 -20.90 -45.77 20.99
C ALA F 354 -19.86 -44.67 20.86
N LYS F 355 -19.24 -44.55 19.68
CA LYS F 355 -18.25 -43.52 19.43
C LYS F 355 -18.89 -42.23 18.92
N HIS F 356 -19.88 -42.33 18.04
CA HIS F 356 -20.55 -41.19 17.44
C HIS F 356 -22.04 -41.28 17.76
N PRO F 357 -22.48 -40.75 18.89
CA PRO F 357 -23.91 -40.81 19.23
C PRO F 357 -24.74 -39.97 18.27
N LEU F 358 -26.06 -40.14 18.39
CA LEU F 358 -26.98 -39.44 17.50
C LEU F 358 -26.95 -37.93 17.71
N LYS F 359 -26.51 -37.47 18.88
CA LYS F 359 -26.42 -36.04 19.19
C LYS F 359 -25.21 -35.38 18.54
N ASP F 360 -24.25 -36.15 18.06
CA ASP F 360 -23.02 -35.60 17.48
C ASP F 360 -23.33 -35.05 16.09
N ARG F 361 -23.43 -33.71 16.00
CA ARG F 361 -23.74 -33.08 14.72
C ARG F 361 -22.56 -33.10 13.75
N ASP F 362 -21.37 -33.48 14.21
CA ASP F 362 -20.20 -33.53 13.34
C ASP F 362 -20.08 -34.86 12.61
N ASN F 363 -20.40 -35.97 13.27
CA ASN F 363 -20.23 -37.30 12.69
C ASN F 363 -21.53 -38.08 12.57
N SER F 364 -22.67 -37.45 12.87
CA SER F 364 -23.95 -38.16 12.79
C SER F 364 -25.05 -37.29 12.20
N LYS F 365 -24.71 -36.23 11.46
CA LYS F 365 -25.73 -35.39 10.86
C LYS F 365 -26.42 -36.05 9.68
N LEU F 366 -25.78 -37.02 9.04
CA LEU F 366 -26.40 -37.72 7.91
C LEU F 366 -27.50 -38.67 8.37
N LEU F 367 -27.50 -39.08 9.64
CA LEU F 367 -28.56 -39.94 10.15
C LEU F 367 -29.86 -39.19 10.38
N HIS F 368 -29.85 -37.86 10.30
CA HIS F 368 -31.06 -37.06 10.47
C HIS F 368 -31.74 -36.74 9.15
N ARG F 369 -31.27 -37.30 8.05
CA ARG F 369 -31.87 -37.09 6.73
C ARG F 369 -32.71 -38.31 6.36
N ARG F 370 -33.92 -38.05 5.87
CA ARG F 370 -34.80 -39.14 5.43
C ARG F 370 -34.19 -39.82 4.21
N ILE F 371 -33.88 -41.11 4.35
CA ILE F 371 -33.19 -41.86 3.31
C ILE F 371 -34.22 -42.64 2.50
N ASP F 372 -34.29 -42.36 1.21
CA ASP F 372 -35.19 -43.07 0.30
C ASP F 372 -34.42 -44.17 -0.40
N VAL F 373 -34.94 -45.40 -0.32
CA VAL F 373 -34.25 -46.57 -0.84
C VAL F 373 -35.08 -47.19 -1.96
N ASP F 374 -34.42 -48.04 -2.74
CA ASP F 374 -35.08 -48.80 -3.80
C ASP F 374 -35.47 -50.21 -3.38
N PHE F 375 -34.70 -50.81 -2.47
CA PHE F 375 -34.98 -52.17 -2.00
C PHE F 375 -34.46 -52.30 -0.57
N ASN F 376 -34.69 -53.46 0.02
CA ASN F 376 -34.20 -53.76 1.35
C ASN F 376 -33.90 -55.25 1.44
N GLY F 377 -32.86 -55.59 2.19
CA GLY F 377 -32.46 -56.98 2.33
C GLY F 377 -33.53 -57.81 3.02
N TRP F 378 -33.44 -59.12 2.80
CA TRP F 378 -34.43 -60.06 3.32
C TRP F 378 -34.03 -60.64 4.68
N TRP F 379 -33.07 -60.02 5.38
CA TRP F 379 -32.82 -60.40 6.76
C TRP F 379 -33.99 -60.04 7.66
N THR F 380 -34.70 -58.96 7.33
CA THR F 380 -35.97 -58.62 7.98
C THR F 380 -36.73 -57.72 7.01
N CYS F 381 -37.85 -58.22 6.48
CA CYS F 381 -38.62 -57.46 5.51
C CYS F 381 -40.09 -57.83 5.62
N VAL F 382 -40.95 -56.81 5.60
CA VAL F 382 -42.40 -56.99 5.70
C VAL F 382 -43.01 -56.74 4.33
N ILE F 383 -43.75 -57.72 3.83
CA ILE F 383 -44.42 -57.65 2.54
C ILE F 383 -45.91 -57.87 2.78
N PRO F 384 -46.77 -56.91 2.45
CA PRO F 384 -48.21 -57.13 2.62
C PRO F 384 -48.69 -58.29 1.75
N ARG F 385 -49.75 -58.96 2.22
CA ARG F 385 -50.29 -60.09 1.48
C ARG F 385 -50.80 -59.65 0.12
N GLN F 386 -51.37 -58.45 0.03
CA GLN F 386 -51.82 -57.92 -1.25
C GLN F 386 -50.67 -57.79 -2.23
N VAL F 387 -49.56 -57.20 -1.77
CA VAL F 387 -48.39 -57.03 -2.64
C VAL F 387 -47.84 -58.37 -3.08
N ALA F 388 -47.75 -59.33 -2.16
CA ALA F 388 -47.21 -60.64 -2.49
C ALA F 388 -48.10 -61.37 -3.49
N GLU F 389 -49.42 -61.30 -3.31
CA GLU F 389 -50.33 -61.96 -4.23
C GLU F 389 -50.42 -61.23 -5.57
N GLN F 390 -50.08 -59.95 -5.63
CA GLN F 390 -50.17 -59.23 -6.89
C GLN F 390 -48.89 -59.35 -7.73
N ILE F 391 -47.73 -59.10 -7.12
CA ILE F 391 -46.49 -59.11 -7.90
C ILE F 391 -45.89 -60.51 -8.04
N GLY F 392 -46.23 -61.44 -7.15
CA GLY F 392 -45.83 -62.82 -7.34
C GLY F 392 -44.72 -63.32 -6.44
N GLN F 393 -43.95 -64.28 -6.94
CA GLN F 393 -42.88 -64.97 -6.24
C GLN F 393 -41.51 -64.45 -6.65
N PRO F 394 -40.50 -64.62 -5.81
CA PRO F 394 -39.15 -64.18 -6.18
C PRO F 394 -38.62 -64.94 -7.39
N LEU F 395 -37.63 -64.35 -8.05
CA LEU F 395 -37.04 -64.96 -9.23
C LEU F 395 -36.16 -66.15 -8.81
N PRO F 396 -36.00 -67.14 -9.70
CA PRO F 396 -35.09 -68.27 -9.41
C PRO F 396 -33.63 -67.92 -9.71
N LEU F 397 -33.09 -67.02 -8.89
CA LEU F 397 -31.72 -66.55 -9.05
C LEU F 397 -30.76 -67.16 -8.04
N PHE F 398 -31.25 -68.05 -7.18
CA PHE F 398 -30.45 -68.72 -6.14
C PHE F 398 -29.94 -67.71 -5.11
N LEU F 399 -28.84 -67.04 -5.40
CA LEU F 399 -28.24 -66.09 -4.49
C LEU F 399 -27.92 -64.79 -5.21
N LYS F 400 -28.02 -63.68 -4.48
CA LYS F 400 -27.67 -62.33 -4.95
C LYS F 400 -28.69 -61.78 -5.96
N TRP F 401 -28.99 -60.49 -5.84
CA TRP F 401 -29.83 -59.73 -6.77
C TRP F 401 -31.27 -60.23 -6.81
N ASP F 402 -31.71 -60.93 -5.77
CA ASP F 402 -33.11 -61.36 -5.68
C ASP F 402 -33.97 -60.33 -4.96
N ASP F 403 -33.51 -59.87 -3.80
CA ASP F 403 -34.22 -58.81 -3.10
C ASP F 403 -34.25 -57.51 -3.91
N VAL F 404 -33.20 -57.23 -4.66
CA VAL F 404 -33.17 -56.04 -5.51
C VAL F 404 -34.27 -56.11 -6.55
N GLU F 405 -34.36 -57.25 -7.25
CA GLU F 405 -35.37 -57.39 -8.29
C GLU F 405 -36.78 -57.39 -7.70
N TYR F 406 -36.96 -58.00 -6.53
CA TYR F 406 -38.29 -57.99 -5.92
C TYR F 406 -38.69 -56.58 -5.52
N GLY F 407 -37.77 -55.80 -4.96
CA GLY F 407 -38.08 -54.42 -4.64
C GLY F 407 -38.38 -53.58 -5.86
N LEU F 408 -37.62 -53.78 -6.94
CA LEU F 408 -37.87 -53.02 -8.17
C LEU F 408 -39.22 -53.41 -8.78
N ARG F 409 -39.58 -54.69 -8.71
CA ARG F 409 -40.88 -55.12 -9.22
C ARG F 409 -42.01 -54.52 -8.40
N ALA F 410 -41.89 -54.55 -7.07
CA ALA F 410 -42.88 -53.90 -6.21
C ALA F 410 -42.98 -52.41 -6.54
N ARG F 411 -41.85 -51.76 -6.81
CA ARG F 411 -41.87 -50.34 -7.15
C ARG F 411 -42.60 -50.11 -8.48
N ASP F 412 -42.35 -50.96 -9.47
CA ASP F 412 -43.03 -50.82 -10.75
C ASP F 412 -44.54 -51.09 -10.62
N HIS F 413 -44.93 -51.91 -9.65
CA HIS F 413 -46.35 -52.21 -9.45
C HIS F 413 -47.04 -51.23 -8.51
N GLY F 414 -46.36 -50.17 -8.07
CA GLY F 414 -46.97 -49.17 -7.23
C GLY F 414 -46.81 -49.40 -5.74
N TYR F 415 -45.73 -50.02 -5.31
CA TYR F 415 -45.48 -50.30 -3.90
C TYR F 415 -44.03 -49.93 -3.59
N PRO F 416 -43.79 -48.93 -2.73
CA PRO F 416 -42.42 -48.55 -2.41
C PRO F 416 -41.85 -49.35 -1.23
N THR F 417 -40.53 -49.37 -1.15
CA THR F 417 -39.81 -50.04 -0.09
C THR F 417 -39.12 -48.99 0.78
N VAL F 418 -39.29 -49.10 2.10
CA VAL F 418 -38.72 -48.15 3.05
C VAL F 418 -37.91 -48.91 4.08
N THR F 419 -36.65 -48.53 4.24
CA THR F 419 -35.78 -49.08 5.28
C THR F 419 -36.01 -48.26 6.54
N LEU F 420 -36.80 -48.80 7.46
CA LEU F 420 -37.23 -48.03 8.63
C LEU F 420 -36.13 -48.02 9.69
N PRO F 421 -35.62 -46.85 10.09
CA PRO F 421 -34.64 -46.82 11.18
C PRO F 421 -35.29 -47.14 12.52
N GLY F 422 -34.48 -47.70 13.42
CA GLY F 422 -34.96 -48.12 14.72
C GLY F 422 -35.44 -49.55 14.77
N ALA F 423 -35.96 -50.07 13.66
CA ALA F 423 -36.37 -51.47 13.56
C ALA F 423 -35.27 -52.23 12.85
N ALA F 424 -34.41 -52.89 13.63
CA ALA F 424 -33.23 -53.55 13.08
C ALA F 424 -33.07 -54.93 13.71
N VAL F 425 -32.19 -55.73 13.09
CA VAL F 425 -31.82 -57.04 13.60
C VAL F 425 -30.31 -57.20 13.42
N TRP F 426 -29.69 -57.94 14.34
CA TRP F 426 -28.25 -58.16 14.27
C TRP F 426 -27.93 -59.28 13.30
N HIS F 427 -26.88 -59.07 12.49
CA HIS F 427 -26.47 -60.02 11.47
C HIS F 427 -25.08 -59.61 10.99
N MET F 428 -24.35 -60.58 10.44
CA MET F 428 -23.01 -60.31 9.95
C MET F 428 -23.05 -59.35 8.75
N ALA F 429 -21.93 -58.65 8.56
CA ALA F 429 -21.78 -57.68 7.48
C ALA F 429 -20.82 -58.23 6.42
N TRP F 430 -20.54 -57.39 5.43
CA TRP F 430 -19.67 -57.78 4.33
C TRP F 430 -18.32 -57.09 4.41
N LYS F 433 -16.75 -59.29 2.68
CA LYS F 433 -15.38 -59.78 2.76
C LYS F 433 -14.86 -60.18 1.39
N ASP F 434 -14.76 -61.49 1.15
CA ASP F 434 -14.34 -62.03 -0.13
C ASP F 434 -15.51 -62.27 -1.08
N ASP F 435 -16.60 -61.52 -0.93
CA ASP F 435 -17.80 -61.73 -1.73
C ASP F 435 -17.65 -61.27 -3.18
N ALA F 436 -16.48 -60.77 -3.57
CA ALA F 436 -16.23 -60.36 -4.95
C ALA F 436 -15.18 -61.22 -5.64
N ILE F 437 -14.62 -62.23 -4.96
CA ILE F 437 -13.59 -63.08 -5.51
C ILE F 437 -14.00 -64.54 -5.52
N ASP F 438 -14.72 -65.00 -4.50
CA ASP F 438 -15.09 -66.41 -4.37
C ASP F 438 -16.20 -66.80 -5.34
N TRP F 439 -16.90 -67.90 -5.03
CA TRP F 439 -17.92 -68.41 -5.93
C TRP F 439 -19.05 -67.41 -6.14
N GLN F 440 -19.32 -66.57 -5.15
CA GLN F 440 -20.43 -65.61 -5.26
C GLN F 440 -20.25 -64.71 -6.46
N ALA F 441 -19.01 -64.46 -6.88
CA ALA F 441 -18.75 -63.62 -8.06
C ALA F 441 -19.51 -64.11 -9.28
N TYR F 442 -19.82 -65.41 -9.33
CA TYR F 442 -20.70 -65.92 -10.37
C TYR F 442 -22.10 -65.35 -10.18
N PHE F 443 -22.76 -65.72 -9.07
CA PHE F 443 -24.16 -65.37 -8.89
C PHE F 443 -24.38 -63.87 -8.84
N HIS F 444 -23.36 -63.11 -8.42
CA HIS F 444 -23.51 -61.66 -8.37
C HIS F 444 -23.47 -61.05 -9.76
N LEU F 445 -22.73 -61.66 -10.69
CA LEU F 445 -22.65 -61.07 -12.03
C LEU F 445 -23.82 -61.51 -12.90
N ARG F 446 -24.04 -62.82 -13.00
CA ARG F 446 -25.10 -63.35 -13.84
C ARG F 446 -26.43 -62.66 -13.55
N ASN F 447 -26.87 -62.71 -12.30
CA ASN F 447 -28.13 -62.07 -11.93
C ASN F 447 -28.07 -60.56 -12.14
N ARG F 448 -26.89 -59.95 -11.96
CA ARG F 448 -26.74 -58.53 -12.25
C ARG F 448 -27.16 -58.23 -13.69
N LEU F 449 -26.84 -59.14 -14.61
CA LEU F 449 -27.29 -58.98 -15.99
C LEU F 449 -28.78 -59.26 -16.10
N VAL F 450 -29.28 -60.27 -15.37
CA VAL F 450 -30.69 -60.65 -15.46
C VAL F 450 -31.58 -59.48 -15.09
N VAL F 451 -31.37 -58.91 -13.91
CA VAL F 451 -32.12 -57.73 -13.49
C VAL F 451 -31.84 -56.56 -14.43
N ALA F 452 -30.64 -56.52 -15.03
CA ALA F 452 -30.36 -55.49 -16.02
C ALA F 452 -31.24 -55.63 -17.25
N SER F 453 -31.68 -56.85 -17.56
CA SER F 453 -32.63 -57.04 -18.64
C SER F 453 -34.03 -56.63 -18.28
N LEU F 454 -34.26 -56.19 -17.03
CA LEU F 454 -35.59 -55.85 -16.54
C LEU F 454 -35.74 -54.40 -16.14
N HIS F 455 -34.69 -53.76 -15.63
CA HIS F 455 -34.83 -52.39 -15.13
C HIS F 455 -33.70 -51.46 -15.58
N LEU F 456 -32.92 -51.83 -16.59
CA LEU F 456 -31.87 -50.96 -17.07
C LEU F 456 -32.31 -50.28 -18.35
N PRO F 457 -32.63 -48.98 -18.34
CA PRO F 457 -33.01 -48.30 -19.58
C PRO F 457 -31.78 -47.91 -20.39
N GLY F 458 -31.82 -48.20 -21.68
CA GLY F 458 -30.73 -47.87 -22.58
C GLY F 458 -30.02 -49.11 -23.09
N ASN F 459 -28.92 -48.87 -23.81
CA ASN F 459 -28.16 -49.95 -24.41
C ASN F 459 -27.32 -50.71 -23.38
N GLY F 460 -27.07 -50.12 -22.21
CA GLY F 460 -26.31 -50.81 -21.18
C GLY F 460 -24.83 -50.92 -21.44
N LYS F 461 -24.27 -50.04 -22.26
CA LYS F 461 -22.84 -50.08 -22.52
C LYS F 461 -22.02 -49.68 -21.30
N ALA F 462 -22.57 -48.82 -20.45
CA ALA F 462 -21.83 -48.39 -19.26
C ALA F 462 -21.60 -49.56 -18.31
N MET F 463 -22.60 -50.41 -18.13
CA MET F 463 -22.44 -51.60 -17.31
C MET F 463 -21.37 -52.53 -17.88
N VAL F 464 -21.33 -52.65 -19.21
CA VAL F 464 -20.33 -53.52 -19.85
C VAL F 464 -18.93 -52.94 -19.66
N VAL F 465 -18.78 -51.62 -19.76
CA VAL F 465 -17.48 -51.00 -19.54
C VAL F 465 -17.05 -51.17 -18.09
N ASN F 466 -18.00 -51.06 -17.15
CA ASN F 466 -17.69 -51.28 -15.74
C ASN F 466 -17.22 -52.71 -15.50
N THR F 467 -17.90 -53.69 -16.08
CA THR F 467 -17.46 -55.07 -15.93
C THR F 467 -16.12 -55.31 -16.62
N ILE F 468 -15.85 -54.60 -17.72
CA ILE F 468 -14.56 -54.73 -18.39
C ILE F 468 -13.44 -54.26 -17.48
N LYS F 469 -13.60 -53.08 -16.88
CA LYS F 469 -12.55 -52.59 -15.98
C LYS F 469 -12.47 -53.41 -14.70
N ALA F 470 -13.57 -54.00 -14.26
CA ALA F 470 -13.51 -54.93 -13.13
C ALA F 470 -12.71 -56.18 -13.49
N THR F 471 -12.91 -56.70 -14.70
CA THR F 471 -12.12 -57.84 -15.15
C THR F 471 -10.64 -57.47 -15.27
N LEU F 472 -10.36 -56.23 -15.70
CA LEU F 472 -8.98 -55.75 -15.72
C LEU F 472 -8.37 -55.77 -14.32
N LYS F 473 -9.10 -55.23 -13.34
CA LYS F 473 -8.62 -55.24 -11.97
C LYS F 473 -8.38 -56.66 -11.47
N HIS F 474 -9.30 -57.57 -11.78
CA HIS F 474 -9.14 -58.96 -11.34
C HIS F 474 -7.91 -59.60 -11.98
N LEU F 475 -7.70 -59.38 -13.28
CA LEU F 475 -6.55 -59.97 -13.97
C LEU F 475 -5.24 -59.37 -13.49
N LEU F 476 -5.25 -58.11 -13.06
CA LEU F 476 -4.02 -57.52 -12.52
C LEU F 476 -3.72 -58.01 -11.12
N CYS F 477 -4.74 -58.43 -10.37
CA CYS F 477 -4.57 -58.90 -9.01
C CYS F 477 -4.40 -60.42 -8.92
N LEU F 478 -4.11 -61.07 -10.04
CA LEU F 478 -3.88 -62.52 -10.08
C LEU F 478 -5.09 -63.30 -9.56
N GLU F 479 -6.28 -62.80 -9.86
CA GLU F 479 -7.53 -63.42 -9.44
C GLU F 479 -8.20 -64.04 -10.66
N TYR F 480 -7.55 -65.06 -11.22
CA TYR F 480 -7.98 -65.63 -12.49
C TYR F 480 -9.26 -66.46 -12.34
N SER F 481 -9.44 -67.11 -11.19
CA SER F 481 -10.67 -67.88 -10.97
C SER F 481 -11.90 -66.99 -11.02
N THR F 482 -11.79 -65.75 -10.54
CA THR F 482 -12.92 -64.82 -10.60
C THR F 482 -13.27 -64.49 -12.04
N VAL F 483 -12.26 -64.24 -12.89
CA VAL F 483 -12.52 -63.98 -14.30
C VAL F 483 -13.16 -65.19 -14.97
N ALA F 484 -12.69 -66.39 -14.60
CA ALA F 484 -13.25 -67.61 -15.19
C ALA F 484 -14.72 -67.77 -14.82
N ILE F 485 -15.05 -67.62 -13.53
CA ILE F 485 -16.43 -67.81 -13.12
C ILE F 485 -17.32 -66.67 -13.62
N GLN F 486 -16.74 -65.49 -13.86
CA GLN F 486 -17.53 -64.40 -14.43
C GLN F 486 -17.82 -64.65 -15.91
N ASN F 487 -16.85 -65.21 -16.64
CA ASN F 487 -17.12 -65.65 -18.00
C ASN F 487 -18.19 -66.73 -18.02
N LEU F 488 -18.15 -67.65 -17.06
CA LEU F 488 -19.19 -68.67 -16.94
C LEU F 488 -20.54 -68.04 -16.65
N ALA F 489 -20.57 -66.99 -15.82
CA ALA F 489 -21.82 -66.31 -15.52
C ALA F 489 -22.38 -65.62 -16.76
N ILE F 490 -21.52 -64.99 -17.55
CA ILE F 490 -21.98 -64.37 -18.80
C ILE F 490 -22.53 -65.44 -19.74
N ARG F 491 -21.84 -66.59 -19.83
CA ARG F 491 -22.30 -67.65 -20.71
C ARG F 491 -23.65 -68.20 -20.27
N ASP F 492 -23.84 -68.36 -18.96
CA ASP F 492 -25.12 -68.87 -18.46
C ASP F 492 -26.23 -67.84 -18.60
N TYR F 493 -25.91 -66.56 -18.50
CA TYR F 493 -26.92 -65.52 -18.70
C TYR F 493 -27.35 -65.44 -20.15
N LEU F 494 -26.39 -65.54 -21.08
CA LEU F 494 -26.73 -65.53 -22.51
C LEU F 494 -27.46 -66.79 -22.95
N ALA F 495 -27.60 -67.79 -22.08
CA ALA F 495 -28.34 -68.99 -22.43
C ALA F 495 -29.84 -68.77 -22.45
N GLY F 496 -30.32 -67.70 -21.81
CA GLY F 496 -31.73 -67.39 -21.79
C GLY F 496 -32.38 -67.68 -20.46
N PRO F 497 -33.59 -67.16 -20.25
CA PRO F 497 -34.28 -67.40 -18.98
C PRO F 497 -34.73 -68.84 -18.80
N GLU F 498 -34.92 -69.59 -19.89
CA GLU F 498 -35.36 -70.97 -19.78
C GLU F 498 -34.39 -71.82 -18.97
N ARG F 499 -33.12 -71.42 -18.93
CA ARG F 499 -32.11 -72.15 -18.17
C ARG F 499 -32.10 -71.79 -16.69
N LEU F 500 -32.78 -70.72 -16.28
CA LEU F 500 -32.72 -70.28 -14.89
C LEU F 500 -33.16 -71.38 -13.93
N PHE F 501 -34.39 -71.88 -14.11
CA PHE F 501 -34.88 -72.96 -13.27
C PHE F 501 -34.04 -74.22 -13.40
N GLN F 502 -33.26 -74.35 -14.48
CA GLN F 502 -32.36 -75.49 -14.61
C GLN F 502 -31.04 -75.27 -13.88
N LEU F 503 -30.62 -74.01 -13.73
CA LEU F 503 -29.40 -73.66 -13.04
C LEU F 503 -29.62 -73.34 -11.57
N LEU F 504 -30.86 -73.44 -11.09
CA LEU F 504 -31.12 -73.15 -9.68
C LEU F 504 -30.49 -74.18 -8.75
N PRO F 505 -30.58 -75.49 -8.99
CA PRO F 505 -29.92 -76.45 -8.10
C PRO F 505 -28.67 -77.08 -8.69
N SER F 506 -28.05 -76.43 -9.68
CA SER F 506 -26.92 -77.06 -10.37
C SER F 506 -25.72 -76.14 -10.62
N ALA F 507 -25.87 -74.81 -10.54
CA ALA F 507 -24.77 -73.93 -10.89
C ALA F 507 -23.68 -73.93 -9.81
N LEU F 508 -24.05 -74.14 -8.55
CA LEU F 508 -23.07 -74.06 -7.46
C LEU F 508 -21.99 -75.12 -7.62
N GLY F 509 -22.38 -76.36 -7.93
CA GLY F 509 -21.40 -77.41 -8.11
C GLY F 509 -20.46 -77.15 -9.27
N ALA F 510 -21.00 -76.61 -10.37
CA ALA F 510 -20.16 -76.29 -11.52
C ALA F 510 -19.17 -75.18 -11.16
N VAL F 511 -19.63 -74.15 -10.44
CA VAL F 511 -18.72 -73.08 -10.04
C VAL F 511 -17.63 -73.60 -9.12
N HIS F 512 -17.99 -74.49 -8.18
CA HIS F 512 -16.99 -75.06 -7.30
C HIS F 512 -15.98 -75.91 -8.06
N ALA F 513 -16.45 -76.74 -9.00
CA ALA F 513 -15.55 -77.57 -9.78
C ALA F 513 -14.64 -76.73 -10.67
N LEU F 514 -15.13 -75.58 -11.15
CA LEU F 514 -14.28 -74.71 -11.96
C LEU F 514 -13.25 -73.99 -11.09
N ARG F 515 -13.65 -73.54 -9.90
CA ARG F 515 -12.72 -72.83 -9.04
C ARG F 515 -11.63 -73.76 -8.50
N LYS F 516 -11.98 -75.01 -8.22
CA LYS F 516 -10.98 -75.95 -7.69
C LYS F 516 -9.93 -76.35 -8.72
N GLN F 517 -9.97 -75.79 -9.93
CA GLN F 517 -8.94 -76.03 -10.93
C GLN F 517 -7.89 -74.92 -10.95
N TYR F 518 -8.10 -73.82 -10.22
CA TYR F 518 -7.17 -72.71 -10.13
C TYR F 518 -6.48 -72.70 -8.78
N PRO F 519 -5.19 -72.34 -8.72
CA PRO F 519 -4.50 -72.34 -7.42
C PRO F 519 -4.95 -71.22 -6.50
N ASP F 520 -5.37 -70.07 -7.05
CA ASP F 520 -5.79 -68.96 -6.22
C ASP F 520 -7.14 -69.19 -5.55
N ALA F 521 -7.89 -70.22 -5.96
CA ALA F 521 -9.17 -70.53 -5.37
C ALA F 521 -9.12 -71.73 -4.43
N VAL F 522 -7.94 -72.30 -4.21
CA VAL F 522 -7.77 -73.42 -3.29
C VAL F 522 -7.21 -72.87 -1.99
N ILE F 523 -7.95 -73.03 -0.90
CA ILE F 523 -7.59 -72.46 0.39
C ILE F 523 -6.82 -73.50 1.19
N LEU F 524 -5.60 -73.15 1.59
CA LEU F 524 -4.76 -73.98 2.43
C LEU F 524 -4.96 -73.61 3.90
N PRO F 525 -4.63 -74.52 4.82
CA PRO F 525 -4.80 -74.18 6.24
C PRO F 525 -3.98 -72.98 6.69
N SER F 526 -2.71 -72.91 6.27
CA SER F 526 -1.84 -71.81 6.67
C SER F 526 -0.72 -71.71 5.64
N SER F 527 0.04 -70.61 5.74
CA SER F 527 1.20 -70.43 4.88
C SER F 527 2.32 -71.42 5.22
N THR F 528 2.20 -72.17 6.32
CA THR F 528 3.20 -73.17 6.67
C THR F 528 3.18 -74.36 5.72
N GLU F 529 2.07 -74.57 4.99
CA GLU F 529 2.01 -75.68 4.04
C GLU F 529 2.90 -75.44 2.83
N LEU F 530 3.27 -74.20 2.55
CA LEU F 530 4.14 -73.82 1.45
C LEU F 530 5.54 -73.57 1.95
N PRO F 531 6.54 -73.61 1.06
CA PRO F 531 7.92 -73.29 1.47
C PRO F 531 8.02 -71.87 2.00
N LEU F 532 9.10 -71.62 2.74
CA LEU F 532 9.32 -70.31 3.34
C LEU F 532 9.44 -69.24 2.26
N ALA F 533 9.03 -68.02 2.61
CA ALA F 533 9.07 -66.91 1.66
C ALA F 533 10.50 -66.62 1.25
N SER F 534 10.73 -66.56 -0.07
CA SER F 534 12.08 -66.33 -0.58
C SER F 534 12.46 -64.85 -0.53
N HIS F 535 11.49 -63.95 -0.73
CA HIS F 535 11.74 -62.51 -0.81
C HIS F 535 12.70 -62.18 -1.95
N LEU F 536 12.71 -63.01 -3.00
CA LEU F 536 13.55 -62.79 -4.16
C LEU F 536 12.79 -62.03 -5.23
N GLU F 537 13.47 -61.07 -5.87
CA GLU F 537 12.92 -60.29 -6.98
C GLU F 537 11.63 -59.58 -6.56
N VAL F 538 11.63 -58.99 -5.38
CA VAL F 538 10.51 -58.24 -4.84
C VAL F 538 10.98 -56.82 -4.57
N GLY F 539 10.40 -55.85 -5.28
CA GLY F 539 10.81 -54.47 -5.13
C GLY F 539 9.75 -53.58 -4.52
N ALA F 540 9.26 -52.61 -5.30
CA ALA F 540 8.30 -51.63 -4.80
C ALA F 540 6.94 -52.29 -4.62
N VAL F 541 6.54 -52.52 -3.37
CA VAL F 541 5.26 -53.11 -3.04
C VAL F 541 4.45 -52.28 -2.05
N ALA F 542 5.02 -51.21 -1.51
CA ALA F 542 4.32 -50.32 -0.60
C ALA F 542 3.74 -49.15 -1.39
N GLU F 543 2.47 -48.82 -1.12
CA GLU F 543 1.78 -47.81 -1.90
C GLU F 543 2.51 -46.47 -1.80
N PRO F 544 2.68 -45.76 -2.92
CA PRO F 544 3.35 -44.46 -2.89
C PRO F 544 2.37 -43.37 -2.47
N ALA F 545 2.92 -42.16 -2.29
CA ALA F 545 2.15 -41.02 -1.83
C ALA F 545 1.79 -40.05 -2.93
N ASN F 546 2.43 -40.12 -4.09
CA ASN F 546 2.13 -39.20 -5.17
C ASN F 546 1.54 -39.95 -6.36
N PRO F 547 0.56 -39.36 -7.04
CA PRO F 547 -0.09 -40.07 -8.17
C PRO F 547 0.83 -40.32 -9.35
N ILE F 548 1.88 -39.52 -9.53
CA ILE F 548 2.86 -39.81 -10.57
C ILE F 548 3.54 -41.15 -10.31
N ALA F 549 3.89 -41.41 -9.05
CA ALA F 549 4.43 -42.71 -8.69
C ALA F 549 3.40 -43.81 -8.86
N LYS F 550 2.12 -43.51 -8.63
CA LYS F 550 1.07 -44.48 -8.91
C LYS F 550 1.04 -44.85 -10.38
N VAL F 551 1.17 -43.86 -11.26
CA VAL F 551 1.14 -44.12 -12.70
C VAL F 551 2.38 -44.90 -13.12
N VAL F 552 3.55 -44.55 -12.59
CA VAL F 552 4.74 -45.29 -12.99
C VAL F 552 4.72 -46.70 -12.43
N ARG F 553 4.07 -46.93 -11.29
CA ARG F 553 3.95 -48.29 -10.78
C ARG F 553 2.94 -49.09 -11.58
N LEU F 554 1.87 -48.44 -12.05
CA LEU F 554 0.95 -49.11 -12.96
C LEU F 554 1.66 -49.50 -14.25
N ALA F 555 2.53 -48.63 -14.75
CA ALA F 555 3.31 -48.97 -15.93
C ALA F 555 4.27 -50.13 -15.65
N LYS F 556 4.90 -50.12 -14.48
CA LYS F 556 5.78 -51.23 -14.10
C LYS F 556 5.01 -52.54 -14.04
N GLY F 557 3.79 -52.51 -13.48
CA GLY F 557 2.98 -53.71 -13.40
C GLY F 557 2.53 -54.20 -14.77
N VAL F 558 2.19 -53.27 -15.66
CA VAL F 558 1.81 -53.65 -17.01
C VAL F 558 2.99 -54.29 -17.73
N LEU F 559 4.18 -53.72 -17.58
CA LEU F 559 5.37 -54.30 -18.17
C LEU F 559 5.73 -55.65 -17.55
N HIS F 560 5.42 -55.83 -16.27
CA HIS F 560 5.76 -57.08 -15.58
C HIS F 560 4.80 -58.19 -15.99
N ASN F 561 3.52 -57.88 -16.14
CA ASN F 561 2.54 -58.87 -16.57
C ASN F 561 2.71 -59.29 -18.03
N LEU F 562 3.71 -58.76 -18.73
CA LEU F 562 4.00 -59.17 -20.10
C LEU F 562 5.12 -60.19 -20.19
N ARG F 563 6.10 -60.14 -19.30
CA ARG F 563 7.22 -61.05 -19.34
C ARG F 563 6.80 -62.42 -18.81
N PRO F 564 7.37 -63.50 -19.35
CA PRO F 564 7.04 -64.84 -18.85
C PRO F 564 7.48 -64.99 -17.39
N ALA F 565 6.56 -65.49 -16.57
CA ALA F 565 6.84 -65.65 -15.15
C ALA F 565 7.81 -66.81 -14.92
N HIS F 566 8.54 -66.74 -13.81
CA HIS F 566 9.49 -67.78 -13.43
C HIS F 566 8.78 -68.82 -12.59
N ALA F 567 8.94 -70.10 -12.97
CA ALA F 567 8.28 -71.17 -12.24
C ALA F 567 8.81 -71.32 -10.82
N ARG F 568 10.02 -70.82 -10.54
CA ARG F 568 10.57 -70.90 -9.19
C ARG F 568 9.64 -70.23 -8.18
N HIS F 569 9.01 -69.13 -8.57
CA HIS F 569 8.08 -68.43 -7.68
C HIS F 569 6.69 -69.05 -7.66
N HIS F 570 6.41 -69.99 -8.56
CA HIS F 570 5.15 -70.73 -8.51
C HIS F 570 5.20 -71.91 -7.55
N GLU F 571 6.38 -72.25 -7.03
CA GLU F 571 6.56 -73.31 -6.05
C GLU F 571 6.91 -72.77 -4.68
N THR F 572 7.92 -71.90 -4.60
CA THR F 572 8.27 -71.24 -3.36
C THR F 572 7.73 -69.82 -3.39
N PRO F 573 6.79 -69.46 -2.51
CA PRO F 573 6.20 -68.13 -2.57
C PRO F 573 7.19 -67.03 -2.24
N GLN F 574 6.94 -65.85 -2.80
CA GLN F 574 7.81 -64.70 -2.59
C GLN F 574 7.45 -63.93 -1.32
N LEU F 575 6.17 -63.75 -1.05
CA LEU F 575 5.73 -62.98 0.10
C LEU F 575 4.52 -63.66 0.75
N ASN F 576 4.42 -63.51 2.07
CA ASN F 576 3.24 -63.93 2.82
C ASN F 576 2.42 -62.67 3.13
N VAL F 577 1.64 -62.27 2.14
CA VAL F 577 0.93 -60.98 2.18
C VAL F 577 -0.39 -61.14 2.94
N PRO F 578 -0.66 -60.27 3.93
CA PRO F 578 -1.95 -60.31 4.63
C PRO F 578 -3.11 -59.84 3.75
N THR F 579 -4.29 -59.70 4.34
CA THR F 579 -5.46 -59.30 3.57
C THR F 579 -5.38 -57.85 3.13
N LEU F 580 -5.11 -56.94 4.07
CA LEU F 580 -5.11 -55.52 3.75
C LEU F 580 -3.96 -55.14 2.83
N ASP F 581 -2.84 -55.86 2.89
CA ASP F 581 -1.70 -55.57 2.04
C ASP F 581 -1.85 -56.11 0.63
N ALA F 582 -2.89 -56.89 0.35
CA ALA F 582 -3.12 -57.47 -0.97
C ALA F 582 -3.88 -56.46 -1.82
N ARG F 583 -3.14 -55.55 -2.44
CA ARG F 583 -3.71 -54.52 -3.30
C ARG F 583 -2.96 -54.54 -4.63
N TRP F 584 -3.42 -53.72 -5.58
CA TRP F 584 -2.87 -53.75 -6.93
C TRP F 584 -1.40 -53.33 -6.95
N PHE F 585 -0.99 -52.46 -6.03
CA PHE F 585 0.40 -51.98 -6.01
C PHE F 585 1.38 -53.02 -5.48
N LEU F 586 0.95 -54.24 -5.28
CA LEU F 586 1.80 -55.34 -4.81
C LEU F 586 1.63 -56.60 -5.64
N LEU F 587 0.41 -56.94 -6.04
CA LEU F 587 0.17 -58.16 -6.81
C LEU F 587 0.61 -58.06 -8.25
N SER F 588 0.89 -56.85 -8.75
CA SER F 588 1.33 -56.67 -10.12
C SER F 588 2.85 -56.68 -10.27
N GLN F 589 3.60 -56.74 -9.16
CA GLN F 589 5.06 -56.81 -9.20
C GLN F 589 5.58 -58.15 -8.69
N VAL F 590 4.73 -59.18 -8.64
CA VAL F 590 5.11 -60.48 -8.12
C VAL F 590 4.67 -61.57 -9.10
N ASP F 591 5.31 -62.73 -8.98
CA ASP F 591 4.95 -63.91 -9.75
C ASP F 591 4.21 -64.97 -8.95
N GLY F 592 4.50 -65.09 -7.66
CA GLY F 592 3.82 -66.05 -6.81
C GLY F 592 3.79 -65.61 -5.37
N VAL F 593 2.60 -65.49 -4.79
CA VAL F 593 2.43 -64.92 -3.46
C VAL F 593 1.29 -65.63 -2.75
N THR F 594 1.48 -65.90 -1.45
CA THR F 594 0.40 -66.41 -0.61
C THR F 594 -0.36 -65.23 -0.02
N VAL F 595 -1.66 -65.19 -0.25
CA VAL F 595 -2.54 -64.13 0.22
C VAL F 595 -3.49 -64.71 1.26
N THR F 596 -3.56 -64.06 2.42
CA THR F 596 -4.41 -64.54 3.50
C THR F 596 -5.87 -64.17 3.23
N THR F 597 -6.76 -65.10 3.53
CA THR F 597 -8.19 -64.87 3.34
C THR F 597 -8.69 -63.80 4.30
N ALA F 598 -9.89 -63.26 4.00
CA ALA F 598 -10.42 -62.12 4.75
C ALA F 598 -10.59 -62.45 6.22
N ASP F 599 -11.32 -63.52 6.53
CA ASP F 599 -11.52 -63.90 7.93
C ASP F 599 -10.25 -64.45 8.57
N GLY F 600 -9.22 -64.78 7.79
CA GLY F 600 -7.95 -65.18 8.34
C GLY F 600 -7.85 -66.63 8.75
N ARG F 601 -8.57 -67.52 8.08
CA ARG F 601 -8.54 -68.95 8.37
C ARG F 601 -7.73 -69.73 7.34
N GLY F 602 -6.89 -69.06 6.57
CA GLY F 602 -6.09 -69.76 5.59
C GLY F 602 -5.48 -68.79 4.59
N VAL F 603 -4.73 -69.37 3.64
CA VAL F 603 -4.07 -68.61 2.60
C VAL F 603 -4.36 -69.27 1.25
N VAL F 604 -4.15 -68.51 0.19
CA VAL F 604 -4.29 -68.99 -1.18
C VAL F 604 -3.04 -68.60 -1.96
N TYR F 605 -2.59 -69.50 -2.83
CA TYR F 605 -1.34 -69.32 -3.58
C TYR F 605 -1.70 -68.73 -4.95
N ARG F 606 -1.54 -67.41 -5.08
CA ARG F 606 -1.80 -66.73 -6.34
C ARG F 606 -0.53 -66.72 -7.18
N LYS F 607 -0.66 -67.17 -8.43
CA LYS F 607 0.46 -67.27 -9.36
C LYS F 607 0.11 -66.53 -10.63
N ARG F 608 1.10 -65.83 -11.20
CA ARG F 608 0.89 -65.04 -12.40
C ARG F 608 1.27 -65.85 -13.63
N ASP F 609 0.36 -65.90 -14.59
CA ASP F 609 0.58 -66.61 -15.85
C ASP F 609 0.17 -65.70 -17.00
N PRO F 610 1.12 -65.21 -17.81
CA PRO F 610 0.73 -64.30 -18.91
C PRO F 610 -0.18 -64.95 -19.93
N ARG F 611 0.10 -66.19 -20.31
CA ARG F 611 -0.73 -66.88 -21.30
C ARG F 611 -2.17 -67.01 -20.82
N GLN F 612 -2.36 -67.51 -19.60
CA GLN F 612 -3.71 -67.72 -19.09
C GLN F 612 -4.42 -66.39 -18.86
N ALA F 613 -3.71 -65.38 -18.39
CA ALA F 613 -4.31 -64.06 -18.20
C ALA F 613 -4.80 -63.50 -19.54
N LEU F 614 -3.95 -63.56 -20.56
CA LEU F 614 -4.35 -63.03 -21.87
C LEU F 614 -5.50 -63.84 -22.46
N GLY F 615 -5.50 -65.15 -22.28
CA GLY F 615 -6.59 -65.96 -22.80
C GLY F 615 -7.91 -65.67 -22.11
N LEU F 616 -7.89 -65.56 -20.78
CA LEU F 616 -9.09 -65.19 -20.04
C LEU F 616 -9.58 -63.81 -20.45
N PHE F 617 -8.66 -62.88 -20.69
CA PHE F 617 -9.06 -61.55 -21.13
C PHE F 617 -9.72 -61.60 -22.50
N LYS F 618 -9.14 -62.37 -23.44
CA LYS F 618 -9.75 -62.49 -24.76
C LYS F 618 -11.13 -63.11 -24.68
N GLU F 619 -11.29 -64.16 -23.87
CA GLU F 619 -12.59 -64.81 -23.74
C GLU F 619 -13.61 -63.86 -23.10
N ALA F 620 -13.20 -63.12 -22.07
CA ALA F 620 -14.10 -62.17 -21.44
C ALA F 620 -14.51 -61.06 -22.40
N MET F 621 -13.57 -60.57 -23.20
CA MET F 621 -13.89 -59.53 -24.17
C MET F 621 -14.83 -60.04 -25.25
N ARG F 622 -14.63 -61.28 -25.71
CA ARG F 622 -15.55 -61.86 -26.69
C ARG F 622 -16.95 -62.01 -26.09
N LEU F 623 -17.04 -62.50 -24.86
CA LEU F 623 -18.34 -62.68 -24.22
C LEU F 623 -19.04 -61.34 -24.00
N ARG F 624 -18.28 -60.31 -23.62
CA ARG F 624 -18.88 -59.00 -23.38
C ARG F 624 -19.27 -58.31 -24.68
N LYS F 625 -18.53 -58.56 -25.76
CA LYS F 625 -18.95 -58.09 -27.08
C LYS F 625 -20.27 -58.73 -27.49
N GLU F 626 -20.36 -60.05 -27.34
CA GLU F 626 -21.61 -60.74 -27.64
C GLU F 626 -22.75 -60.24 -26.76
N LEU F 627 -22.45 -59.93 -25.50
CA LEU F 627 -23.46 -59.41 -24.59
C LEU F 627 -23.95 -58.04 -25.02
N ALA F 628 -23.02 -57.13 -25.33
CA ALA F 628 -23.41 -55.81 -25.80
C ALA F 628 -24.17 -55.88 -27.11
N ALA F 629 -23.90 -56.90 -27.92
CA ALA F 629 -24.65 -57.05 -29.17
C ALA F 629 -26.05 -57.59 -28.93
N ARG F 630 -26.20 -58.58 -28.05
CA ARG F 630 -27.48 -59.26 -27.86
C ARG F 630 -28.29 -58.71 -26.69
N PHE F 631 -27.85 -57.62 -26.08
CA PHE F 631 -28.57 -57.09 -24.92
C PHE F 631 -30.04 -56.76 -25.17
N PRO F 632 -30.44 -56.16 -26.31
CA PRO F 632 -31.89 -55.98 -26.53
C PRO F 632 -32.65 -57.30 -26.65
N GLU F 633 -32.04 -58.28 -27.33
CA GLU F 633 -32.66 -59.61 -27.42
C GLU F 633 -32.87 -60.21 -26.04
N MET F 634 -31.84 -60.15 -25.18
CA MET F 634 -31.97 -60.70 -23.84
C MET F 634 -32.97 -59.91 -23.00
N GLN F 635 -33.02 -58.59 -23.20
CA GLN F 635 -34.02 -57.77 -22.53
C GLN F 635 -35.42 -58.26 -22.87
N GLN F 636 -35.71 -58.44 -24.16
CA GLN F 636 -37.03 -58.91 -24.56
C GLN F 636 -37.30 -60.31 -24.01
N ARG F 637 -36.30 -61.20 -24.07
CA ARG F 637 -36.51 -62.58 -23.63
C ARG F 637 -36.78 -62.64 -22.13
N TYR F 638 -36.11 -61.80 -21.33
CA TYR F 638 -36.31 -61.84 -19.89
C TYR F 638 -37.56 -61.08 -19.46
N ARG F 639 -37.95 -60.04 -20.19
CA ARG F 639 -39.19 -59.34 -19.87
C ARG F 639 -40.43 -60.09 -20.34
N ALA F 640 -40.29 -60.98 -21.32
CA ALA F 640 -41.42 -61.78 -21.76
C ALA F 640 -41.66 -62.97 -20.84
N ALA F 641 -40.59 -63.66 -20.42
CA ALA F 641 -40.70 -64.85 -19.59
C ALA F 641 -40.78 -64.52 -18.10
N HIS F 642 -41.00 -63.25 -17.74
CA HIS F 642 -41.07 -62.91 -16.32
C HIS F 642 -42.29 -63.52 -15.63
N PRO F 643 -43.50 -63.45 -16.19
CA PRO F 643 -44.64 -64.08 -15.50
C PRO F 643 -44.49 -65.58 -15.33
N GLN F 644 -43.78 -66.26 -16.23
CA GLN F 644 -43.60 -67.70 -16.10
C GLN F 644 -42.61 -68.02 -14.98
N LEU F 645 -41.56 -67.22 -14.83
CA LEU F 645 -40.57 -67.45 -13.80
C LEU F 645 -41.02 -66.99 -12.41
N THR F 646 -42.13 -66.26 -12.32
CA THR F 646 -42.65 -65.79 -11.03
C THR F 646 -44.04 -66.35 -10.75
N SER F 647 -44.42 -67.43 -11.39
CA SER F 647 -45.73 -68.04 -11.18
C SER F 647 -45.66 -69.10 -10.09
N THR F 648 -46.85 -69.47 -9.58
CA THR F 648 -46.91 -70.44 -8.50
C THR F 648 -46.60 -71.84 -9.00
N ALA F 649 -47.04 -72.18 -10.21
CA ALA F 649 -46.87 -73.55 -10.72
C ALA F 649 -45.40 -73.87 -10.99
N ALA F 650 -44.66 -72.90 -11.55
CA ALA F 650 -43.25 -73.13 -11.81
C ALA F 650 -42.47 -73.38 -10.52
N TRP F 651 -42.76 -72.59 -9.48
CA TRP F 651 -42.07 -72.79 -8.22
C TRP F 651 -42.52 -74.06 -7.52
N GLU F 652 -43.78 -74.46 -7.69
CA GLU F 652 -44.23 -75.75 -7.17
C GLU F 652 -43.47 -76.90 -7.84
N ASN F 653 -43.30 -76.81 -9.16
CA ASN F 653 -42.46 -77.79 -9.85
C ASN F 653 -41.03 -77.72 -9.36
N ALA F 654 -40.57 -76.54 -8.95
CA ALA F 654 -39.19 -76.41 -8.47
C ALA F 654 -39.03 -76.96 -7.06
N PHE F 655 -40.04 -76.77 -6.20
CA PHE F 655 -40.00 -77.27 -4.84
C PHE F 655 -40.03 -78.80 -4.75
N GLY F 656 -40.17 -79.51 -5.87
CA GLY F 656 -40.41 -80.93 -5.80
C GLY F 656 -41.84 -81.31 -5.52
N LEU F 657 -42.78 -80.38 -5.70
CA LEU F 657 -44.18 -80.64 -5.41
C LEU F 657 -44.94 -80.96 -6.69
N GLU G 33 -16.57 -83.08 32.98
CA GLU G 33 -17.37 -82.54 31.90
C GLU G 33 -16.65 -81.38 31.21
N THR G 34 -15.82 -80.68 31.97
CA THR G 34 -15.12 -79.52 31.44
C THR G 34 -14.07 -79.95 30.42
N ARG G 35 -14.02 -79.23 29.30
CA ARG G 35 -13.01 -79.48 28.28
C ARG G 35 -11.62 -79.03 28.70
N ALA G 36 -11.49 -78.33 29.83
CA ALA G 36 -10.18 -77.88 30.28
C ALA G 36 -9.35 -79.06 30.75
N LYS G 37 -8.13 -79.16 30.24
CA LYS G 37 -7.20 -80.21 30.64
C LYS G 37 -5.91 -79.65 31.21
N SER G 38 -5.13 -78.91 30.43
CA SER G 38 -3.85 -78.39 30.90
C SER G 38 -3.91 -76.88 31.06
N LEU G 39 -3.34 -76.38 32.16
CA LEU G 39 -3.31 -74.95 32.41
C LEU G 39 -2.20 -74.30 31.59
N LEU G 40 -2.56 -73.35 30.74
CA LEU G 40 -1.57 -72.67 29.90
C LEU G 40 -1.21 -71.29 30.42
N GLN G 41 -2.14 -70.59 31.05
CA GLN G 41 -1.95 -69.20 31.45
C GLN G 41 -3.02 -68.76 32.44
N ARG G 42 -2.62 -68.34 33.63
CA ARG G 42 -3.56 -67.92 34.66
C ARG G 42 -3.95 -66.45 34.48
N ILE G 43 -5.18 -66.14 34.86
CA ILE G 43 -5.66 -64.75 34.88
C ILE G 43 -5.09 -64.09 36.13
N ILE G 44 -3.96 -63.41 35.99
CA ILE G 44 -3.28 -62.80 37.12
C ILE G 44 -3.75 -61.36 37.27
N LEU G 45 -3.59 -60.82 38.47
CA LEU G 45 -4.10 -59.52 38.84
C LEU G 45 -3.03 -58.77 39.64
N PRO G 46 -3.11 -57.43 39.70
CA PRO G 46 -2.03 -56.66 40.33
C PRO G 46 -1.84 -56.93 41.81
N ARG G 47 -0.81 -56.31 42.39
CA ARG G 47 -0.39 -56.44 43.77
C ARG G 47 -1.09 -55.42 44.65
N PRO G 48 -1.13 -55.64 45.96
CA PRO G 48 -1.72 -54.63 46.86
C PRO G 48 -0.98 -53.31 46.77
N GLY G 49 -1.72 -52.26 46.45
CA GLY G 49 -1.12 -50.95 46.28
C GLY G 49 -0.36 -50.78 44.99
N GLU G 50 -0.70 -51.56 43.96
CA GLU G 50 -0.01 -51.45 42.69
C GLU G 50 -0.27 -50.08 42.07
N PRO G 51 0.75 -49.45 41.47
CA PRO G 51 0.53 -48.17 40.80
C PRO G 51 -0.52 -48.29 39.70
N LEU G 52 -1.17 -47.16 39.40
CA LEU G 52 -2.27 -47.17 38.44
C LEU G 52 -1.79 -47.51 37.03
N ASP G 53 -0.65 -46.94 36.62
CA ASP G 53 -0.16 -47.19 35.27
C ASP G 53 0.27 -48.64 35.09
N VAL G 54 0.64 -49.32 36.16
CA VAL G 54 1.00 -50.74 36.05
C VAL G 54 -0.24 -51.61 36.00
N ARG G 55 -1.36 -51.14 36.56
CA ARG G 55 -2.60 -51.91 36.52
C ARG G 55 -3.11 -52.13 35.10
N THR G 56 -2.65 -51.32 34.14
CA THR G 56 -3.11 -51.48 32.76
C THR G 56 -2.59 -52.76 32.13
N LEU G 57 -1.49 -53.32 32.64
CA LEU G 57 -0.99 -54.59 32.13
C LEU G 57 -1.88 -55.77 32.52
N TYR G 58 -2.77 -55.58 33.49
CA TYR G 58 -3.62 -56.65 34.00
C TYR G 58 -5.09 -56.43 33.70
N VAL G 59 -5.62 -55.25 34.01
CA VAL G 59 -7.03 -54.95 33.80
C VAL G 59 -7.16 -53.59 33.14
N GLU G 60 -8.20 -53.43 32.32
CA GLU G 60 -8.55 -52.17 31.68
C GLU G 60 -9.93 -51.77 32.17
N GLU G 61 -9.96 -51.12 33.33
N GLU G 61 -9.96 -51.12 33.33
CA GLU G 61 -11.23 -50.70 33.91
CA GLU G 61 -11.23 -50.69 33.92
C GLU G 61 -11.84 -49.55 33.12
C GLU G 61 -11.84 -49.55 33.11
N SER G 62 -13.17 -49.55 33.05
CA SER G 62 -13.88 -48.49 32.36
C SER G 62 -13.89 -47.24 33.23
N ALA G 63 -13.56 -46.09 32.61
CA ALA G 63 -13.51 -44.84 33.35
C ALA G 63 -14.87 -44.43 33.91
N THR G 64 -15.96 -44.95 33.33
CA THR G 64 -17.30 -44.63 33.80
C THR G 64 -17.67 -45.38 35.08
N ASN G 65 -16.87 -46.33 35.52
CA ASN G 65 -17.17 -47.08 36.73
C ASN G 65 -17.08 -46.17 37.95
N ALA G 66 -18.05 -46.29 38.85
CA ALA G 66 -18.07 -45.47 40.05
C ALA G 66 -17.02 -45.91 41.07
N ARG G 67 -16.50 -47.12 40.96
CA ARG G 67 -15.56 -47.67 41.92
C ARG G 67 -14.48 -48.45 41.20
N ARG G 68 -13.23 -48.25 41.62
CA ARG G 68 -12.12 -49.00 41.05
C ARG G 68 -12.14 -50.44 41.54
N ALA G 69 -11.79 -51.36 40.64
CA ALA G 69 -11.77 -52.78 41.00
C ALA G 69 -10.65 -53.05 42.00
N HIS G 70 -10.96 -53.84 43.02
CA HIS G 70 -10.02 -54.20 44.07
C HIS G 70 -9.65 -55.67 43.95
N ALA G 71 -8.35 -55.95 43.91
CA ALA G 71 -7.82 -57.32 43.82
C ALA G 71 -7.39 -57.74 45.21
N ALA G 72 -8.24 -58.51 45.89
CA ALA G 72 -7.92 -58.97 47.24
C ALA G 72 -6.71 -59.89 47.25
N THR G 73 -6.52 -60.67 46.19
CA THR G 73 -5.33 -61.51 46.01
C THR G 73 -4.78 -61.25 44.62
N ARG G 74 -3.73 -62.01 44.27
CA ARG G 74 -3.13 -61.91 42.94
C ARG G 74 -3.87 -62.71 41.89
N THR G 75 -4.94 -63.43 42.26
CA THR G 75 -5.71 -64.21 41.32
C THR G 75 -7.20 -63.96 41.38
N SER G 76 -7.66 -63.03 42.22
CA SER G 76 -9.07 -62.72 42.36
C SER G 76 -9.31 -61.22 42.19
N LEU G 77 -10.48 -60.88 41.67
CA LEU G 77 -10.86 -59.48 41.47
C LEU G 77 -12.26 -59.27 42.02
N SER G 78 -12.52 -58.06 42.51
CA SER G 78 -13.81 -57.72 43.12
C SER G 78 -14.29 -56.40 42.51
N ILE G 79 -15.25 -56.47 41.60
CA ILE G 79 -15.80 -55.31 40.93
C ILE G 79 -17.21 -55.05 41.45
N GLY G 80 -17.56 -53.77 41.59
CA GLY G 80 -18.84 -53.38 42.10
C GLY G 80 -19.94 -53.46 41.05
N ALA G 81 -21.15 -53.08 41.47
CA ALA G 81 -22.31 -53.15 40.60
C ALA G 81 -22.22 -52.10 39.50
N GLU G 82 -22.74 -52.45 38.32
CA GLU G 82 -22.77 -51.58 37.14
C GLU G 82 -21.37 -51.07 36.80
N SER G 83 -20.47 -52.03 36.54
CA SER G 83 -19.10 -51.75 36.16
C SER G 83 -18.66 -52.73 35.09
N GLU G 84 -17.74 -52.29 34.24
CA GLU G 84 -17.20 -53.11 33.16
C GLU G 84 -15.70 -53.20 33.31
N VAL G 85 -15.16 -54.41 33.20
CA VAL G 85 -13.72 -54.66 33.29
C VAL G 85 -13.32 -55.48 32.08
N SER G 86 -12.42 -54.95 31.26
CA SER G 86 -11.93 -55.60 30.07
C SER G 86 -10.57 -56.23 30.35
N PHE G 87 -10.44 -57.52 30.05
CA PHE G 87 -9.18 -58.25 30.22
C PHE G 87 -8.38 -58.33 28.92
N CYS G 88 -8.55 -57.36 28.03
CA CYS G 88 -7.74 -57.28 26.81
C CYS G 88 -6.43 -56.54 27.11
N THR G 89 -5.65 -57.14 27.99
CA THR G 89 -4.42 -56.56 28.49
C THR G 89 -3.23 -57.42 28.06
N TYR G 90 -2.03 -56.99 28.47
CA TYR G 90 -0.82 -57.67 28.06
C TYR G 90 -0.68 -59.05 28.72
N PHE G 91 -1.22 -59.21 29.92
CA PHE G 91 -1.05 -60.44 30.68
C PHE G 91 -2.24 -61.39 30.59
N ASN G 92 -3.46 -60.87 30.57
CA ASN G 92 -4.66 -61.70 30.64
C ASN G 92 -5.32 -61.94 29.29
N ALA G 93 -4.65 -61.62 28.20
CA ALA G 93 -5.14 -61.91 26.86
C ALA G 93 -4.26 -62.97 26.21
N LEU G 94 -4.90 -63.90 25.49
CA LEU G 94 -4.18 -65.03 24.91
C LEU G 94 -3.74 -64.69 23.49
N PRO G 95 -2.44 -64.76 23.19
CA PRO G 95 -2.00 -64.56 21.79
C PRO G 95 -2.33 -65.77 20.92
N ALA G 96 -3.52 -65.77 20.32
CA ALA G 96 -3.99 -66.93 19.59
C ALA G 96 -3.14 -67.23 18.36
N SER G 97 -2.54 -66.20 17.76
CA SER G 97 -1.71 -66.41 16.57
C SER G 97 -0.51 -67.29 16.89
N TYR G 98 0.14 -67.05 18.04
CA TYR G 98 1.31 -67.84 18.41
C TYR G 98 0.92 -69.27 18.78
N TRP G 99 -0.21 -69.44 19.48
CA TRP G 99 -0.70 -70.76 19.81
C TRP G 99 -1.29 -71.49 18.61
N ARG G 100 -1.49 -70.80 17.49
CA ARG G 100 -1.94 -71.43 16.26
C ARG G 100 -0.79 -71.78 15.34
N ARG G 101 0.24 -70.94 15.30
CA ARG G 101 1.34 -71.11 14.36
C ARG G 101 2.34 -72.16 14.84
N TRP G 102 2.61 -72.22 16.13
CA TRP G 102 3.67 -73.07 16.66
C TRP G 102 3.18 -74.17 17.59
N SER G 103 1.88 -74.27 17.85
CA SER G 103 1.35 -75.22 18.82
C SER G 103 0.45 -76.23 18.14
N ILE G 104 0.34 -77.42 18.75
CA ILE G 104 -0.52 -78.48 18.24
C ILE G 104 -1.98 -78.33 18.65
N LEU G 105 -2.32 -77.23 19.33
CA LEU G 105 -3.68 -77.05 19.82
C LEU G 105 -4.61 -76.62 18.69
N SER G 106 -5.85 -77.11 18.74
CA SER G 106 -6.88 -76.71 17.80
C SER G 106 -7.87 -75.73 18.40
N ALA G 107 -7.88 -75.59 19.72
CA ALA G 107 -8.80 -74.66 20.40
C ALA G 107 -8.22 -74.33 21.77
N VAL G 108 -8.81 -73.32 22.40
CA VAL G 108 -8.45 -72.89 23.74
C VAL G 108 -9.71 -72.80 24.58
N VAL G 109 -9.59 -73.17 25.85
CA VAL G 109 -10.73 -73.22 26.78
C VAL G 109 -10.51 -72.17 27.87
N LEU G 110 -11.46 -71.25 28.00
CA LEU G 110 -11.43 -70.23 29.04
C LEU G 110 -12.41 -70.63 30.14
N ARG G 111 -11.88 -70.85 31.34
CA ARG G 111 -12.70 -71.25 32.48
C ARG G 111 -12.56 -70.22 33.59
N LEU G 112 -13.69 -69.76 34.12
CA LEU G 112 -13.71 -68.75 35.17
C LEU G 112 -14.66 -69.20 36.27
N GLU G 113 -14.34 -68.79 37.50
CA GLU G 113 -15.21 -69.00 38.66
C GLU G 113 -15.66 -67.63 39.15
N LEU G 114 -16.98 -67.42 39.21
CA LEU G 114 -17.54 -66.10 39.48
C LEU G 114 -18.57 -66.18 40.59
N ALA G 115 -18.61 -65.13 41.41
CA ALA G 115 -19.63 -64.96 42.43
C ALA G 115 -20.39 -63.67 42.16
N GLY G 116 -21.71 -63.76 42.13
CA GLY G 116 -22.53 -62.60 41.84
C GLY G 116 -23.38 -62.76 40.60
N HIS G 117 -23.79 -61.64 40.00
CA HIS G 117 -24.67 -61.64 38.84
C HIS G 117 -24.12 -60.69 37.80
N GLY G 118 -23.79 -61.22 36.64
CA GLY G 118 -23.25 -60.38 35.59
C GLY G 118 -23.23 -61.11 34.26
N ARG G 119 -22.32 -60.68 33.39
CA ARG G 119 -22.19 -61.28 32.07
C ARG G 119 -20.74 -61.27 31.65
N VAL G 120 -20.31 -62.34 30.98
CA VAL G 120 -18.98 -62.47 30.40
C VAL G 120 -19.11 -62.49 28.89
N ASP G 121 -18.23 -61.78 28.20
CA ASP G 121 -18.25 -61.70 26.75
C ASP G 121 -16.85 -61.97 26.21
N VAL G 122 -16.69 -63.06 25.47
CA VAL G 122 -15.41 -63.42 24.88
C VAL G 122 -15.32 -62.80 23.49
N TYR G 123 -14.28 -62.00 23.28
CA TYR G 123 -13.99 -61.36 22.01
C TYR G 123 -12.67 -61.85 21.45
N ARG G 124 -12.50 -61.69 20.14
CA ARG G 124 -11.25 -61.94 19.44
C ARG G 124 -10.92 -60.72 18.58
N SER G 125 -9.78 -60.78 17.89
CA SER G 125 -9.36 -59.68 17.03
C SER G 125 -8.65 -60.26 15.81
N LYS G 126 -8.67 -59.48 14.73
CA LYS G 126 -7.98 -59.85 13.50
C LYS G 126 -6.53 -59.38 13.57
N ALA G 127 -5.82 -59.46 12.44
CA ALA G 127 -4.42 -59.04 12.40
C ALA G 127 -4.24 -57.54 12.42
N ASP G 128 -5.32 -56.77 12.27
CA ASP G 128 -5.25 -55.31 12.27
C ASP G 128 -5.84 -54.68 13.52
N GLY G 129 -6.44 -55.46 14.41
CA GLY G 129 -6.99 -54.93 15.65
C GLY G 129 -8.50 -54.75 15.66
N SER G 130 -9.21 -55.32 14.70
CA SER G 130 -10.67 -55.21 14.66
C SER G 130 -11.29 -56.17 15.66
N ARG G 131 -12.09 -55.63 16.58
CA ARG G 131 -12.71 -56.46 17.62
C ARG G 131 -13.91 -57.20 17.03
N ILE G 132 -13.89 -58.52 17.14
CA ILE G 132 -14.96 -59.38 16.66
C ILE G 132 -15.54 -60.12 17.86
N HIS G 133 -16.82 -59.90 18.12
CA HIS G 133 -17.49 -60.58 19.24
C HIS G 133 -17.61 -62.06 18.94
N VAL G 134 -17.04 -62.89 19.82
CA VAL G 134 -17.08 -64.34 19.63
C VAL G 134 -18.32 -64.90 20.31
N GLN G 135 -18.41 -64.75 21.64
CA GLN G 135 -19.52 -65.36 22.36
C GLN G 135 -19.80 -64.57 23.63
N GLY G 136 -20.89 -64.94 24.31
CA GLY G 136 -21.27 -64.30 25.55
C GLY G 136 -22.24 -65.11 26.38
N LYS G 137 -22.08 -65.06 27.70
CA LYS G 137 -22.94 -65.81 28.61
C LYS G 137 -23.24 -64.98 29.86
N GLU G 138 -24.50 -65.00 30.28
CA GLU G 138 -24.93 -64.33 31.50
C GLU G 138 -24.87 -65.30 32.66
N PHE G 139 -24.16 -64.91 33.73
CA PHE G 139 -23.95 -65.77 34.88
C PHE G 139 -24.60 -65.19 36.12
N ALA G 140 -25.01 -66.08 37.01
CA ALA G 140 -25.59 -65.73 38.30
C ALA G 140 -25.48 -66.93 39.22
N VAL G 141 -25.07 -66.69 40.47
CA VAL G 141 -24.86 -67.77 41.41
C VAL G 141 -26.21 -68.38 41.76
N ALA G 142 -26.33 -69.69 41.57
CA ALA G 142 -27.56 -70.39 41.91
C ALA G 142 -27.80 -70.35 43.41
N PRO G 143 -29.06 -70.40 43.84
CA PRO G 143 -29.35 -70.39 45.28
C PRO G 143 -28.74 -71.60 45.98
N GLY G 144 -28.17 -71.36 47.15
CA GLY G 144 -27.53 -72.41 47.91
C GLY G 144 -26.03 -72.44 47.73
N THR G 145 -25.57 -72.41 46.48
CA THR G 145 -24.15 -72.42 46.19
C THR G 145 -23.55 -71.03 46.38
N GLU G 146 -22.22 -70.96 46.28
CA GLU G 146 -21.51 -69.69 46.44
C GLU G 146 -20.88 -69.18 45.17
N SER G 147 -20.43 -70.06 44.27
CA SER G 147 -19.77 -69.67 43.04
C SER G 147 -20.35 -70.46 41.87
N VAL G 148 -20.14 -69.94 40.67
CA VAL G 148 -20.62 -70.56 39.44
C VAL G 148 -19.48 -70.60 38.44
N SER G 149 -19.42 -71.66 37.65
CA SER G 149 -18.40 -71.82 36.63
C SER G 149 -18.91 -71.32 35.28
N VAL G 150 -18.06 -70.59 34.58
CA VAL G 150 -18.37 -70.09 33.24
C VAL G 150 -17.24 -70.54 32.32
N GLU G 151 -17.59 -71.30 31.28
CA GLU G 151 -16.60 -71.93 30.43
C GLU G 151 -16.91 -71.69 28.97
N PHE G 152 -15.88 -71.30 28.21
CA PHE G 152 -15.97 -71.11 26.77
C PHE G 152 -14.87 -71.92 26.10
N GLU G 153 -15.11 -72.28 24.84
CA GLU G 153 -14.10 -72.95 24.03
C GLU G 153 -14.09 -72.33 22.65
N THR G 154 -12.95 -71.76 22.25
CA THR G 154 -12.83 -71.05 21.00
C THR G 154 -11.72 -71.67 20.16
N ASP G 155 -12.02 -71.97 18.90
CA ASP G 155 -11.03 -72.55 18.00
C ASP G 155 -10.01 -71.50 17.58
N LEU G 156 -8.77 -71.95 17.40
CA LEU G 156 -7.67 -71.10 16.93
C LEU G 156 -7.63 -71.06 15.41
N GLY G 157 -8.76 -70.75 14.80
CA GLY G 157 -8.89 -70.75 13.36
C GLY G 157 -8.51 -69.43 12.71
N PRO G 158 -9.27 -68.37 12.97
CA PRO G 158 -9.03 -67.07 12.31
C PRO G 158 -7.93 -66.26 12.99
N PHE G 159 -6.70 -66.81 12.98
CA PHE G 159 -5.55 -66.13 13.55
C PHE G 159 -4.30 -66.45 12.74
N GLU G 160 -4.42 -66.42 11.41
CA GLU G 160 -3.31 -66.81 10.55
C GLU G 160 -2.22 -65.76 10.54
N ASP G 161 -2.60 -64.48 10.57
CA ASP G 161 -1.64 -63.39 10.57
C ASP G 161 -1.51 -62.69 11.92
N GLY G 162 -2.44 -62.92 12.84
CA GLY G 162 -2.38 -62.28 14.14
C GLY G 162 -3.71 -62.35 14.84
N GLY G 163 -3.76 -61.72 16.00
CA GLY G 163 -4.98 -61.65 16.77
C GLY G 163 -4.85 -62.15 18.20
N TRP G 164 -5.76 -61.73 19.06
CA TRP G 164 -5.81 -62.14 20.45
C TRP G 164 -7.20 -62.66 20.78
N ILE G 165 -7.32 -63.31 21.93
CA ILE G 165 -8.59 -63.76 22.47
C ILE G 165 -8.68 -63.28 23.91
N TRP G 166 -9.70 -62.50 24.23
CA TRP G 166 -9.86 -61.98 25.58
C TRP G 166 -11.33 -62.05 25.98
N PHE G 167 -11.60 -61.63 27.21
CA PHE G 167 -12.96 -61.64 27.74
C PHE G 167 -13.18 -60.40 28.59
N ASP G 168 -14.39 -59.85 28.51
CA ASP G 168 -14.81 -58.72 29.32
C ASP G 168 -15.90 -59.16 30.28
N ILE G 169 -15.92 -58.54 31.46
CA ILE G 169 -16.90 -58.84 32.50
C ILE G 169 -17.70 -57.57 32.76
N THR G 170 -19.01 -57.64 32.51
CA THR G 170 -19.92 -56.53 32.78
C THR G 170 -20.86 -56.95 33.91
N SER G 171 -20.79 -56.23 35.02
CA SER G 171 -21.51 -56.61 36.23
C SER G 171 -22.91 -56.00 36.26
N ASP G 172 -23.82 -56.71 36.92
CA ASP G 172 -25.13 -56.18 37.28
C ASP G 172 -25.19 -55.83 38.77
N THR G 173 -24.86 -56.79 39.64
CA THR G 173 -24.65 -56.56 41.05
C THR G 173 -23.15 -56.64 41.33
N ALA G 174 -22.78 -56.85 42.59
CA ALA G 174 -21.38 -57.05 42.93
C ALA G 174 -20.89 -58.36 42.34
N VAL G 175 -19.73 -58.31 41.68
CA VAL G 175 -19.17 -59.49 41.00
C VAL G 175 -17.76 -59.72 41.54
N THR G 176 -17.41 -60.99 41.71
CA THR G 176 -16.09 -61.36 42.20
C THR G 176 -15.57 -62.52 41.36
N LEU G 177 -14.48 -62.28 40.63
CA LEU G 177 -13.77 -63.33 39.91
C LEU G 177 -12.82 -64.02 40.88
N LEU G 178 -13.16 -65.25 41.29
CA LEU G 178 -12.36 -65.96 42.28
C LEU G 178 -11.08 -66.49 41.66
N ALA G 179 -11.18 -67.12 40.49
CA ALA G 179 -10.01 -67.65 39.80
C ALA G 179 -10.38 -67.91 38.34
N GLY G 180 -9.39 -67.79 37.46
CA GLY G 180 -9.60 -68.02 36.05
C GLY G 180 -8.29 -68.29 35.36
N GLY G 181 -8.40 -68.82 34.15
CA GLY G 181 -7.21 -69.13 33.37
C GLY G 181 -7.59 -69.77 32.05
N TRP G 182 -6.59 -69.87 31.18
CA TRP G 182 -6.73 -70.50 29.87
C TRP G 182 -6.22 -71.94 29.93
N TYR G 183 -6.86 -72.82 29.17
CA TYR G 183 -6.57 -74.24 29.22
C TYR G 183 -6.51 -74.81 27.82
N ALA G 184 -5.69 -75.83 27.66
CA ALA G 184 -5.58 -76.68 26.49
C ALA G 184 -6.43 -77.92 26.69
N PRO G 185 -7.22 -78.32 25.68
CA PRO G 185 -8.19 -79.42 25.87
C PRO G 185 -7.55 -80.80 25.83
N ILE G 186 -6.23 -80.85 25.81
CA ILE G 186 -5.48 -82.10 25.89
C ILE G 186 -4.41 -81.97 26.95
N GLU G 187 -3.99 -83.10 27.50
CA GLU G 187 -2.96 -83.10 28.52
C GLU G 187 -1.61 -82.69 27.92
N ALA G 188 -0.75 -82.18 28.78
CA ALA G 188 0.53 -81.63 28.34
C ALA G 188 1.53 -82.76 28.11
N PRO G 189 2.27 -82.75 27.00
CA PRO G 189 3.26 -83.82 26.76
C PRO G 189 4.41 -83.73 27.74
N GLY G 190 4.90 -84.90 28.16
CA GLY G 190 6.04 -84.97 29.04
C GLY G 190 5.69 -84.62 30.48
N ALA G 191 6.74 -84.35 31.26
CA ALA G 191 6.58 -83.99 32.66
C ALA G 191 6.64 -82.50 32.92
N GLY G 192 7.36 -81.75 32.10
CA GLY G 192 7.45 -80.31 32.29
C GLY G 192 8.47 -79.87 33.30
N THR G 193 9.46 -80.71 33.62
CA THR G 193 10.50 -80.32 34.56
C THR G 193 11.45 -79.31 33.92
N ILE G 194 11.84 -78.29 34.69
CA ILE G 194 12.69 -77.22 34.20
C ILE G 194 13.84 -77.02 35.16
N ALA G 195 15.02 -76.75 34.62
CA ALA G 195 16.20 -76.40 35.38
C ALA G 195 16.56 -74.95 35.05
N CYS G 196 16.43 -74.07 36.04
CA CYS G 196 16.72 -72.66 35.86
C CYS G 196 18.21 -72.38 36.01
N GLY G 197 18.64 -71.27 35.44
CA GLY G 197 20.05 -70.88 35.53
C GLY G 197 20.30 -69.40 35.35
N MET G 198 21.00 -68.79 36.30
CA MET G 198 21.22 -67.35 36.33
C MET G 198 22.70 -67.06 36.58
N PRO G 199 23.44 -66.58 35.59
CA PRO G 199 24.80 -66.10 35.86
C PRO G 199 24.76 -64.77 36.61
N THR G 200 25.70 -64.59 37.54
CA THR G 200 25.73 -63.39 38.36
C THR G 200 27.17 -62.92 38.49
N PHE G 201 27.32 -61.61 38.75
CA PHE G 201 28.65 -61.02 38.95
C PHE G 201 28.48 -59.82 39.88
N ASN G 202 28.77 -60.03 41.17
CA ASN G 202 28.78 -58.96 42.17
C ASN G 202 27.41 -58.29 42.29
N ARG G 203 26.34 -59.09 42.20
CA ARG G 203 24.97 -58.61 42.39
C ARG G 203 24.26 -59.56 43.34
N PRO G 204 24.59 -59.51 44.63
CA PRO G 204 24.00 -60.47 45.58
C PRO G 204 22.57 -60.14 45.98
N THR G 205 22.27 -58.85 46.17
CA THR G 205 20.93 -58.46 46.61
C THR G 205 19.88 -58.81 45.56
N ASP G 206 20.14 -58.42 44.30
CA ASP G 206 19.20 -58.71 43.23
C ASP G 206 19.06 -60.21 43.00
N LEU G 207 20.15 -60.96 43.15
CA LEU G 207 20.07 -62.40 42.97
C LEU G 207 19.27 -63.06 44.08
N VAL G 208 19.40 -62.56 45.32
CA VAL G 208 18.59 -63.09 46.42
C VAL G 208 17.12 -62.78 46.19
N LYS G 209 16.82 -61.56 45.73
CA LYS G 209 15.43 -61.23 45.41
C LYS G 209 14.90 -62.12 44.28
N THR G 210 15.74 -62.41 43.28
CA THR G 210 15.33 -63.28 42.19
C THR G 210 15.06 -64.70 42.68
N LEU G 211 15.90 -65.21 43.57
CA LEU G 211 15.67 -66.54 44.14
C LEU G 211 14.38 -66.57 44.95
N GLY G 212 14.13 -65.53 45.74
CA GLY G 212 12.89 -65.47 46.49
C GLY G 212 11.66 -65.44 45.58
N ALA G 213 11.71 -64.65 44.51
CA ALA G 213 10.60 -64.60 43.58
C ALA G 213 10.42 -65.93 42.85
N LEU G 214 11.54 -66.61 42.54
CA LEU G 214 11.45 -67.90 41.87
C LEU G 214 10.86 -68.97 42.79
N GLY G 215 11.11 -68.87 44.09
CA GLY G 215 10.56 -69.81 45.04
C GLY G 215 9.25 -69.40 45.68
N SER G 216 8.70 -68.23 45.34
CA SER G 216 7.48 -67.76 45.99
C SER G 216 6.22 -68.45 45.46
N ASP G 217 6.23 -68.91 44.20
CA ASP G 217 5.04 -69.48 43.60
C ASP G 217 5.10 -70.99 43.69
N PRO G 218 4.12 -71.65 44.33
CA PRO G 218 4.19 -73.12 44.42
C PRO G 218 3.96 -73.81 43.09
N LEU G 219 3.11 -73.26 42.21
CA LEU G 219 2.90 -73.87 40.90
C LEU G 219 4.17 -73.84 40.06
N VAL G 220 5.06 -72.89 40.31
CA VAL G 220 6.33 -72.84 39.59
C VAL G 220 7.34 -73.79 40.20
N LEU G 221 7.40 -73.83 41.54
CA LEU G 221 8.31 -74.75 42.21
C LEU G 221 7.96 -76.21 41.93
N GLY G 222 6.68 -76.50 41.70
CA GLY G 222 6.28 -77.86 41.37
C GLY G 222 6.88 -78.38 40.09
N GLN G 223 7.36 -77.48 39.22
CA GLN G 223 8.02 -77.86 37.98
C GLN G 223 9.52 -77.66 37.99
N VAL G 224 10.04 -76.85 38.91
CA VAL G 224 11.47 -76.57 38.97
C VAL G 224 12.18 -77.73 39.65
N ALA G 225 13.17 -78.31 38.96
CA ALA G 225 13.98 -79.38 39.52
C ALA G 225 15.37 -78.91 39.95
N ALA G 226 15.84 -77.79 39.44
CA ALA G 226 17.16 -77.27 39.79
C ALA G 226 17.18 -75.77 39.57
N VAL G 227 17.97 -75.08 40.39
CA VAL G 227 18.18 -73.64 40.29
C VAL G 227 19.69 -73.43 40.31
N ILE G 228 20.30 -73.25 39.14
CA ILE G 228 21.74 -73.19 39.01
C ILE G 228 22.19 -71.74 39.02
N VAL G 229 23.25 -71.47 39.78
CA VAL G 229 23.84 -70.13 39.87
C VAL G 229 25.32 -70.26 39.55
N ALA G 230 25.83 -69.37 38.71
CA ALA G 230 27.24 -69.32 38.34
C ALA G 230 27.83 -68.02 38.88
N ASP G 231 28.33 -68.08 40.12
CA ASP G 231 28.85 -66.89 40.79
C ASP G 231 30.23 -66.58 40.24
N GLN G 232 30.34 -65.50 39.47
CA GLN G 232 31.59 -65.12 38.81
C GLN G 232 32.25 -63.90 39.43
N GLY G 233 31.72 -63.36 40.53
CA GLY G 233 32.25 -62.18 41.16
C GLY G 233 32.94 -62.46 42.47
N ASN G 234 33.44 -61.38 43.08
CA ASN G 234 34.10 -61.49 44.38
C ASN G 234 33.08 -61.55 45.51
N ARG G 235 32.11 -60.65 45.50
CA ARG G 235 31.03 -60.70 46.49
C ARG G 235 30.10 -61.87 46.17
N LYS G 236 29.97 -62.80 47.11
CA LYS G 236 29.20 -64.01 46.88
C LYS G 236 27.76 -63.83 47.38
N VAL G 237 26.86 -64.56 46.72
CA VAL G 237 25.44 -64.50 47.10
C VAL G 237 25.20 -65.22 48.42
N VAL G 238 26.06 -66.20 48.75
CA VAL G 238 25.88 -66.98 49.97
C VAL G 238 26.06 -66.12 51.22
N ASP G 239 26.76 -64.99 51.10
CA ASP G 239 27.01 -64.11 52.24
C ASP G 239 26.11 -62.88 52.24
N GLU G 240 24.98 -62.92 51.52
CA GLU G 240 24.04 -61.81 51.47
C GLU G 240 22.90 -62.04 52.45
N PRO G 241 22.54 -61.05 53.26
CA PRO G 241 21.39 -61.22 54.16
C PRO G 241 20.11 -61.48 53.38
N GLY G 242 19.30 -62.39 53.90
CA GLY G 242 18.11 -62.84 53.21
C GLY G 242 18.31 -64.02 52.30
N PHE G 243 19.54 -64.54 52.18
CA PHE G 243 19.81 -65.67 51.30
C PHE G 243 19.39 -67.00 51.92
N ASP G 244 19.52 -67.14 53.24
CA ASP G 244 19.24 -68.42 53.87
C ASP G 244 17.77 -68.79 53.76
N GLU G 245 16.87 -67.80 53.87
CA GLU G 245 15.45 -68.10 53.77
C GLU G 245 15.07 -68.56 52.36
N ALA G 246 15.56 -67.86 51.35
CA ALA G 246 15.30 -68.26 49.97
C ALA G 246 15.91 -69.62 49.67
N ALA G 247 17.09 -69.88 50.22
CA ALA G 247 17.74 -71.19 50.02
C ALA G 247 16.92 -72.30 50.67
N ALA G 248 16.39 -72.05 51.88
CA ALA G 248 15.56 -73.05 52.55
C ALA G 248 14.25 -73.27 51.82
N VAL G 249 13.71 -72.22 51.20
CA VAL G 249 12.48 -72.39 50.41
C VAL G 249 12.77 -73.21 49.15
N LEU G 250 13.89 -72.93 48.49
CA LEU G 250 14.22 -73.67 47.26
C LEU G 250 14.62 -75.11 47.56
N GLY G 251 15.18 -75.38 48.73
CA GLY G 251 15.58 -76.73 49.08
C GLY G 251 16.89 -77.15 48.44
N ASP G 252 16.95 -78.40 47.99
CA ASP G 252 18.13 -78.95 47.34
C ASP G 252 18.21 -78.62 45.86
N ARG G 253 17.32 -77.75 45.36
CA ARG G 253 17.40 -77.33 43.97
C ARG G 253 18.56 -76.38 43.73
N LEU G 254 18.89 -75.56 44.72
CA LEU G 254 19.90 -74.52 44.55
C LEU G 254 21.28 -75.15 44.41
N VAL G 255 21.95 -74.87 43.29
CA VAL G 255 23.27 -75.39 42.98
C VAL G 255 24.12 -74.20 42.58
N ILE G 256 24.98 -73.74 43.49
CA ILE G 256 25.84 -72.58 43.25
C ILE G 256 27.23 -73.08 42.91
N ARG G 257 27.83 -72.51 41.85
CA ARG G 257 29.16 -72.89 41.39
C ARG G 257 30.01 -71.65 41.23
N ASP G 258 31.23 -71.69 41.76
CA ASP G 258 32.18 -70.60 41.64
C ASP G 258 33.09 -70.83 40.45
N GLN G 259 33.38 -69.75 39.73
CA GLN G 259 34.27 -69.79 38.57
C GLN G 259 34.73 -68.38 38.26
N PRO G 260 35.86 -68.22 37.58
CA PRO G 260 36.30 -66.88 37.18
C PRO G 260 35.28 -66.20 36.27
N ASN G 261 35.35 -64.87 36.26
CA ASN G 261 34.42 -64.06 35.47
C ASN G 261 34.66 -64.32 33.99
N LEU G 262 33.81 -65.14 33.39
CA LEU G 262 33.86 -65.42 31.96
C LEU G 262 32.78 -64.71 31.18
N GLY G 263 32.16 -63.69 31.78
CA GLY G 263 31.10 -62.96 31.12
C GLY G 263 29.80 -63.75 31.04
N GLY G 264 28.84 -63.17 30.32
CA GLY G 264 27.56 -63.82 30.14
C GLY G 264 27.69 -65.14 29.39
N SER G 265 28.54 -65.17 28.37
CA SER G 265 28.74 -66.40 27.61
C SER G 265 29.21 -67.53 28.52
N GLY G 266 30.27 -67.28 29.31
CA GLY G 266 30.77 -68.30 30.20
C GLY G 266 29.77 -68.69 31.29
N GLY G 267 29.06 -67.69 31.83
CA GLY G 267 28.08 -68.00 32.87
C GLY G 267 26.95 -68.88 32.37
N TYR G 268 26.35 -68.50 31.23
CA TYR G 268 25.27 -69.31 30.68
C TYR G 268 25.78 -70.66 30.18
N SER G 269 27.01 -70.73 29.69
CA SER G 269 27.57 -72.02 29.29
C SER G 269 27.75 -72.94 30.49
N ARG G 270 28.22 -72.40 31.62
CA ARG G 270 28.34 -73.19 32.83
C ARG G 270 26.96 -73.63 33.33
N VAL G 271 25.97 -72.75 33.23
CA VAL G 271 24.60 -73.12 33.61
C VAL G 271 24.12 -74.30 32.77
N MET G 272 24.29 -74.21 31.45
CA MET G 272 23.85 -75.29 30.58
C MET G 272 24.63 -76.57 30.84
N TYR G 273 25.93 -76.46 31.10
CA TYR G 273 26.75 -77.62 31.40
C TYR G 273 26.24 -78.33 32.65
N GLU G 274 26.01 -77.57 33.73
CA GLU G 274 25.51 -78.17 34.96
C GLU G 274 24.12 -78.78 34.75
N ALA G 275 23.26 -78.10 33.99
CA ALA G 275 21.90 -78.62 33.79
C ALA G 275 21.92 -79.91 32.97
N LEU G 276 22.81 -80.01 31.99
CA LEU G 276 22.88 -81.22 31.18
C LEU G 276 23.66 -82.34 31.85
N LYS G 277 24.51 -82.02 32.82
CA LYS G 277 25.31 -83.05 33.47
C LYS G 277 24.66 -83.62 34.73
N ASN G 278 24.19 -82.75 35.63
CA ASN G 278 23.80 -83.18 36.96
C ASN G 278 22.30 -83.12 37.22
N THR G 279 21.48 -82.73 36.25
CA THR G 279 20.04 -82.71 36.43
C THR G 279 19.37 -83.48 35.29
N ASP G 280 18.13 -83.90 35.55
CA ASP G 280 17.34 -84.65 34.59
C ASP G 280 16.13 -83.86 34.10
N ALA G 281 16.25 -82.54 34.06
CA ALA G 281 15.14 -81.69 33.64
C ALA G 281 14.92 -81.80 32.13
N GLU G 282 13.73 -81.39 31.69
CA GLU G 282 13.38 -81.44 30.28
C GLU G 282 13.68 -80.13 29.55
N TYR G 283 13.73 -79.01 30.26
CA TYR G 283 13.97 -77.71 29.64
C TYR G 283 14.88 -76.89 30.52
N ILE G 284 15.89 -76.26 29.92
CA ILE G 284 16.75 -75.30 30.59
C ILE G 284 16.11 -73.93 30.47
N VAL G 285 16.15 -73.16 31.56
CA VAL G 285 15.54 -71.84 31.61
C VAL G 285 16.65 -70.84 31.93
N TYR G 286 17.18 -70.21 30.90
CA TYR G 286 18.12 -69.10 31.10
C TYR G 286 17.39 -67.90 31.67
N MET G 287 17.91 -67.37 32.76
CA MET G 287 17.40 -66.15 33.37
C MET G 287 18.58 -65.22 33.66
N ASP G 288 18.25 -63.98 34.04
CA ASP G 288 19.25 -63.01 34.43
C ASP G 288 19.13 -62.73 35.93
N ASP G 289 20.28 -62.49 36.57
CA ASP G 289 20.31 -62.32 38.01
C ASP G 289 19.63 -61.04 38.47
N ASP G 290 19.46 -60.05 37.58
CA ASP G 290 18.89 -58.77 37.97
C ASP G 290 17.58 -58.48 37.24
N ILE G 291 16.61 -59.39 37.37
CA ILE G 291 15.29 -59.20 36.76
C ILE G 291 14.22 -59.40 37.83
N GLU G 292 13.10 -58.70 37.65
CA GLU G 292 11.92 -58.91 38.48
C GLU G 292 11.03 -59.92 37.77
N ILE G 293 10.87 -61.10 38.36
CA ILE G 293 10.23 -62.23 37.71
C ILE G 293 8.73 -62.16 37.93
N GLU G 294 7.97 -62.27 36.84
CA GLU G 294 6.55 -62.60 36.92
C GLU G 294 6.43 -64.12 36.92
N PRO G 295 6.06 -64.74 38.03
CA PRO G 295 6.18 -66.21 38.12
C PRO G 295 5.33 -66.97 37.12
N ASP G 296 4.17 -66.44 36.74
CA ASP G 296 3.32 -67.17 35.78
C ASP G 296 3.89 -67.14 34.37
N SER G 297 4.79 -66.21 34.07
CA SER G 297 5.42 -66.17 32.75
C SER G 297 6.24 -67.43 32.52
N ILE G 298 6.89 -67.95 33.56
CA ILE G 298 7.67 -69.18 33.44
C ILE G 298 6.76 -70.33 33.04
N LEU G 299 5.62 -70.46 33.70
CA LEU G 299 4.68 -71.53 33.37
C LEU G 299 4.10 -71.35 31.98
N ARG G 300 3.86 -70.10 31.56
CA ARG G 300 3.37 -69.86 30.21
C ARG G 300 4.38 -70.30 29.16
N ALA G 301 5.64 -69.91 29.34
CA ALA G 301 6.68 -70.34 28.41
C ALA G 301 6.84 -71.85 28.41
N LEU G 302 6.73 -72.47 29.59
CA LEU G 302 6.84 -73.92 29.67
C LEU G 302 5.70 -74.61 28.91
N ALA G 303 4.48 -74.14 29.11
CA ALA G 303 3.33 -74.72 28.42
C ALA G 303 3.44 -74.52 26.92
N PHE G 304 3.98 -73.37 26.48
CA PHE G 304 4.15 -73.16 25.05
C PHE G 304 5.26 -74.05 24.48
N ALA G 305 6.30 -74.33 25.26
CA ALA G 305 7.36 -75.20 24.78
C ALA G 305 6.91 -76.66 24.74
N ARG G 306 6.01 -77.06 25.64
CA ARG G 306 5.58 -78.46 25.69
C ARG G 306 4.60 -78.77 24.56
N PHE G 307 3.60 -77.90 24.36
CA PHE G 307 2.59 -78.11 23.34
C PHE G 307 3.07 -77.75 21.94
N ALA G 308 4.35 -77.45 21.77
CA ALA G 308 4.86 -77.06 20.46
C ALA G 308 4.80 -78.23 19.49
N LYS G 309 4.69 -77.90 18.20
CA LYS G 309 4.70 -78.93 17.16
C LYS G 309 6.04 -79.64 17.12
N SER G 310 7.12 -78.89 16.93
CA SER G 310 8.48 -79.39 16.96
C SER G 310 9.24 -78.67 18.08
N PRO G 311 10.36 -79.25 18.55
CA PRO G 311 11.14 -78.57 19.59
C PRO G 311 11.57 -77.18 19.14
N MET G 312 11.43 -76.22 20.05
CA MET G 312 11.70 -74.83 19.72
C MET G 312 12.10 -74.08 20.98
N LEU G 313 12.74 -72.93 20.78
CA LEU G 313 13.20 -72.09 21.87
C LEU G 313 12.15 -71.02 22.16
N VAL G 314 11.43 -71.20 23.27
CA VAL G 314 10.35 -70.28 23.65
C VAL G 314 10.96 -69.24 24.60
N GLY G 315 11.24 -68.05 24.07
CA GLY G 315 11.77 -66.97 24.87
C GLY G 315 10.69 -66.00 25.31
N GLY G 316 11.03 -65.20 26.31
CA GLY G 316 10.08 -64.24 26.86
C GLY G 316 10.43 -62.80 26.54
N GLN G 317 9.44 -61.91 26.67
CA GLN G 317 9.66 -60.51 26.38
C GLN G 317 10.23 -59.80 27.59
N MET G 318 10.57 -58.52 27.40
CA MET G 318 11.18 -57.71 28.45
C MET G 318 10.35 -56.46 28.67
N LEU G 319 9.80 -56.32 29.87
CA LEU G 319 9.17 -55.08 30.30
C LEU G 319 10.21 -54.22 30.99
N ASN G 320 10.15 -52.91 30.73
CA ASN G 320 11.15 -52.00 31.26
C ASN G 320 11.07 -51.94 32.78
N LEU G 321 12.21 -52.16 33.45
CA LEU G 321 12.22 -52.15 34.91
C LEU G 321 12.02 -50.74 35.46
N GLN G 322 12.49 -49.72 34.74
CA GLN G 322 12.34 -48.34 35.20
C GLN G 322 10.97 -47.77 34.88
N GLU G 323 10.36 -48.21 33.77
CA GLU G 323 8.98 -47.89 33.42
C GLU G 323 8.24 -49.21 33.29
N ARG G 324 7.70 -49.68 34.41
CA ARG G 324 7.12 -51.02 34.50
C ARG G 324 5.89 -51.21 33.62
N SER G 325 5.28 -50.14 33.12
CA SER G 325 4.13 -50.25 32.24
C SER G 325 4.52 -50.27 30.76
N HIS G 326 5.82 -50.36 30.46
CA HIS G 326 6.31 -50.30 29.09
C HIS G 326 6.83 -51.66 28.66
N LEU G 327 6.54 -52.03 27.41
CA LEU G 327 7.10 -53.23 26.79
C LEU G 327 8.21 -52.78 25.84
N HIS G 328 9.41 -53.33 26.03
CA HIS G 328 10.55 -52.87 25.24
C HIS G 328 10.42 -53.25 23.78
N SER G 329 10.26 -54.54 23.49
CA SER G 329 10.24 -55.00 22.11
C SER G 329 9.32 -56.21 21.98
N MET G 330 8.62 -56.28 20.84
CA MET G 330 7.82 -57.45 20.51
C MET G 330 8.66 -58.57 19.90
N GLY G 331 9.80 -58.24 19.32
CA GLY G 331 10.65 -59.25 18.72
C GLY G 331 11.87 -58.61 18.09
N GLU G 332 12.88 -59.44 17.88
CA GLU G 332 14.16 -59.00 17.33
C GLU G 332 14.56 -59.91 16.18
N VAL G 333 15.03 -59.30 15.09
CA VAL G 333 15.59 -60.04 13.97
C VAL G 333 16.99 -59.51 13.71
N VAL G 334 17.62 -59.99 12.64
CA VAL G 334 18.94 -59.50 12.23
C VAL G 334 18.92 -59.25 10.74
N ASP G 335 19.26 -58.02 10.35
CA ASP G 335 19.40 -57.69 8.94
C ASP G 335 20.63 -58.39 8.38
N ARG G 336 20.44 -59.10 7.26
CA ARG G 336 21.49 -59.89 6.65
C ARG G 336 22.33 -59.11 5.64
N GLY G 337 21.82 -57.98 5.14
CA GLY G 337 22.60 -57.18 4.20
C GLY G 337 23.87 -56.63 4.83
N ILE G 338 23.72 -55.96 5.98
CA ILE G 338 24.86 -55.48 6.75
C ILE G 338 25.10 -56.31 7.99
N PHE G 339 24.29 -57.33 8.24
CA PHE G 339 24.40 -58.21 9.39
C PHE G 339 24.38 -57.42 10.70
N MET G 340 23.19 -56.99 11.13
CA MET G 340 23.06 -56.20 12.35
C MET G 340 21.70 -56.47 12.96
N TRP G 341 21.69 -56.72 14.28
CA TRP G 341 20.43 -57.02 14.95
C TRP G 341 19.58 -55.77 15.04
N THR G 342 18.28 -55.93 14.83
CA THR G 342 17.34 -54.81 14.77
C THR G 342 15.95 -55.32 15.16
N SER G 343 14.99 -54.40 15.17
CA SER G 343 13.62 -54.77 15.47
C SER G 343 13.01 -55.56 14.32
N ALA G 344 12.13 -56.49 14.67
CA ALA G 344 11.44 -57.29 13.67
C ALA G 344 10.49 -56.42 12.86
N PRO G 345 10.05 -56.89 11.69
CA PRO G 345 9.03 -56.15 10.93
C PRO G 345 7.77 -55.95 11.76
N ASN G 346 7.20 -54.75 11.63
CA ASN G 346 6.01 -54.35 12.38
C ASN G 346 6.24 -54.43 13.89
N VAL G 347 7.41 -53.95 14.32
CA VAL G 347 7.78 -53.89 15.73
C VAL G 347 8.35 -52.51 16.02
N GLU G 348 7.75 -51.81 16.97
CA GLU G 348 8.23 -50.50 17.41
C GLU G 348 8.64 -50.59 18.87
N TYR G 349 9.85 -50.11 19.18
CA TYR G 349 10.35 -50.18 20.55
C TYR G 349 9.55 -49.29 21.47
N ASP G 350 9.55 -49.66 22.76
CA ASP G 350 8.93 -48.88 23.84
C ASP G 350 7.46 -48.64 23.58
N HIS G 351 6.61 -49.55 24.04
CA HIS G 351 5.16 -49.42 23.93
C HIS G 351 4.57 -49.26 25.33
N ASP G 352 3.94 -48.11 25.57
CA ASP G 352 3.35 -47.81 26.87
C ASP G 352 1.89 -48.24 26.85
N PHE G 353 1.58 -49.30 27.58
CA PHE G 353 0.20 -49.78 27.66
C PHE G 353 -0.68 -48.87 28.51
N ALA G 354 -0.09 -48.10 29.43
CA ALA G 354 -0.88 -47.19 30.26
C ALA G 354 -1.44 -46.05 29.42
N LYS G 355 -0.69 -45.58 28.43
CA LYS G 355 -1.16 -44.51 27.55
C LYS G 355 -1.88 -45.05 26.32
N HIS G 356 -1.38 -46.14 25.74
CA HIS G 356 -1.94 -46.75 24.54
C HIS G 356 -2.26 -48.21 24.84
N PRO G 357 -3.46 -48.51 25.34
CA PRO G 357 -3.81 -49.89 25.65
C PRO G 357 -3.96 -50.74 24.39
N LEU G 358 -4.11 -52.04 24.61
CA LEU G 358 -4.23 -52.98 23.50
C LEU G 358 -5.47 -52.75 22.65
N LYS G 359 -6.50 -52.12 23.21
CA LYS G 359 -7.72 -51.84 22.47
C LYS G 359 -7.58 -50.64 21.53
N ASP G 360 -6.55 -49.82 21.72
CA ASP G 360 -6.34 -48.64 20.87
C ASP G 360 -5.88 -49.09 19.50
N ARG G 361 -6.78 -49.04 18.51
CA ARG G 361 -6.45 -49.50 17.17
C ARG G 361 -5.52 -48.53 16.44
N ASP G 362 -5.36 -47.30 16.93
CA ASP G 362 -4.50 -46.33 16.26
C ASP G 362 -3.04 -46.45 16.67
N ASN G 363 -2.77 -46.76 17.93
CA ASN G 363 -1.41 -46.81 18.44
C ASN G 363 -0.97 -48.20 18.87
N SER G 364 -1.83 -49.21 18.75
CA SER G 364 -1.49 -50.57 19.18
C SER G 364 -1.89 -51.61 18.15
N LYS G 365 -2.07 -51.21 16.88
CA LYS G 365 -2.45 -52.16 15.84
C LYS G 365 -1.32 -53.16 15.58
N LEU G 366 -0.07 -52.70 15.61
CA LEU G 366 1.06 -53.58 15.34
C LEU G 366 1.18 -54.70 16.37
N LEU G 367 0.64 -54.51 17.58
CA LEU G 367 0.65 -55.56 18.58
C LEU G 367 -0.30 -56.71 18.25
N HIS G 368 -1.21 -56.51 17.29
CA HIS G 368 -2.16 -57.55 16.90
C HIS G 368 -1.66 -58.42 15.75
N ARG G 369 -0.37 -58.35 15.43
CA ARG G 369 0.23 -59.18 14.41
C ARG G 369 1.18 -60.19 15.04
N ARG G 370 1.32 -61.34 14.38
CA ARG G 370 2.24 -62.37 14.84
C ARG G 370 3.65 -62.01 14.39
N ILE G 371 4.56 -61.87 15.35
CA ILE G 371 5.92 -61.44 15.09
C ILE G 371 6.82 -62.66 15.00
N ASP G 372 7.48 -62.83 13.86
CA ASP G 372 8.47 -63.88 13.67
C ASP G 372 9.86 -63.31 13.94
N VAL G 373 10.62 -64.00 14.80
CA VAL G 373 11.92 -63.50 15.24
C VAL G 373 13.00 -64.47 14.81
N ASP G 374 14.25 -63.99 14.86
CA ASP G 374 15.42 -64.80 14.56
C ASP G 374 16.11 -65.33 15.80
N PHE G 375 16.03 -64.60 16.91
CA PHE G 375 16.63 -65.03 18.17
C PHE G 375 15.86 -64.39 19.32
N ASN G 376 16.27 -64.73 20.54
CA ASN G 376 15.65 -64.16 21.72
C ASN G 376 16.72 -64.00 22.80
N GLY G 377 16.57 -62.95 23.61
CA GLY G 377 17.51 -62.69 24.68
C GLY G 377 17.48 -63.77 25.76
N TRP G 378 18.52 -63.75 26.59
CA TRP G 378 18.68 -64.74 27.64
C TRP G 378 18.27 -64.24 29.01
N TRP G 379 17.54 -63.11 29.07
CA TRP G 379 16.95 -62.70 30.34
C TRP G 379 15.87 -63.68 30.79
N THR G 380 15.15 -64.26 29.83
CA THR G 380 14.21 -65.35 30.10
C THR G 380 14.07 -66.14 28.81
N CYS G 381 14.65 -67.34 28.76
CA CYS G 381 14.64 -68.12 27.54
C CYS G 381 14.57 -69.62 27.87
N VAL G 382 13.65 -70.33 27.24
CA VAL G 382 13.47 -71.76 27.45
C VAL G 382 14.11 -72.50 26.28
N ILE G 383 15.06 -73.37 26.58
CA ILE G 383 15.73 -74.19 25.59
C ILE G 383 15.45 -75.65 25.92
N PRO G 384 14.90 -76.43 25.00
CA PRO G 384 14.66 -77.86 25.30
C PRO G 384 15.97 -78.60 25.49
N ARG G 385 15.91 -79.66 26.29
CA ARG G 385 17.12 -80.43 26.59
C ARG G 385 17.67 -81.09 25.32
N GLN G 386 16.80 -81.54 24.43
CA GLN G 386 17.24 -82.13 23.17
C GLN G 386 18.03 -81.12 22.34
N VAL G 387 17.50 -79.91 22.20
CA VAL G 387 18.18 -78.88 21.42
C VAL G 387 19.51 -78.53 22.05
N ALA G 388 19.55 -78.40 23.38
CA ALA G 388 20.80 -78.04 24.05
C ALA G 388 21.85 -79.12 23.89
N GLU G 389 21.45 -80.39 24.01
CA GLU G 389 22.41 -81.48 23.85
C GLU G 389 22.86 -81.63 22.40
N GLN G 390 22.01 -81.25 21.45
CA GLN G 390 22.36 -81.47 20.04
C GLN G 390 23.21 -80.32 19.49
N ILE G 391 22.71 -79.09 19.56
CA ILE G 391 23.39 -78.00 18.88
C ILE G 391 24.65 -77.58 19.63
N GLY G 392 24.72 -77.83 20.93
CA GLY G 392 25.92 -77.62 21.71
C GLY G 392 25.81 -76.42 22.64
N GLN G 393 26.98 -76.03 23.18
CA GLN G 393 27.15 -74.96 24.14
C GLN G 393 27.27 -73.61 23.46
N PRO G 394 27.01 -72.52 24.17
CA PRO G 394 27.21 -71.19 23.59
C PRO G 394 28.68 -70.94 23.29
N LEU G 395 28.92 -70.02 22.36
CA LEU G 395 30.27 -69.69 21.96
C LEU G 395 30.97 -68.85 23.04
N PRO G 396 32.29 -68.99 23.18
CA PRO G 396 33.05 -68.15 24.12
C PRO G 396 33.29 -66.74 23.60
N LEU G 397 32.25 -65.91 23.72
CA LEU G 397 32.29 -64.54 23.24
C LEU G 397 32.29 -63.50 24.35
N PHE G 398 32.29 -63.94 25.61
CA PHE G 398 32.22 -63.09 26.79
C PHE G 398 30.88 -62.36 26.87
N LEU G 399 30.71 -61.31 26.05
CA LEU G 399 29.48 -60.54 26.04
C LEU G 399 29.12 -60.17 24.61
N LYS G 400 27.82 -60.01 24.35
CA LYS G 400 27.26 -59.54 23.09
C LYS G 400 27.36 -60.58 21.97
N TRP G 401 26.32 -60.64 21.14
CA TRP G 401 26.26 -61.48 19.95
C TRP G 401 26.35 -62.97 20.25
N ASP G 402 26.06 -63.36 21.49
CA ASP G 402 26.04 -64.79 21.83
C ASP G 402 24.65 -65.38 21.69
N ASP G 403 23.63 -64.68 22.18
CA ASP G 403 22.25 -65.16 22.00
C ASP G 403 21.85 -65.15 20.53
N VAL G 404 22.35 -64.18 19.76
CA VAL G 404 22.04 -64.13 18.33
C VAL G 404 22.61 -65.36 17.63
N GLU G 405 23.87 -65.67 17.90
CA GLU G 405 24.50 -66.83 17.29
C GLU G 405 23.82 -68.12 17.73
N TYR G 406 23.41 -68.19 19.01
CA TYR G 406 22.73 -69.39 19.48
C TYR G 406 21.39 -69.57 18.79
N GLY G 407 20.63 -68.48 18.63
CA GLY G 407 19.37 -68.58 17.90
C GLY G 407 19.55 -68.96 16.45
N LEU G 408 20.59 -68.41 15.81
CA LEU G 408 20.86 -68.75 14.42
C LEU G 408 21.25 -70.21 14.27
N ARG G 409 22.08 -70.72 15.19
CA ARG G 409 22.44 -72.13 15.15
C ARG G 409 21.22 -73.02 15.38
N ALA G 410 20.38 -72.65 16.33
CA ALA G 410 19.15 -73.40 16.56
C ALA G 410 18.27 -73.42 15.32
N ARG G 411 18.13 -72.28 14.66
CA ARG G 411 17.32 -72.23 13.43
C ARG G 411 17.95 -73.08 12.33
N ASP G 412 19.28 -73.07 12.23
CA ASP G 412 19.94 -73.91 11.24
C ASP G 412 19.76 -75.39 11.53
N HIS G 413 19.61 -75.76 12.81
CA HIS G 413 19.37 -77.15 13.18
C HIS G 413 17.88 -77.50 13.25
N GLY G 414 17.02 -76.71 12.61
CA GLY G 414 15.61 -77.02 12.55
C GLY G 414 14.82 -76.70 13.80
N TYR G 415 15.38 -75.88 14.70
CA TYR G 415 14.69 -75.50 15.94
C TYR G 415 14.44 -74.00 15.94
N PRO G 416 13.23 -73.56 15.63
CA PRO G 416 12.95 -72.11 15.59
C PRO G 416 12.91 -71.52 16.99
N THR G 417 12.94 -70.20 17.03
CA THR G 417 12.86 -69.44 18.27
C THR G 417 11.66 -68.50 18.19
N VAL G 418 10.86 -68.45 19.25
CA VAL G 418 9.64 -67.66 19.29
C VAL G 418 9.62 -66.83 20.57
N THR G 419 9.40 -65.53 20.42
CA THR G 419 9.23 -64.62 21.55
C THR G 419 7.75 -64.56 21.90
N LEU G 420 7.38 -65.15 23.03
CA LEU G 420 5.97 -65.30 23.38
C LEU G 420 5.46 -64.08 24.12
N PRO G 421 4.49 -63.34 23.59
CA PRO G 421 3.90 -62.24 24.35
C PRO G 421 3.13 -62.75 25.56
N GLY G 422 2.96 -61.88 26.56
CA GLY G 422 2.34 -62.24 27.80
C GLY G 422 3.28 -62.88 28.81
N ALA G 423 4.28 -63.62 28.34
CA ALA G 423 5.30 -64.19 29.21
C ALA G 423 6.52 -63.27 29.17
N ALA G 424 6.68 -62.46 30.21
CA ALA G 424 7.75 -61.48 30.23
C ALA G 424 8.23 -61.27 31.66
N VAL G 425 9.41 -60.66 31.78
CA VAL G 425 9.99 -60.27 33.05
C VAL G 425 10.44 -58.82 32.94
N TRP G 426 10.64 -58.19 34.10
CA TRP G 426 11.08 -56.80 34.16
C TRP G 426 12.59 -56.74 34.21
N HIS G 427 13.18 -55.86 33.39
CA HIS G 427 14.63 -55.72 33.31
C HIS G 427 14.94 -54.39 32.64
N MET G 428 16.12 -53.86 32.96
CA MET G 428 16.55 -52.59 32.39
C MET G 428 16.77 -52.72 30.88
N ALA G 429 16.44 -51.66 30.15
CA ALA G 429 16.57 -51.63 28.71
C ALA G 429 17.77 -50.77 28.33
N TRP G 430 17.84 -50.35 27.06
CA TRP G 430 18.98 -49.58 26.57
C TRP G 430 18.55 -48.58 25.51
N LYS G 433 21.81 -47.21 26.26
CA LYS G 433 22.52 -46.03 26.73
C LYS G 433 23.82 -45.84 25.98
N ASP G 434 24.93 -45.79 26.74
CA ASP G 434 26.27 -45.66 26.17
C ASP G 434 26.85 -47.00 25.74
N ASP G 435 26.02 -47.95 25.32
CA ASP G 435 26.47 -49.28 24.94
C ASP G 435 27.20 -49.31 23.60
N ALA G 436 27.31 -48.18 22.91
CA ALA G 436 28.02 -48.12 21.63
C ALA G 436 29.28 -47.27 21.69
N ILE G 437 29.64 -46.72 22.86
CA ILE G 437 30.79 -45.84 23.00
C ILE G 437 31.80 -46.40 23.99
N ASP G 438 31.33 -47.01 25.08
CA ASP G 438 32.24 -47.50 26.13
C ASP G 438 32.92 -48.79 25.71
N TRP G 439 33.28 -49.62 26.70
CA TRP G 439 33.97 -50.87 26.41
C TRP G 439 33.10 -51.82 25.60
N GLN G 440 31.78 -51.72 25.75
CA GLN G 440 30.87 -52.61 25.02
C GLN G 440 30.96 -52.43 23.52
N ALA G 441 31.57 -51.34 23.04
CA ALA G 441 31.78 -51.16 21.61
C ALA G 441 32.77 -52.17 21.05
N TYR G 442 33.66 -52.68 21.90
CA TYR G 442 34.61 -53.71 21.48
C TYR G 442 33.90 -55.03 21.22
N PHE G 443 33.34 -55.62 22.27
CA PHE G 443 32.71 -56.94 22.16
C PHE G 443 31.58 -56.94 21.14
N HIS G 444 30.93 -55.79 20.93
CA HIS G 444 29.84 -55.75 19.96
C HIS G 444 30.36 -55.82 18.53
N LEU G 445 31.54 -55.27 18.26
CA LEU G 445 32.04 -55.29 16.88
C LEU G 445 32.71 -56.62 16.55
N ARG G 446 33.67 -57.04 17.37
CA ARG G 446 34.38 -58.29 17.14
C ARG G 446 33.42 -59.45 16.95
N ASN G 447 32.54 -59.66 17.93
CA ASN G 447 31.57 -60.74 17.85
C ASN G 447 30.55 -60.51 16.74
N ARG G 448 30.38 -59.27 16.28
CA ARG G 448 29.57 -59.05 15.09
C ARG G 448 30.21 -59.68 13.86
N LEU G 449 31.54 -59.63 13.78
CA LEU G 449 32.24 -60.25 12.67
C LEU G 449 32.25 -61.77 12.80
N VAL G 450 32.55 -62.27 14.01
CA VAL G 450 32.62 -63.71 14.25
C VAL G 450 31.34 -64.39 13.82
N VAL G 451 30.21 -63.95 14.38
CA VAL G 451 28.91 -64.50 14.00
C VAL G 451 28.68 -64.34 12.51
N ALA G 452 29.12 -63.22 11.94
CA ALA G 452 29.01 -63.03 10.49
C ALA G 452 29.74 -64.14 9.75
N SER G 453 30.94 -64.48 10.19
CA SER G 453 31.71 -65.56 9.58
C SER G 453 30.98 -66.88 9.60
N LEU G 454 29.89 -67.00 10.37
CA LEU G 454 29.09 -68.21 10.40
C LEU G 454 27.76 -68.07 9.68
N HIS G 455 27.27 -66.84 9.46
CA HIS G 455 25.91 -66.71 8.93
C HIS G 455 25.75 -65.54 7.97
N LEU G 456 26.82 -65.06 7.35
CA LEU G 456 26.73 -63.94 6.42
C LEU G 456 26.92 -64.43 4.99
N PRO G 457 25.87 -64.50 4.18
CA PRO G 457 26.04 -64.92 2.77
C PRO G 457 26.64 -63.78 1.94
N GLY G 458 27.65 -64.12 1.14
CA GLY G 458 28.28 -63.17 0.27
C GLY G 458 29.65 -62.75 0.78
N ASN G 459 30.16 -61.67 0.18
CA ASN G 459 31.48 -61.17 0.53
C ASN G 459 31.45 -60.23 1.74
N GLY G 460 30.29 -59.69 2.09
CA GLY G 460 30.19 -58.84 3.27
C GLY G 460 30.76 -57.45 3.10
N LYS G 461 30.69 -56.88 1.88
CA LYS G 461 31.19 -55.54 1.67
C LYS G 461 30.29 -54.49 2.30
N ALA G 462 28.97 -54.74 2.31
CA ALA G 462 28.05 -53.78 2.89
C ALA G 462 28.29 -53.58 4.38
N MET G 463 28.61 -54.67 5.09
CA MET G 463 28.91 -54.57 6.51
C MET G 463 30.17 -53.74 6.75
N VAL G 464 31.17 -53.91 5.88
CA VAL G 464 32.40 -53.13 6.01
C VAL G 464 32.14 -51.66 5.74
N VAL G 465 31.29 -51.35 4.75
CA VAL G 465 30.95 -49.96 4.48
C VAL G 465 30.17 -49.36 5.64
N ASN G 466 29.28 -50.15 6.25
CA ASN G 466 28.52 -49.67 7.41
C ASN G 466 29.46 -49.37 8.57
N THR G 467 30.43 -50.26 8.83
CA THR G 467 31.38 -49.99 9.90
C THR G 467 32.28 -48.80 9.55
N ILE G 468 32.57 -48.58 8.27
CA ILE G 468 33.35 -47.42 7.86
C ILE G 468 32.61 -46.13 8.18
N LYS G 469 31.33 -46.07 7.82
CA LYS G 469 30.57 -44.85 8.11
C LYS G 469 30.32 -44.69 9.61
N ALA G 470 30.22 -45.80 10.35
CA ALA G 470 30.13 -45.71 11.80
C ALA G 470 31.42 -45.14 12.40
N THR G 471 32.57 -45.55 11.85
CA THR G 471 33.84 -44.98 12.29
C THR G 471 33.92 -43.50 11.96
N LEU G 472 33.41 -43.10 10.79
CA LEU G 472 33.34 -41.69 10.44
C LEU G 472 32.53 -40.91 11.46
N LYS G 473 31.34 -41.43 11.80
CA LYS G 473 30.50 -40.77 12.80
C LYS G 473 31.21 -40.68 14.15
N HIS G 474 31.88 -41.76 14.57
CA HIS G 474 32.58 -41.76 15.84
C HIS G 474 33.70 -40.73 15.85
N LEU G 475 34.43 -40.61 14.74
CA LEU G 475 35.52 -39.64 14.67
C LEU G 475 34.99 -38.22 14.63
N LEU G 476 33.82 -37.99 14.04
CA LEU G 476 33.25 -36.65 14.02
C LEU G 476 32.81 -36.20 15.41
N CYS G 477 32.25 -37.11 16.20
CA CYS G 477 31.75 -36.79 17.53
C CYS G 477 32.83 -36.82 18.60
N LEU G 478 34.11 -36.79 18.21
CA LEU G 478 35.24 -36.77 19.14
C LEU G 478 35.24 -37.98 20.07
N GLU G 479 34.80 -39.12 19.56
CA GLU G 479 34.79 -40.37 20.31
C GLU G 479 35.93 -41.26 19.83
N TYR G 480 37.14 -40.84 20.18
CA TYR G 480 38.34 -41.49 19.64
C TYR G 480 38.62 -42.83 20.29
N SER G 481 38.26 -42.99 21.57
CA SER G 481 38.47 -44.26 22.24
C SER G 481 37.61 -45.37 21.61
N THR G 482 36.43 -45.01 21.11
CA THR G 482 35.58 -46.00 20.47
C THR G 482 36.25 -46.59 19.23
N VAL G 483 36.82 -45.73 18.37
CA VAL G 483 37.55 -46.22 17.22
C VAL G 483 38.83 -46.95 17.65
N ALA G 484 39.47 -46.47 18.72
CA ALA G 484 40.70 -47.10 19.19
C ALA G 484 40.46 -48.54 19.63
N ILE G 485 39.29 -48.80 20.24
CA ILE G 485 38.97 -50.17 20.64
C ILE G 485 38.31 -50.97 19.52
N GLN G 486 37.65 -50.30 18.57
CA GLN G 486 37.11 -51.03 17.42
C GLN G 486 38.24 -51.56 16.53
N ASN G 487 39.32 -50.80 16.40
CA ASN G 487 40.50 -51.31 15.69
C ASN G 487 41.08 -52.53 16.41
N LEU G 488 41.12 -52.48 17.74
CA LEU G 488 41.59 -53.64 18.50
C LEU G 488 40.67 -54.83 18.31
N ALA G 489 39.36 -54.59 18.20
CA ALA G 489 38.41 -55.67 17.94
C ALA G 489 38.65 -56.29 16.56
N ILE G 490 38.87 -55.45 15.56
CA ILE G 490 39.14 -55.96 14.21
C ILE G 490 40.45 -56.74 14.20
N ARG G 491 41.43 -56.32 14.99
CA ARG G 491 42.70 -57.04 15.07
C ARG G 491 42.53 -58.39 15.74
N ASP G 492 41.81 -58.42 16.87
CA ASP G 492 41.63 -59.67 17.60
C ASP G 492 40.73 -60.64 16.84
N TYR G 493 39.81 -60.14 16.04
CA TYR G 493 38.99 -61.02 15.21
C TYR G 493 39.83 -61.68 14.12
N LEU G 494 40.73 -60.92 13.50
CA LEU G 494 41.62 -61.48 12.48
C LEU G 494 42.70 -62.37 13.07
N ALA G 495 42.80 -62.44 14.40
CA ALA G 495 43.77 -63.33 15.04
C ALA G 495 43.34 -64.79 15.01
N GLY G 496 42.12 -65.09 14.57
CA GLY G 496 41.67 -66.45 14.46
C GLY G 496 40.83 -66.90 15.64
N PRO G 497 40.00 -67.92 15.43
CA PRO G 497 39.18 -68.45 16.53
C PRO G 497 39.99 -69.16 17.60
N GLU G 498 41.28 -69.41 17.37
CA GLU G 498 42.11 -70.08 18.37
C GLU G 498 42.36 -69.19 19.59
N ARG G 499 42.10 -67.89 19.49
CA ARG G 499 42.29 -66.96 20.58
C ARG G 499 40.99 -66.60 21.29
N LEU G 500 39.88 -67.24 20.93
CA LEU G 500 38.60 -66.92 21.57
C LEU G 500 38.58 -67.36 23.03
N PHE G 501 39.05 -68.57 23.31
CA PHE G 501 39.11 -69.03 24.70
C PHE G 501 40.22 -68.33 25.49
N GLN G 502 41.26 -67.83 24.81
CA GLN G 502 42.31 -67.10 25.51
C GLN G 502 41.87 -65.67 25.84
N LEU G 503 41.08 -65.05 24.96
CA LEU G 503 40.56 -63.71 25.18
C LEU G 503 39.32 -63.70 26.06
N LEU G 504 38.85 -64.86 26.53
CA LEU G 504 37.64 -64.87 27.35
C LEU G 504 37.85 -64.19 28.69
N PRO G 505 38.94 -64.43 29.45
CA PRO G 505 39.12 -63.71 30.70
C PRO G 505 40.16 -62.60 30.62
N SER G 506 40.47 -62.12 29.41
CA SER G 506 41.53 -61.13 29.24
C SER G 506 41.17 -59.97 28.33
N ALA G 507 40.07 -60.03 27.59
CA ALA G 507 39.74 -58.94 26.67
C ALA G 507 39.24 -57.71 27.42
N LEU G 508 38.48 -57.91 28.49
CA LEU G 508 37.90 -56.79 29.24
C LEU G 508 39.00 -55.90 29.82
N GLY G 509 40.02 -56.50 30.41
CA GLY G 509 41.11 -55.72 30.98
C GLY G 509 41.87 -54.93 29.93
N ALA G 510 42.11 -55.54 28.76
CA ALA G 510 42.80 -54.84 27.69
C ALA G 510 41.97 -53.66 27.18
N VAL G 511 40.67 -53.87 26.99
CA VAL G 511 39.80 -52.79 26.53
C VAL G 511 39.75 -51.65 27.55
N HIS G 512 39.69 -52.01 28.84
CA HIS G 512 39.66 -50.98 29.89
C HIS G 512 40.96 -50.19 29.93
N ALA G 513 42.10 -50.88 29.86
CA ALA G 513 43.39 -50.19 29.89
C ALA G 513 43.61 -49.35 28.64
N LEU G 514 43.03 -49.75 27.50
CA LEU G 514 43.16 -48.93 26.30
C LEU G 514 42.23 -47.73 26.34
N ARG G 515 41.03 -47.89 26.90
CA ARG G 515 40.07 -46.78 26.95
C ARG G 515 40.51 -45.72 27.96
N LYS G 516 40.99 -46.14 29.13
CA LYS G 516 41.32 -45.17 30.17
C LYS G 516 42.55 -44.33 29.84
N GLN G 517 43.16 -44.51 28.67
CA GLN G 517 44.25 -43.66 28.22
C GLN G 517 43.78 -42.53 27.31
N TYR G 518 42.47 -42.39 27.11
CA TYR G 518 41.88 -41.34 26.30
C TYR G 518 41.05 -40.39 27.18
N PRO G 519 41.03 -39.10 26.86
CA PRO G 519 40.29 -38.15 27.70
C PRO G 519 38.78 -38.30 27.58
N ASP G 520 38.27 -38.80 26.45
CA ASP G 520 36.84 -38.92 26.25
C ASP G 520 36.25 -40.15 26.93
N ALA G 521 37.08 -41.01 27.53
CA ALA G 521 36.59 -42.20 28.21
C ALA G 521 36.72 -42.11 29.72
N VAL G 522 37.48 -41.16 30.25
CA VAL G 522 37.63 -40.99 31.69
C VAL G 522 36.45 -40.16 32.20
N ILE G 523 35.65 -40.75 33.07
CA ILE G 523 34.45 -40.09 33.60
C ILE G 523 34.82 -39.33 34.86
N LEU G 524 34.37 -38.08 34.95
CA LEU G 524 34.55 -37.21 36.10
C LEU G 524 33.24 -37.11 36.87
N PRO G 525 33.30 -36.88 38.19
CA PRO G 525 32.07 -36.80 38.98
C PRO G 525 31.11 -35.71 38.52
N SER G 526 31.62 -34.61 37.99
CA SER G 526 30.78 -33.51 37.54
C SER G 526 31.59 -32.61 36.63
N SER G 527 30.89 -31.69 35.94
CA SER G 527 31.55 -30.69 35.12
C SER G 527 32.24 -29.62 35.95
N THR G 528 32.05 -29.62 37.28
CA THR G 528 32.72 -28.68 38.15
C THR G 528 34.18 -29.02 38.37
N GLU G 529 34.61 -30.24 38.04
CA GLU G 529 36.01 -30.59 38.16
C GLU G 529 36.86 -29.83 37.16
N LEU G 530 36.30 -29.48 36.01
CA LEU G 530 36.95 -28.65 35.01
C LEU G 530 36.59 -27.19 35.23
N PRO G 531 37.38 -26.27 34.68
CA PRO G 531 36.98 -24.85 34.70
C PRO G 531 35.64 -24.65 33.99
N LEU G 532 35.00 -23.52 34.30
CA LEU G 532 33.68 -23.23 33.77
C LEU G 532 33.73 -23.11 32.25
N ALA G 533 32.57 -23.33 31.62
CA ALA G 533 32.47 -23.26 30.17
C ALA G 533 32.76 -21.84 29.69
N SER G 534 33.69 -21.72 28.74
CA SER G 534 34.11 -20.41 28.26
C SER G 534 33.18 -19.88 27.18
N HIS G 535 32.54 -20.78 26.41
CA HIS G 535 31.71 -20.42 25.26
C HIS G 535 32.50 -19.67 24.19
N LEU G 536 33.83 -19.73 24.24
CA LEU G 536 34.66 -19.08 23.25
C LEU G 536 34.70 -19.90 21.96
N GLU G 537 34.61 -19.20 20.83
CA GLU G 537 34.67 -19.83 19.51
C GLU G 537 33.61 -20.91 19.35
N VAL G 538 32.39 -20.61 19.79
CA VAL G 538 31.24 -21.51 19.68
C VAL G 538 30.23 -20.86 18.76
N GLY G 539 30.04 -21.45 17.58
CA GLY G 539 29.11 -20.90 16.62
C GLY G 539 27.76 -21.57 16.62
N ALA G 540 27.31 -22.03 15.45
CA ALA G 540 26.02 -22.68 15.32
C ALA G 540 26.10 -24.11 15.82
N VAL G 541 25.29 -24.44 16.82
CA VAL G 541 25.30 -25.77 17.43
C VAL G 541 23.91 -26.39 17.49
N ALA G 542 22.87 -25.71 17.03
CA ALA G 542 21.52 -26.26 17.03
C ALA G 542 21.28 -27.06 15.75
N GLU G 543 20.40 -28.05 15.85
CA GLU G 543 20.14 -28.93 14.72
C GLU G 543 19.55 -28.12 13.56
N PRO G 544 20.10 -28.26 12.35
CA PRO G 544 19.57 -27.49 11.21
C PRO G 544 18.16 -27.91 10.85
N ALA G 545 17.45 -27.00 10.17
CA ALA G 545 16.09 -27.25 9.74
C ALA G 545 16.05 -27.86 8.35
N ASN G 546 16.29 -27.04 7.33
CA ASN G 546 16.31 -27.54 5.96
C ASN G 546 17.54 -28.41 5.73
N PRO G 547 17.43 -29.42 4.87
CA PRO G 547 18.58 -30.32 4.64
C PRO G 547 19.77 -29.64 4.01
N ILE G 548 19.58 -28.53 3.29
CA ILE G 548 20.71 -27.78 2.76
C ILE G 548 21.55 -27.23 3.91
N ALA G 549 20.89 -26.79 4.99
CA ALA G 549 21.62 -26.37 6.18
C ALA G 549 22.38 -27.54 6.81
N LYS G 550 21.79 -28.74 6.77
CA LYS G 550 22.50 -29.92 7.24
C LYS G 550 23.77 -30.16 6.42
N VAL G 551 23.67 -30.00 5.10
CA VAL G 551 24.83 -30.23 4.24
C VAL G 551 25.91 -29.18 4.48
N VAL G 552 25.52 -27.91 4.61
CA VAL G 552 26.52 -26.88 4.83
C VAL G 552 27.13 -27.00 6.22
N ARG G 553 26.38 -27.50 7.20
CA ARG G 553 26.97 -27.72 8.51
C ARG G 553 27.92 -28.90 8.51
N LEU G 554 27.58 -29.95 7.75
CA LEU G 554 28.53 -31.05 7.59
C LEU G 554 29.82 -30.57 6.92
N ALA G 555 29.70 -29.67 5.93
CA ALA G 555 30.87 -29.10 5.30
C ALA G 555 31.70 -28.27 6.29
N LYS G 556 31.02 -27.45 7.10
CA LYS G 556 31.72 -26.67 8.12
C LYS G 556 32.42 -27.58 9.12
N GLY G 557 31.78 -28.69 9.51
CA GLY G 557 32.41 -29.61 10.45
C GLY G 557 33.60 -30.33 9.86
N VAL G 558 33.52 -30.68 8.56
CA VAL G 558 34.67 -31.28 7.90
C VAL G 558 35.82 -30.29 7.84
N LEU G 559 35.53 -29.04 7.47
CA LEU G 559 36.58 -28.03 7.41
C LEU G 559 37.16 -27.72 8.79
N HIS G 560 36.35 -27.82 9.83
CA HIS G 560 36.83 -27.52 11.18
C HIS G 560 37.80 -28.58 11.69
N ASN G 561 37.58 -29.84 11.32
CA ASN G 561 38.47 -30.93 11.73
C ASN G 561 39.75 -30.99 10.91
N LEU G 562 39.99 -30.02 10.04
CA LEU G 562 41.22 -29.96 9.26
C LEU G 562 42.27 -29.02 9.84
N ARG G 563 41.83 -27.99 10.58
CA ARG G 563 42.70 -26.98 11.17
C ARG G 563 43.24 -27.46 12.52
N PRO G 564 44.43 -26.99 12.91
CA PRO G 564 44.97 -27.37 14.21
C PRO G 564 44.08 -26.89 15.35
N ALA G 565 43.84 -27.77 16.31
CA ALA G 565 43.00 -27.43 17.45
C ALA G 565 43.74 -26.51 18.41
N HIS G 566 42.99 -25.59 19.01
CA HIS G 566 43.56 -24.67 19.99
C HIS G 566 43.62 -25.36 21.35
N ALA G 567 44.83 -25.42 21.92
CA ALA G 567 45.00 -26.07 23.22
C ALA G 567 44.24 -25.34 24.32
N ARG G 568 43.87 -24.07 24.09
CA ARG G 568 43.10 -23.32 25.07
C ARG G 568 41.81 -24.03 25.43
N HIS G 569 41.13 -24.62 24.44
CA HIS G 569 39.90 -25.34 24.66
C HIS G 569 40.11 -26.75 25.19
N HIS G 570 41.36 -27.16 25.39
CA HIS G 570 41.66 -28.46 25.97
C HIS G 570 41.90 -28.40 27.47
N GLU G 571 42.01 -27.21 28.04
CA GLU G 571 42.09 -27.01 29.48
C GLU G 571 40.83 -26.41 30.06
N THR G 572 40.26 -25.41 29.40
CA THR G 572 38.97 -24.85 29.77
C THR G 572 37.93 -25.27 28.74
N PRO G 573 36.92 -26.06 29.11
CA PRO G 573 35.94 -26.53 28.12
C PRO G 573 35.13 -25.38 27.55
N GLN G 574 34.63 -25.58 26.34
CA GLN G 574 33.84 -24.57 25.65
C GLN G 574 32.37 -24.61 26.03
N LEU G 575 31.78 -25.80 26.11
CA LEU G 575 30.37 -25.95 26.39
C LEU G 575 30.15 -27.09 27.39
N ASN G 576 29.08 -26.97 28.16
CA ASN G 576 28.62 -28.04 29.05
C ASN G 576 27.40 -28.67 28.37
N VAL G 577 27.66 -29.66 27.54
CA VAL G 577 26.64 -30.23 26.66
C VAL G 577 25.96 -31.42 27.32
N PRO G 578 24.63 -31.45 27.39
CA PRO G 578 23.93 -32.61 27.95
C PRO G 578 24.04 -33.84 27.06
N THR G 579 23.34 -34.91 27.44
CA THR G 579 23.42 -36.16 26.68
C THR G 579 22.69 -36.03 25.34
N LEU G 580 21.45 -35.54 25.36
CA LEU G 580 20.65 -35.47 24.14
C LEU G 580 21.13 -34.36 23.20
N ASP G 581 21.92 -33.40 23.70
CA ASP G 581 22.44 -32.34 22.86
C ASP G 581 23.77 -32.68 22.23
N ALA G 582 24.36 -33.83 22.57
CA ALA G 582 25.68 -34.20 22.06
C ALA G 582 25.53 -35.01 20.77
N ARG G 583 25.15 -34.30 19.71
CA ARG G 583 25.04 -34.86 18.38
C ARG G 583 26.15 -34.29 17.50
N TRP G 584 26.13 -34.68 16.23
CA TRP G 584 27.21 -34.28 15.31
C TRP G 584 27.18 -32.79 15.04
N PHE G 585 25.98 -32.21 14.87
CA PHE G 585 25.86 -30.80 14.50
C PHE G 585 26.41 -29.85 15.56
N LEU G 586 26.69 -30.35 16.76
CA LEU G 586 27.34 -29.56 17.80
C LEU G 586 28.78 -29.98 18.05
N LEU G 587 29.08 -31.28 17.97
CA LEU G 587 30.40 -31.80 18.27
C LEU G 587 31.38 -31.68 17.12
N SER G 588 30.92 -31.41 15.90
CA SER G 588 31.82 -31.27 14.77
C SER G 588 32.35 -29.85 14.58
N GLN G 589 31.95 -28.91 15.44
CA GLN G 589 32.40 -27.53 15.34
C GLN G 589 33.02 -27.04 16.64
N VAL G 590 33.64 -27.95 17.41
CA VAL G 590 34.24 -27.60 18.69
C VAL G 590 35.59 -28.27 18.82
N ASP G 591 36.40 -27.76 19.74
CA ASP G 591 37.72 -28.31 20.04
C ASP G 591 37.78 -29.05 21.37
N GLY G 592 36.98 -28.67 22.35
CA GLY G 592 36.95 -29.32 23.64
C GLY G 592 35.63 -29.09 24.36
N VAL G 593 34.91 -30.16 24.67
CA VAL G 593 33.56 -30.07 25.20
C VAL G 593 33.35 -31.17 26.23
N THR G 594 32.69 -30.83 27.35
CA THR G 594 32.27 -31.81 28.33
C THR G 594 30.90 -32.36 27.94
N VAL G 595 30.82 -33.68 27.79
CA VAL G 595 29.58 -34.37 27.42
C VAL G 595 29.12 -35.21 28.59
N THR G 596 27.85 -35.08 28.95
CA THR G 596 27.30 -35.81 30.09
C THR G 596 26.97 -37.24 29.69
N THR G 597 27.26 -38.17 30.59
CA THR G 597 27.00 -39.58 30.35
C THR G 597 25.49 -39.83 30.32
N ALA G 598 25.12 -41.02 29.81
CA ALA G 598 23.72 -41.33 29.57
C ALA G 598 22.90 -41.31 30.86
N ASP G 599 23.36 -42.04 31.89
CA ASP G 599 22.62 -42.08 33.14
C ASP G 599 22.73 -40.79 33.93
N GLY G 600 23.55 -39.84 33.48
CA GLY G 600 23.63 -38.54 34.13
C GLY G 600 24.41 -38.52 35.44
N ARG G 601 25.37 -39.43 35.60
CA ARG G 601 26.17 -39.50 36.82
C ARG G 601 27.55 -38.89 36.66
N GLY G 602 27.87 -38.32 35.51
CA GLY G 602 29.18 -37.74 35.31
C GLY G 602 29.31 -37.14 33.93
N VAL G 603 30.51 -36.66 33.64
CA VAL G 603 30.82 -36.04 32.35
C VAL G 603 32.18 -36.54 31.88
N VAL G 604 32.40 -36.46 30.56
CA VAL G 604 33.66 -36.80 29.94
C VAL G 604 34.13 -35.61 29.11
N TYR G 605 35.43 -35.32 29.18
CA TYR G 605 36.02 -34.15 28.52
C TYR G 605 36.50 -34.59 27.14
N ARG G 606 35.60 -34.56 26.16
CA ARG G 606 35.99 -34.89 24.80
C ARG G 606 36.83 -33.77 24.21
N LYS G 607 37.92 -34.16 23.54
CA LYS G 607 38.85 -33.22 22.94
C LYS G 607 39.11 -33.63 21.49
N ARG G 608 39.34 -32.64 20.64
CA ARG G 608 39.56 -32.87 19.22
C ARG G 608 41.04 -32.73 18.89
N ASP G 609 41.58 -33.71 18.17
CA ASP G 609 42.96 -33.68 17.70
C ASP G 609 42.99 -34.15 16.25
N PRO G 610 43.33 -33.27 15.30
CA PRO G 610 43.27 -33.69 13.88
C PRO G 610 44.24 -34.79 13.53
N ARG G 611 45.48 -34.73 14.04
CA ARG G 611 46.44 -35.79 13.72
C ARG G 611 46.04 -37.12 14.32
N GLN G 612 45.50 -37.11 15.55
CA GLN G 612 45.08 -38.35 16.19
C GLN G 612 43.89 -38.97 15.46
N ALA G 613 42.93 -38.12 15.08
CA ALA G 613 41.78 -38.62 14.32
C ALA G 613 42.21 -39.17 12.96
N LEU G 614 43.16 -38.49 12.30
CA LEU G 614 43.63 -38.97 11.00
C LEU G 614 44.36 -40.30 11.14
N GLY G 615 45.18 -40.45 12.18
CA GLY G 615 45.86 -41.72 12.39
C GLY G 615 44.92 -42.85 12.73
N LEU G 616 43.93 -42.59 13.58
CA LEU G 616 42.92 -43.60 13.88
C LEU G 616 42.14 -43.98 12.63
N PHE G 617 41.82 -43.01 11.78
CA PHE G 617 41.11 -43.31 10.53
C PHE G 617 41.98 -44.15 9.60
N LYS G 618 43.27 -43.83 9.50
CA LYS G 618 44.17 -44.60 8.65
C LYS G 618 44.26 -46.04 9.13
N GLU G 619 44.43 -46.24 10.44
CA GLU G 619 44.52 -47.59 10.98
C GLU G 619 43.22 -48.35 10.79
N ALA G 620 42.09 -47.67 10.98
CA ALA G 620 40.80 -48.32 10.77
C ALA G 620 40.61 -48.73 9.31
N MET G 621 41.01 -47.87 8.37
CA MET G 621 40.89 -48.22 6.96
C MET G 621 41.80 -49.37 6.59
N ARG G 622 43.02 -49.39 7.12
CA ARG G 622 43.92 -50.51 6.87
C ARG G 622 43.32 -51.82 7.37
N LEU G 623 42.86 -51.82 8.63
CA LEU G 623 42.31 -53.03 9.21
C LEU G 623 41.03 -53.47 8.47
N ARG G 624 40.23 -52.51 8.02
CA ARG G 624 38.99 -52.87 7.34
C ARG G 624 39.23 -53.37 5.93
N LYS G 625 40.24 -52.84 5.23
CA LYS G 625 40.60 -53.41 3.94
C LYS G 625 41.16 -54.82 4.11
N GLU G 626 41.99 -55.04 5.15
CA GLU G 626 42.48 -56.38 5.42
C GLU G 626 41.33 -57.33 5.77
N LEU G 627 40.31 -56.83 6.46
CA LEU G 627 39.14 -57.63 6.79
C LEU G 627 38.35 -57.99 5.54
N ALA G 628 38.10 -57.00 4.67
CA ALA G 628 37.37 -57.26 3.43
C ALA G 628 38.15 -58.20 2.51
N ALA G 629 39.48 -58.21 2.63
CA ALA G 629 40.28 -59.11 1.79
C ALA G 629 40.29 -60.53 2.34
N ARG G 630 40.44 -60.69 3.65
CA ARG G 630 40.59 -61.99 4.27
C ARG G 630 39.28 -62.56 4.80
N PHE G 631 38.15 -62.06 4.33
CA PHE G 631 36.87 -62.48 4.90
C PHE G 631 36.52 -63.94 4.61
N PRO G 632 36.70 -64.45 3.37
CA PRO G 632 36.44 -65.88 3.16
C PRO G 632 37.34 -66.79 3.99
N GLU G 633 38.60 -66.39 4.18
CA GLU G 633 39.51 -67.16 5.02
C GLU G 633 38.98 -67.28 6.44
N MET G 634 38.60 -66.15 7.04
CA MET G 634 38.07 -66.17 8.40
C MET G 634 36.75 -66.92 8.45
N GLN G 635 35.92 -66.81 7.41
CA GLN G 635 34.70 -67.60 7.35
C GLN G 635 35.00 -69.08 7.46
N GLN G 636 35.91 -69.57 6.61
CA GLN G 636 36.27 -70.99 6.63
C GLN G 636 36.84 -71.39 7.98
N ARG G 637 37.74 -70.57 8.54
CA ARG G 637 38.39 -70.91 9.80
C ARG G 637 37.38 -71.00 10.93
N TYR G 638 36.50 -70.01 11.06
CA TYR G 638 35.53 -70.02 12.14
C TYR G 638 34.49 -71.13 11.95
N ARG G 639 34.09 -71.40 10.71
CA ARG G 639 33.13 -72.48 10.48
C ARG G 639 33.75 -73.85 10.75
N ALA G 640 35.06 -73.99 10.55
CA ALA G 640 35.72 -75.25 10.89
C ALA G 640 35.97 -75.38 12.39
N ALA G 641 36.21 -74.26 13.08
CA ALA G 641 36.49 -74.30 14.50
C ALA G 641 35.24 -74.29 15.37
N HIS G 642 34.07 -73.98 14.81
CA HIS G 642 32.83 -73.95 15.59
C HIS G 642 32.55 -75.23 16.35
N PRO G 643 32.69 -76.44 15.78
CA PRO G 643 32.43 -77.65 16.58
C PRO G 643 33.35 -77.79 17.78
N GLN G 644 34.61 -77.38 17.66
CA GLN G 644 35.53 -77.45 18.79
C GLN G 644 35.26 -76.37 19.82
N LEU G 645 34.74 -75.22 19.39
CA LEU G 645 34.43 -74.13 20.33
C LEU G 645 33.14 -74.37 21.09
N THR G 646 32.25 -75.22 20.58
CA THR G 646 31.00 -75.53 21.25
C THR G 646 31.01 -76.91 21.89
N SER G 647 32.21 -77.49 22.08
CA SER G 647 32.31 -78.81 22.68
C SER G 647 32.31 -78.72 24.20
N THR G 648 31.86 -79.80 24.84
CA THR G 648 31.81 -79.84 26.29
C THR G 648 33.21 -79.87 26.89
N ALA G 649 34.17 -80.51 26.21
CA ALA G 649 35.53 -80.60 26.74
C ALA G 649 36.22 -79.24 26.78
N ALA G 650 36.03 -78.44 25.73
CA ALA G 650 36.64 -77.11 25.71
C ALA G 650 36.11 -76.24 26.84
N TRP G 651 34.81 -76.31 27.11
CA TRP G 651 34.25 -75.51 28.19
C TRP G 651 34.63 -76.07 29.55
N GLU G 652 34.75 -77.39 29.68
CA GLU G 652 35.28 -77.96 30.92
C GLU G 652 36.69 -77.46 31.18
N ASN G 653 37.50 -77.33 30.13
CA ASN G 653 38.83 -76.75 30.29
C ASN G 653 38.74 -75.28 30.67
N ALA G 654 37.77 -74.56 30.08
CA ALA G 654 37.63 -73.13 30.38
C ALA G 654 37.14 -72.90 31.81
N PHE G 655 36.34 -73.82 32.35
CA PHE G 655 35.83 -73.68 33.71
C PHE G 655 36.83 -74.09 34.78
N GLY G 656 37.99 -74.61 34.39
CA GLY G 656 38.95 -75.11 35.36
C GLY G 656 38.65 -76.48 35.90
N LEU G 657 37.87 -77.28 35.18
CA LEU G 657 37.52 -78.62 35.63
C LEU G 657 38.38 -79.67 34.96
N GLU H 33 25.64 39.39 -68.21
CA GLU H 33 24.39 39.33 -67.47
C GLU H 33 24.33 38.07 -66.62
N THR H 34 25.00 38.11 -65.47
CA THR H 34 25.06 36.97 -64.56
C THR H 34 24.71 37.42 -63.15
N ARG H 35 24.02 36.55 -62.42
CA ARG H 35 23.66 36.80 -61.03
C ARG H 35 24.81 36.52 -60.08
N ALA H 36 25.95 36.04 -60.57
CA ALA H 36 27.10 35.75 -59.73
C ALA H 36 27.84 37.05 -59.42
N LYS H 37 28.00 37.35 -58.12
CA LYS H 37 28.67 38.57 -57.69
C LYS H 37 29.91 38.30 -56.85
N SER H 38 29.80 37.48 -55.81
CA SER H 38 30.93 37.21 -54.93
C SER H 38 31.23 35.72 -54.91
N LEU H 39 32.50 35.37 -55.16
CA LEU H 39 32.90 33.96 -55.14
C LEU H 39 32.94 33.45 -53.70
N LEU H 40 32.14 32.42 -53.41
CA LEU H 40 32.08 31.84 -52.07
C LEU H 40 32.93 30.58 -51.94
N GLN H 41 32.98 29.75 -52.97
CA GLN H 41 33.62 28.44 -52.88
C GLN H 41 33.86 27.93 -54.29
N ARG H 42 35.12 27.64 -54.62
CA ARG H 42 35.46 27.15 -55.95
C ARG H 42 35.31 25.64 -56.03
N ILE H 43 35.14 25.15 -57.26
CA ILE H 43 35.04 23.72 -57.53
C ILE H 43 36.47 23.21 -57.72
N ILE H 44 37.07 22.77 -56.62
CA ILE H 44 38.45 22.31 -56.65
C ILE H 44 38.49 20.83 -57.05
N LEU H 45 39.63 20.39 -57.55
CA LEU H 45 39.81 19.06 -58.10
C LEU H 45 41.16 18.51 -57.62
N PRO H 46 41.32 17.19 -57.64
CA PRO H 46 42.51 16.58 -57.01
C PRO H 46 43.80 16.96 -57.72
N ARG H 47 44.90 16.56 -57.09
CA ARG H 47 46.25 16.85 -57.57
C ARG H 47 46.69 15.78 -58.57
N PRO H 48 47.72 16.06 -59.37
CA PRO H 48 48.22 15.05 -60.31
C PRO H 48 48.71 13.81 -59.57
N GLY H 49 48.15 12.66 -59.94
CA GLY H 49 48.49 11.42 -59.27
C GLY H 49 47.93 11.29 -57.87
N GLU H 50 46.81 11.95 -57.59
CA GLU H 50 46.21 11.86 -56.27
C GLU H 50 45.76 10.43 -55.99
N PRO H 51 45.97 9.92 -54.77
CA PRO H 51 45.45 8.59 -54.44
C PRO H 51 43.95 8.52 -54.62
N LEU H 52 43.47 7.33 -55.00
CA LEU H 52 42.06 7.17 -55.35
C LEU H 52 41.16 7.41 -54.14
N ASP H 53 41.60 7.00 -52.96
CA ASP H 53 40.79 7.20 -51.75
C ASP H 53 40.67 8.68 -51.40
N VAL H 54 41.64 9.51 -51.79
CA VAL H 54 41.55 10.94 -51.55
C VAL H 54 40.76 11.66 -52.64
N ARG H 55 40.69 11.09 -53.84
CA ARG H 55 39.89 11.70 -54.91
C ARG H 55 38.40 11.73 -54.56
N THR H 56 37.95 10.90 -53.62
CA THR H 56 36.54 10.87 -53.24
C THR H 56 36.12 12.15 -52.53
N LEU H 57 37.06 12.89 -51.95
CA LEU H 57 36.74 14.17 -51.33
C LEU H 57 36.40 15.25 -52.35
N TYR H 58 36.76 15.04 -53.61
CA TYR H 58 36.55 16.02 -54.67
C TYR H 58 35.48 15.59 -55.67
N VAL H 59 35.55 14.36 -56.16
CA VAL H 59 34.59 13.86 -57.14
C VAL H 59 34.17 12.45 -56.76
N GLU H 60 32.93 12.10 -57.09
CA GLU H 60 32.38 10.77 -56.90
C GLU H 60 32.11 10.21 -58.31
N GLU H 61 33.13 9.61 -58.90
N GLU H 61 33.13 9.61 -58.90
CA GLU H 61 32.99 9.07 -60.25
CA GLU H 61 33.00 9.06 -60.24
C GLU H 61 32.16 7.79 -60.24
C GLU H 61 32.14 7.81 -60.22
N SER H 62 31.33 7.62 -61.26
CA SER H 62 30.52 6.43 -61.37
C SER H 62 31.38 5.25 -61.81
N ALA H 63 31.16 4.10 -61.16
CA ALA H 63 31.94 2.91 -61.47
C ALA H 63 31.67 2.39 -62.88
N THR H 64 30.54 2.75 -63.47
CA THR H 64 30.18 2.27 -64.80
C THR H 64 30.91 3.01 -65.92
N ASN H 65 31.65 4.07 -65.60
CA ASN H 65 32.38 4.80 -66.63
C ASN H 65 33.51 3.95 -67.20
N ALA H 66 33.65 3.99 -68.52
CA ALA H 66 34.71 3.24 -69.19
C ALA H 66 36.07 3.91 -69.07
N ARG H 67 36.16 5.05 -68.40
CA ARG H 67 37.41 5.79 -68.29
C ARG H 67 37.34 6.70 -67.07
N ARG H 68 38.43 6.73 -66.30
CA ARG H 68 38.52 7.61 -65.15
C ARG H 68 38.73 9.06 -65.59
N ALA H 69 38.12 9.98 -64.85
CA ALA H 69 38.28 11.40 -65.16
C ALA H 69 39.69 11.86 -64.87
N HIS H 70 40.18 12.78 -65.70
CA HIS H 70 41.54 13.30 -65.60
C HIS H 70 41.49 14.79 -65.33
N ALA H 71 42.13 15.22 -64.25
CA ALA H 71 42.19 16.64 -63.86
C ALA H 71 43.55 17.18 -64.30
N ALA H 72 43.57 17.85 -65.45
CA ALA H 72 44.82 18.43 -65.95
C ALA H 72 45.31 19.54 -65.04
N THR H 73 44.40 20.34 -64.50
CA THR H 73 44.72 21.37 -63.53
C THR H 73 43.91 21.13 -62.26
N ARG H 74 44.22 21.89 -61.22
CA ARG H 74 43.48 21.80 -59.96
C ARG H 74 42.10 22.43 -60.03
N THR H 75 41.65 22.88 -61.22
CA THR H 75 40.33 23.46 -61.39
C THR H 75 39.57 22.92 -62.59
N SER H 76 40.20 22.14 -63.47
CA SER H 76 39.56 21.62 -64.67
C SER H 76 39.48 20.10 -64.60
N LEU H 77 38.44 19.54 -65.20
CA LEU H 77 38.22 18.10 -65.20
C LEU H 77 37.79 17.65 -66.58
N SER H 78 38.44 16.61 -67.10
CA SER H 78 38.16 16.07 -68.42
C SER H 78 37.53 14.69 -68.27
N ILE H 79 36.22 14.60 -68.50
CA ILE H 79 35.49 13.35 -68.42
C ILE H 79 35.13 12.90 -69.83
N GLY H 80 35.18 11.59 -70.05
CA GLY H 80 34.92 11.03 -71.36
C GLY H 80 33.43 10.93 -71.66
N ALA H 81 33.13 10.47 -72.87
CA ALA H 81 31.75 10.33 -73.30
C ALA H 81 31.05 9.22 -72.54
N GLU H 82 29.74 9.40 -72.34
CA GLU H 82 28.89 8.44 -71.63
C GLU H 82 29.46 8.15 -70.24
N SER H 83 29.69 9.20 -69.48
CA SER H 83 30.18 9.11 -68.11
C SER H 83 29.37 10.04 -67.22
N GLU H 84 29.44 9.80 -65.92
CA GLU H 84 28.73 10.60 -64.93
C GLU H 84 29.68 10.93 -63.79
N VAL H 85 29.74 12.20 -63.41
CA VAL H 85 30.56 12.65 -62.29
C VAL H 85 29.68 13.44 -61.35
N SER H 86 29.58 12.97 -60.11
CA SER H 86 28.75 13.60 -59.09
C SER H 86 29.65 14.44 -58.17
N PHE H 87 29.36 15.74 -58.09
CA PHE H 87 30.09 16.64 -57.20
C PHE H 87 29.45 16.75 -55.82
N CYS H 88 28.84 15.67 -55.34
CA CYS H 88 28.30 15.60 -53.99
C CYS H 88 29.37 15.10 -53.02
N THR H 89 30.43 15.88 -52.90
CA THR H 89 31.60 15.52 -52.12
C THR H 89 31.80 16.53 -51.00
N TYR H 90 32.80 16.25 -50.15
CA TYR H 90 33.06 17.11 -49.00
C TYR H 90 33.55 18.49 -49.41
N PHE H 91 34.20 18.61 -50.57
CA PHE H 91 34.76 19.87 -51.01
C PHE H 91 33.92 20.60 -52.04
N ASN H 92 33.19 19.89 -52.90
CA ASN H 92 32.48 20.51 -54.00
C ASN H 92 30.96 20.55 -53.79
N ALA H 93 30.49 20.32 -52.58
CA ALA H 93 29.08 20.47 -52.25
C ALA H 93 28.92 21.60 -51.24
N LEU H 94 27.89 22.43 -51.44
CA LEU H 94 27.71 23.61 -50.62
C LEU H 94 26.88 23.27 -49.39
N PRO H 95 27.36 23.58 -48.18
CA PRO H 95 26.54 23.37 -46.98
C PRO H 95 25.46 24.44 -46.84
N ALA H 96 24.31 24.22 -47.48
CA ALA H 96 23.28 25.25 -47.54
C ALA H 96 22.69 25.56 -46.16
N SER H 97 22.70 24.58 -45.25
CA SER H 97 22.16 24.83 -43.91
C SER H 97 22.98 25.88 -43.18
N TYR H 98 24.29 25.85 -43.32
CA TYR H 98 25.14 26.83 -42.65
C TYR H 98 25.04 28.20 -43.32
N TRP H 99 24.96 28.22 -44.65
CA TRP H 99 24.76 29.48 -45.37
C TRP H 99 23.35 30.03 -45.19
N ARG H 100 22.44 29.26 -44.61
CA ARG H 100 21.10 29.73 -44.29
C ARG H 100 20.96 30.15 -42.83
N ARG H 101 21.64 29.48 -41.92
CA ARG H 101 21.48 29.76 -40.50
C ARG H 101 22.27 31.00 -40.07
N TRP H 102 23.47 31.19 -40.61
CA TRP H 102 24.36 32.25 -40.13
C TRP H 102 24.68 33.30 -41.18
N SER H 103 24.24 33.15 -42.42
CA SER H 103 24.58 34.07 -43.50
C SER H 103 23.38 34.91 -43.90
N ILE H 104 23.66 36.10 -44.43
CA ILE H 104 22.61 37.00 -44.90
C ILE H 104 22.09 36.63 -46.27
N LEU H 105 22.67 35.63 -46.91
CA LEU H 105 22.28 35.27 -48.28
C LEU H 105 20.95 34.55 -48.30
N SER H 106 20.13 34.85 -49.31
CA SER H 106 18.87 34.18 -49.52
C SER H 106 18.91 33.19 -50.68
N ALA H 107 20.00 33.15 -51.43
CA ALA H 107 20.14 32.23 -52.55
C ALA H 107 21.61 32.08 -52.89
N VAL H 108 21.93 30.98 -53.57
CA VAL H 108 23.27 30.70 -54.05
C VAL H 108 23.23 30.50 -55.56
N VAL H 109 24.27 30.96 -56.24
CA VAL H 109 24.36 30.95 -57.69
C VAL H 109 25.53 30.07 -58.10
N LEU H 110 25.24 28.97 -58.79
CA LEU H 110 26.28 28.10 -59.33
C LEU H 110 26.53 28.48 -60.77
N ARG H 111 27.80 28.61 -61.14
CA ARG H 111 28.19 28.94 -62.50
C ARG H 111 29.33 28.04 -62.94
N LEU H 112 29.18 27.43 -64.11
CA LEU H 112 30.16 26.50 -64.65
C LEU H 112 30.49 26.88 -66.08
N GLU H 113 31.73 26.63 -66.47
CA GLU H 113 32.18 26.78 -67.84
C GLU H 113 32.52 25.38 -68.37
N LEU H 114 31.90 25.01 -69.48
CA LEU H 114 31.98 23.64 -69.98
C LEU H 114 32.33 23.64 -71.46
N ALA H 115 33.06 22.60 -71.86
CA ALA H 115 33.41 22.35 -73.26
C ALA H 115 32.94 20.96 -73.62
N GLY H 116 32.02 20.87 -74.59
CA GLY H 116 31.48 19.61 -75.04
C GLY H 116 29.97 19.64 -74.99
N HIS H 117 29.39 18.45 -74.96
CA HIS H 117 27.94 18.28 -74.98
C HIS H 117 27.54 17.37 -73.84
N GLY H 118 26.64 17.84 -72.98
CA GLY H 118 26.21 17.03 -71.86
C GLY H 118 25.04 17.67 -71.13
N ARG H 119 24.89 17.28 -69.87
CA ARG H 119 23.81 17.80 -69.03
C ARG H 119 24.30 17.98 -67.61
N VAL H 120 23.87 19.06 -66.96
CA VAL H 120 24.19 19.36 -65.58
C VAL H 120 22.89 19.38 -64.78
N ASP H 121 22.83 18.58 -63.71
CA ASP H 121 21.65 18.47 -62.88
C ASP H 121 22.01 18.86 -61.45
N VAL H 122 21.36 19.91 -60.96
CA VAL H 122 21.59 20.42 -59.61
C VAL H 122 20.56 19.80 -58.68
N TYR H 123 21.05 19.14 -57.62
CA TYR H 123 20.24 18.50 -56.60
C TYR H 123 20.49 19.16 -55.24
N ARG H 124 19.54 18.93 -54.33
CA ARG H 124 19.68 19.29 -52.92
C ARG H 124 19.33 18.07 -52.08
N SER H 125 19.39 18.23 -50.76
CA SER H 125 19.07 17.14 -49.85
C SER H 125 18.40 17.71 -48.61
N LYS H 126 17.57 16.89 -47.97
CA LYS H 126 16.92 17.26 -46.74
C LYS H 126 17.82 16.92 -45.55
N ALA H 127 17.31 17.10 -44.33
CA ALA H 127 18.11 16.87 -43.13
C ALA H 127 18.43 15.40 -42.90
N ASP H 128 17.77 14.49 -43.60
CA ASP H 128 18.02 13.05 -43.45
C ASP H 128 18.79 12.45 -44.62
N GLY H 129 19.18 13.26 -45.59
CA GLY H 129 19.94 12.78 -46.72
C GLY H 129 19.13 12.41 -47.95
N SER H 130 17.82 12.67 -47.96
CA SER H 130 16.99 12.33 -49.11
C SER H 130 17.31 13.28 -50.27
N ARG H 131 17.65 12.71 -51.41
CA ARG H 131 18.04 13.51 -52.58
C ARG H 131 16.80 14.05 -53.29
N ILE H 132 16.75 15.36 -53.47
CA ILE H 132 15.67 16.05 -54.17
C ILE H 132 16.25 16.69 -55.42
N HIS H 133 15.67 16.37 -56.57
CA HIS H 133 16.10 16.97 -57.83
C HIS H 133 15.58 18.40 -57.91
N VAL H 134 16.49 19.36 -58.06
CA VAL H 134 16.12 20.76 -58.10
C VAL H 134 15.97 21.22 -59.54
N GLN H 135 17.06 21.20 -60.30
CA GLN H 135 17.02 21.76 -61.65
C GLN H 135 17.95 20.98 -62.55
N GLY H 136 17.86 21.24 -63.86
CA GLY H 136 18.72 20.58 -64.83
C GLY H 136 18.74 21.34 -66.13
N LYS H 137 19.89 21.30 -66.80
CA LYS H 137 20.06 21.99 -68.07
C LYS H 137 20.99 21.19 -68.98
N GLU H 138 20.62 21.11 -70.25
CA GLU H 138 21.44 20.48 -71.28
C GLU H 138 22.31 21.54 -71.94
N PHE H 139 23.63 21.28 -71.98
CA PHE H 139 24.59 22.23 -72.51
C PHE H 139 25.33 21.64 -73.70
N ALA H 140 25.73 22.51 -74.62
CA ALA H 140 26.52 22.14 -75.78
C ALA H 140 27.22 23.39 -76.30
N VAL H 141 28.50 23.24 -76.61
CA VAL H 141 29.28 24.37 -77.12
C VAL H 141 28.77 24.73 -78.51
N ALA H 142 28.29 25.96 -78.66
CA ALA H 142 27.79 26.41 -79.94
C ALA H 142 28.93 26.52 -80.95
N PRO H 143 28.66 26.26 -82.24
CA PRO H 143 29.71 26.38 -83.25
C PRO H 143 30.25 27.79 -83.32
N GLY H 144 31.55 27.89 -83.58
CA GLY H 144 32.25 29.16 -83.61
C GLY H 144 32.93 29.53 -82.30
N THR H 145 32.34 29.16 -81.17
CA THR H 145 32.92 29.40 -79.86
C THR H 145 33.62 28.12 -79.38
N GLU H 146 34.20 28.20 -78.18
CA GLU H 146 34.92 27.08 -77.61
C GLU H 146 34.34 26.58 -76.29
N SER H 147 33.75 27.45 -75.47
CA SER H 147 33.17 27.06 -74.21
C SER H 147 31.74 27.58 -74.12
N VAL H 148 31.04 27.17 -73.06
CA VAL H 148 29.67 27.59 -72.81
C VAL H 148 29.47 27.73 -71.31
N SER H 149 28.64 28.70 -70.92
CA SER H 149 28.37 28.98 -69.52
C SER H 149 27.02 28.39 -69.14
N VAL H 150 26.99 27.73 -67.98
CA VAL H 150 25.76 27.15 -67.43
C VAL H 150 25.60 27.69 -66.01
N GLU H 151 24.47 28.35 -65.75
CA GLU H 151 24.27 29.03 -64.48
C GLU H 151 22.92 28.66 -63.88
N PHE H 152 22.94 28.28 -62.60
CA PHE H 152 21.75 27.99 -61.82
C PHE H 152 21.71 28.91 -60.60
N GLU H 153 20.50 29.11 -60.08
CA GLU H 153 20.31 29.87 -58.86
C GLU H 153 19.27 29.15 -58.00
N THR H 154 19.61 28.90 -56.74
CA THR H 154 18.74 28.14 -55.84
C THR H 154 18.62 28.87 -54.52
N ASP H 155 17.39 29.03 -54.03
CA ASP H 155 17.15 29.68 -52.77
C ASP H 155 17.61 28.81 -51.60
N LEU H 156 17.88 29.47 -50.48
CA LEU H 156 18.24 28.77 -49.24
C LEU H 156 17.04 28.66 -48.32
N GLY H 157 16.00 28.01 -48.84
CA GLY H 157 14.75 27.87 -48.14
C GLY H 157 14.65 26.58 -47.35
N PRO H 158 14.61 25.44 -48.05
CA PRO H 158 14.43 24.13 -47.39
C PRO H 158 15.73 23.58 -46.80
N PHE H 159 16.30 24.32 -45.86
CA PHE H 159 17.54 23.90 -45.19
C PHE H 159 17.52 24.33 -43.73
N GLU H 160 16.38 24.19 -43.07
CA GLU H 160 16.25 24.68 -41.70
C GLU H 160 16.97 23.75 -40.72
N ASP H 161 16.94 22.44 -40.98
CA ASP H 161 17.61 21.47 -40.11
C ASP H 161 18.88 20.90 -40.71
N GLY H 162 19.12 21.09 -41.99
CA GLY H 162 20.30 20.55 -42.62
C GLY H 162 20.13 20.48 -44.12
N GLY H 163 21.09 19.82 -44.77
CA GLY H 163 21.03 19.64 -46.20
C GLY H 163 22.19 20.26 -46.95
N TRP H 164 22.43 19.78 -48.17
CA TRP H 164 23.49 20.28 -49.03
C TRP H 164 22.91 20.61 -50.40
N ILE H 165 23.72 21.27 -51.23
CA ILE H 165 23.39 21.54 -52.61
C ILE H 165 24.59 21.13 -53.46
N TRP H 166 24.35 20.32 -54.49
CA TRP H 166 25.43 19.86 -55.34
C TRP H 166 24.92 19.73 -56.76
N PHE H 167 25.81 19.29 -57.66
CA PHE H 167 25.47 19.14 -59.07
C PHE H 167 26.20 17.93 -59.63
N ASP H 168 25.54 17.24 -60.56
CA ASP H 168 26.11 16.12 -61.28
C ASP H 168 26.23 16.48 -62.75
N ILE H 169 27.28 15.99 -63.40
CA ILE H 169 27.51 16.22 -64.82
C ILE H 169 27.47 14.87 -65.52
N THR H 170 26.52 14.70 -66.43
CA THR H 170 26.39 13.49 -67.24
C THR H 170 26.69 13.84 -68.69
N SER H 171 27.69 13.18 -69.26
CA SER H 171 28.21 13.54 -70.56
C SER H 171 27.53 12.76 -71.68
N ASP H 172 27.41 13.42 -72.83
CA ASP H 172 27.06 12.78 -74.08
C ASP H 172 28.29 12.54 -74.95
N THR H 173 29.09 13.58 -75.16
CA THR H 173 30.40 13.49 -75.77
C THR H 173 31.46 13.78 -74.71
N ALA H 174 32.71 13.94 -75.15
CA ALA H 174 33.78 14.29 -74.24
C ALA H 174 33.52 15.67 -73.63
N VAL H 175 33.42 15.74 -72.31
CA VAL H 175 33.08 16.97 -71.62
C VAL H 175 34.28 17.40 -70.77
N THR H 176 34.46 18.71 -70.66
CA THR H 176 35.54 19.27 -69.85
C THR H 176 34.99 20.45 -69.06
N LEU H 177 35.03 20.34 -67.74
CA LEU H 177 34.73 21.45 -66.84
C LEU H 177 35.97 22.31 -66.71
N LEU H 178 35.96 23.48 -67.35
CA LEU H 178 37.13 24.36 -67.36
C LEU H 178 37.25 25.14 -66.05
N ALA H 179 36.13 25.62 -65.53
CA ALA H 179 36.12 26.36 -64.27
C ALA H 179 34.70 26.33 -63.71
N GLY H 180 34.59 26.58 -62.42
CA GLY H 180 33.30 26.58 -61.77
C GLY H 180 33.43 26.94 -60.31
N GLY H 181 32.30 27.32 -59.73
CA GLY H 181 32.27 27.70 -58.33
C GLY H 181 30.92 28.23 -57.94
N TRP H 182 30.73 28.38 -56.64
CA TRP H 182 29.51 28.92 -56.06
C TRP H 182 29.68 30.42 -55.79
N TYR H 183 28.58 31.16 -55.93
CA TYR H 183 28.63 32.60 -55.82
C TYR H 183 27.43 33.11 -55.05
N ALA H 184 27.58 34.30 -54.51
CA ALA H 184 26.57 35.07 -53.81
C ALA H 184 26.10 36.20 -54.72
N PRO H 185 24.78 36.44 -54.79
CA PRO H 185 24.27 37.43 -55.77
C PRO H 185 24.48 38.88 -55.34
N ILE H 186 25.21 39.07 -54.24
CA ILE H 186 25.55 40.41 -53.75
C ILE H 186 27.05 40.47 -53.52
N GLU H 187 27.56 41.70 -53.43
CA GLU H 187 28.97 41.91 -53.16
C GLU H 187 29.29 41.67 -51.69
N ALA H 188 30.52 41.26 -51.44
CA ALA H 188 30.93 40.89 -50.09
C ALA H 188 31.22 42.15 -49.27
N PRO H 189 30.67 42.26 -48.06
CA PRO H 189 30.96 43.43 -47.22
C PRO H 189 32.41 43.46 -46.78
N GLY H 190 32.89 44.66 -46.51
CA GLY H 190 34.26 44.84 -46.05
C GLY H 190 35.28 44.62 -47.15
N ALA H 191 36.55 44.67 -46.75
CA ALA H 191 37.66 44.47 -47.69
C ALA H 191 38.11 43.01 -47.75
N GLY H 192 38.00 42.28 -46.64
CA GLY H 192 38.40 40.88 -46.65
C GLY H 192 39.87 40.64 -46.39
N THR H 193 40.53 41.52 -45.67
CA THR H 193 41.93 41.34 -45.33
C THR H 193 42.07 40.45 -44.11
N ILE H 194 43.00 39.50 -44.17
CA ILE H 194 43.20 38.51 -43.12
C ILE H 194 44.68 38.50 -42.74
N ALA H 195 44.94 38.29 -41.44
CA ALA H 195 46.29 38.13 -40.93
C ALA H 195 46.41 36.71 -40.38
N CYS H 196 47.20 35.89 -41.06
CA CYS H 196 47.39 34.52 -40.63
C CYS H 196 48.44 34.45 -39.51
N GLY H 197 48.30 33.45 -38.65
CA GLY H 197 49.23 33.30 -37.54
C GLY H 197 49.36 31.89 -37.01
N MET H 198 50.61 31.43 -36.86
CA MET H 198 50.91 30.08 -36.41
C MET H 198 51.98 30.11 -35.33
N PRO H 199 51.75 29.49 -34.17
CA PRO H 199 52.84 29.28 -33.21
C PRO H 199 53.59 28.00 -33.55
N THR H 200 54.92 28.09 -33.54
CA THR H 200 55.78 26.96 -33.87
C THR H 200 56.75 26.69 -32.72
N PHE H 201 57.18 25.44 -32.60
CA PHE H 201 58.12 25.03 -31.56
C PHE H 201 58.94 23.86 -32.11
N ASN H 202 60.12 24.19 -32.66
CA ASN H 202 61.09 23.19 -33.12
C ASN H 202 60.50 22.31 -34.22
N ARG H 203 59.68 22.91 -35.09
CA ARG H 203 59.12 22.22 -36.25
C ARG H 203 59.35 23.09 -37.48
N PRO H 204 60.61 23.24 -37.91
CA PRO H 204 60.92 24.19 -38.99
C PRO H 204 60.54 23.69 -40.38
N THR H 205 60.71 22.39 -40.63
CA THR H 205 60.43 21.84 -41.95
C THR H 205 58.94 21.93 -42.28
N ASP H 206 58.09 21.51 -41.35
CA ASP H 206 56.65 21.56 -41.57
C ASP H 206 56.15 23.00 -41.65
N LEU H 207 56.74 23.90 -40.85
CA LEU H 207 56.35 25.30 -40.94
C LEU H 207 56.77 25.91 -42.28
N VAL H 208 57.92 25.50 -42.81
CA VAL H 208 58.33 25.98 -44.13
C VAL H 208 57.39 25.46 -45.20
N LYS H 209 56.98 24.18 -45.10
CA LYS H 209 56.00 23.66 -46.04
C LYS H 209 54.68 24.42 -45.94
N THR H 210 54.27 24.76 -44.72
CA THR H 210 53.02 25.52 -44.53
C THR H 210 53.13 26.92 -45.13
N LEU H 211 54.26 27.59 -44.93
CA LEU H 211 54.46 28.93 -45.48
C LEU H 211 54.54 28.89 -47.00
N GLY H 212 55.07 27.79 -47.57
CA GLY H 212 55.10 27.66 -49.02
C GLY H 212 53.71 27.42 -49.59
N ALA H 213 52.92 26.56 -48.95
CA ALA H 213 51.57 26.31 -49.41
C ALA H 213 50.65 27.49 -49.16
N LEU H 214 50.98 28.36 -48.20
CA LEU H 214 50.13 29.50 -47.89
C LEU H 214 50.18 30.55 -49.00
N GLY H 215 51.29 30.63 -49.72
CA GLY H 215 51.44 31.58 -50.81
C GLY H 215 51.39 30.98 -52.20
N SER H 216 51.01 29.71 -52.34
CA SER H 216 50.96 29.09 -53.66
C SER H 216 49.73 29.52 -54.45
N ASP H 217 48.62 29.79 -53.77
CA ASP H 217 47.40 30.23 -54.44
C ASP H 217 47.36 31.74 -54.47
N PRO H 218 47.38 32.38 -55.63
CA PRO H 218 47.37 33.86 -55.66
C PRO H 218 46.09 34.47 -55.12
N LEU H 219 44.95 33.78 -55.26
CA LEU H 219 43.71 34.31 -54.71
C LEU H 219 43.79 34.41 -53.19
N VAL H 220 44.45 33.45 -52.54
CA VAL H 220 44.62 33.50 -51.09
C VAL H 220 45.63 34.58 -50.71
N LEU H 221 46.72 34.69 -51.49
CA LEU H 221 47.72 35.70 -51.19
C LEU H 221 47.17 37.11 -51.33
N GLY H 222 46.23 37.32 -52.25
CA GLY H 222 45.66 38.64 -52.45
C GLY H 222 44.90 39.16 -51.24
N GLN H 223 44.44 38.27 -50.36
CA GLN H 223 43.70 38.66 -49.17
C GLN H 223 44.56 38.70 -47.91
N VAL H 224 45.75 38.11 -47.95
CA VAL H 224 46.62 38.07 -46.78
C VAL H 224 47.36 39.39 -46.66
N ALA H 225 47.22 40.05 -45.51
CA ALA H 225 47.97 41.25 -45.21
C ALA H 225 49.26 40.96 -44.46
N ALA H 226 49.29 39.89 -43.66
CA ALA H 226 50.48 39.53 -42.90
C ALA H 226 50.39 38.07 -42.49
N VAL H 227 51.55 37.45 -42.29
CA VAL H 227 51.66 36.08 -41.81
C VAL H 227 52.59 36.11 -40.60
N ILE H 228 52.03 35.93 -39.41
CA ILE H 228 52.75 36.07 -38.16
C ILE H 228 53.19 34.69 -37.68
N VAL H 229 54.48 34.57 -37.35
CA VAL H 229 55.06 33.35 -36.82
C VAL H 229 55.59 33.66 -35.42
N ALA H 230 55.28 32.79 -34.47
CA ALA H 230 55.72 32.91 -33.09
C ALA H 230 56.67 31.74 -32.81
N ASP H 231 57.97 31.98 -33.04
CA ASP H 231 58.96 30.92 -32.88
C ASP H 231 59.33 30.79 -31.41
N GLN H 232 58.91 29.69 -30.78
CA GLN H 232 59.18 29.44 -29.38
C GLN H 232 60.20 28.33 -29.16
N GLY H 233 60.81 27.82 -30.23
CA GLY H 233 61.79 26.75 -30.10
C GLY H 233 63.21 27.20 -30.41
N ASN H 234 64.20 26.39 -30.05
CA ASN H 234 65.58 26.77 -30.27
C ASN H 234 65.98 26.62 -31.74
N ARG H 235 65.45 25.60 -32.42
CA ARG H 235 65.68 25.41 -33.85
C ARG H 235 64.78 26.38 -34.60
N LYS H 236 65.35 27.50 -35.05
CA LYS H 236 64.58 28.55 -35.68
C LYS H 236 64.18 28.17 -37.10
N VAL H 237 63.04 28.71 -37.55
CA VAL H 237 62.57 28.47 -38.90
C VAL H 237 63.36 29.26 -39.93
N VAL H 238 63.97 30.38 -39.54
CA VAL H 238 64.74 31.19 -40.48
C VAL H 238 65.98 30.45 -40.96
N ASP H 239 66.48 29.50 -40.16
CA ASP H 239 67.67 28.72 -40.51
C ASP H 239 67.32 27.41 -41.20
N GLU H 240 66.08 27.24 -41.65
CA GLU H 240 65.64 26.02 -42.31
C GLU H 240 65.80 26.16 -43.83
N PRO H 241 66.35 25.15 -44.50
CA PRO H 241 66.43 25.22 -45.97
C PRO H 241 65.04 25.30 -46.60
N GLY H 242 64.94 26.10 -47.66
CA GLY H 242 63.67 26.34 -48.31
C GLY H 242 62.87 27.49 -47.73
N PHE H 243 63.37 28.13 -46.66
CA PHE H 243 62.64 29.22 -46.03
C PHE H 243 62.69 30.50 -46.87
N ASP H 244 63.83 30.78 -47.50
CA ASP H 244 63.96 32.02 -48.25
C ASP H 244 63.07 32.03 -49.49
N GLU H 245 62.91 30.88 -50.13
CA GLU H 245 62.08 30.82 -51.34
C GLU H 245 60.61 31.08 -51.01
N ALA H 246 60.15 30.65 -49.84
CA ALA H 246 58.78 30.94 -49.42
C ALA H 246 58.64 32.35 -48.88
N ALA H 247 59.67 32.86 -48.22
CA ALA H 247 59.63 34.24 -47.73
C ALA H 247 59.59 35.22 -48.89
N ALA H 248 60.30 34.93 -49.98
CA ALA H 248 60.25 35.80 -51.15
C ALA H 248 58.87 35.84 -51.78
N VAL H 249 58.14 34.72 -51.73
CA VAL H 249 56.78 34.71 -52.27
C VAL H 249 55.83 35.44 -51.33
N LEU H 250 55.96 35.22 -50.02
CA LEU H 250 55.10 35.90 -49.06
C LEU H 250 55.37 37.40 -49.02
N GLY H 251 56.56 37.84 -49.39
CA GLY H 251 56.85 39.26 -49.41
C GLY H 251 57.02 39.82 -48.00
N ASP H 252 56.64 41.09 -47.84
CA ASP H 252 56.71 41.77 -46.56
C ASP H 252 55.59 41.38 -45.62
N ARG H 253 54.77 40.39 -45.99
CA ARG H 253 53.73 39.91 -45.09
C ARG H 253 54.34 39.10 -43.95
N LEU H 254 55.39 38.34 -44.23
CA LEU H 254 55.95 37.41 -43.25
C LEU H 254 56.63 38.18 -42.13
N VAL H 255 56.07 38.06 -40.92
CA VAL H 255 56.63 38.62 -39.71
C VAL H 255 56.95 37.47 -38.77
N ILE H 256 58.13 37.51 -38.14
CA ILE H 256 58.58 36.46 -37.25
C ILE H 256 58.98 37.07 -35.92
N ARG H 257 58.46 36.53 -34.84
CA ARG H 257 58.75 37.02 -33.48
C ARG H 257 59.23 35.86 -32.63
N ASP H 258 60.33 36.08 -31.91
CA ASP H 258 60.89 35.09 -31.02
C ASP H 258 60.51 35.41 -29.58
N GLN H 259 60.18 34.37 -28.81
CA GLN H 259 59.73 34.53 -27.44
C GLN H 259 59.94 33.21 -26.71
N PRO H 260 59.94 33.21 -25.38
CA PRO H 260 60.04 31.94 -24.64
C PRO H 260 58.88 31.02 -24.96
N ASN H 261 59.07 29.74 -24.64
CA ASN H 261 58.05 28.73 -24.90
C ASN H 261 56.89 28.86 -23.92
N LEU H 262 55.92 29.70 -24.25
CA LEU H 262 54.72 29.87 -23.44
C LEU H 262 53.58 28.96 -23.87
N GLY H 263 53.88 27.90 -24.62
CA GLY H 263 52.86 26.98 -25.07
C GLY H 263 52.00 27.57 -26.17
N GLY H 264 50.98 26.79 -26.56
CA GLY H 264 50.06 27.25 -27.58
C GLY H 264 49.30 28.49 -27.14
N SER H 265 48.94 28.58 -25.87
CA SER H 265 48.27 29.78 -25.36
C SER H 265 49.10 31.02 -25.62
N GLY H 266 50.37 31.00 -25.18
CA GLY H 266 51.23 32.15 -25.38
C GLY H 266 51.51 32.43 -26.85
N GLY H 267 51.67 31.37 -27.65
CA GLY H 267 51.92 31.58 -29.07
C GLY H 267 50.77 32.27 -29.78
N TYR H 268 49.56 31.72 -29.60
CA TYR H 268 48.39 32.33 -30.23
C TYR H 268 48.10 33.71 -29.64
N SER H 269 48.40 33.93 -28.36
CA SER H 269 48.21 35.26 -27.78
C SER H 269 49.17 36.26 -28.41
N ARG H 270 50.42 35.89 -28.63
CA ARG H 270 51.37 36.77 -29.31
C ARG H 270 50.93 37.02 -30.75
N VAL H 271 50.39 36.00 -31.40
CA VAL H 271 49.88 36.17 -32.77
C VAL H 271 48.76 37.21 -32.79
N MET H 272 47.78 37.06 -31.90
CA MET H 272 46.68 38.01 -31.84
C MET H 272 47.16 39.40 -31.47
N TYR H 273 48.14 39.50 -30.56
CA TYR H 273 48.69 40.79 -30.17
C TYR H 273 49.32 41.50 -31.36
N GLU H 274 50.19 40.80 -32.09
CA GLU H 274 50.84 41.40 -33.25
C GLU H 274 49.82 41.77 -34.32
N ALA H 275 48.80 40.93 -34.51
CA ALA H 275 47.79 41.22 -35.53
C ALA H 275 46.99 42.45 -35.17
N LEU H 276 46.55 42.56 -33.91
CA LEU H 276 45.74 43.70 -33.50
C LEU H 276 46.57 44.97 -33.34
N LYS H 277 47.89 44.85 -33.21
CA LYS H 277 48.74 46.01 -32.99
C LYS H 277 49.34 46.57 -34.28
N ASN H 278 49.98 45.73 -35.09
CA ASN H 278 50.80 46.21 -36.19
C ASN H 278 50.22 45.94 -37.58
N THR H 279 49.01 45.39 -37.66
CA THR H 279 48.35 45.18 -38.95
C THR H 279 46.97 45.82 -38.93
N ASP H 280 46.46 46.11 -40.12
CA ASP H 280 45.13 46.70 -40.29
C ASP H 280 44.14 45.69 -40.88
N ALA H 281 44.39 44.40 -40.66
CA ALA H 281 43.52 43.36 -41.21
C ALA H 281 42.17 43.36 -40.51
N GLU H 282 41.18 42.77 -41.17
CA GLU H 282 39.84 42.67 -40.62
C GLU H 282 39.59 41.37 -39.88
N TYR H 283 40.41 40.33 -40.13
CA TYR H 283 40.23 39.04 -39.49
C TYR H 283 41.60 38.46 -39.13
N ILE H 284 41.61 37.66 -38.07
CA ILE H 284 42.81 36.94 -37.63
C ILE H 284 42.56 35.46 -37.87
N VAL H 285 43.48 34.82 -38.59
CA VAL H 285 43.33 33.42 -38.97
C VAL H 285 44.35 32.63 -38.16
N TYR H 286 43.89 32.03 -37.07
CA TYR H 286 44.70 31.09 -36.32
C TYR H 286 44.91 29.83 -37.13
N MET H 287 46.17 29.42 -37.28
CA MET H 287 46.54 28.16 -37.92
C MET H 287 47.54 27.43 -37.04
N ASP H 288 47.94 26.25 -37.48
CA ASP H 288 48.96 25.47 -36.79
C ASP H 288 50.15 25.28 -37.72
N ASP H 289 51.34 25.13 -37.12
CA ASP H 289 52.56 25.01 -37.92
C ASP H 289 52.71 23.65 -38.58
N ASP H 290 51.95 22.64 -38.14
CA ASP H 290 52.08 21.30 -38.69
C ASP H 290 50.78 20.82 -39.33
N ILE H 291 50.26 21.59 -40.28
CA ILE H 291 49.05 21.22 -41.00
C ILE H 291 49.30 21.31 -42.50
N GLU H 292 48.56 20.51 -43.25
CA GLU H 292 48.57 20.56 -44.71
C GLU H 292 47.37 21.39 -45.15
N ILE H 293 47.63 22.56 -45.74
CA ILE H 293 46.61 23.56 -45.97
C ILE H 293 45.98 23.35 -47.35
N GLU H 294 44.66 23.29 -47.38
CA GLU H 294 43.91 23.44 -48.62
C GLU H 294 43.63 24.92 -48.83
N PRO H 295 44.17 25.54 -49.89
CA PRO H 295 44.11 27.01 -49.98
C PRO H 295 42.70 27.56 -50.09
N ASP H 296 41.81 26.89 -50.82
CA ASP H 296 40.47 27.42 -51.01
C ASP H 296 39.64 27.38 -49.73
N SER H 297 40.04 26.57 -48.74
CA SER H 297 39.34 26.57 -47.46
C SER H 297 39.44 27.92 -46.77
N ILE H 298 40.58 28.59 -46.91
CA ILE H 298 40.76 29.92 -46.33
C ILE H 298 39.76 30.89 -46.94
N LEU H 299 39.64 30.88 -48.27
CA LEU H 299 38.71 31.76 -48.95
C LEU H 299 37.27 31.43 -48.57
N ARG H 300 36.96 30.15 -48.39
CA ARG H 300 35.60 29.76 -47.99
C ARG H 300 35.28 30.30 -46.60
N ALA H 301 36.19 30.12 -45.65
CA ALA H 301 35.97 30.64 -44.30
C ALA H 301 35.86 32.15 -44.31
N LEU H 302 36.68 32.83 -45.11
CA LEU H 302 36.61 34.28 -45.20
C LEU H 302 35.28 34.75 -45.76
N ALA H 303 34.80 34.08 -46.82
CA ALA H 303 33.52 34.45 -47.40
C ALA H 303 32.38 34.19 -46.43
N PHE H 304 32.47 33.11 -45.65
CA PHE H 304 31.43 32.84 -44.65
C PHE H 304 31.46 33.88 -43.54
N ALA H 305 32.65 34.36 -43.17
CA ALA H 305 32.74 35.37 -42.12
C ALA H 305 32.27 36.73 -42.61
N ARG H 306 32.49 37.04 -43.89
CA ARG H 306 32.11 38.36 -44.41
C ARG H 306 30.61 38.48 -44.61
N PHE H 307 29.96 37.39 -45.05
CA PHE H 307 28.52 37.40 -45.29
C PHE H 307 27.71 37.03 -44.05
N ALA H 308 28.33 37.05 -42.87
CA ALA H 308 27.62 36.66 -41.65
C ALA H 308 26.60 37.71 -41.26
N LYS H 309 25.55 37.26 -40.56
CA LYS H 309 24.55 38.19 -40.04
C LYS H 309 25.15 39.11 -39.00
N SER H 310 25.72 38.54 -37.95
CA SER H 310 26.43 39.25 -36.90
C SER H 310 27.87 38.76 -36.86
N PRO H 311 28.78 39.53 -36.25
CA PRO H 311 30.15 39.04 -36.09
C PRO H 311 30.19 37.70 -35.37
N MET H 312 31.02 36.80 -35.88
CA MET H 312 31.04 35.43 -35.39
C MET H 312 32.38 34.80 -35.72
N LEU H 313 32.70 33.73 -34.99
CA LEU H 313 33.91 32.95 -35.24
C LEU H 313 33.59 31.81 -36.20
N VAL H 314 34.39 31.70 -37.26
CA VAL H 314 34.19 30.70 -38.31
C VAL H 314 35.45 29.85 -38.35
N GLY H 315 35.37 28.62 -37.83
CA GLY H 315 36.49 27.73 -37.84
C GLY H 315 36.33 26.62 -38.87
N GLY H 316 37.44 25.95 -39.15
CA GLY H 316 37.45 24.87 -40.12
C GLY H 316 37.53 23.51 -39.46
N GLN H 317 37.23 22.47 -40.23
CA GLN H 317 37.28 21.10 -39.74
C GLN H 317 38.69 20.54 -39.93
N MET H 318 38.91 19.35 -39.38
CA MET H 318 40.20 18.70 -39.43
C MET H 318 40.07 17.35 -40.13
N LEU H 319 40.80 17.19 -41.23
CA LEU H 319 40.95 15.90 -41.87
C LEU H 319 42.20 15.22 -41.34
N ASN H 320 42.13 13.90 -41.16
CA ASN H 320 43.25 13.15 -40.62
C ASN H 320 44.44 13.23 -41.57
N LEU H 321 45.57 13.75 -41.07
CA LEU H 321 46.76 13.89 -41.91
C LEU H 321 47.31 12.53 -42.32
N GLN H 322 47.14 11.51 -41.47
CA GLN H 322 47.62 10.17 -41.78
C GLN H 322 46.63 9.37 -42.62
N GLU H 323 45.33 9.59 -42.43
CA GLU H 323 44.28 9.03 -43.27
C GLU H 323 43.56 10.20 -43.92
N ARG H 324 44.10 10.64 -45.07
CA ARG H 324 43.67 11.89 -45.69
C ARG H 324 42.24 11.84 -46.24
N SER H 325 41.60 10.68 -46.26
CA SER H 325 40.22 10.57 -46.70
C SER H 325 39.23 10.56 -45.54
N HIS H 326 39.70 10.71 -44.31
CA HIS H 326 38.86 10.64 -43.12
C HIS H 326 38.65 12.04 -42.55
N LEU H 327 37.40 12.36 -42.25
CA LEU H 327 37.05 13.58 -41.53
C LEU H 327 36.94 13.24 -40.05
N HIS H 328 37.72 13.93 -39.21
CA HIS H 328 37.79 13.57 -37.81
C HIS H 328 36.48 13.91 -37.08
N SER H 329 36.02 15.15 -37.20
CA SER H 329 34.85 15.57 -36.45
C SER H 329 34.12 16.68 -37.21
N MET H 330 32.79 16.66 -37.09
CA MET H 330 31.96 17.72 -37.65
C MET H 330 31.82 18.89 -36.70
N GLY H 331 31.91 18.66 -35.40
CA GLY H 331 31.78 19.74 -34.43
C GLY H 331 31.96 19.20 -33.02
N GLU H 332 32.30 20.12 -32.12
CA GLU H 332 32.55 19.79 -30.72
C GLU H 332 31.72 20.69 -29.83
N VAL H 333 31.21 20.12 -28.73
CA VAL H 333 30.51 20.87 -27.71
C VAL H 333 31.14 20.54 -26.36
N VAL H 334 30.55 21.07 -25.29
CA VAL H 334 31.02 20.79 -23.94
C VAL H 334 29.81 20.45 -23.08
N ASP H 335 29.83 19.27 -22.47
CA ASP H 335 28.80 18.87 -21.51
C ASP H 335 28.95 19.72 -20.25
N ARG H 336 27.85 20.35 -19.84
CA ARG H 336 27.83 21.25 -18.70
C ARG H 336 27.56 20.54 -17.38
N GLY H 337 27.12 19.30 -17.40
CA GLY H 337 26.89 18.54 -16.19
C GLY H 337 28.20 18.21 -15.48
N ILE H 338 29.08 17.48 -16.16
CA ILE H 338 30.42 17.20 -15.67
C ILE H 338 31.45 18.17 -16.24
N PHE H 339 31.03 19.08 -17.11
CA PHE H 339 31.91 20.02 -17.79
C PHE H 339 33.06 19.31 -18.50
N MET H 340 32.79 18.78 -19.69
CA MET H 340 33.81 18.04 -20.43
C MET H 340 33.55 18.18 -21.92
N TRP H 341 34.60 18.50 -22.68
CA TRP H 341 34.44 18.64 -24.12
C TRP H 341 34.22 17.28 -24.77
N THR H 342 33.33 17.24 -25.75
CA THR H 342 32.93 15.99 -26.39
C THR H 342 32.39 16.31 -27.77
N SER H 343 32.05 15.25 -28.51
CA SER H 343 31.46 15.42 -29.83
C SER H 343 30.06 16.00 -29.73
N ALA H 344 29.72 16.88 -30.67
CA ALA H 344 28.42 17.50 -30.69
C ALA H 344 27.32 16.46 -30.95
N PRO H 345 26.07 16.79 -30.64
CA PRO H 345 24.97 15.88 -31.00
C PRO H 345 24.96 15.59 -32.49
N ASN H 346 24.64 14.34 -32.83
CA ASN H 346 24.61 13.87 -34.22
C ASN H 346 25.98 13.96 -34.88
N VAL H 347 27.03 13.70 -34.10
CA VAL H 347 28.40 13.72 -34.61
C VAL H 347 29.10 12.44 -34.17
N GLU H 348 29.70 11.75 -35.13
CA GLU H 348 30.50 10.55 -34.87
C GLU H 348 31.90 10.78 -35.41
N TYR H 349 32.90 10.44 -34.60
CA TYR H 349 34.28 10.67 -34.99
C TYR H 349 34.69 9.75 -36.14
N ASP H 350 35.64 10.24 -36.95
CA ASP H 350 36.25 9.48 -38.02
C ASP H 350 35.24 8.99 -39.05
N HIS H 351 35.05 9.76 -40.12
CA HIS H 351 34.13 9.41 -41.20
C HIS H 351 34.93 9.28 -42.48
N ASP H 352 35.06 8.05 -42.99
CA ASP H 352 35.83 7.78 -44.20
C ASP H 352 34.93 8.00 -45.42
N PHE H 353 35.24 9.03 -46.20
CA PHE H 353 34.44 9.32 -47.39
C PHE H 353 34.70 8.34 -48.52
N ALA H 354 35.88 7.71 -48.54
CA ALA H 354 36.16 6.72 -49.58
C ALA H 354 35.30 5.48 -49.41
N LYS H 355 35.09 5.04 -48.17
CA LYS H 355 34.26 3.87 -47.91
C LYS H 355 32.78 4.23 -47.87
N HIS H 356 32.45 5.34 -47.21
CA HIS H 356 31.07 5.80 -47.07
C HIS H 356 30.96 7.20 -47.68
N PRO H 357 30.59 7.31 -48.94
CA PRO H 357 30.48 8.64 -49.57
C PRO H 357 29.31 9.42 -49.01
N LEU H 358 29.26 10.71 -49.40
CA LEU H 358 28.22 11.59 -48.88
C LEU H 358 26.83 11.15 -49.33
N LYS H 359 26.74 10.46 -50.47
CA LYS H 359 25.46 9.99 -50.98
C LYS H 359 24.91 8.82 -50.17
N ASP H 360 25.71 8.23 -49.29
CA ASP H 360 25.27 7.06 -48.52
C ASP H 360 24.27 7.49 -47.46
N ARG H 361 23.01 7.08 -47.62
CA ARG H 361 21.98 7.41 -46.65
C ARG H 361 21.98 6.48 -45.44
N ASP H 362 22.77 5.41 -45.46
CA ASP H 362 22.82 4.47 -44.36
C ASP H 362 23.93 4.79 -43.37
N ASN H 363 25.08 5.26 -43.86
CA ASN H 363 26.23 5.55 -43.01
C ASN H 363 26.65 7.00 -43.01
N SER H 364 26.10 7.84 -43.89
CA SER H 364 26.49 9.24 -43.97
C SER H 364 25.29 10.17 -43.84
N LYS H 365 24.21 9.73 -43.19
CA LYS H 365 23.04 10.58 -43.03
C LYS H 365 23.30 11.71 -42.04
N LEU H 366 24.05 11.44 -40.98
CA LEU H 366 24.34 12.45 -39.97
C LEU H 366 25.12 13.62 -40.53
N LEU H 367 25.83 13.43 -41.64
CA LEU H 367 26.54 14.54 -42.28
C LEU H 367 25.59 15.55 -42.92
N HIS H 368 24.33 15.19 -43.10
CA HIS H 368 23.34 16.09 -43.68
C HIS H 368 22.62 16.92 -42.64
N ARG H 369 23.05 16.87 -41.38
CA ARG H 369 22.45 17.65 -40.31
C ARG H 369 23.36 18.82 -39.95
N ARG H 370 22.77 20.01 -39.82
CA ARG H 370 23.54 21.18 -39.43
C ARG H 370 23.98 21.05 -37.98
N ILE H 371 25.29 20.98 -37.77
CA ILE H 371 25.85 20.81 -36.44
C ILE H 371 26.10 22.17 -35.82
N ASP H 372 25.64 22.35 -34.57
CA ASP H 372 25.88 23.57 -33.81
C ASP H 372 26.90 23.27 -32.72
N VAL H 373 27.96 24.07 -32.68
CA VAL H 373 29.10 23.81 -31.82
C VAL H 373 29.21 24.89 -30.75
N ASP H 374 30.01 24.60 -29.73
CA ASP H 374 30.32 25.58 -28.69
C ASP H 374 31.68 26.25 -28.88
N PHE H 375 32.61 25.59 -29.56
CA PHE H 375 33.93 26.14 -29.82
C PHE H 375 34.49 25.47 -31.08
N ASN H 376 35.67 25.92 -31.49
CA ASN H 376 36.35 25.34 -32.64
C ASN H 376 37.85 25.37 -32.39
N GLY H 377 38.54 24.34 -32.86
CA GLY H 377 39.98 24.26 -32.67
C GLY H 377 40.71 25.38 -33.39
N TRP H 378 41.98 25.55 -33.01
CA TRP H 378 42.80 26.62 -33.56
C TRP H 378 43.75 26.12 -34.65
N TRP H 379 43.50 24.91 -35.18
CA TRP H 379 44.22 24.50 -36.38
C TRP H 379 43.84 25.35 -37.57
N THR H 380 42.58 25.78 -37.65
CA THR H 380 42.14 26.77 -38.63
C THR H 380 40.92 27.46 -38.03
N CYS H 381 41.06 28.75 -37.71
CA CYS H 381 39.98 29.49 -37.09
C CYS H 381 40.06 30.95 -37.53
N VAL H 382 38.89 31.56 -37.74
CA VAL H 382 38.80 32.94 -38.18
C VAL H 382 38.09 33.74 -37.08
N ILE H 383 38.80 34.70 -36.51
CA ILE H 383 38.28 35.57 -35.46
C ILE H 383 38.21 36.99 -36.01
N PRO H 384 37.05 37.63 -36.03
CA PRO H 384 36.98 39.02 -36.50
C PRO H 384 37.79 39.94 -35.61
N ARG H 385 38.28 41.04 -36.20
CA ARG H 385 39.07 42.00 -35.45
C ARG H 385 38.25 42.63 -34.32
N GLN H 386 36.98 42.89 -34.57
CA GLN H 386 36.11 43.45 -33.53
C GLN H 386 36.00 42.51 -32.35
N VAL H 387 35.78 41.21 -32.61
CA VAL H 387 35.65 40.25 -31.53
C VAL H 387 36.97 40.14 -30.75
N ALA H 388 38.09 40.12 -31.46
CA ALA H 388 39.38 40.00 -30.80
C ALA H 388 39.68 41.22 -29.93
N GLU H 389 39.32 42.41 -30.41
CA GLU H 389 39.55 43.61 -29.62
C GLU H 389 38.59 43.72 -28.44
N GLN H 390 37.38 43.17 -28.57
CA GLN H 390 36.37 43.31 -27.53
C GLN H 390 36.52 42.27 -26.42
N ILE H 391 36.59 40.99 -26.78
CA ILE H 391 36.62 39.94 -25.75
C ILE H 391 38.01 39.73 -25.17
N GLY H 392 39.06 40.13 -25.89
CA GLY H 392 40.40 40.14 -25.34
C GLY H 392 41.28 39.02 -25.88
N GLN H 393 42.34 38.73 -25.12
CA GLN H 393 43.38 37.76 -25.44
C GLN H 393 43.07 36.41 -24.82
N PRO H 394 43.67 35.33 -25.34
CA PRO H 394 43.48 34.01 -24.73
C PRO H 394 44.05 33.97 -23.32
N LEU H 395 43.51 33.04 -22.53
CA LEU H 395 43.97 32.87 -21.16
C LEU H 395 45.34 32.22 -21.13
N PRO H 396 46.14 32.50 -20.09
CA PRO H 396 47.47 31.86 -19.96
C PRO H 396 47.37 30.44 -19.41
N LEU H 397 46.82 29.54 -20.22
CA LEU H 397 46.62 28.14 -19.84
C LEU H 397 47.69 27.21 -20.38
N PHE H 398 48.68 27.73 -21.11
CA PHE H 398 49.74 26.95 -21.73
C PHE H 398 49.19 26.01 -22.80
N LEU H 399 48.64 24.87 -22.38
CA LEU H 399 48.07 23.91 -23.31
C LEU H 399 46.76 23.38 -22.75
N LYS H 400 45.87 22.96 -23.66
CA LYS H 400 44.58 22.37 -23.34
C LYS H 400 43.58 23.40 -22.82
N TRP H 401 42.34 23.33 -23.30
CA TRP H 401 41.21 24.15 -22.89
C TRP H 401 41.39 25.63 -23.19
N ASP H 402 42.44 26.01 -23.91
CA ASP H 402 42.66 27.41 -24.24
C ASP H 402 41.76 27.89 -25.39
N ASP H 403 41.24 26.97 -26.20
CA ASP H 403 40.31 27.35 -27.26
C ASP H 403 38.85 27.20 -26.84
N VAL H 404 38.55 26.23 -25.97
CA VAL H 404 37.18 26.07 -25.49
C VAL H 404 36.75 27.29 -24.70
N GLU H 405 37.61 27.78 -23.82
CA GLU H 405 37.28 28.96 -23.02
C GLU H 405 37.11 30.19 -23.91
N TYR H 406 37.95 30.32 -24.94
CA TYR H 406 37.82 31.47 -25.84
C TYR H 406 36.51 31.40 -26.61
N GLY H 407 36.12 30.22 -27.07
CA GLY H 407 34.83 30.08 -27.73
C GLY H 407 33.67 30.39 -26.80
N LEU H 408 33.74 29.91 -25.56
CA LEU H 408 32.67 30.19 -24.60
C LEU H 408 32.58 31.68 -24.28
N ARG H 409 33.73 32.35 -24.16
CA ARG H 409 33.73 33.78 -23.91
C ARG H 409 33.15 34.54 -25.09
N ALA H 410 33.54 34.17 -26.32
CA ALA H 410 32.97 34.80 -27.49
C ALA H 410 31.46 34.60 -27.55
N ARG H 411 30.98 33.40 -27.19
CA ARG H 411 29.55 33.16 -27.16
C ARG H 411 28.86 34.01 -26.10
N ASP H 412 29.50 34.16 -24.93
CA ASP H 412 28.94 35.01 -23.88
C ASP H 412 28.93 36.49 -24.28
N HIS H 413 29.80 36.90 -25.20
CA HIS H 413 29.82 38.27 -25.68
C HIS H 413 28.98 38.48 -26.94
N GLY H 414 28.11 37.53 -27.27
CA GLY H 414 27.25 37.68 -28.43
C GLY H 414 27.90 37.34 -29.76
N TYR H 415 28.88 36.44 -29.76
CA TYR H 415 29.57 36.02 -30.98
C TYR H 415 29.62 34.50 -31.01
N PRO H 416 28.77 33.86 -31.81
CA PRO H 416 28.73 32.40 -31.84
C PRO H 416 29.82 31.82 -32.72
N THR H 417 30.28 30.63 -32.33
CA THR H 417 31.30 29.91 -33.06
C THR H 417 30.65 28.84 -33.93
N VAL H 418 31.08 28.74 -35.18
CA VAL H 418 30.58 27.72 -36.09
C VAL H 418 31.76 27.01 -36.72
N THR H 419 31.55 25.73 -37.06
CA THR H 419 32.54 24.90 -37.74
C THR H 419 32.03 24.65 -39.15
N LEU H 420 32.64 25.30 -40.13
CA LEU H 420 32.12 25.29 -41.49
C LEU H 420 32.58 24.04 -42.24
N PRO H 421 31.67 23.18 -42.68
CA PRO H 421 32.08 22.03 -43.49
C PRO H 421 32.55 22.47 -44.86
N GLY H 422 33.51 21.72 -45.41
CA GLY H 422 34.09 22.06 -46.69
C GLY H 422 35.41 22.79 -46.52
N ALA H 423 35.49 23.65 -45.51
CA ALA H 423 36.73 24.35 -45.17
C ALA H 423 37.46 23.52 -44.13
N ALA H 424 38.55 22.86 -44.53
CA ALA H 424 39.27 21.98 -43.62
C ALA H 424 40.74 21.93 -44.00
N VAL H 425 41.56 21.54 -43.03
CA VAL H 425 42.98 21.32 -43.23
C VAL H 425 43.34 19.95 -42.65
N TRP H 426 44.44 19.40 -43.14
CA TRP H 426 44.90 18.10 -42.68
C TRP H 426 45.81 18.26 -41.46
N HIS H 427 45.55 17.47 -40.43
CA HIS H 427 46.34 17.52 -39.20
C HIS H 427 46.18 16.19 -38.48
N MET H 428 47.21 15.81 -37.72
CA MET H 428 47.17 14.54 -37.00
C MET H 428 46.06 14.54 -35.97
N ALA H 429 45.30 13.45 -35.94
CA ALA H 429 44.16 13.36 -35.05
C ALA H 429 44.58 12.87 -33.65
N TRP H 430 43.69 13.06 -32.70
CA TRP H 430 43.93 12.64 -31.32
C TRP H 430 43.08 11.44 -30.94
N LYS H 433 45.46 8.99 -28.61
CA LYS H 433 46.72 8.41 -28.18
C LYS H 433 46.82 8.37 -26.65
N ASP H 434 47.96 8.81 -26.13
CA ASP H 434 48.23 8.84 -24.70
C ASP H 434 48.06 10.24 -24.10
N ASP H 435 47.15 11.04 -24.65
CA ASP H 435 46.94 12.40 -24.17
C ASP H 435 46.23 12.45 -22.83
N ALA H 436 45.76 11.31 -22.31
CA ALA H 436 45.09 11.25 -21.03
C ALA H 436 45.91 10.54 -19.97
N ILE H 437 47.17 10.20 -20.28
CA ILE H 437 48.05 9.49 -19.36
C ILE H 437 49.33 10.27 -19.07
N ASP H 438 49.93 10.86 -20.09
CA ASP H 438 51.24 11.51 -19.93
C ASP H 438 51.12 12.88 -19.30
N TRP H 439 52.09 13.76 -19.58
CA TRP H 439 52.12 15.09 -18.97
C TRP H 439 50.88 15.90 -19.32
N GLN H 440 50.27 15.66 -20.48
CA GLN H 440 49.10 16.41 -20.90
C GLN H 440 47.93 16.22 -19.95
N ALA H 441 47.95 15.17 -19.12
CA ALA H 441 46.91 14.98 -18.12
C ALA H 441 46.91 16.08 -17.06
N TYR H 442 48.04 16.76 -16.86
CA TYR H 442 48.10 17.88 -15.93
C TYR H 442 47.29 19.05 -16.46
N PHE H 443 47.77 19.65 -17.56
CA PHE H 443 47.11 20.82 -18.13
C PHE H 443 45.67 20.53 -18.51
N HIS H 444 45.34 19.27 -18.78
CA HIS H 444 43.96 18.93 -19.14
C HIS H 444 43.03 19.04 -17.94
N LEU H 445 43.53 18.77 -16.73
CA LEU H 445 42.67 18.81 -15.55
C LEU H 445 42.59 20.22 -14.97
N ARG H 446 43.73 20.81 -14.64
CA ARG H 446 43.78 22.14 -14.02
C ARG H 446 42.91 23.13 -14.80
N ASN H 447 43.21 23.30 -16.09
CA ASN H 447 42.45 24.22 -16.91
C ASN H 447 40.98 23.82 -16.98
N ARG H 448 40.69 22.51 -17.01
CA ARG H 448 39.31 22.06 -16.98
C ARG H 448 38.58 22.61 -15.77
N LEU H 449 39.27 22.72 -14.64
CA LEU H 449 38.68 23.37 -13.47
C LEU H 449 38.58 24.87 -13.69
N VAL H 450 39.65 25.49 -14.20
CA VAL H 450 39.69 26.94 -14.36
C VAL H 450 38.54 27.41 -15.22
N VAL H 451 38.43 26.87 -16.43
CA VAL H 451 37.33 27.21 -17.32
C VAL H 451 35.99 26.91 -16.65
N ALA H 452 35.94 25.82 -15.86
CA ALA H 452 34.71 25.52 -15.13
C ALA H 452 34.35 26.66 -14.20
N SER H 453 35.33 27.22 -13.50
CA SER H 453 35.09 28.35 -12.60
C SER H 453 34.47 29.53 -13.33
N LEU H 454 34.52 29.54 -14.67
CA LEU H 454 33.93 30.62 -15.45
C LEU H 454 32.61 30.24 -16.11
N HIS H 455 32.30 28.94 -16.25
CA HIS H 455 31.14 28.55 -17.04
C HIS H 455 30.39 27.34 -16.49
N LEU H 456 30.64 26.92 -15.25
CA LEU H 456 29.96 25.75 -14.71
C LEU H 456 28.80 26.19 -13.84
N PRO H 457 27.55 26.01 -14.28
CA PRO H 457 26.40 26.43 -13.47
C PRO H 457 26.09 25.41 -12.38
N GLY H 458 26.29 25.81 -11.13
CA GLY H 458 26.01 24.98 -9.98
C GLY H 458 27.26 24.76 -9.14
N ASN H 459 27.15 23.82 -8.20
CA ASN H 459 28.25 23.48 -7.31
C ASN H 459 29.30 22.59 -7.97
N GLY H 460 28.99 21.98 -9.11
CA GLY H 460 29.97 21.18 -9.82
C GLY H 460 30.33 19.88 -9.14
N LYS H 461 29.42 19.30 -8.36
CA LYS H 461 29.72 18.03 -7.70
C LYS H 461 29.79 16.88 -8.69
N ALA H 462 29.02 16.95 -9.78
CA ALA H 462 29.10 15.91 -10.80
C ALA H 462 30.47 15.85 -11.44
N MET H 463 31.09 17.01 -11.66
CA MET H 463 32.46 17.04 -12.18
C MET H 463 33.42 16.38 -11.20
N VAL H 464 33.23 16.61 -9.91
CA VAL H 464 34.11 16.02 -8.91
C VAL H 464 33.93 14.50 -8.88
N VAL H 465 32.69 14.02 -9.00
CA VAL H 465 32.46 12.58 -9.02
C VAL H 465 33.05 11.96 -10.29
N ASN H 466 32.97 12.67 -11.41
CA ASN H 466 33.59 12.18 -12.64
C ASN H 466 35.10 12.09 -12.50
N THR H 467 35.72 13.10 -11.91
CA THR H 467 37.16 13.02 -11.68
C THR H 467 37.52 11.94 -10.66
N ILE H 468 36.63 11.67 -9.70
CA ILE H 468 36.87 10.60 -8.74
C ILE H 468 36.89 9.24 -9.45
N LYS H 469 35.89 8.99 -10.30
CA LYS H 469 35.87 7.71 -11.01
C LYS H 469 36.99 7.63 -12.03
N ALA H 470 37.43 8.76 -12.59
CA ALA H 470 38.59 8.76 -13.45
C ALA H 470 39.85 8.38 -12.68
N THR H 471 39.99 8.91 -11.46
CA THR H 471 41.12 8.53 -10.61
C THR H 471 41.06 7.05 -10.25
N LEU H 472 39.86 6.53 -10.01
CA LEU H 472 39.70 5.10 -9.76
C LEU H 472 40.19 4.28 -10.95
N LYS H 473 39.76 4.67 -12.15
CA LYS H 473 40.20 3.97 -13.35
C LYS H 473 41.72 4.05 -13.52
N HIS H 474 42.30 5.22 -13.26
CA HIS H 474 43.75 5.39 -13.40
C HIS H 474 44.50 4.51 -12.40
N LEU H 475 44.04 4.46 -11.16
CA LEU H 475 44.71 3.65 -10.15
C LEU H 475 44.53 2.17 -10.42
N LEU H 476 43.39 1.76 -10.99
CA LEU H 476 43.21 0.35 -11.32
C LEU H 476 44.08 -0.08 -12.50
N CYS H 477 44.37 0.84 -13.41
CA CYS H 477 45.19 0.54 -14.59
C CYS H 477 46.67 0.74 -14.35
N LEU H 478 47.10 0.84 -13.09
CA LEU H 478 48.51 0.98 -12.73
C LEU H 478 49.12 2.24 -13.36
N GLU H 479 48.34 3.32 -13.38
CA GLU H 479 48.77 4.60 -13.93
C GLU H 479 48.87 5.62 -12.81
N TYR H 480 49.90 5.45 -11.97
CA TYR H 480 50.02 6.25 -10.76
C TYR H 480 50.57 7.65 -11.04
N SER H 481 51.43 7.79 -12.05
CA SER H 481 51.95 9.10 -12.39
C SER H 481 50.84 10.04 -12.83
N THR H 482 49.83 9.50 -13.50
CA THR H 482 48.68 10.31 -13.90
C THR H 482 47.96 10.88 -12.69
N VAL H 483 47.70 10.03 -11.68
CA VAL H 483 47.04 10.49 -10.47
C VAL H 483 47.91 11.52 -9.74
N ALA H 484 49.23 11.31 -9.74
CA ALA H 484 50.13 12.25 -9.08
C ALA H 484 50.07 13.62 -9.74
N ILE H 485 50.19 13.67 -11.07
CA ILE H 485 50.18 14.95 -11.75
C ILE H 485 48.78 15.58 -11.73
N GLN H 486 47.73 14.78 -11.60
CA GLN H 486 46.39 15.35 -11.47
C GLN H 486 46.19 15.96 -10.08
N ASN H 487 46.75 15.32 -9.05
CA ASN H 487 46.77 15.94 -7.73
C ASN H 487 47.55 17.26 -7.77
N LEU H 488 48.68 17.26 -8.48
CA LEU H 488 49.43 18.50 -8.66
C LEU H 488 48.60 19.56 -9.37
N ALA H 489 47.81 19.14 -10.36
CA ALA H 489 46.96 20.08 -11.09
C ALA H 489 45.89 20.68 -10.18
N ILE H 490 45.27 19.84 -9.34
CA ILE H 490 44.28 20.35 -8.39
C ILE H 490 44.93 21.32 -7.42
N ARG H 491 46.13 20.98 -6.93
CA ARG H 491 46.81 21.86 -5.99
C ARG H 491 47.15 23.20 -6.63
N ASP H 492 47.58 23.18 -7.90
CA ASP H 492 47.92 24.43 -8.58
C ASP H 492 46.68 25.24 -8.94
N TYR H 493 45.55 24.57 -9.21
CA TYR H 493 44.30 25.29 -9.46
C TYR H 493 43.80 25.96 -8.20
N LEU H 494 43.89 25.27 -7.06
CA LEU H 494 43.46 25.86 -5.80
C LEU H 494 44.35 27.00 -5.34
N ALA H 495 45.52 27.18 -5.97
CA ALA H 495 46.41 28.29 -5.62
C ALA H 495 45.88 29.63 -6.08
N GLY H 496 44.87 29.67 -6.94
CA GLY H 496 44.31 30.90 -7.40
C GLY H 496 44.80 31.31 -8.77
N PRO H 497 44.10 32.26 -9.41
CA PRO H 497 44.52 32.70 -10.74
C PRO H 497 45.83 33.49 -10.74
N GLU H 498 46.22 34.07 -9.60
CA GLU H 498 47.44 34.87 -9.55
C GLU H 498 48.68 34.08 -9.91
N ARG H 499 48.64 32.75 -9.76
CA ARG H 499 49.77 31.91 -10.12
C ARG H 499 49.81 31.55 -11.60
N LEU H 500 48.71 31.76 -12.34
CA LEU H 500 48.60 31.27 -13.71
C LEU H 500 49.78 31.71 -14.57
N PHE H 501 49.97 33.03 -14.69
CA PHE H 501 51.11 33.53 -15.47
C PHE H 501 52.43 32.99 -14.95
N GLN H 502 52.58 32.89 -13.63
CA GLN H 502 53.81 32.34 -13.06
C GLN H 502 54.01 30.89 -13.50
N LEU H 503 52.92 30.14 -13.65
CA LEU H 503 52.99 28.76 -14.11
C LEU H 503 53.01 28.65 -15.63
N LEU H 504 52.95 29.78 -16.35
CA LEU H 504 52.97 29.70 -17.80
C LEU H 504 54.27 29.13 -18.35
N PRO H 505 55.46 29.47 -17.82
CA PRO H 505 56.67 28.80 -18.29
C PRO H 505 57.31 27.89 -17.25
N SER H 506 56.59 27.55 -16.18
CA SER H 506 57.18 26.83 -15.06
C SER H 506 56.42 25.59 -14.62
N ALA H 507 55.32 25.24 -15.27
CA ALA H 507 54.56 24.06 -14.86
C ALA H 507 55.06 22.78 -15.51
N LEU H 508 55.46 22.87 -16.79
CA LEU H 508 55.89 21.68 -17.52
C LEU H 508 57.12 21.05 -16.88
N GLY H 509 58.00 21.86 -16.30
CA GLY H 509 59.17 21.31 -15.62
C GLY H 509 58.78 20.46 -14.42
N ALA H 510 57.86 20.97 -13.60
CA ALA H 510 57.39 20.20 -12.46
C ALA H 510 56.70 18.92 -12.90
N VAL H 511 55.87 19.01 -13.95
CA VAL H 511 55.18 17.82 -14.45
C VAL H 511 56.19 16.78 -14.93
N HIS H 512 57.20 17.22 -15.70
CA HIS H 512 58.20 16.30 -16.20
C HIS H 512 58.98 15.65 -15.07
N ALA H 513 59.38 16.43 -14.06
CA ALA H 513 60.11 15.87 -12.93
C ALA H 513 59.27 14.82 -12.20
N LEU H 514 58.03 15.18 -11.85
CA LEU H 514 57.18 14.27 -11.11
C LEU H 514 56.92 12.99 -11.90
N ARG H 515 56.68 13.11 -13.21
CA ARG H 515 56.43 11.92 -14.02
C ARG H 515 57.68 11.06 -14.15
N LYS H 516 58.85 11.68 -14.31
CA LYS H 516 60.09 10.92 -14.39
C LYS H 516 60.40 10.22 -13.09
N GLN H 517 59.87 10.70 -11.96
CA GLN H 517 59.99 9.98 -10.70
C GLN H 517 59.04 8.79 -10.59
N TYR H 518 58.50 8.30 -11.71
CA TYR H 518 57.59 7.17 -11.73
C TYR H 518 58.00 6.19 -12.82
N PRO H 519 57.79 4.88 -12.60
CA PRO H 519 58.21 3.89 -13.60
C PRO H 519 57.26 3.78 -14.78
N ASP H 520 55.96 3.99 -14.54
CA ASP H 520 54.97 3.86 -15.61
C ASP H 520 55.02 5.02 -16.59
N ALA H 521 55.80 6.06 -16.33
CA ALA H 521 55.92 7.19 -17.23
C ALA H 521 57.22 7.19 -18.01
N VAL H 522 58.27 6.56 -17.50
CA VAL H 522 59.54 6.47 -18.21
C VAL H 522 59.40 5.45 -19.34
N ILE H 523 59.69 5.89 -20.57
CA ILE H 523 59.51 5.07 -21.75
C ILE H 523 60.86 4.46 -22.14
N LEU H 524 60.85 3.17 -22.44
CA LEU H 524 62.00 2.42 -22.92
C LEU H 524 61.92 2.25 -24.43
N PRO H 525 63.06 2.03 -25.10
CA PRO H 525 63.00 1.84 -26.56
C PRO H 525 62.19 0.63 -26.98
N SER H 526 62.43 -0.53 -26.37
CA SER H 526 61.73 -1.75 -26.73
C SER H 526 61.55 -2.60 -25.48
N SER H 527 60.67 -3.60 -25.58
CA SER H 527 60.48 -4.56 -24.50
C SER H 527 61.70 -5.45 -24.30
N THR H 528 62.67 -5.42 -25.21
CA THR H 528 63.89 -6.21 -25.06
C THR H 528 64.83 -5.66 -24.00
N GLU H 529 64.61 -4.44 -23.52
CA GLU H 529 65.46 -3.87 -22.48
C GLU H 529 65.20 -4.49 -21.12
N LEU H 530 64.05 -5.15 -20.95
CA LEU H 530 63.69 -5.86 -19.74
C LEU H 530 63.85 -7.35 -19.94
N PRO H 531 63.87 -8.13 -18.86
CA PRO H 531 63.88 -9.60 -19.00
C PRO H 531 62.63 -10.08 -19.74
N LEU H 532 62.73 -11.31 -20.24
CA LEU H 532 61.62 -11.89 -20.99
C LEU H 532 60.39 -12.06 -20.10
N ALA H 533 59.22 -11.99 -20.73
CA ALA H 533 57.96 -12.12 -20.01
C ALA H 533 57.85 -13.51 -19.39
N SER H 534 57.73 -13.57 -18.07
CA SER H 534 57.71 -14.85 -17.37
C SER H 534 56.37 -15.54 -17.44
N HIS H 535 55.28 -14.77 -17.61
CA HIS H 535 53.90 -15.26 -17.59
C HIS H 535 53.53 -15.92 -16.27
N LEU H 536 54.33 -15.72 -15.23
CA LEU H 536 54.04 -16.33 -13.92
C LEU H 536 52.88 -15.62 -13.25
N GLU H 537 51.96 -16.41 -12.69
CA GLU H 537 50.80 -15.90 -11.96
C GLU H 537 49.95 -14.97 -12.84
N VAL H 538 49.66 -15.44 -14.05
CA VAL H 538 48.82 -14.72 -15.00
C VAL H 538 47.66 -15.63 -15.37
N GLY H 539 46.45 -15.20 -15.06
CA GLY H 539 45.27 -16.00 -15.34
C GLY H 539 44.38 -15.39 -16.41
N ALA H 540 43.12 -15.14 -16.06
CA ALA H 540 42.17 -14.57 -17.02
C ALA H 540 42.50 -13.11 -17.26
N VAL H 541 42.86 -12.77 -18.50
CA VAL H 541 43.20 -11.40 -18.88
C VAL H 541 42.46 -10.94 -20.11
N ALA H 542 41.58 -11.75 -20.68
CA ALA H 542 40.80 -11.35 -21.84
C ALA H 542 39.51 -10.64 -21.41
N GLU H 543 38.91 -9.93 -22.35
CA GLU H 543 37.70 -9.18 -22.05
C GLU H 543 36.56 -10.13 -21.69
N PRO H 544 35.89 -9.92 -20.56
CA PRO H 544 34.79 -10.83 -20.19
C PRO H 544 33.64 -10.75 -21.18
N ALA H 545 32.92 -11.87 -21.30
CA ALA H 545 31.82 -11.97 -22.25
C ALA H 545 30.54 -11.39 -21.66
N ASN H 546 29.84 -12.18 -20.85
CA ASN H 546 28.60 -11.71 -20.26
C ASN H 546 28.88 -10.59 -19.25
N PRO H 547 27.94 -9.65 -19.07
CA PRO H 547 28.17 -8.53 -18.16
C PRO H 547 28.32 -8.95 -16.71
N ILE H 548 27.90 -10.16 -16.34
CA ILE H 548 28.11 -10.63 -14.96
C ILE H 548 29.58 -10.97 -14.75
N ALA H 549 30.25 -11.49 -15.78
CA ALA H 549 31.68 -11.78 -15.67
C ALA H 549 32.48 -10.50 -15.50
N LYS H 550 31.99 -9.38 -16.03
CA LYS H 550 32.62 -8.10 -15.78
C LYS H 550 32.67 -7.79 -14.29
N VAL H 551 31.57 -8.07 -13.58
CA VAL H 551 31.51 -7.78 -12.15
C VAL H 551 32.45 -8.70 -11.37
N VAL H 552 32.50 -9.97 -11.73
CA VAL H 552 33.37 -10.89 -11.00
C VAL H 552 34.83 -10.57 -11.28
N ARG H 553 35.16 -10.10 -12.48
CA ARG H 553 36.54 -9.72 -12.76
C ARG H 553 36.89 -8.42 -12.05
N LEU H 554 35.95 -7.49 -11.94
CA LEU H 554 36.19 -6.28 -11.16
C LEU H 554 36.42 -6.62 -9.69
N ALA H 555 35.67 -7.60 -9.17
CA ALA H 555 35.89 -8.04 -7.79
C ALA H 555 37.24 -8.72 -7.63
N LYS H 556 37.63 -9.55 -8.60
CA LYS H 556 38.96 -10.15 -8.56
C LYS H 556 40.06 -9.10 -8.59
N GLY H 557 39.87 -8.05 -9.38
CA GLY H 557 40.86 -6.99 -9.44
C GLY H 557 40.92 -6.17 -8.16
N VAL H 558 39.76 -5.92 -7.55
CA VAL H 558 39.72 -5.21 -6.27
C VAL H 558 40.45 -6.02 -5.20
N LEU H 559 40.15 -7.32 -5.12
CA LEU H 559 40.82 -8.17 -4.14
C LEU H 559 42.30 -8.31 -4.45
N HIS H 560 42.69 -8.24 -5.73
CA HIS H 560 44.09 -8.37 -6.08
C HIS H 560 44.88 -7.12 -5.72
N ASN H 561 44.27 -5.94 -5.81
CA ASN H 561 44.92 -4.69 -5.43
C ASN H 561 45.01 -4.51 -3.92
N LEU H 562 44.48 -5.44 -3.14
CA LEU H 562 44.59 -5.41 -1.69
C LEU H 562 45.77 -6.21 -1.16
N ARG H 563 46.07 -7.35 -1.80
CA ARG H 563 47.19 -8.17 -1.36
C ARG H 563 48.51 -7.51 -1.77
N PRO H 564 49.57 -7.70 -0.98
CA PRO H 564 50.87 -7.12 -1.33
C PRO H 564 51.40 -7.69 -2.63
N ALA H 565 51.94 -6.81 -3.47
CA ALA H 565 52.50 -7.24 -4.74
C ALA H 565 53.80 -8.00 -4.51
N HIS H 566 54.09 -8.93 -5.43
CA HIS H 566 55.31 -9.73 -5.36
C HIS H 566 56.44 -9.01 -6.06
N ALA H 567 57.56 -8.83 -5.35
CA ALA H 567 58.71 -8.16 -5.93
C ALA H 567 59.28 -8.90 -7.14
N ARG H 568 59.05 -10.21 -7.23
CA ARG H 568 59.51 -10.97 -8.38
C ARG H 568 58.97 -10.41 -9.69
N HIS H 569 57.77 -9.83 -9.66
CA HIS H 569 57.15 -9.26 -10.86
C HIS H 569 57.53 -7.80 -11.08
N HIS H 570 58.29 -7.19 -10.16
CA HIS H 570 58.78 -5.83 -10.36
C HIS H 570 60.11 -5.80 -11.10
N GLU H 571 60.82 -6.93 -11.17
CA GLU H 571 62.07 -7.03 -11.91
C GLU H 571 61.90 -7.77 -13.23
N THR H 572 61.16 -8.88 -13.22
CA THR H 572 60.84 -9.60 -14.45
C THR H 572 59.36 -9.41 -14.77
N PRO H 573 59.01 -8.76 -15.87
CA PRO H 573 57.59 -8.52 -16.17
C PRO H 573 56.87 -9.82 -16.48
N GLN H 574 55.54 -9.76 -16.33
CA GLN H 574 54.68 -10.92 -16.55
C GLN H 574 54.24 -11.05 -18.00
N LEU H 575 53.76 -9.96 -18.59
CA LEU H 575 53.25 -9.97 -19.95
C LEU H 575 53.83 -8.80 -20.74
N ASN H 576 53.84 -8.96 -22.05
CA ASN H 576 54.17 -7.89 -23.00
C ASN H 576 52.85 -7.50 -23.68
N VAL H 577 52.16 -6.54 -23.07
CA VAL H 577 50.80 -6.19 -23.47
C VAL H 577 50.82 -5.08 -24.53
N PRO H 578 50.14 -5.26 -25.65
CA PRO H 578 50.09 -4.21 -26.67
C PRO H 578 49.26 -3.00 -26.24
N THR H 579 49.01 -2.08 -27.17
CA THR H 579 48.29 -0.86 -26.83
C THR H 579 46.80 -1.13 -26.65
N LEU H 580 46.19 -1.88 -27.57
CA LEU H 580 44.76 -2.14 -27.53
C LEU H 580 44.38 -3.25 -26.55
N ASP H 581 45.35 -3.84 -25.84
CA ASP H 581 45.07 -4.86 -24.84
C ASP H 581 45.25 -4.37 -23.41
N ALA H 582 45.71 -3.14 -23.21
CA ALA H 582 45.98 -2.63 -21.87
C ALA H 582 44.73 -1.96 -21.31
N ARG H 583 43.71 -2.77 -21.08
CA ARG H 583 42.47 -2.34 -20.47
C ARG H 583 42.44 -2.74 -19.00
N TRP H 584 41.32 -2.45 -18.33
CA TRP H 584 41.22 -2.71 -16.90
C TRP H 584 41.19 -4.22 -16.62
N PHE H 585 40.47 -4.99 -17.44
CA PHE H 585 40.30 -6.41 -17.18
C PHE H 585 41.59 -7.21 -17.27
N LEU H 586 42.67 -6.60 -17.76
CA LEU H 586 43.99 -7.20 -17.74
C LEU H 586 44.94 -6.55 -16.75
N LEU H 587 44.89 -5.21 -16.63
CA LEU H 587 45.81 -4.50 -15.75
C LEU H 587 45.43 -4.63 -14.28
N SER H 588 44.20 -4.99 -13.96
CA SER H 588 43.80 -5.15 -12.57
C SER H 588 44.10 -6.54 -12.01
N GLN H 589 44.69 -7.43 -12.82
CA GLN H 589 45.01 -8.79 -12.40
C GLN H 589 46.51 -9.08 -12.52
N VAL H 590 47.34 -8.05 -12.48
CA VAL H 590 48.78 -8.21 -12.68
C VAL H 590 49.52 -7.38 -11.63
N ASP H 591 50.82 -7.67 -11.49
CA ASP H 591 51.71 -6.94 -10.60
C ASP H 591 52.78 -6.16 -11.33
N GLY H 592 53.28 -6.67 -12.46
CA GLY H 592 54.27 -5.98 -13.26
C GLY H 592 54.13 -6.32 -14.73
N VAL H 593 53.90 -5.31 -15.57
CA VAL H 593 53.57 -5.55 -16.97
C VAL H 593 54.17 -4.44 -17.82
N THR H 594 54.71 -4.82 -18.98
CA THR H 594 55.16 -3.86 -19.98
C THR H 594 54.00 -3.54 -20.93
N VAL H 595 53.73 -2.24 -21.08
CA VAL H 595 52.64 -1.76 -21.92
C VAL H 595 53.24 -0.93 -23.05
N THR H 596 52.85 -1.23 -24.28
CA THR H 596 53.36 -0.51 -25.44
C THR H 596 52.67 0.84 -25.57
N THR H 597 53.45 1.86 -25.92
CA THR H 597 52.92 3.20 -26.10
C THR H 597 51.97 3.25 -27.31
N ALA H 598 51.25 4.36 -27.41
CA ALA H 598 50.21 4.49 -28.43
C ALA H 598 50.78 4.34 -29.84
N ASP H 599 51.77 5.17 -30.19
CA ASP H 599 52.34 5.11 -31.53
C ASP H 599 53.24 3.90 -31.73
N GLY H 600 53.45 3.07 -30.72
CA GLY H 600 54.20 1.84 -30.88
C GLY H 600 55.69 2.03 -31.02
N ARG H 601 56.24 3.10 -30.47
CA ARG H 601 57.68 3.36 -30.53
C ARG H 601 58.42 2.98 -29.26
N GLY H 602 57.72 2.45 -28.26
CA GLY H 602 58.37 2.08 -27.02
C GLY H 602 57.40 1.40 -26.08
N VAL H 603 57.90 1.10 -24.88
CA VAL H 603 57.11 0.44 -23.85
C VAL H 603 57.40 1.10 -22.50
N VAL H 604 56.49 0.89 -21.56
CA VAL H 604 56.64 1.37 -20.19
C VAL H 604 56.39 0.21 -19.23
N TYR H 605 57.09 0.23 -18.11
CA TYR H 605 57.03 -0.86 -17.12
C TYR H 605 56.11 -0.42 -15.99
N ARG H 606 54.84 -0.78 -16.10
CA ARG H 606 53.87 -0.48 -15.04
C ARG H 606 53.98 -1.52 -13.93
N LYS H 607 53.95 -1.05 -12.69
CA LYS H 607 54.07 -1.90 -11.52
C LYS H 607 52.99 -1.52 -10.51
N ARG H 608 52.44 -2.53 -9.84
CA ARG H 608 51.37 -2.32 -8.87
C ARG H 608 51.95 -2.23 -7.46
N ASP H 609 51.45 -1.27 -6.69
CA ASP H 609 51.86 -1.08 -5.31
C ASP H 609 50.66 -0.69 -4.46
N PRO H 610 50.24 -1.53 -3.52
CA PRO H 610 49.06 -1.18 -2.70
C PRO H 610 49.25 0.07 -1.86
N ARG H 611 50.41 0.21 -1.24
CA ARG H 611 50.67 1.38 -0.38
C ARG H 611 50.61 2.67 -1.20
N GLN H 612 51.32 2.70 -2.34
CA GLN H 612 51.36 3.92 -3.14
C GLN H 612 50.01 4.23 -3.74
N ALA H 613 49.28 3.21 -4.21
CA ALA H 613 47.94 3.44 -4.74
C ALA H 613 47.01 4.00 -3.67
N LEU H 614 47.06 3.43 -2.46
CA LEU H 614 46.20 3.91 -1.39
C LEU H 614 46.55 5.34 -0.99
N GLY H 615 47.86 5.65 -0.94
CA GLY H 615 48.25 7.01 -0.60
C GLY H 615 47.84 8.03 -1.65
N LEU H 616 48.04 7.70 -2.92
CA LEU H 616 47.60 8.59 -3.99
C LEU H 616 46.09 8.77 -3.97
N PHE H 617 45.35 7.69 -3.70
CA PHE H 617 43.90 7.80 -3.62
C PHE H 617 43.48 8.70 -2.46
N LYS H 618 44.12 8.54 -1.30
CA LYS H 618 43.78 9.39 -0.15
C LYS H 618 44.08 10.86 -0.45
N GLU H 619 45.23 11.15 -1.06
CA GLU H 619 45.56 12.53 -1.37
C GLU H 619 44.60 13.10 -2.40
N ALA H 620 44.22 12.30 -3.41
CA ALA H 620 43.28 12.75 -4.41
C ALA H 620 41.91 13.04 -3.80
N MET H 621 41.47 12.19 -2.88
CA MET H 621 40.17 12.40 -2.23
C MET H 621 40.20 13.64 -1.35
N ARG H 622 41.32 13.86 -0.64
CA ARG H 622 41.44 15.08 0.17
C ARG H 622 41.38 16.32 -0.70
N LEU H 623 42.15 16.33 -1.79
CA LEU H 623 42.16 17.49 -2.68
C LEU H 623 40.79 17.70 -3.32
N ARG H 624 40.08 16.62 -3.66
CA ARG H 624 38.78 16.77 -4.28
C ARG H 624 37.72 17.22 -3.29
N LYS H 625 37.83 16.80 -2.02
CA LYS H 625 36.95 17.35 -0.99
C LYS H 625 37.18 18.84 -0.82
N GLU H 626 38.45 19.25 -0.74
CA GLU H 626 38.77 20.67 -0.62
C GLU H 626 38.27 21.44 -1.84
N LEU H 627 38.36 20.83 -3.03
CA LEU H 627 37.88 21.48 -4.24
C LEU H 627 36.36 21.65 -4.22
N ALA H 628 35.64 20.58 -3.86
CA ALA H 628 34.18 20.67 -3.78
C ALA H 628 33.75 21.67 -2.72
N ALA H 629 34.57 21.87 -1.69
CA ALA H 629 34.24 22.85 -0.66
C ALA H 629 34.49 24.27 -1.13
N ARG H 630 35.64 24.51 -1.77
CA ARG H 630 36.06 25.85 -2.14
C ARG H 630 35.66 26.25 -3.56
N PHE H 631 34.87 25.43 -4.25
CA PHE H 631 34.51 25.75 -5.63
C PHE H 631 33.83 27.10 -5.80
N PRO H 632 32.89 27.54 -4.95
CA PRO H 632 32.34 28.90 -5.13
C PRO H 632 33.39 29.99 -4.95
N GLU H 633 34.28 29.82 -3.96
CA GLU H 633 35.37 30.77 -3.76
C GLU H 633 36.24 30.87 -5.00
N MET H 634 36.62 29.73 -5.58
CA MET H 634 37.47 29.73 -6.76
C MET H 634 36.73 30.30 -7.96
N GLN H 635 35.42 30.03 -8.06
CA GLN H 635 34.62 30.66 -9.12
C GLN H 635 34.70 32.18 -9.01
N GLN H 636 34.48 32.72 -7.82
CA GLN H 636 34.54 34.16 -7.63
C GLN H 636 35.94 34.70 -7.94
N ARG H 637 36.98 33.99 -7.49
CA ARG H 637 38.35 34.47 -7.69
C ARG H 637 38.72 34.48 -9.17
N TYR H 638 38.30 33.46 -9.92
CA TYR H 638 38.65 33.39 -11.33
C TYR H 638 37.78 34.29 -12.19
N ARG H 639 36.54 34.57 -11.77
CA ARG H 639 35.70 35.50 -12.50
C ARG H 639 36.05 36.95 -12.20
N ALA H 640 36.67 37.22 -11.04
CA ALA H 640 37.11 38.57 -10.72
C ALA H 640 38.45 38.93 -11.34
N ALA H 641 39.28 37.92 -11.65
CA ALA H 641 40.59 38.14 -12.22
C ALA H 641 40.64 37.88 -13.72
N HIS H 642 39.49 37.63 -14.35
CA HIS H 642 39.48 37.35 -15.78
C HIS H 642 39.91 38.56 -16.61
N PRO H 643 39.40 39.78 -16.37
CA PRO H 643 39.85 40.92 -17.20
C PRO H 643 41.33 41.20 -17.08
N GLN H 644 41.94 40.88 -15.94
CA GLN H 644 43.38 41.10 -15.77
C GLN H 644 44.20 40.02 -16.46
N LEU H 645 43.65 38.80 -16.59
CA LEU H 645 44.36 37.72 -17.27
C LEU H 645 44.24 37.81 -18.78
N THR H 646 43.21 38.48 -19.30
CA THR H 646 43.01 38.64 -20.73
C THR H 646 43.45 40.00 -21.24
N SER H 647 43.95 40.87 -20.38
CA SER H 647 44.35 42.20 -20.80
C SER H 647 45.62 42.14 -21.65
N THR H 648 45.84 43.22 -22.40
CA THR H 648 47.03 43.32 -23.24
C THR H 648 48.29 43.59 -22.42
N ALA H 649 48.17 44.33 -21.32
CA ALA H 649 49.33 44.66 -20.51
C ALA H 649 49.94 43.42 -19.87
N ALA H 650 49.10 42.49 -19.38
CA ALA H 650 49.61 41.28 -18.76
C ALA H 650 50.39 40.43 -19.74
N TRP H 651 49.89 40.32 -20.98
CA TRP H 651 50.60 39.54 -21.98
C TRP H 651 51.83 40.26 -22.50
N GLU H 652 51.81 41.59 -22.56
CA GLU H 652 53.03 42.33 -22.88
C GLU H 652 54.08 42.09 -21.80
N ASN H 653 53.67 41.98 -20.54
CA ASN H 653 54.61 41.63 -19.48
C ASN H 653 55.11 40.20 -19.64
N ALA H 654 54.23 39.29 -20.05
CA ALA H 654 54.61 37.89 -20.22
C ALA H 654 55.51 37.66 -21.43
N PHE H 655 55.43 38.52 -22.45
CA PHE H 655 56.25 38.37 -23.65
C PHE H 655 57.65 38.96 -23.48
N GLY H 656 57.93 39.60 -22.36
CA GLY H 656 59.19 40.31 -22.22
C GLY H 656 59.23 41.64 -22.94
N LEU H 657 58.08 42.29 -23.11
CA LEU H 657 57.97 43.56 -23.81
C LEU H 657 57.61 44.69 -22.86
N GLY H 658 58.17 44.66 -21.65
CA GLY H 658 57.90 45.68 -20.65
C GLY H 658 58.50 47.03 -20.98
#